data_2K9U
#
_entry.id   2K9U
#
loop_
_entity.id
_entity.type
_entity.pdbx_description
1 polymer 'Gamma filamin'
2 polymer 'Filamin-binding LIM protein 1'
#
loop_
_entity_poly.entity_id
_entity_poly.type
_entity_poly.pdbx_seq_one_letter_code
_entity_poly.pdbx_strand_id
1 'polypeptide(L)'
;GIPEFFQFTVGPLGEGGAHKVRAGGTGLERGVAGVPAEFSIWTREAGAGGLSIAVEGPSKAEIAFEDRKDGSCGVSYVVQ
EPGDYEVSIKFNDEHIPDSPFVVPVASLSDDARRLTVTS
;
A
2 'polypeptide(L)' MASKPEKRVASSVFITLAPPRRDV B
#
# COMPACT_ATOMS: atom_id res chain seq x y z
N GLY A 1 16.48 8.39 -29.57
CA GLY A 1 15.56 7.21 -29.26
C GLY A 1 14.85 6.51 -30.37
N ILE A 2 14.53 5.26 -30.19
CA ILE A 2 13.82 4.49 -31.23
C ILE A 2 13.41 3.14 -30.62
N PRO A 3 12.78 3.18 -29.47
CA PRO A 3 12.33 1.95 -28.80
C PRO A 3 11.40 1.20 -29.74
N GLU A 4 10.16 1.58 -29.78
CA GLU A 4 9.17 0.83 -30.61
C GLU A 4 9.06 -0.54 -29.96
N PHE A 5 9.87 -0.70 -28.96
CA PHE A 5 9.91 -1.90 -28.12
C PHE A 5 9.23 -1.44 -26.84
N PHE A 6 8.51 -0.35 -26.99
CA PHE A 6 7.82 0.30 -25.87
C PHE A 6 8.77 0.41 -24.69
N GLN A 7 8.24 0.43 -23.50
CA GLN A 7 9.08 0.59 -22.29
C GLN A 7 9.29 2.09 -22.17
N PHE A 8 8.87 2.80 -23.19
CA PHE A 8 8.97 4.28 -23.21
C PHE A 8 7.78 4.82 -23.98
N THR A 9 7.43 4.16 -25.03
CA THR A 9 6.24 4.57 -25.83
C THR A 9 5.08 3.76 -25.27
N VAL A 10 5.36 3.00 -24.24
CA VAL A 10 4.33 2.15 -23.60
C VAL A 10 3.05 2.98 -23.38
N GLY A 11 3.21 4.20 -22.94
CA GLY A 11 2.03 5.09 -22.69
C GLY A 11 2.31 5.91 -21.41
N PRO A 12 2.04 5.32 -20.25
CA PRO A 12 2.32 5.99 -18.95
C PRO A 12 3.84 6.14 -18.80
N LEU A 13 4.50 6.49 -19.87
CA LEU A 13 5.99 6.66 -19.89
C LEU A 13 6.66 5.78 -18.85
N GLY A 14 6.17 4.59 -18.66
CA GLY A 14 6.78 3.68 -17.65
C GLY A 14 6.57 4.24 -16.25
N GLU A 15 6.60 5.55 -16.12
CA GLU A 15 6.44 6.18 -14.78
C GLU A 15 7.58 5.74 -13.87
N GLY A 16 8.37 4.79 -14.33
CA GLY A 16 9.55 4.33 -13.53
C GLY A 16 9.24 2.99 -12.85
N GLY A 17 9.87 2.75 -11.72
CA GLY A 17 9.66 1.46 -10.99
C GLY A 17 8.17 1.12 -10.88
N ALA A 18 7.30 2.04 -11.21
CA ALA A 18 5.84 1.75 -11.12
C ALA A 18 5.55 0.38 -11.75
N HIS A 19 6.48 -0.13 -12.52
CA HIS A 19 6.27 -1.46 -13.16
C HIS A 19 6.88 -2.56 -12.29
N LYS A 20 8.10 -2.40 -11.85
CA LYS A 20 8.73 -3.46 -11.01
C LYS A 20 8.08 -3.45 -9.63
N VAL A 21 7.35 -2.42 -9.30
CA VAL A 21 6.68 -2.36 -7.97
C VAL A 21 5.58 -3.43 -7.94
N ARG A 22 5.80 -4.47 -7.19
CA ARG A 22 4.80 -5.57 -7.08
C ARG A 22 4.24 -5.62 -5.66
N ALA A 23 2.96 -5.82 -5.53
CA ALA A 23 2.33 -5.88 -4.18
C ALA A 23 1.16 -6.85 -4.23
N GLY A 24 1.27 -7.96 -3.54
CA GLY A 24 0.16 -8.96 -3.54
C GLY A 24 0.17 -9.74 -2.23
N GLY A 25 -0.96 -9.87 -1.60
CA GLY A 25 -1.02 -10.61 -0.31
C GLY A 25 -2.46 -10.66 0.19
N THR A 26 -2.67 -11.24 1.35
CA THR A 26 -4.06 -11.31 1.89
C THR A 26 -4.43 -9.97 2.52
N GLY A 27 -3.50 -9.35 3.17
CA GLY A 27 -3.79 -8.03 3.79
C GLY A 27 -4.20 -7.08 2.67
N LEU A 28 -4.08 -7.52 1.45
CA LEU A 28 -4.46 -6.66 0.29
C LEU A 28 -5.85 -7.08 -0.17
N GLU A 29 -6.62 -7.66 0.71
CA GLU A 29 -8.01 -8.11 0.35
C GLU A 29 -8.97 -7.73 1.48
N ARG A 30 -8.53 -7.83 2.71
CA ARG A 30 -9.44 -7.48 3.83
C ARG A 30 -8.68 -7.56 5.16
N GLY A 31 -9.28 -7.04 6.22
CA GLY A 31 -8.63 -7.08 7.56
C GLY A 31 -9.73 -7.18 8.61
N VAL A 32 -9.40 -7.27 9.87
CA VAL A 32 -10.47 -7.39 10.92
C VAL A 32 -10.18 -6.45 12.10
N ALA A 33 -11.22 -6.02 12.76
CA ALA A 33 -11.10 -5.09 13.92
C ALA A 33 -9.90 -5.44 14.83
N GLY A 34 -8.90 -4.61 14.84
CA GLY A 34 -7.72 -4.83 15.74
C GLY A 34 -7.10 -6.20 15.51
N VAL A 35 -6.82 -6.55 14.28
CA VAL A 35 -6.19 -7.87 13.99
C VAL A 35 -4.93 -7.63 13.13
N PRO A 36 -3.75 -8.10 13.55
CA PRO A 36 -2.53 -7.87 12.76
C PRO A 36 -2.70 -8.45 11.35
N ALA A 37 -2.37 -7.68 10.34
CA ALA A 37 -2.50 -8.18 8.93
C ALA A 37 -1.25 -7.80 8.15
N GLU A 38 -1.00 -8.45 7.04
CA GLU A 38 0.22 -8.11 6.26
C GLU A 38 0.06 -8.50 4.79
N PHE A 39 1.00 -8.09 4.00
CA PHE A 39 0.99 -8.41 2.56
C PHE A 39 2.42 -8.32 2.05
N SER A 40 2.70 -8.86 0.91
CA SER A 40 4.11 -8.85 0.38
C SER A 40 4.32 -7.68 -0.58
N ILE A 41 5.55 -7.25 -0.71
CA ILE A 41 5.90 -6.14 -1.66
C ILE A 41 7.29 -6.42 -2.21
N TRP A 42 7.38 -6.98 -3.37
CA TRP A 42 8.71 -7.30 -3.96
C TRP A 42 9.25 -6.05 -4.68
N THR A 43 10.53 -5.88 -4.67
CA THR A 43 11.14 -4.68 -5.34
C THR A 43 12.58 -5.01 -5.74
N ARG A 44 13.50 -4.16 -5.41
CA ARG A 44 14.93 -4.43 -5.77
C ARG A 44 15.05 -4.68 -7.28
N GLU A 45 14.94 -3.64 -8.07
CA GLU A 45 15.06 -3.82 -9.55
C GLU A 45 15.26 -2.43 -10.19
N ALA A 46 14.32 -1.54 -10.02
CA ALA A 46 14.48 -0.18 -10.62
C ALA A 46 15.79 0.43 -10.10
N GLY A 47 15.93 0.49 -8.80
CA GLY A 47 17.16 1.07 -8.20
C GLY A 47 16.80 1.79 -6.90
N ALA A 48 17.78 2.35 -6.24
CA ALA A 48 17.48 3.08 -4.96
C ALA A 48 16.39 4.12 -5.21
N GLY A 49 15.76 4.60 -4.16
CA GLY A 49 14.68 5.61 -4.34
C GLY A 49 13.94 5.80 -3.02
N GLY A 50 12.69 6.18 -3.07
CA GLY A 50 11.89 6.38 -1.82
C GLY A 50 10.52 5.71 -1.96
N LEU A 51 9.89 5.42 -0.86
CA LEU A 51 8.54 4.77 -0.91
C LEU A 51 7.63 5.49 0.07
N SER A 52 6.78 6.37 -0.44
CA SER A 52 5.85 7.12 0.44
C SER A 52 4.62 6.25 0.70
N ILE A 53 4.04 6.31 1.88
CA ILE A 53 2.83 5.48 2.17
C ILE A 53 1.80 6.32 2.90
N ALA A 54 0.80 6.80 2.20
CA ALA A 54 -0.26 7.63 2.84
C ALA A 54 -1.46 6.75 3.16
N VAL A 55 -1.65 6.44 4.41
CA VAL A 55 -2.80 5.59 4.82
C VAL A 55 -3.95 6.48 5.30
N GLU A 56 -5.16 6.08 5.04
CA GLU A 56 -6.35 6.88 5.49
C GLU A 56 -7.43 5.89 5.93
N GLY A 57 -8.15 6.22 6.98
CA GLY A 57 -9.20 5.29 7.48
C GLY A 57 -9.69 5.78 8.84
N PRO A 58 -10.68 5.10 9.40
CA PRO A 58 -11.24 5.48 10.71
C PRO A 58 -10.16 5.51 11.79
N SER A 59 -9.06 4.89 11.54
CA SER A 59 -7.96 4.89 12.56
C SER A 59 -6.60 4.81 11.87
N LYS A 60 -5.56 5.20 12.56
CA LYS A 60 -4.20 5.14 11.96
C LYS A 60 -3.66 3.71 12.00
N ALA A 61 -3.60 3.06 10.88
CA ALA A 61 -3.09 1.66 10.86
C ALA A 61 -1.56 1.67 11.06
N GLU A 62 -1.03 0.65 11.68
CA GLU A 62 0.44 0.59 11.91
C GLU A 62 1.11 -0.01 10.66
N ILE A 63 2.41 -0.01 10.60
CA ILE A 63 3.13 -0.58 9.41
C ILE A 63 4.39 -1.28 9.91
N ALA A 64 4.81 -2.38 9.30
CA ALA A 64 6.03 -3.07 9.78
C ALA A 64 6.72 -3.79 8.62
N PHE A 65 7.90 -3.36 8.26
CA PHE A 65 8.62 -4.02 7.12
C PHE A 65 9.43 -5.20 7.66
N GLU A 66 9.43 -6.30 6.94
CA GLU A 66 10.20 -7.50 7.40
C GLU A 66 10.86 -8.19 6.21
N ASP A 67 12.14 -8.04 6.05
CA ASP A 67 12.83 -8.71 4.93
C ASP A 67 13.04 -10.17 5.29
N ARG A 68 12.00 -10.98 5.20
CA ARG A 68 12.11 -12.42 5.55
C ARG A 68 11.36 -13.26 4.52
N LYS A 69 11.73 -13.16 3.28
CA LYS A 69 11.05 -13.93 2.21
C LYS A 69 12.07 -14.32 1.15
N ASP A 70 13.31 -13.99 1.38
CA ASP A 70 14.39 -14.32 0.40
C ASP A 70 14.33 -13.34 -0.79
N GLY A 71 13.46 -12.36 -0.74
CA GLY A 71 13.40 -11.40 -1.88
C GLY A 71 12.14 -10.54 -1.83
N SER A 72 11.09 -11.01 -1.20
CA SER A 72 9.84 -10.18 -1.14
C SER A 72 9.80 -9.39 0.17
N CYS A 73 9.44 -8.14 0.10
CA CYS A 73 9.38 -7.31 1.35
C CYS A 73 8.03 -7.53 2.03
N GLY A 74 8.04 -7.90 3.29
CA GLY A 74 6.76 -8.14 4.01
C GLY A 74 6.37 -6.90 4.82
N VAL A 75 5.35 -6.21 4.41
CA VAL A 75 4.88 -5.00 5.15
C VAL A 75 3.70 -5.38 6.04
N SER A 76 3.95 -5.57 7.30
CA SER A 76 2.87 -5.96 8.25
C SER A 76 2.22 -4.71 8.82
N TYR A 77 0.92 -4.60 8.70
CA TYR A 77 0.20 -3.40 9.24
C TYR A 77 -0.88 -3.88 10.21
N VAL A 78 -1.53 -2.98 10.88
CA VAL A 78 -2.59 -3.39 11.86
C VAL A 78 -3.76 -2.39 11.79
N VAL A 79 -4.94 -2.88 11.49
CA VAL A 79 -6.13 -2.00 11.40
C VAL A 79 -6.82 -1.95 12.77
N GLN A 80 -7.55 -0.90 13.05
CA GLN A 80 -8.23 -0.79 14.38
C GLN A 80 -9.72 -1.16 14.25
N GLU A 81 -10.41 -0.67 13.26
CA GLU A 81 -11.88 -1.01 13.15
C GLU A 81 -12.37 -0.96 11.68
N PRO A 82 -13.35 -1.80 11.35
CA PRO A 82 -13.95 -1.82 9.99
C PRO A 82 -14.07 -0.46 9.35
N GLY A 83 -14.24 -0.48 8.06
CA GLY A 83 -14.38 0.78 7.28
C GLY A 83 -13.68 0.61 5.93
N ASP A 84 -13.41 1.69 5.25
CA ASP A 84 -12.72 1.60 3.92
C ASP A 84 -11.32 2.21 4.07
N TYR A 85 -10.34 1.39 4.34
CA TYR A 85 -8.96 1.91 4.49
C TYR A 85 -8.39 2.17 3.10
N GLU A 86 -7.58 3.18 2.97
CA GLU A 86 -6.98 3.50 1.64
C GLU A 86 -5.48 3.78 1.81
N VAL A 87 -4.66 3.15 1.00
CA VAL A 87 -3.18 3.35 1.09
C VAL A 87 -2.63 3.78 -0.27
N SER A 88 -1.61 4.59 -0.28
CA SER A 88 -1.00 5.06 -1.57
C SER A 88 0.51 4.82 -1.52
N ILE A 89 0.96 3.79 -2.17
CA ILE A 89 2.42 3.47 -2.17
C ILE A 89 3.03 3.89 -3.52
N LYS A 90 4.12 4.61 -3.48
CA LYS A 90 4.78 5.05 -4.74
C LYS A 90 6.30 4.91 -4.61
N PHE A 91 6.93 4.20 -5.50
CA PHE A 91 8.42 4.05 -5.41
C PHE A 91 9.07 5.28 -6.03
N ASN A 92 9.40 6.25 -5.23
CA ASN A 92 10.03 7.49 -5.77
C ASN A 92 8.95 8.25 -6.56
N ASP A 93 7.74 8.25 -6.06
CA ASP A 93 6.60 8.93 -6.74
C ASP A 93 6.02 8.03 -7.82
N GLU A 94 6.39 6.78 -7.82
CA GLU A 94 5.81 5.84 -8.83
C GLU A 94 4.54 5.26 -8.24
N HIS A 95 3.51 6.07 -8.13
CA HIS A 95 2.23 5.59 -7.55
C HIS A 95 1.58 4.57 -8.48
N ILE A 96 1.49 3.34 -8.05
CA ILE A 96 0.85 2.31 -8.92
C ILE A 96 -0.61 2.70 -9.16
N PRO A 97 -1.20 2.26 -10.25
CA PRO A 97 -2.61 2.59 -10.55
C PRO A 97 -3.48 2.26 -9.34
N ASP A 98 -3.29 1.11 -8.73
CA ASP A 98 -4.11 0.74 -7.55
C ASP A 98 -4.08 1.87 -6.53
N SER A 99 -2.93 2.39 -6.21
CA SER A 99 -2.89 3.49 -5.24
C SER A 99 -3.79 4.63 -5.76
N PRO A 100 -4.75 5.11 -4.98
CA PRO A 100 -5.05 4.66 -3.60
C PRO A 100 -5.71 3.26 -3.59
N PHE A 101 -5.06 2.29 -3.00
CA PHE A 101 -5.64 0.92 -2.91
C PHE A 101 -6.78 0.97 -1.88
N VAL A 102 -7.56 -0.08 -1.76
CA VAL A 102 -8.68 -0.11 -0.77
C VAL A 102 -8.56 -1.36 0.10
N VAL A 103 -8.69 -1.21 1.40
CA VAL A 103 -8.57 -2.38 2.33
C VAL A 103 -9.79 -2.44 3.27
N PRO A 104 -10.89 -2.99 2.81
CA PRO A 104 -12.11 -3.07 3.64
C PRO A 104 -11.87 -3.96 4.87
N VAL A 105 -11.91 -3.39 6.04
CA VAL A 105 -11.70 -4.18 7.30
C VAL A 105 -13.08 -4.62 7.83
N ALA A 106 -13.16 -5.79 8.43
CA ALA A 106 -14.49 -6.31 8.94
C ALA A 106 -14.40 -6.83 10.39
N SER A 107 -15.29 -6.40 11.23
CA SER A 107 -15.29 -6.86 12.66
C SER A 107 -16.32 -7.97 12.78
N LEU A 108 -15.87 -9.18 12.74
CA LEU A 108 -16.81 -10.33 12.82
C LEU A 108 -17.87 -10.18 11.73
N SER A 109 -17.66 -9.23 10.85
CA SER A 109 -18.63 -9.00 9.73
C SER A 109 -18.08 -9.62 8.46
N ASP A 110 -16.79 -9.72 8.34
CA ASP A 110 -16.21 -10.31 7.10
C ASP A 110 -16.78 -9.55 5.91
N ASP A 111 -17.42 -8.45 6.18
CA ASP A 111 -18.01 -7.63 5.09
C ASP A 111 -18.44 -6.27 5.64
N ALA A 112 -18.82 -6.19 6.91
CA ALA A 112 -19.24 -4.87 7.45
C ALA A 112 -20.27 -4.25 6.49
N ARG A 113 -21.48 -4.73 6.49
CA ARG A 113 -22.50 -4.19 5.57
C ARG A 113 -23.14 -2.92 6.16
N ARG A 114 -23.55 -2.02 5.31
CA ARG A 114 -24.21 -0.77 5.78
C ARG A 114 -25.62 -1.09 6.27
N LEU A 115 -25.89 -2.35 6.44
CA LEU A 115 -27.24 -2.81 6.91
C LEU A 115 -27.07 -3.75 8.11
N THR A 116 -25.97 -4.45 8.14
CA THR A 116 -25.69 -5.38 9.29
C THR A 116 -24.91 -4.58 10.32
N VAL A 117 -23.64 -4.43 10.11
CA VAL A 117 -22.84 -3.60 11.03
C VAL A 117 -23.44 -2.20 10.95
N THR A 118 -24.30 -2.04 9.99
CA THR A 118 -24.99 -0.74 9.75
C THR A 118 -24.05 0.43 10.03
N SER A 119 -22.95 0.46 9.33
CA SER A 119 -21.98 1.57 9.51
C SER A 119 -21.22 1.37 10.82
N MET B 1 -28.61 11.02 7.15
CA MET B 1 -27.27 10.56 7.61
C MET B 1 -26.24 11.68 7.40
N ALA B 2 -25.71 11.80 6.22
CA ALA B 2 -24.71 12.88 5.96
C ALA B 2 -23.62 12.82 7.03
N SER B 3 -22.58 12.07 6.78
CA SER B 3 -21.48 11.98 7.79
C SER B 3 -21.00 13.38 8.16
N LYS B 4 -21.32 13.84 9.34
CA LYS B 4 -20.89 15.20 9.76
C LYS B 4 -19.35 15.29 9.77
N PRO B 5 -18.68 14.32 10.35
CA PRO B 5 -17.20 14.34 10.41
C PRO B 5 -16.62 14.29 8.98
N GLU B 6 -15.72 15.17 8.67
CA GLU B 6 -15.12 15.18 7.31
C GLU B 6 -14.34 13.89 7.08
N LYS B 7 -14.76 13.08 6.15
CA LYS B 7 -14.04 11.80 5.89
C LYS B 7 -13.78 11.07 7.21
N ARG B 8 -12.92 10.09 7.21
CA ARG B 8 -12.61 9.34 8.46
C ARG B 8 -11.27 9.86 9.00
N VAL B 9 -10.63 9.15 9.88
CA VAL B 9 -9.34 9.65 10.41
C VAL B 9 -8.28 9.51 9.31
N ALA B 10 -7.19 10.24 9.41
CA ALA B 10 -6.12 10.17 8.36
C ALA B 10 -4.78 9.80 8.99
N SER B 11 -3.90 9.25 8.21
CA SER B 11 -2.55 8.86 8.74
C SER B 11 -1.52 8.98 7.62
N SER B 12 -0.32 9.38 7.94
CA SER B 12 0.73 9.53 6.88
C SER B 12 2.09 9.11 7.44
N VAL B 13 2.70 8.12 6.84
CA VAL B 13 4.03 7.67 7.31
C VAL B 13 4.73 6.92 6.16
N PHE B 14 6.01 6.69 6.28
CA PHE B 14 6.73 5.97 5.19
C PHE B 14 8.19 5.76 5.52
N ILE B 15 8.95 5.30 4.54
CA ILE B 15 10.39 5.04 4.72
C ILE B 15 11.11 5.28 3.37
N THR B 16 12.31 4.81 3.21
CA THR B 16 13.02 5.02 1.91
C THR B 16 14.16 4.02 1.78
N LEU B 17 14.45 3.58 0.57
CA LEU B 17 15.57 2.61 0.37
C LEU B 17 16.86 3.37 0.09
N ALA B 18 17.77 3.38 1.03
CA ALA B 18 19.06 4.10 0.84
C ALA B 18 20.19 3.23 1.41
N PRO B 19 20.68 2.27 0.65
CA PRO B 19 21.74 1.37 1.13
C PRO B 19 23.00 2.20 1.50
N PRO B 20 23.93 1.59 2.19
CA PRO B 20 25.17 2.28 2.60
C PRO B 20 25.86 2.89 1.38
N ARG B 21 27.03 3.43 1.55
CA ARG B 21 27.75 4.05 0.40
C ARG B 21 27.95 3.01 -0.70
N ARG B 22 27.60 3.33 -1.91
CA ARG B 22 27.79 2.36 -3.02
C ARG B 22 29.27 2.00 -3.14
N ASP B 23 29.56 0.73 -3.35
CA ASP B 23 31.00 0.33 -3.46
C ASP B 23 31.08 -1.04 -4.15
N VAL B 24 30.02 -1.49 -4.73
CA VAL B 24 30.04 -2.81 -5.42
C VAL B 24 31.03 -2.76 -6.59
N GLY A 1 11.80 9.48 -29.05
CA GLY A 1 11.19 9.70 -30.42
C GLY A 1 11.04 8.55 -31.36
N ILE A 2 11.67 7.46 -31.05
CA ILE A 2 11.56 6.26 -31.93
C ILE A 2 12.24 5.09 -31.20
N PRO A 3 11.87 4.88 -29.96
CA PRO A 3 12.45 3.79 -29.17
C PRO A 3 12.20 2.48 -29.89
N GLU A 4 11.03 1.92 -29.72
CA GLU A 4 10.75 0.59 -30.34
C GLU A 4 11.55 -0.39 -29.47
N PHE A 5 12.48 0.17 -28.76
CA PHE A 5 13.32 -0.53 -27.80
C PHE A 5 12.57 -0.43 -26.49
N PHE A 6 11.29 -0.15 -26.62
CA PHE A 6 10.40 0.04 -25.46
C PHE A 6 11.08 0.95 -24.44
N GLN A 7 10.74 0.80 -23.19
CA GLN A 7 11.31 1.69 -22.14
C GLN A 7 10.44 2.94 -22.16
N PHE A 8 9.59 2.99 -23.15
CA PHE A 8 8.65 4.13 -23.29
C PHE A 8 7.37 3.60 -23.93
N THR A 9 7.54 2.73 -24.88
CA THR A 9 6.35 2.10 -25.52
C THR A 9 6.07 0.83 -24.73
N VAL A 10 6.83 0.64 -23.69
CA VAL A 10 6.66 -0.56 -22.83
C VAL A 10 5.17 -0.77 -22.52
N GLY A 11 4.49 0.29 -22.20
CA GLY A 11 3.03 0.22 -21.89
C GLY A 11 2.71 1.22 -20.77
N PRO A 12 2.91 0.83 -19.52
CA PRO A 12 2.68 1.74 -18.38
C PRO A 12 3.74 2.85 -18.39
N LEU A 13 4.13 3.28 -19.57
CA LEU A 13 5.18 4.34 -19.72
C LEU A 13 6.29 4.09 -18.69
N GLY A 14 6.42 2.88 -18.26
CA GLY A 14 7.43 2.54 -17.23
C GLY A 14 6.99 3.16 -15.92
N GLU A 15 6.56 4.41 -15.98
CA GLU A 15 6.10 5.11 -14.76
C GLU A 15 7.14 4.91 -13.65
N GLY A 16 8.29 4.41 -14.00
CA GLY A 16 9.39 4.20 -13.02
C GLY A 16 8.93 3.35 -11.83
N GLY A 17 9.58 2.24 -11.61
CA GLY A 17 9.23 1.37 -10.45
C GLY A 17 7.90 0.65 -10.69
N ALA A 18 6.88 1.36 -11.02
CA ALA A 18 5.55 0.71 -11.24
C ALA A 18 5.70 -0.49 -12.19
N HIS A 19 6.87 -0.68 -12.75
CA HIS A 19 7.08 -1.83 -13.67
C HIS A 19 7.67 -3.02 -12.92
N LYS A 20 8.13 -2.83 -11.70
CA LYS A 20 8.72 -3.98 -10.92
C LYS A 20 8.14 -4.02 -9.51
N VAL A 21 7.11 -3.27 -9.24
CA VAL A 21 6.51 -3.28 -7.87
C VAL A 21 5.35 -4.29 -7.84
N ARG A 22 5.51 -5.35 -7.09
CA ARG A 22 4.45 -6.39 -6.99
C ARG A 22 3.88 -6.39 -5.57
N ALA A 23 2.61 -6.16 -5.42
CA ALA A 23 1.98 -6.15 -4.06
C ALA A 23 0.77 -7.08 -4.07
N GLY A 24 0.83 -8.16 -3.33
CA GLY A 24 -0.32 -9.11 -3.29
C GLY A 24 -0.36 -9.82 -1.94
N GLY A 25 -1.50 -9.85 -1.31
CA GLY A 25 -1.61 -10.53 0.02
C GLY A 25 -3.05 -10.46 0.52
N THR A 26 -3.34 -11.16 1.58
CA THR A 26 -4.73 -11.15 2.13
C THR A 26 -4.95 -9.86 2.93
N GLY A 27 -3.89 -9.30 3.46
CA GLY A 27 -4.03 -8.04 4.24
C GLY A 27 -4.36 -6.90 3.29
N LEU A 28 -4.21 -7.12 2.02
CA LEU A 28 -4.52 -6.05 1.03
C LEU A 28 -6.00 -6.13 0.66
N GLU A 29 -6.65 -7.22 0.98
CA GLU A 29 -8.10 -7.36 0.66
C GLU A 29 -8.94 -6.78 1.79
N ARG A 30 -8.83 -7.33 2.98
CA ARG A 30 -9.64 -6.81 4.12
C ARG A 30 -8.88 -6.98 5.43
N GLY A 31 -9.46 -6.53 6.52
CA GLY A 31 -8.80 -6.67 7.85
C GLY A 31 -9.90 -6.78 8.90
N VAL A 32 -9.55 -7.01 10.15
CA VAL A 32 -10.61 -7.14 11.21
C VAL A 32 -10.24 -6.31 12.45
N ALA A 33 -11.24 -5.87 13.17
CA ALA A 33 -11.02 -5.02 14.38
C ALA A 33 -9.88 -5.56 15.27
N GLY A 34 -8.79 -4.85 15.32
CA GLY A 34 -7.65 -5.24 16.21
C GLY A 34 -7.17 -6.66 15.89
N VAL A 35 -6.88 -6.94 14.65
CA VAL A 35 -6.38 -8.31 14.29
C VAL A 35 -5.07 -8.15 13.48
N PRO A 36 -3.98 -8.81 13.88
CA PRO A 36 -2.73 -8.69 13.13
C PRO A 36 -2.95 -9.10 11.67
N ALA A 37 -2.76 -8.21 10.75
CA ALA A 37 -2.96 -8.54 9.29
C ALA A 37 -1.72 -8.15 8.51
N GLU A 38 -1.43 -8.85 7.44
CA GLU A 38 -0.20 -8.49 6.66
C GLU A 38 -0.32 -8.95 5.21
N PHE A 39 0.50 -8.39 4.38
CA PHE A 39 0.52 -8.77 2.95
C PHE A 39 1.98 -8.87 2.53
N SER A 40 2.23 -9.13 1.28
CA SER A 40 3.64 -9.27 0.80
C SER A 40 3.92 -8.25 -0.30
N ILE A 41 5.12 -7.73 -0.35
CA ILE A 41 5.49 -6.74 -1.40
C ILE A 41 6.94 -7.01 -1.84
N TRP A 42 7.13 -7.36 -3.09
CA TRP A 42 8.50 -7.65 -3.61
C TRP A 42 8.86 -6.57 -4.65
N THR A 43 10.01 -5.97 -4.51
CA THR A 43 10.42 -4.90 -5.47
C THR A 43 11.94 -4.99 -5.69
N ARG A 44 12.63 -3.90 -5.52
CA ARG A 44 14.11 -3.90 -5.70
C ARG A 44 14.46 -4.40 -7.11
N GLU A 45 14.36 -3.55 -8.09
CA GLU A 45 14.70 -3.95 -9.48
C GLU A 45 15.07 -2.70 -10.27
N ALA A 46 14.22 -1.70 -10.26
CA ALA A 46 14.53 -0.46 -11.02
C ALA A 46 15.81 0.14 -10.44
N GLY A 47 15.89 0.26 -9.15
CA GLY A 47 17.12 0.83 -8.53
C GLY A 47 16.75 1.49 -7.20
N ALA A 48 17.69 2.14 -6.57
CA ALA A 48 17.39 2.80 -5.27
C ALA A 48 16.18 3.71 -5.44
N GLY A 49 15.54 4.08 -4.36
CA GLY A 49 14.35 4.96 -4.48
C GLY A 49 13.72 5.18 -3.09
N GLY A 50 12.47 5.55 -3.05
CA GLY A 50 11.80 5.77 -1.73
C GLY A 50 10.34 5.36 -1.81
N LEU A 51 9.91 4.49 -0.94
CA LEU A 51 8.49 4.03 -0.94
C LEU A 51 7.74 4.79 0.14
N SER A 52 6.99 5.80 -0.22
CA SER A 52 6.22 6.59 0.78
C SER A 52 4.88 5.90 1.02
N ILE A 53 4.39 5.86 2.24
CA ILE A 53 3.07 5.19 2.50
C ILE A 53 2.18 6.13 3.33
N ALA A 54 1.10 6.58 2.75
CA ALA A 54 0.16 7.49 3.47
C ALA A 54 -1.08 6.69 3.88
N VAL A 55 -1.22 6.40 5.14
CA VAL A 55 -2.42 5.64 5.61
C VAL A 55 -3.43 6.59 6.24
N GLU A 56 -4.70 6.34 6.03
CA GLU A 56 -5.75 7.21 6.62
C GLU A 56 -6.90 6.30 7.06
N GLY A 57 -7.57 6.64 8.14
CA GLY A 57 -8.69 5.77 8.60
C GLY A 57 -9.05 6.13 10.06
N PRO A 58 -9.93 5.35 10.65
CA PRO A 58 -10.38 5.59 12.03
C PRO A 58 -9.26 5.36 13.06
N SER A 59 -8.33 4.47 12.79
CA SER A 59 -7.23 4.20 13.76
C SER A 59 -5.87 4.29 13.06
N LYS A 60 -4.82 4.08 13.81
CA LYS A 60 -3.44 4.15 13.21
C LYS A 60 -3.03 2.76 12.74
N ALA A 61 -2.87 2.57 11.47
CA ALA A 61 -2.45 1.23 10.96
C ALA A 61 -1.03 0.93 11.45
N GLU A 62 -0.90 0.08 12.44
CA GLU A 62 0.46 -0.24 12.97
C GLU A 62 1.26 -0.98 11.89
N ILE A 63 1.67 -0.28 10.87
CA ILE A 63 2.47 -0.92 9.78
C ILE A 63 3.72 -1.56 10.38
N ALA A 64 4.22 -2.62 9.80
CA ALA A 64 5.44 -3.27 10.35
C ALA A 64 6.21 -3.95 9.21
N PHE A 65 7.47 -3.66 9.08
CA PHE A 65 8.29 -4.30 8.00
C PHE A 65 8.84 -5.63 8.48
N GLU A 66 8.67 -6.68 7.70
CA GLU A 66 9.18 -8.03 8.11
C GLU A 66 9.76 -8.73 6.89
N ASP A 67 11.06 -8.89 6.83
CA ASP A 67 11.69 -9.58 5.67
C ASP A 67 11.79 -11.07 5.97
N ARG A 68 10.97 -11.88 5.33
CA ARG A 68 11.01 -13.35 5.57
C ARG A 68 11.81 -14.02 4.46
N LYS A 69 12.00 -13.34 3.36
CA LYS A 69 12.77 -13.91 2.21
C LYS A 69 13.96 -13.00 1.90
N ASP A 70 14.09 -11.92 2.61
CA ASP A 70 15.22 -10.98 2.36
C ASP A 70 14.95 -10.21 1.07
N GLY A 71 14.10 -10.74 0.22
CA GLY A 71 13.76 -10.07 -1.07
C GLY A 71 12.29 -9.66 -1.06
N SER A 72 11.48 -10.33 -0.30
CA SER A 72 10.03 -9.99 -0.24
C SER A 72 9.79 -9.05 0.94
N CYS A 73 9.28 -7.88 0.70
CA CYS A 73 9.02 -6.93 1.82
C CYS A 73 7.68 -7.24 2.49
N GLY A 74 7.71 -7.84 3.65
CA GLY A 74 6.45 -8.17 4.37
C GLY A 74 5.99 -6.95 5.17
N VAL A 75 4.86 -6.41 4.83
CA VAL A 75 4.32 -5.21 5.56
C VAL A 75 3.15 -5.62 6.44
N SER A 76 3.39 -5.81 7.71
CA SER A 76 2.29 -6.20 8.63
C SER A 76 1.63 -4.95 9.19
N TYR A 77 0.32 -4.89 9.16
CA TYR A 77 -0.40 -3.69 9.69
C TYR A 77 -1.56 -4.12 10.58
N VAL A 78 -1.60 -3.62 11.80
CA VAL A 78 -2.70 -4.00 12.74
C VAL A 78 -3.68 -2.82 12.91
N VAL A 79 -4.83 -2.90 12.28
CA VAL A 79 -5.83 -1.80 12.42
C VAL A 79 -6.57 -1.97 13.74
N GLN A 80 -7.32 -0.98 14.15
CA GLN A 80 -8.06 -1.08 15.45
C GLN A 80 -9.53 -1.39 15.21
N GLU A 81 -10.19 -0.70 14.30
CA GLU A 81 -11.66 -0.97 14.09
C GLU A 81 -12.08 -0.75 12.61
N PRO A 82 -13.11 -1.48 12.16
CA PRO A 82 -13.66 -1.36 10.80
C PRO A 82 -13.65 0.05 10.26
N GLY A 83 -13.91 0.15 8.98
CA GLY A 83 -13.94 1.50 8.33
C GLY A 83 -13.30 1.40 6.94
N ASP A 84 -13.19 2.52 6.27
CA ASP A 84 -12.57 2.54 4.92
C ASP A 84 -11.13 3.02 5.06
N TYR A 85 -10.23 2.12 5.34
CA TYR A 85 -8.80 2.52 5.50
C TYR A 85 -8.25 2.85 4.11
N GLU A 86 -7.60 3.97 3.98
CA GLU A 86 -7.03 4.41 2.67
C GLU A 86 -5.52 4.26 2.73
N VAL A 87 -4.94 3.60 1.76
CA VAL A 87 -3.45 3.41 1.75
C VAL A 87 -2.89 3.91 0.41
N SER A 88 -1.74 4.53 0.42
CA SER A 88 -1.15 5.03 -0.86
C SER A 88 0.35 4.76 -0.88
N ILE A 89 0.78 3.81 -1.68
CA ILE A 89 2.24 3.47 -1.76
C ILE A 89 2.79 3.84 -3.14
N LYS A 90 3.95 4.44 -3.17
CA LYS A 90 4.57 4.82 -4.47
C LYS A 90 6.08 4.61 -4.38
N PHE A 91 6.63 3.81 -5.24
CA PHE A 91 8.12 3.62 -5.18
C PHE A 91 8.77 4.83 -5.86
N ASN A 92 9.23 5.77 -5.08
CA ASN A 92 9.85 7.00 -5.66
C ASN A 92 8.77 7.84 -6.35
N ASP A 93 7.61 7.94 -5.75
CA ASP A 93 6.50 8.76 -6.34
C ASP A 93 5.83 8.04 -7.50
N GLU A 94 6.08 6.76 -7.68
CA GLU A 94 5.37 6.03 -8.79
C GLU A 94 4.19 5.30 -8.16
N HIS A 95 3.04 5.92 -8.21
CA HIS A 95 1.83 5.32 -7.60
C HIS A 95 1.37 4.12 -8.42
N ILE A 96 1.57 2.95 -7.92
CA ILE A 96 1.12 1.74 -8.67
C ILE A 96 -0.36 1.90 -9.05
N PRO A 97 -0.79 1.31 -10.15
CA PRO A 97 -2.21 1.41 -10.56
C PRO A 97 -3.11 0.86 -9.43
N ASP A 98 -3.27 1.64 -8.40
CA ASP A 98 -4.10 1.21 -7.24
C ASP A 98 -4.13 2.35 -6.23
N SER A 99 -3.00 2.75 -5.74
CA SER A 99 -2.97 3.82 -4.72
C SER A 99 -3.65 5.09 -5.28
N PRO A 100 -4.45 5.80 -4.48
CA PRO A 100 -4.83 5.46 -3.08
C PRO A 100 -6.10 4.59 -3.07
N PHE A 101 -6.05 3.34 -2.65
CA PHE A 101 -7.31 2.50 -2.63
C PHE A 101 -7.82 2.35 -1.20
N VAL A 102 -9.00 1.81 -1.04
CA VAL A 102 -9.59 1.65 0.32
C VAL A 102 -9.30 0.23 0.84
N VAL A 103 -9.26 0.07 2.13
CA VAL A 103 -9.00 -1.28 2.75
C VAL A 103 -10.11 -1.53 3.79
N PRO A 104 -11.24 -2.07 3.35
CA PRO A 104 -12.38 -2.31 4.27
C PRO A 104 -12.01 -3.28 5.41
N VAL A 105 -12.01 -2.78 6.62
CA VAL A 105 -11.72 -3.65 7.80
C VAL A 105 -13.09 -4.08 8.38
N ALA A 106 -13.21 -5.33 8.77
CA ALA A 106 -14.53 -5.89 9.26
C ALA A 106 -14.47 -6.40 10.72
N SER A 107 -15.35 -5.93 11.57
CA SER A 107 -15.36 -6.41 12.99
C SER A 107 -16.38 -7.53 13.08
N LEU A 108 -15.92 -8.74 13.01
CA LEU A 108 -16.83 -9.91 13.06
C LEU A 108 -17.71 -9.93 11.79
N SER A 109 -17.85 -8.81 11.14
CA SER A 109 -18.67 -8.78 9.89
C SER A 109 -17.91 -9.51 8.79
N ASP A 110 -16.61 -9.51 8.84
CA ASP A 110 -15.84 -10.22 7.78
C ASP A 110 -16.30 -9.69 6.42
N ASP A 111 -17.01 -8.60 6.46
CA ASP A 111 -17.51 -8.00 5.20
C ASP A 111 -18.15 -6.64 5.50
N ALA A 112 -18.63 -6.41 6.70
CA ALA A 112 -19.26 -5.09 6.98
C ALA A 112 -20.39 -4.87 5.99
N ARG A 113 -21.18 -3.85 6.18
CA ARG A 113 -22.31 -3.59 5.23
C ARG A 113 -21.79 -2.81 4.01
N ARG A 114 -21.78 -3.46 2.88
CA ARG A 114 -21.30 -2.80 1.63
C ARG A 114 -22.38 -1.85 1.12
N LEU A 115 -23.39 -1.64 1.89
CA LEU A 115 -24.52 -0.74 1.50
C LEU A 115 -24.72 0.34 2.58
N THR A 116 -24.39 0.03 3.81
CA THR A 116 -24.53 1.02 4.92
C THR A 116 -23.13 1.53 5.24
N VAL A 117 -22.36 0.74 5.93
CA VAL A 117 -20.97 1.16 6.21
C VAL A 117 -20.29 1.28 4.84
N THR A 118 -20.99 0.83 3.84
CA THR A 118 -20.49 0.87 2.44
C THR A 118 -18.99 0.63 2.38
N SER A 119 -18.56 -0.50 2.86
CA SER A 119 -17.11 -0.83 2.84
C SER A 119 -16.36 0.06 3.83
N MET B 1 -28.00 8.86 8.23
CA MET B 1 -27.76 8.72 6.77
C MET B 1 -26.71 9.74 6.32
N ALA B 2 -26.00 9.45 5.27
CA ALA B 2 -24.96 10.39 4.77
C ALA B 2 -23.87 10.56 5.84
N SER B 3 -24.06 10.01 7.01
CA SER B 3 -23.03 10.12 8.08
C SER B 3 -22.53 11.56 8.17
N LYS B 4 -21.28 11.74 8.52
CA LYS B 4 -20.71 13.12 8.64
C LYS B 4 -19.19 13.04 8.37
N PRO B 5 -18.77 13.31 7.15
CA PRO B 5 -17.32 13.25 6.82
C PRO B 5 -16.54 14.24 7.70
N GLU B 6 -15.96 13.75 8.77
CA GLU B 6 -15.16 14.63 9.68
C GLU B 6 -13.70 14.18 9.66
N LYS B 7 -13.24 13.70 8.54
CA LYS B 7 -11.83 13.25 8.42
C LYS B 7 -11.53 12.18 9.48
N ARG B 8 -11.39 10.94 9.07
CA ARG B 8 -11.09 9.86 10.04
C ARG B 8 -9.68 10.09 10.58
N VAL B 9 -9.28 9.36 11.59
CA VAL B 9 -7.90 9.56 12.13
C VAL B 9 -6.93 9.48 10.94
N ALA B 10 -5.75 10.03 11.08
CA ALA B 10 -4.77 10.01 9.94
C ALA B 10 -3.41 9.47 10.40
N SER B 11 -2.71 8.83 9.52
CA SER B 11 -1.37 8.27 9.87
C SER B 11 -0.41 8.51 8.69
N SER B 12 0.85 8.74 8.96
CA SER B 12 1.82 8.98 7.84
C SER B 12 3.19 8.44 8.22
N VAL B 13 3.71 7.54 7.43
CA VAL B 13 5.05 6.97 7.72
C VAL B 13 5.52 6.15 6.52
N PHE B 14 6.75 5.73 6.52
CA PHE B 14 7.24 4.94 5.37
C PHE B 14 8.68 4.45 5.57
N ILE B 15 9.30 4.04 4.49
CA ILE B 15 10.71 3.55 4.55
C ILE B 15 11.41 3.91 3.22
N THR B 16 12.72 3.92 3.22
CA THR B 16 13.48 4.28 1.97
C THR B 16 14.57 3.22 1.71
N LEU B 17 14.77 2.88 0.46
CA LEU B 17 15.83 1.86 0.12
C LEU B 17 17.08 2.58 -0.37
N ALA B 18 18.22 2.28 0.21
CA ALA B 18 19.48 2.94 -0.20
C ALA B 18 20.67 2.03 0.19
N PRO B 19 21.09 1.15 -0.70
CA PRO B 19 22.21 0.24 -0.40
C PRO B 19 23.49 1.04 -0.07
N PRO B 20 24.50 0.38 0.47
CA PRO B 20 25.77 1.03 0.82
C PRO B 20 26.40 1.70 -0.42
N ARG B 21 26.00 1.30 -1.59
CA ARG B 21 26.60 1.91 -2.82
C ARG B 21 26.25 3.41 -2.85
N ARG B 22 25.75 3.89 -3.95
CA ARG B 22 25.40 5.33 -4.05
C ARG B 22 26.65 6.18 -3.78
N ASP B 23 27.77 5.79 -4.33
CA ASP B 23 29.02 6.57 -4.10
C ASP B 23 29.08 7.73 -5.10
N VAL B 24 29.18 7.44 -6.36
CA VAL B 24 29.24 8.52 -7.38
C VAL B 24 28.03 9.44 -7.22
N GLY A 1 13.93 6.66 -32.40
CA GLY A 1 13.64 5.32 -31.73
C GLY A 1 12.57 4.44 -32.28
N ILE A 2 12.58 3.19 -31.92
CA ILE A 2 11.55 2.25 -32.41
C ILE A 2 11.55 1.03 -31.47
N PRO A 3 11.57 1.27 -30.18
CA PRO A 3 11.57 0.16 -29.21
C PRO A 3 10.39 -0.74 -29.50
N GLU A 4 9.23 -0.36 -29.05
CA GLU A 4 8.05 -1.26 -29.21
C GLU A 4 8.28 -2.39 -28.22
N PHE A 5 9.51 -2.47 -27.81
CA PHE A 5 9.98 -3.44 -26.82
C PHE A 5 9.83 -2.68 -25.50
N PHE A 6 9.02 -1.66 -25.55
CA PHE A 6 8.78 -0.78 -24.38
C PHE A 6 10.12 -0.42 -23.75
N GLN A 7 10.11 -0.10 -22.50
CA GLN A 7 11.35 0.34 -21.79
C GLN A 7 11.45 1.83 -22.04
N PHE A 8 10.60 2.29 -22.91
CA PHE A 8 10.53 3.75 -23.23
C PHE A 8 9.12 4.06 -23.69
N THR A 9 8.53 3.16 -24.40
CA THR A 9 7.12 3.35 -24.85
C THR A 9 6.25 2.68 -23.79
N VAL A 10 6.90 2.19 -22.76
CA VAL A 10 6.17 1.50 -21.66
C VAL A 10 4.91 2.31 -21.30
N GLY A 11 5.06 3.59 -21.17
CA GLY A 11 3.90 4.49 -20.84
C GLY A 11 4.32 5.47 -19.74
N PRO A 12 4.26 5.03 -18.49
CA PRO A 12 4.67 5.89 -17.36
C PRO A 12 6.18 6.15 -17.43
N LEU A 13 6.72 6.26 -18.62
CA LEU A 13 8.19 6.47 -18.81
C LEU A 13 8.95 5.64 -17.78
N GLY A 14 8.40 4.51 -17.42
CA GLY A 14 9.06 3.64 -16.41
C GLY A 14 8.92 4.29 -15.04
N GLU A 15 9.07 5.58 -14.98
CA GLU A 15 8.95 6.29 -13.68
C GLU A 15 9.88 5.61 -12.67
N GLY A 16 10.71 4.72 -13.12
CA GLY A 16 11.64 4.03 -12.20
C GLY A 16 10.87 3.29 -11.12
N GLY A 17 10.99 1.99 -11.06
CA GLY A 17 10.26 1.20 -10.03
C GLY A 17 8.95 0.68 -10.60
N ALA A 18 8.12 1.56 -11.07
CA ALA A 18 6.80 1.13 -11.64
C ALA A 18 7.00 -0.03 -12.62
N HIS A 19 8.23 -0.29 -13.00
CA HIS A 19 8.49 -1.39 -13.98
C HIS A 19 8.93 -2.67 -13.25
N LYS A 20 9.15 -2.61 -11.96
CA LYS A 20 9.59 -3.83 -11.22
C LYS A 20 9.02 -3.84 -9.81
N VAL A 21 8.17 -2.89 -9.49
CA VAL A 21 7.58 -2.88 -8.13
C VAL A 21 6.47 -3.93 -8.07
N ARG A 22 6.67 -4.93 -7.26
CA ARG A 22 5.67 -6.04 -7.14
C ARG A 22 4.97 -5.95 -5.79
N ALA A 23 3.69 -6.19 -5.77
CA ALA A 23 2.93 -6.14 -4.49
C ALA A 23 1.77 -7.15 -4.56
N GLY A 24 1.82 -8.18 -3.76
CA GLY A 24 0.73 -9.20 -3.80
C GLY A 24 0.55 -9.80 -2.41
N GLY A 25 -0.68 -9.88 -1.95
CA GLY A 25 -0.90 -10.45 -0.59
C GLY A 25 -2.41 -10.45 -0.28
N THR A 26 -2.78 -11.03 0.83
CA THR A 26 -4.23 -11.07 1.20
C THR A 26 -4.62 -9.72 1.81
N GLY A 27 -3.65 -8.99 2.30
CA GLY A 27 -3.96 -7.67 2.91
C GLY A 27 -4.39 -6.71 1.79
N LEU A 28 -4.11 -7.08 0.57
CA LEU A 28 -4.50 -6.22 -0.58
C LEU A 28 -5.85 -6.68 -1.10
N GLU A 29 -6.69 -7.20 -0.23
CA GLU A 29 -8.03 -7.68 -0.66
C GLU A 29 -9.07 -7.35 0.41
N ARG A 30 -8.75 -7.57 1.66
CA ARG A 30 -9.72 -7.26 2.74
C ARG A 30 -9.09 -7.49 4.11
N GLY A 31 -9.77 -7.11 5.16
CA GLY A 31 -9.23 -7.31 6.54
C GLY A 31 -10.39 -7.50 7.50
N VAL A 32 -10.12 -7.75 8.76
CA VAL A 32 -11.24 -7.94 9.74
C VAL A 32 -10.96 -7.15 11.03
N ALA A 33 -12.01 -6.75 11.70
CA ALA A 33 -11.88 -5.96 12.97
C ALA A 33 -10.82 -6.53 13.91
N GLY A 34 -9.78 -5.77 14.14
CA GLY A 34 -8.71 -6.19 15.09
C GLY A 34 -8.16 -7.56 14.72
N VAL A 35 -7.78 -7.75 13.48
CA VAL A 35 -7.21 -9.07 13.06
C VAL A 35 -5.85 -8.81 12.37
N PRO A 36 -4.77 -9.47 12.79
CA PRO A 36 -3.46 -9.24 12.15
C PRO A 36 -3.57 -9.49 10.64
N ALA A 37 -3.26 -8.50 9.85
CA ALA A 37 -3.33 -8.66 8.35
C ALA A 37 -2.01 -8.19 7.75
N GLU A 38 -1.56 -8.82 6.70
CA GLU A 38 -0.26 -8.39 6.10
C GLU A 38 -0.23 -8.70 4.61
N PHE A 39 0.70 -8.09 3.93
CA PHE A 39 0.86 -8.35 2.47
C PHE A 39 2.35 -8.41 2.19
N SER A 40 2.71 -8.65 0.97
CA SER A 40 4.16 -8.76 0.62
C SER A 40 4.53 -7.73 -0.45
N ILE A 41 5.69 -7.15 -0.33
CA ILE A 41 6.14 -6.14 -1.34
C ILE A 41 7.63 -6.40 -1.64
N TRP A 42 7.96 -6.60 -2.89
CA TRP A 42 9.38 -6.87 -3.28
C TRP A 42 9.77 -5.90 -4.40
N THR A 43 10.83 -5.16 -4.21
CA THR A 43 11.28 -4.19 -5.26
C THR A 43 12.80 -4.02 -5.17
N ARG A 44 13.50 -4.35 -6.21
CA ARG A 44 14.98 -4.21 -6.19
C ARG A 44 15.56 -4.45 -7.59
N GLU A 45 15.35 -3.54 -8.49
CA GLU A 45 15.89 -3.71 -9.88
C GLU A 45 16.08 -2.33 -10.51
N ALA A 46 15.12 -1.46 -10.38
CA ALA A 46 15.28 -0.10 -10.97
C ALA A 46 16.38 0.65 -10.24
N GLY A 47 16.29 0.76 -8.94
CA GLY A 47 17.34 1.49 -8.17
C GLY A 47 16.73 2.03 -6.88
N ALA A 48 17.55 2.26 -5.89
CA ALA A 48 17.03 2.78 -4.60
C ALA A 48 16.21 4.05 -4.86
N GLY A 49 15.33 4.38 -3.97
CA GLY A 49 14.50 5.60 -4.16
C GLY A 49 13.72 5.88 -2.87
N GLY A 50 12.43 5.72 -2.89
CA GLY A 50 11.63 5.97 -1.66
C GLY A 50 10.30 5.20 -1.75
N LEU A 51 9.65 5.01 -0.64
CA LEU A 51 8.34 4.29 -0.65
C LEU A 51 7.42 4.99 0.34
N SER A 52 6.57 5.86 -0.14
CA SER A 52 5.64 6.60 0.76
C SER A 52 4.38 5.78 0.94
N ILE A 53 3.79 5.77 2.12
CA ILE A 53 2.54 4.98 2.33
C ILE A 53 1.55 5.83 3.15
N ALA A 54 0.59 6.43 2.50
CA ALA A 54 -0.41 7.27 3.22
C ALA A 54 -1.67 6.44 3.45
N VAL A 55 -1.90 6.02 4.66
CA VAL A 55 -3.12 5.20 4.97
C VAL A 55 -4.21 6.11 5.53
N GLU A 56 -5.45 5.82 5.24
CA GLU A 56 -6.56 6.65 5.80
C GLU A 56 -7.70 5.70 6.16
N GLY A 57 -8.33 5.90 7.28
CA GLY A 57 -9.43 4.98 7.69
C GLY A 57 -9.91 5.31 9.10
N PRO A 58 -10.79 4.49 9.64
CA PRO A 58 -11.34 4.70 10.99
C PRO A 58 -10.23 4.64 12.07
N SER A 59 -9.24 3.81 11.90
CA SER A 59 -8.16 3.71 12.92
C SER A 59 -6.80 3.58 12.25
N LYS A 60 -5.75 3.83 12.98
CA LYS A 60 -4.38 3.73 12.39
C LYS A 60 -3.90 2.28 12.47
N ALA A 61 -4.07 1.53 11.42
CA ALA A 61 -3.62 0.11 11.44
C ALA A 61 -2.17 0.05 11.90
N GLU A 62 -1.85 -0.85 12.78
CA GLU A 62 -0.45 -0.95 13.28
C GLU A 62 0.44 -1.50 12.16
N ILE A 63 0.93 -0.64 11.31
CA ILE A 63 1.83 -1.08 10.20
C ILE A 63 3.06 -1.77 10.80
N ALA A 64 3.65 -2.72 10.11
CA ALA A 64 4.84 -3.41 10.67
C ALA A 64 5.76 -3.88 9.53
N PHE A 65 6.94 -3.33 9.44
CA PHE A 65 7.88 -3.75 8.36
C PHE A 65 8.75 -4.90 8.87
N GLU A 66 8.77 -6.01 8.16
CA GLU A 66 9.59 -7.18 8.60
C GLU A 66 10.22 -7.85 7.38
N ASP A 67 11.50 -7.66 7.17
CA ASP A 67 12.17 -8.29 6.00
C ASP A 67 12.56 -9.72 6.35
N ARG A 68 11.79 -10.68 5.92
CA ARG A 68 12.11 -12.11 6.24
C ARG A 68 12.99 -12.70 5.13
N LYS A 69 13.15 -11.98 4.04
CA LYS A 69 13.98 -12.48 2.90
C LYS A 69 15.06 -11.45 2.57
N ASP A 70 15.09 -10.35 3.27
CA ASP A 70 16.12 -9.31 2.99
C ASP A 70 15.78 -8.63 1.66
N GLY A 71 14.86 -9.20 0.92
CA GLY A 71 14.47 -8.62 -0.40
C GLY A 71 12.94 -8.49 -0.46
N SER A 72 12.24 -9.29 0.27
CA SER A 72 10.74 -9.21 0.26
C SER A 72 10.28 -8.32 1.42
N CYS A 73 9.79 -7.15 1.13
CA CYS A 73 9.34 -6.24 2.23
C CYS A 73 7.96 -6.66 2.71
N GLY A 74 7.87 -7.29 3.85
CA GLY A 74 6.55 -7.72 4.39
C GLY A 74 6.00 -6.61 5.29
N VAL A 75 4.88 -6.03 4.91
CA VAL A 75 4.28 -4.93 5.74
C VAL A 75 3.04 -5.47 6.47
N SER A 76 3.18 -5.76 7.74
CA SER A 76 2.02 -6.27 8.51
C SER A 76 1.24 -5.09 9.09
N TYR A 77 -0.06 -5.07 8.90
CA TYR A 77 -0.89 -3.95 9.43
C TYR A 77 -2.11 -4.53 10.15
N VAL A 78 -2.32 -4.15 11.38
CA VAL A 78 -3.48 -4.68 12.16
C VAL A 78 -4.61 -3.64 12.15
N VAL A 79 -5.62 -3.87 11.36
CA VAL A 79 -6.75 -2.90 11.32
C VAL A 79 -7.52 -2.96 12.63
N GLN A 80 -8.29 -1.94 12.94
CA GLN A 80 -9.06 -1.93 14.23
C GLN A 80 -10.52 -2.30 13.97
N GLU A 81 -11.16 -1.68 13.00
CA GLU A 81 -12.60 -2.01 12.75
C GLU A 81 -12.99 -1.69 11.28
N PRO A 82 -13.99 -2.41 10.77
CA PRO A 82 -14.49 -2.23 9.39
C PRO A 82 -14.53 -0.79 8.94
N GLY A 83 -14.63 -0.62 7.66
CA GLY A 83 -14.67 0.75 7.07
C GLY A 83 -14.00 0.73 5.70
N ASP A 84 -13.63 1.87 5.19
CA ASP A 84 -12.96 1.94 3.86
C ASP A 84 -11.51 2.38 4.06
N TYR A 85 -10.62 1.44 4.24
CA TYR A 85 -9.19 1.81 4.44
C TYR A 85 -8.60 2.15 3.07
N GLU A 86 -7.96 3.28 2.96
CA GLU A 86 -7.36 3.73 1.67
C GLU A 86 -5.84 3.73 1.82
N VAL A 87 -5.14 3.11 0.90
CA VAL A 87 -3.66 3.06 0.98
C VAL A 87 -3.04 3.62 -0.31
N SER A 88 -2.00 4.40 -0.17
CA SER A 88 -1.31 5.01 -1.36
C SER A 88 0.18 4.68 -1.30
N ILE A 89 0.62 3.74 -2.10
CA ILE A 89 2.06 3.33 -2.10
C ILE A 89 2.73 3.76 -3.42
N LYS A 90 3.88 4.38 -3.34
CA LYS A 90 4.60 4.81 -4.57
C LYS A 90 6.10 4.59 -4.41
N PHE A 91 6.73 3.90 -5.33
CA PHE A 91 8.20 3.68 -5.22
C PHE A 91 8.91 4.92 -5.74
N ASN A 92 9.26 5.83 -4.89
CA ASN A 92 9.95 7.08 -5.35
C ASN A 92 8.93 7.91 -6.14
N ASP A 93 7.70 7.89 -5.70
CA ASP A 93 6.61 8.67 -6.38
C ASP A 93 6.04 7.88 -7.56
N GLU A 94 6.31 6.60 -7.64
CA GLU A 94 5.73 5.79 -8.76
C GLU A 94 4.40 5.21 -8.25
N HIS A 95 3.33 5.92 -8.45
CA HIS A 95 2.01 5.43 -7.94
C HIS A 95 1.58 4.17 -8.69
N ILE A 96 1.98 3.02 -8.23
CA ILE A 96 1.55 1.76 -8.90
C ILE A 96 0.01 1.84 -9.14
N PRO A 97 -0.47 1.44 -10.31
CA PRO A 97 -1.92 1.52 -10.61
C PRO A 97 -2.77 1.12 -9.39
N ASP A 98 -2.38 0.11 -8.66
CA ASP A 98 -3.19 -0.28 -7.47
C ASP A 98 -3.49 0.96 -6.64
N SER A 99 -2.50 1.56 -6.06
CA SER A 99 -2.75 2.75 -5.22
C SER A 99 -3.18 3.94 -6.10
N PRO A 100 -4.03 4.81 -5.57
CA PRO A 100 -4.63 4.72 -4.22
C PRO A 100 -5.88 3.81 -4.27
N PHE A 101 -5.88 2.63 -3.66
CA PHE A 101 -7.14 1.76 -3.69
C PHE A 101 -7.70 1.57 -2.28
N VAL A 102 -8.91 1.08 -2.19
CA VAL A 102 -9.57 0.91 -0.86
C VAL A 102 -9.38 -0.52 -0.32
N VAL A 103 -9.31 -0.65 0.98
CA VAL A 103 -9.14 -1.98 1.63
C VAL A 103 -10.34 -2.21 2.59
N PRO A 104 -11.44 -2.72 2.10
CA PRO A 104 -12.64 -2.93 2.93
C PRO A 104 -12.38 -3.93 4.07
N VAL A 105 -12.43 -3.45 5.30
CA VAL A 105 -12.25 -4.36 6.48
C VAL A 105 -13.65 -4.77 6.95
N ALA A 106 -13.82 -6.00 7.42
CA ALA A 106 -15.19 -6.47 7.85
C ALA A 106 -15.14 -7.21 9.20
N SER A 107 -16.07 -6.94 10.07
CA SER A 107 -16.12 -7.62 11.40
C SER A 107 -17.02 -8.82 11.26
N LEU A 108 -16.50 -9.85 10.65
CA LEU A 108 -17.33 -11.07 10.43
C LEU A 108 -18.50 -10.67 9.54
N SER A 109 -18.47 -9.44 9.08
CA SER A 109 -19.54 -8.92 8.20
C SER A 109 -19.15 -9.14 6.74
N ASP A 110 -17.87 -9.32 6.48
CA ASP A 110 -17.41 -9.53 5.07
C ASP A 110 -18.10 -8.51 4.18
N ASP A 111 -18.58 -7.46 4.79
CA ASP A 111 -19.28 -6.39 4.04
C ASP A 111 -19.60 -5.24 4.99
N ALA A 112 -19.78 -5.50 6.26
CA ALA A 112 -20.08 -4.40 7.21
C ALA A 112 -21.36 -3.69 6.77
N ARG A 113 -21.72 -2.61 7.41
CA ARG A 113 -22.96 -1.88 7.01
C ARG A 113 -22.89 -0.43 7.52
N ARG A 114 -24.02 0.19 7.66
CA ARG A 114 -24.07 1.60 8.15
C ARG A 114 -25.33 1.76 9.02
N LEU A 115 -26.06 0.68 9.17
CA LEU A 115 -27.30 0.71 10.01
C LEU A 115 -27.23 -0.44 11.03
N THR A 116 -26.51 -1.49 10.71
CA THR A 116 -26.37 -2.65 11.64
C THR A 116 -24.98 -2.58 12.24
N VAL A 117 -24.00 -3.01 11.51
CA VAL A 117 -22.62 -2.90 12.01
C VAL A 117 -22.35 -1.40 12.17
N THR A 118 -23.28 -0.62 11.70
CA THR A 118 -23.18 0.87 11.79
C THR A 118 -21.74 1.33 11.61
N SER A 119 -21.17 1.02 10.48
CA SER A 119 -19.77 1.42 10.19
C SER A 119 -18.81 0.54 10.99
N MET B 1 -25.25 15.07 2.99
CA MET B 1 -25.86 13.79 3.41
C MET B 1 -26.22 13.85 4.89
N ALA B 2 -26.31 12.72 5.54
CA ALA B 2 -26.66 12.71 6.99
C ALA B 2 -25.53 13.35 7.79
N SER B 3 -25.33 12.92 9.01
CA SER B 3 -24.24 13.51 9.84
C SER B 3 -22.89 12.97 9.36
N LYS B 4 -21.85 13.75 9.51
CA LYS B 4 -20.51 13.28 9.06
C LYS B 4 -19.42 14.12 9.75
N PRO B 5 -19.28 13.94 11.06
CA PRO B 5 -18.28 14.70 11.84
C PRO B 5 -16.86 14.34 11.36
N GLU B 6 -16.26 15.18 10.56
CA GLU B 6 -14.88 14.89 10.08
C GLU B 6 -14.87 13.56 9.31
N LYS B 7 -13.91 13.37 8.44
CA LYS B 7 -13.85 12.11 7.67
C LYS B 7 -13.60 10.94 8.64
N ARG B 8 -12.63 10.10 8.34
CA ARG B 8 -12.33 8.95 9.23
C ARG B 8 -11.15 9.33 10.13
N VAL B 9 -10.04 8.62 10.03
CA VAL B 9 -8.85 8.96 10.86
C VAL B 9 -7.67 9.22 9.92
N ALA B 10 -6.58 9.71 10.44
CA ALA B 10 -5.38 10.03 9.60
C ALA B 10 -4.22 9.11 9.98
N SER B 11 -3.53 8.58 9.01
CA SER B 11 -2.37 7.68 9.31
C SER B 11 -1.33 7.80 8.21
N SER B 12 -0.48 8.81 8.28
CA SER B 12 0.57 9.00 7.24
C SER B 12 1.91 8.48 7.78
N VAL B 13 2.46 7.48 7.15
CA VAL B 13 3.77 6.92 7.62
C VAL B 13 4.44 6.20 6.45
N PHE B 14 5.73 5.93 6.58
CA PHE B 14 6.44 5.23 5.49
C PHE B 14 7.91 4.98 5.83
N ILE B 15 8.69 4.65 4.82
CA ILE B 15 10.13 4.39 5.01
C ILE B 15 10.88 4.88 3.76
N THR B 16 12.14 5.19 3.89
CA THR B 16 12.95 5.67 2.72
C THR B 16 13.96 4.60 2.30
N LEU B 17 14.43 4.66 1.08
CA LEU B 17 15.42 3.65 0.58
C LEU B 17 16.56 4.38 -0.13
N ALA B 18 17.70 4.47 0.51
CA ALA B 18 18.86 5.17 -0.12
C ALA B 18 20.16 4.70 0.54
N PRO B 19 20.62 3.52 0.19
CA PRO B 19 21.85 2.96 0.78
C PRO B 19 23.07 3.82 0.36
N PRO B 20 24.20 3.64 1.02
CA PRO B 20 25.41 4.40 0.70
C PRO B 20 25.86 4.08 -0.74
N ARG B 21 25.30 4.76 -1.72
CA ARG B 21 25.68 4.50 -3.14
C ARG B 21 26.67 5.56 -3.61
N ARG B 22 27.94 5.33 -3.44
CA ARG B 22 28.94 6.34 -3.87
C ARG B 22 28.89 6.50 -5.39
N ASP B 23 29.86 5.98 -6.09
CA ASP B 23 29.86 6.11 -7.57
C ASP B 23 30.96 5.22 -8.16
N VAL B 24 30.75 4.68 -9.32
CA VAL B 24 31.79 3.81 -9.95
C VAL B 24 32.94 4.68 -10.46
N GLY A 1 17.71 10.21 -24.08
CA GLY A 1 16.90 9.12 -24.76
C GLY A 1 16.16 9.41 -26.02
N ILE A 2 15.72 8.40 -26.72
CA ILE A 2 14.97 8.60 -27.97
C ILE A 2 14.42 7.25 -28.42
N PRO A 3 13.75 6.56 -27.53
CA PRO A 3 13.17 5.25 -27.84
C PRO A 3 12.24 5.39 -29.02
N GLU A 4 11.06 5.86 -28.78
CA GLU A 4 10.05 5.93 -29.88
C GLU A 4 9.66 4.48 -30.09
N PHE A 5 10.67 3.66 -30.20
CA PHE A 5 10.51 2.20 -30.31
C PHE A 5 9.61 1.77 -29.15
N PHE A 6 9.66 2.57 -28.10
CA PHE A 6 8.86 2.38 -26.83
C PHE A 6 9.76 2.01 -25.66
N GLN A 7 9.22 1.28 -24.72
CA GLN A 7 9.99 0.91 -23.49
C GLN A 7 9.87 2.10 -22.56
N PHE A 8 9.24 3.12 -23.08
CA PHE A 8 9.00 4.37 -22.31
C PHE A 8 7.76 5.02 -22.88
N THR A 9 7.64 4.99 -24.17
CA THR A 9 6.43 5.55 -24.82
C THR A 9 5.38 4.44 -24.76
N VAL A 10 5.76 3.34 -24.16
CA VAL A 10 4.85 2.17 -24.02
C VAL A 10 3.42 2.65 -23.74
N GLY A 11 3.30 3.78 -23.09
CA GLY A 11 1.96 4.34 -22.76
C GLY A 11 1.98 4.86 -21.32
N PRO A 12 1.98 3.94 -20.36
CA PRO A 12 2.04 4.31 -18.93
C PRO A 12 3.43 4.90 -18.63
N LEU A 13 3.93 5.70 -19.54
CA LEU A 13 5.27 6.35 -19.40
C LEU A 13 6.20 5.50 -18.54
N GLY A 14 6.14 4.20 -18.70
CA GLY A 14 7.01 3.31 -17.89
C GLY A 14 6.56 3.35 -16.43
N GLU A 15 6.16 4.51 -15.97
CA GLU A 15 5.73 4.66 -14.56
C GLU A 15 6.91 4.36 -13.63
N GLY A 16 7.98 3.84 -14.16
CA GLY A 16 9.17 3.53 -13.33
C GLY A 16 9.10 2.11 -12.76
N GLY A 17 9.64 1.92 -11.59
CA GLY A 17 9.63 0.56 -10.97
C GLY A 17 8.22 0.13 -10.60
N ALA A 18 7.24 0.99 -10.74
CA ALA A 18 5.85 0.58 -10.39
C ALA A 18 5.54 -0.78 -11.02
N HIS A 19 6.38 -1.23 -11.93
CA HIS A 19 6.15 -2.55 -12.59
C HIS A 19 6.98 -3.63 -11.88
N LYS A 20 8.21 -3.33 -11.52
CA LYS A 20 9.05 -4.37 -10.85
C LYS A 20 8.68 -4.44 -9.36
N VAL A 21 8.14 -3.39 -8.81
CA VAL A 21 7.77 -3.44 -7.37
C VAL A 21 6.62 -4.42 -7.18
N ARG A 22 6.86 -5.48 -6.48
CA ARG A 22 5.81 -6.51 -6.26
C ARG A 22 5.16 -6.29 -4.89
N ALA A 23 3.86 -6.37 -4.83
CA ALA A 23 3.14 -6.17 -3.53
C ALA A 23 1.89 -7.05 -3.52
N GLY A 24 1.85 -8.04 -2.68
CA GLY A 24 0.67 -8.94 -2.63
C GLY A 24 0.66 -9.71 -1.31
N GLY A 25 -0.48 -9.82 -0.68
CA GLY A 25 -0.55 -10.56 0.61
C GLY A 25 -1.99 -10.59 1.12
N THR A 26 -2.24 -11.32 2.17
CA THR A 26 -3.62 -11.39 2.72
C THR A 26 -3.93 -10.11 3.50
N GLY A 27 -2.92 -9.37 3.88
CA GLY A 27 -3.15 -8.11 4.65
C GLY A 27 -3.70 -7.05 3.71
N LEU A 28 -3.50 -7.22 2.43
CA LEU A 28 -4.01 -6.22 1.45
C LEU A 28 -5.42 -6.60 1.03
N GLU A 29 -5.85 -7.80 1.34
CA GLU A 29 -7.22 -8.23 0.96
C GLU A 29 -8.24 -7.74 2.01
N ARG A 30 -8.12 -8.21 3.22
CA ARG A 30 -9.09 -7.77 4.28
C ARG A 30 -8.42 -7.75 5.66
N GLY A 31 -9.05 -7.11 6.61
CA GLY A 31 -8.48 -7.05 7.99
C GLY A 31 -9.65 -7.15 8.98
N VAL A 32 -9.39 -7.32 10.25
CA VAL A 32 -10.51 -7.44 11.23
C VAL A 32 -10.24 -6.57 12.48
N ALA A 33 -11.30 -6.11 13.10
CA ALA A 33 -11.19 -5.23 14.32
C ALA A 33 -10.03 -5.66 15.23
N GLY A 34 -9.04 -4.83 15.34
CA GLY A 34 -7.89 -5.11 16.24
C GLY A 34 -7.30 -6.49 15.98
N VAL A 35 -7.01 -6.80 14.75
CA VAL A 35 -6.40 -8.14 14.42
C VAL A 35 -5.12 -7.89 13.61
N PRO A 36 -3.94 -8.02 14.23
CA PRO A 36 -2.69 -7.77 13.51
C PRO A 36 -2.59 -8.64 12.25
N ALA A 37 -2.10 -8.09 11.18
CA ALA A 37 -1.98 -8.88 9.91
C ALA A 37 -0.76 -8.43 9.14
N GLU A 38 -0.43 -9.08 8.05
CA GLU A 38 0.76 -8.66 7.27
C GLU A 38 0.65 -9.05 5.80
N PHE A 39 1.50 -8.49 4.99
CA PHE A 39 1.52 -8.83 3.54
C PHE A 39 2.98 -8.81 3.11
N SER A 40 3.25 -8.97 1.84
CA SER A 40 4.68 -8.99 1.37
C SER A 40 4.95 -7.89 0.35
N ILE A 41 6.18 -7.44 0.30
CA ILE A 41 6.58 -6.38 -0.67
C ILE A 41 7.99 -6.70 -1.19
N TRP A 42 8.09 -7.41 -2.28
CA TRP A 42 9.42 -7.77 -2.83
C TRP A 42 9.78 -6.75 -3.93
N THR A 43 11.02 -6.35 -3.99
CA THR A 43 11.42 -5.36 -5.03
C THR A 43 12.95 -5.38 -5.22
N ARG A 44 13.40 -5.49 -6.43
CA ARG A 44 14.87 -5.51 -6.69
C ARG A 44 15.15 -5.43 -8.19
N GLU A 45 15.05 -4.26 -8.76
CA GLU A 45 15.31 -4.13 -10.23
C GLU A 45 15.49 -2.65 -10.58
N ALA A 46 14.53 -1.83 -10.26
CA ALA A 46 14.65 -0.38 -10.58
C ALA A 46 15.90 0.17 -9.92
N GLY A 47 15.99 0.07 -8.62
CA GLY A 47 17.18 0.58 -7.88
C GLY A 47 16.73 1.21 -6.57
N ALA A 48 17.54 2.05 -5.97
CA ALA A 48 17.16 2.68 -4.68
C ALA A 48 15.94 3.59 -4.92
N GLY A 49 15.27 3.97 -3.87
CA GLY A 49 14.07 4.86 -4.04
C GLY A 49 13.38 5.05 -2.69
N GLY A 50 12.32 5.83 -2.66
CA GLY A 50 11.57 6.08 -1.39
C GLY A 50 10.15 5.53 -1.51
N LEU A 51 9.75 4.69 -0.59
CA LEU A 51 8.37 4.12 -0.64
C LEU A 51 7.48 4.89 0.34
N SER A 52 6.69 5.80 -0.16
CA SER A 52 5.80 6.61 0.73
C SER A 52 4.48 5.87 0.90
N ILE A 53 3.89 5.86 2.09
CA ILE A 53 2.60 5.14 2.29
C ILE A 53 1.62 6.04 3.03
N ALA A 54 0.62 6.53 2.35
CA ALA A 54 -0.38 7.43 3.01
C ALA A 54 -1.61 6.60 3.38
N VAL A 55 -1.78 6.32 4.65
CA VAL A 55 -2.95 5.51 5.09
C VAL A 55 -4.04 6.45 5.64
N GLU A 56 -5.27 6.14 5.37
CA GLU A 56 -6.39 6.98 5.88
C GLU A 56 -7.55 6.06 6.28
N GLY A 57 -8.25 6.39 7.33
CA GLY A 57 -9.37 5.53 7.79
C GLY A 57 -9.79 5.94 9.20
N PRO A 58 -10.71 5.19 9.78
CA PRO A 58 -11.21 5.46 11.14
C PRO A 58 -10.08 5.49 12.18
N SER A 59 -9.01 4.79 11.94
CA SER A 59 -7.89 4.79 12.94
C SER A 59 -6.55 4.75 12.21
N LYS A 60 -5.47 4.93 12.93
CA LYS A 60 -4.11 4.91 12.29
C LYS A 60 -3.57 3.48 12.32
N ALA A 61 -3.65 2.78 11.22
CA ALA A 61 -3.14 1.38 11.20
C ALA A 61 -1.63 1.39 11.44
N GLU A 62 -1.12 0.42 12.16
CA GLU A 62 0.34 0.37 12.43
C GLU A 62 1.05 -0.22 11.21
N ILE A 63 2.36 -0.21 11.21
CA ILE A 63 3.14 -0.76 10.06
C ILE A 63 4.48 -1.28 10.61
N ALA A 64 4.98 -2.40 10.12
CA ALA A 64 6.29 -2.89 10.65
C ALA A 64 7.04 -3.68 9.57
N PHE A 65 8.14 -3.16 9.12
CA PHE A 65 8.94 -3.87 8.06
C PHE A 65 9.90 -4.87 8.72
N GLU A 66 9.81 -6.12 8.33
CA GLU A 66 10.70 -7.16 8.91
C GLU A 66 11.10 -8.14 7.80
N ASP A 67 12.37 -8.25 7.51
CA ASP A 67 12.82 -9.19 6.45
C ASP A 67 12.70 -10.63 6.94
N ARG A 68 11.81 -11.40 6.34
CA ARG A 68 11.64 -12.83 6.76
C ARG A 68 12.20 -13.75 5.67
N LYS A 69 12.48 -13.22 4.50
CA LYS A 69 13.03 -14.06 3.39
C LYS A 69 14.36 -13.47 2.93
N ASP A 70 14.76 -12.36 3.49
CA ASP A 70 16.05 -11.73 3.08
C ASP A 70 15.89 -11.10 1.70
N GLY A 71 14.88 -11.51 0.97
CA GLY A 71 14.64 -10.95 -0.40
C GLY A 71 13.27 -10.27 -0.45
N SER A 72 12.27 -10.86 0.16
CA SER A 72 10.91 -10.26 0.14
C SER A 72 10.71 -9.44 1.42
N CYS A 73 10.34 -8.20 1.29
CA CYS A 73 10.13 -7.35 2.50
C CYS A 73 8.73 -7.61 3.07
N GLY A 74 8.66 -8.06 4.29
CA GLY A 74 7.33 -8.34 4.92
C GLY A 74 6.92 -7.18 5.82
N VAL A 75 5.84 -6.51 5.50
CA VAL A 75 5.37 -5.35 6.33
C VAL A 75 4.15 -5.77 7.15
N SER A 76 4.35 -5.98 8.43
CA SER A 76 3.23 -6.36 9.31
C SER A 76 2.51 -5.09 9.75
N TYR A 77 1.23 -5.04 9.51
CA TYR A 77 0.43 -3.82 9.88
C TYR A 77 -0.70 -4.24 10.81
N VAL A 78 -1.42 -3.31 11.38
CA VAL A 78 -2.54 -3.67 12.30
C VAL A 78 -3.71 -2.71 12.10
N VAL A 79 -4.92 -3.21 12.15
CA VAL A 79 -6.13 -2.34 11.97
C VAL A 79 -6.86 -2.19 13.31
N GLN A 80 -7.53 -1.10 13.52
CA GLN A 80 -8.25 -0.89 14.81
C GLN A 80 -9.73 -1.26 14.66
N GLU A 81 -10.37 -0.84 13.60
CA GLU A 81 -11.82 -1.19 13.43
C GLU A 81 -12.25 -1.07 11.95
N PRO A 82 -13.27 -1.84 11.57
CA PRO A 82 -13.81 -1.83 10.19
C PRO A 82 -13.85 -0.45 9.57
N GLY A 83 -13.90 -0.43 8.27
CA GLY A 83 -13.94 0.86 7.53
C GLY A 83 -13.23 0.70 6.20
N ASP A 84 -13.41 1.64 5.32
CA ASP A 84 -12.73 1.58 3.99
C ASP A 84 -11.36 2.22 4.14
N TYR A 85 -10.40 1.48 4.58
CA TYR A 85 -9.04 2.02 4.77
C TYR A 85 -8.46 2.30 3.39
N GLU A 86 -7.86 3.44 3.22
CA GLU A 86 -7.26 3.81 1.89
C GLU A 86 -5.74 3.86 2.03
N VAL A 87 -5.03 3.15 1.18
CA VAL A 87 -3.54 3.14 1.26
C VAL A 87 -2.95 3.57 -0.09
N SER A 88 -1.89 4.34 -0.06
CA SER A 88 -1.23 4.82 -1.32
C SER A 88 0.26 4.54 -1.25
N ILE A 89 0.69 3.46 -1.85
CA ILE A 89 2.14 3.09 -1.84
C ILE A 89 2.76 3.38 -3.21
N LYS A 90 3.89 4.02 -3.22
CA LYS A 90 4.59 4.35 -4.50
C LYS A 90 6.08 4.23 -4.27
N PHE A 91 6.79 3.48 -5.08
CA PHE A 91 8.26 3.39 -4.86
C PHE A 91 8.93 4.57 -5.56
N ASN A 92 9.32 5.57 -4.82
CA ASN A 92 9.95 6.76 -5.44
C ASN A 92 8.88 7.56 -6.19
N ASP A 93 7.67 7.57 -5.68
CA ASP A 93 6.55 8.32 -6.33
C ASP A 93 5.95 7.54 -7.51
N GLU A 94 6.24 6.27 -7.65
CA GLU A 94 5.62 5.49 -8.76
C GLU A 94 4.46 4.71 -8.16
N HIS A 95 3.28 5.27 -8.24
CA HIS A 95 2.09 4.61 -7.65
C HIS A 95 1.64 3.44 -8.52
N ILE A 96 1.79 2.24 -8.03
CA ILE A 96 1.35 1.05 -8.82
C ILE A 96 -0.16 1.20 -9.08
N PRO A 97 -0.67 0.58 -10.13
CA PRO A 97 -2.11 0.68 -10.44
C PRO A 97 -2.92 0.37 -9.19
N ASP A 98 -2.34 -0.37 -8.29
CA ASP A 98 -3.05 -0.69 -7.02
C ASP A 98 -3.36 0.60 -6.30
N SER A 99 -2.36 1.32 -5.87
CA SER A 99 -2.62 2.58 -5.14
C SER A 99 -3.27 3.62 -6.07
N PRO A 100 -4.23 4.39 -5.57
CA PRO A 100 -4.78 4.32 -4.19
C PRO A 100 -5.91 3.27 -4.14
N PHE A 101 -5.78 2.19 -3.36
CA PHE A 101 -6.91 1.18 -3.30
C PHE A 101 -7.46 1.11 -1.87
N VAL A 102 -8.63 0.54 -1.72
CA VAL A 102 -9.27 0.47 -0.38
C VAL A 102 -8.93 -0.86 0.32
N VAL A 103 -8.94 -0.85 1.63
CA VAL A 103 -8.65 -2.09 2.42
C VAL A 103 -9.81 -2.31 3.40
N PRO A 104 -10.86 -2.99 2.96
CA PRO A 104 -12.05 -3.22 3.81
C PRO A 104 -11.72 -4.06 5.05
N VAL A 105 -11.82 -3.47 6.21
CA VAL A 105 -11.59 -4.22 7.49
C VAL A 105 -12.97 -4.61 8.01
N ALA A 106 -13.11 -5.80 8.59
CA ALA A 106 -14.46 -6.27 9.08
C ALA A 106 -14.40 -6.79 10.53
N SER A 107 -15.32 -6.36 11.35
CA SER A 107 -15.36 -6.81 12.77
C SER A 107 -16.32 -7.99 12.86
N LEU A 108 -15.80 -9.16 12.70
CA LEU A 108 -16.67 -10.37 12.74
C LEU A 108 -17.77 -10.18 11.70
N SER A 109 -17.64 -9.16 10.88
CA SER A 109 -18.65 -8.89 9.83
C SER A 109 -18.16 -9.45 8.49
N ASP A 110 -16.88 -9.56 8.32
CA ASP A 110 -16.35 -10.08 7.03
C ASP A 110 -16.96 -9.24 5.90
N ASP A 111 -17.56 -8.15 6.26
CA ASP A 111 -18.19 -7.27 5.24
C ASP A 111 -18.58 -5.94 5.90
N ALA A 112 -18.90 -5.94 7.17
CA ALA A 112 -19.27 -4.65 7.82
C ALA A 112 -20.33 -3.93 6.97
N ARG A 113 -20.65 -2.71 7.29
CA ARG A 113 -21.66 -1.98 6.47
C ARG A 113 -21.51 -0.47 6.69
N ARG A 114 -22.52 0.27 6.37
CA ARG A 114 -22.48 1.75 6.56
C ARG A 114 -23.88 2.21 6.98
N LEU A 115 -24.77 1.25 7.15
CA LEU A 115 -26.17 1.56 7.58
C LEU A 115 -26.53 0.66 8.76
N THR A 116 -25.93 -0.50 8.85
CA THR A 116 -26.20 -1.43 9.99
C THR A 116 -25.05 -1.30 10.97
N VAL A 117 -23.96 -1.93 10.67
CA VAL A 117 -22.78 -1.78 11.54
C VAL A 117 -22.40 -0.30 11.50
N THR A 118 -23.05 0.41 10.60
CA THR A 118 -22.81 1.87 10.43
C THR A 118 -21.34 2.21 10.63
N SER A 119 -20.50 1.63 9.82
CA SER A 119 -19.04 1.90 9.91
C SER A 119 -18.47 1.19 11.15
N MET B 1 -30.14 8.61 2.45
CA MET B 1 -29.29 8.71 1.24
C MET B 1 -27.83 8.92 1.66
N ALA B 2 -26.92 8.98 0.72
CA ALA B 2 -25.49 9.18 1.08
C ALA B 2 -25.27 10.65 1.46
N SER B 3 -25.01 10.91 2.72
CA SER B 3 -24.78 12.32 3.17
C SER B 3 -23.28 12.62 3.18
N LYS B 4 -22.81 13.28 4.21
CA LYS B 4 -21.36 13.61 4.29
C LYS B 4 -21.05 14.21 5.67
N PRO B 5 -21.11 13.39 6.70
CA PRO B 5 -20.84 13.87 8.08
C PRO B 5 -19.41 14.42 8.18
N GLU B 6 -18.44 13.56 8.27
CA GLU B 6 -17.02 14.04 8.37
C GLU B 6 -16.08 12.98 7.82
N LYS B 7 -14.84 13.31 7.64
CA LYS B 7 -13.86 12.32 7.10
C LYS B 7 -13.45 11.36 8.22
N ARG B 8 -12.61 10.41 7.91
CA ARG B 8 -12.16 9.42 8.94
C ARG B 8 -10.79 9.87 9.47
N VAL B 9 -10.33 9.24 10.51
CA VAL B 9 -9.01 9.63 11.06
C VAL B 9 -7.98 9.56 9.92
N ALA B 10 -6.87 10.24 10.05
CA ALA B 10 -5.84 10.24 8.96
C ALA B 10 -4.50 9.74 9.51
N SER B 11 -3.70 9.13 8.69
CA SER B 11 -2.38 8.61 9.13
C SER B 11 -1.37 8.77 7.99
N SER B 12 -0.16 9.17 8.30
CA SER B 12 0.87 9.34 7.23
C SER B 12 2.22 8.85 7.74
N VAL B 13 2.75 7.83 7.14
CA VAL B 13 4.07 7.29 7.58
C VAL B 13 4.68 6.47 6.46
N PHE B 14 5.94 6.15 6.55
CA PHE B 14 6.59 5.34 5.48
C PHE B 14 8.05 5.01 5.81
N ILE B 15 8.77 4.56 4.81
CA ILE B 15 10.20 4.21 4.99
C ILE B 15 10.93 4.47 3.67
N THR B 16 12.24 4.41 3.66
CA THR B 16 13.01 4.66 2.40
C THR B 16 14.12 3.61 2.25
N LEU B 17 14.19 2.97 1.12
CA LEU B 17 15.25 1.94 0.90
C LEU B 17 16.48 2.60 0.28
N ALA B 18 17.64 2.26 0.76
CA ALA B 18 18.90 2.88 0.20
C ALA B 18 20.01 1.82 0.18
N PRO B 19 19.87 0.83 -0.67
CA PRO B 19 20.89 -0.24 -0.78
C PRO B 19 22.24 0.37 -1.18
N PRO B 20 23.31 -0.41 -1.09
CA PRO B 20 24.65 0.08 -1.46
C PRO B 20 24.64 0.60 -2.91
N ARG B 21 24.85 1.88 -3.08
CA ARG B 21 24.86 2.45 -4.46
C ARG B 21 25.80 1.62 -5.34
N ARG B 22 26.58 0.75 -4.75
CA ARG B 22 27.51 -0.08 -5.55
C ARG B 22 28.35 0.82 -6.46
N ASP B 23 28.37 0.56 -7.74
CA ASP B 23 29.18 1.40 -8.68
C ASP B 23 28.32 2.55 -9.21
N VAL B 24 28.91 3.42 -9.98
CA VAL B 24 28.12 4.57 -10.54
C VAL B 24 28.97 5.30 -11.57
N GLY A 1 13.94 9.39 -30.52
CA GLY A 1 13.36 8.07 -30.00
C GLY A 1 12.57 7.20 -30.92
N ILE A 2 12.66 5.91 -30.74
CA ILE A 2 11.90 4.97 -31.60
C ILE A 2 12.08 3.56 -31.02
N PRO A 3 11.84 3.41 -29.73
CA PRO A 3 11.97 2.11 -29.08
C PRO A 3 11.09 1.11 -29.79
N GLU A 4 9.83 1.11 -29.48
CA GLU A 4 8.93 0.08 -30.08
C GLU A 4 9.28 -1.21 -29.34
N PHE A 5 10.45 -1.17 -28.75
CA PHE A 5 10.99 -2.24 -27.93
C PHE A 5 10.49 -1.92 -26.52
N PHE A 6 9.47 -1.10 -26.49
CA PHE A 6 8.86 -0.63 -25.23
C PHE A 6 9.96 -0.19 -24.28
N GLN A 7 9.70 -0.23 -22.99
CA GLN A 7 10.68 0.24 -21.97
C GLN A 7 10.45 1.74 -21.87
N PHE A 8 9.65 2.23 -22.78
CA PHE A 8 9.29 3.67 -22.78
C PHE A 8 7.92 3.81 -23.44
N THR A 9 7.69 3.02 -24.44
CA THR A 9 6.36 3.03 -25.12
C THR A 9 5.53 1.97 -24.42
N VAL A 10 6.11 1.37 -23.41
CA VAL A 10 5.41 0.31 -22.64
C VAL A 10 3.95 0.74 -22.37
N GLY A 11 3.76 2.00 -22.09
CA GLY A 11 2.39 2.52 -21.82
C GLY A 11 2.49 3.56 -20.69
N PRO A 12 2.46 3.11 -19.44
CA PRO A 12 2.60 4.02 -18.29
C PRO A 12 4.02 4.59 -18.29
N LEU A 13 4.52 4.91 -19.46
CA LEU A 13 5.91 5.46 -19.63
C LEU A 13 6.85 4.93 -18.54
N GLY A 14 6.66 3.69 -18.15
CA GLY A 14 7.52 3.09 -17.10
C GLY A 14 7.22 3.77 -15.75
N GLU A 15 6.99 5.05 -15.77
CA GLU A 15 6.70 5.77 -14.49
C GLU A 15 7.86 5.55 -13.53
N GLY A 16 8.90 4.88 -13.96
CA GLY A 16 10.07 4.64 -13.09
C GLY A 16 9.67 3.84 -11.84
N GLY A 17 10.41 2.79 -11.55
CA GLY A 17 10.11 1.97 -10.34
C GLY A 17 8.83 1.17 -10.56
N ALA A 18 7.77 1.82 -10.91
CA ALA A 18 6.48 1.11 -11.13
C ALA A 18 6.70 -0.13 -11.99
N HIS A 19 7.84 -0.26 -12.58
CA HIS A 19 8.11 -1.45 -13.45
C HIS A 19 8.72 -2.58 -12.62
N LYS A 20 9.65 -2.28 -11.76
CA LYS A 20 10.29 -3.35 -10.94
C LYS A 20 9.57 -3.52 -9.59
N VAL A 21 8.68 -2.62 -9.26
CA VAL A 21 7.98 -2.74 -7.95
C VAL A 21 6.79 -3.71 -8.06
N ARG A 22 6.90 -4.83 -7.41
CA ARG A 22 5.81 -5.84 -7.43
C ARG A 22 5.05 -5.75 -6.11
N ALA A 23 3.75 -5.86 -6.13
CA ALA A 23 2.96 -5.77 -4.86
C ALA A 23 1.83 -6.80 -4.90
N GLY A 24 1.90 -7.78 -4.03
CA GLY A 24 0.84 -8.83 -3.99
C GLY A 24 0.80 -9.45 -2.59
N GLY A 25 -0.35 -9.55 -1.99
CA GLY A 25 -0.43 -10.16 -0.63
C GLY A 25 -1.89 -10.19 -0.16
N THR A 26 -2.16 -10.92 0.89
CA THR A 26 -3.55 -11.01 1.40
C THR A 26 -3.92 -9.69 2.10
N GLY A 27 -2.94 -9.02 2.65
CA GLY A 27 -3.22 -7.74 3.35
C GLY A 27 -3.61 -6.68 2.32
N LEU A 28 -3.19 -6.87 1.10
CA LEU A 28 -3.53 -5.88 0.04
C LEU A 28 -4.99 -6.08 -0.38
N GLU A 29 -5.60 -7.15 0.06
CA GLU A 29 -7.02 -7.42 -0.31
C GLU A 29 -7.95 -6.79 0.74
N ARG A 30 -7.73 -7.06 1.99
CA ARG A 30 -8.62 -6.46 3.03
C ARG A 30 -8.01 -6.70 4.43
N GLY A 31 -8.77 -6.43 5.46
CA GLY A 31 -8.25 -6.64 6.84
C GLY A 31 -9.45 -6.90 7.77
N VAL A 32 -9.21 -7.13 9.04
CA VAL A 32 -10.35 -7.40 9.99
C VAL A 32 -10.17 -6.59 11.28
N ALA A 33 -11.27 -6.25 11.91
CA ALA A 33 -11.23 -5.45 13.18
C ALA A 33 -10.06 -5.85 14.10
N GLY A 34 -9.11 -4.98 14.25
CA GLY A 34 -7.97 -5.25 15.18
C GLY A 34 -7.30 -6.58 14.87
N VAL A 35 -6.94 -6.81 13.64
CA VAL A 35 -6.27 -8.09 13.25
C VAL A 35 -4.96 -7.76 12.50
N PRO A 36 -3.80 -7.87 13.14
CA PRO A 36 -2.53 -7.57 12.46
C PRO A 36 -2.38 -8.48 11.23
N ALA A 37 -2.02 -7.92 10.10
CA ALA A 37 -1.86 -8.74 8.87
C ALA A 37 -0.66 -8.21 8.08
N GLU A 38 -0.48 -8.67 6.88
CA GLU A 38 0.68 -8.17 6.09
C GLU A 38 0.60 -8.60 4.64
N PHE A 39 1.39 -7.98 3.81
CA PHE A 39 1.43 -8.34 2.37
C PHE A 39 2.90 -8.33 1.95
N SER A 40 3.17 -8.54 0.70
CA SER A 40 4.60 -8.57 0.23
C SER A 40 4.82 -7.53 -0.86
N ILE A 41 5.98 -6.95 -0.91
CA ILE A 41 6.30 -5.94 -1.95
C ILE A 41 7.76 -6.15 -2.39
N TRP A 42 7.97 -6.85 -3.46
CA TRP A 42 9.35 -7.10 -3.94
C TRP A 42 9.80 -5.93 -4.83
N THR A 43 11.05 -5.58 -4.78
CA THR A 43 11.54 -4.45 -5.62
C THR A 43 13.07 -4.43 -5.60
N ARG A 44 13.66 -3.34 -5.23
CA ARG A 44 15.15 -3.25 -5.19
C ARG A 44 15.73 -3.58 -6.57
N GLU A 45 15.68 -2.64 -7.47
CA GLU A 45 16.23 -2.89 -8.84
C GLU A 45 16.49 -1.55 -9.52
N ALA A 46 15.56 -0.64 -9.46
CA ALA A 46 15.75 0.69 -10.11
C ALA A 46 16.95 1.37 -9.46
N GLY A 47 16.91 1.54 -8.17
CA GLY A 47 18.05 2.21 -7.48
C GLY A 47 17.55 2.82 -6.16
N ALA A 48 18.44 3.42 -5.40
CA ALA A 48 18.00 4.04 -4.12
C ALA A 48 16.84 5.00 -4.38
N GLY A 49 15.91 5.09 -3.46
CA GLY A 49 14.76 6.01 -3.67
C GLY A 49 14.04 6.24 -2.34
N GLY A 50 12.83 6.75 -2.40
CA GLY A 50 12.06 7.01 -1.14
C GLY A 50 10.60 6.59 -1.33
N LEU A 51 10.15 5.62 -0.59
CA LEU A 51 8.74 5.17 -0.72
C LEU A 51 7.89 5.94 0.27
N SER A 52 7.06 6.84 -0.21
CA SER A 52 6.19 7.63 0.71
C SER A 52 4.85 6.92 0.85
N ILE A 53 4.24 6.91 2.03
CA ILE A 53 2.93 6.20 2.20
C ILE A 53 1.96 7.08 2.99
N ALA A 54 0.87 7.47 2.38
CA ALA A 54 -0.15 8.31 3.08
C ALA A 54 -1.37 7.44 3.36
N VAL A 55 -1.60 7.13 4.62
CA VAL A 55 -2.76 6.25 4.98
C VAL A 55 -3.91 7.10 5.52
N GLU A 56 -5.12 6.73 5.21
CA GLU A 56 -6.31 7.47 5.71
C GLU A 56 -7.36 6.41 6.10
N GLY A 57 -8.09 6.64 7.15
CA GLY A 57 -9.10 5.62 7.56
C GLY A 57 -9.68 6.00 8.93
N PRO A 58 -10.50 5.12 9.49
CA PRO A 58 -11.13 5.38 10.80
C PRO A 58 -10.06 5.45 11.90
N SER A 59 -9.00 4.69 11.76
CA SER A 59 -7.93 4.69 12.81
C SER A 59 -6.55 4.70 12.14
N LYS A 60 -5.55 5.12 12.85
CA LYS A 60 -4.18 5.17 12.27
C LYS A 60 -3.61 3.74 12.22
N ALA A 61 -3.78 3.07 11.12
CA ALA A 61 -3.24 1.68 11.01
C ALA A 61 -1.72 1.72 11.11
N GLU A 62 -1.13 0.82 11.86
CA GLU A 62 0.35 0.82 11.98
C GLU A 62 0.97 0.16 10.75
N ILE A 63 2.27 0.21 10.63
CA ILE A 63 2.97 -0.40 9.47
C ILE A 63 4.25 -1.07 9.97
N ALA A 64 4.72 -2.11 9.32
CA ALA A 64 5.96 -2.78 9.80
C ALA A 64 6.69 -3.42 8.61
N PHE A 65 7.91 -3.01 8.35
CA PHE A 65 8.68 -3.59 7.21
C PHE A 65 9.39 -4.86 7.66
N GLU A 66 9.39 -5.88 6.83
CA GLU A 66 10.08 -7.16 7.20
C GLU A 66 10.78 -7.72 5.96
N ASP A 67 12.06 -7.94 6.04
CA ASP A 67 12.80 -8.48 4.87
C ASP A 67 12.63 -10.00 4.81
N ARG A 68 11.59 -10.46 4.16
CA ARG A 68 11.35 -11.95 4.05
C ARG A 68 11.87 -12.42 2.70
N LYS A 69 12.08 -13.71 2.55
CA LYS A 69 12.58 -14.24 1.27
C LYS A 69 13.93 -13.61 0.97
N ASP A 70 14.46 -12.87 1.91
CA ASP A 70 15.81 -12.25 1.69
C ASP A 70 15.79 -11.39 0.44
N GLY A 71 14.65 -11.26 -0.18
CA GLY A 71 14.58 -10.46 -1.42
C GLY A 71 13.22 -9.77 -1.52
N SER A 72 12.19 -10.37 -0.98
CA SER A 72 10.83 -9.74 -1.04
C SER A 72 10.58 -8.97 0.26
N CYS A 73 10.18 -7.74 0.15
CA CYS A 73 9.93 -6.94 1.39
C CYS A 73 8.58 -7.33 1.98
N GLY A 74 8.42 -7.18 3.27
CA GLY A 74 7.12 -7.53 3.95
C GLY A 74 6.62 -6.33 4.74
N VAL A 75 5.52 -5.76 4.31
CA VAL A 75 4.95 -4.58 5.03
C VAL A 75 3.79 -5.04 5.90
N SER A 76 4.02 -5.21 7.18
CA SER A 76 2.93 -5.64 8.09
C SER A 76 2.15 -4.39 8.54
N TYR A 77 0.99 -4.57 9.09
CA TYR A 77 0.19 -3.38 9.53
C TYR A 77 -0.93 -3.84 10.47
N VAL A 78 -1.61 -2.93 11.11
CA VAL A 78 -2.73 -3.34 12.03
C VAL A 78 -3.90 -2.35 11.93
N VAL A 79 -5.03 -2.81 11.47
CA VAL A 79 -6.22 -1.91 11.35
C VAL A 79 -7.01 -1.96 12.65
N GLN A 80 -7.73 -0.92 12.97
CA GLN A 80 -8.51 -0.91 14.25
C GLN A 80 -9.95 -1.38 14.02
N GLU A 81 -10.64 -0.85 13.02
CA GLU A 81 -12.06 -1.27 12.80
C GLU A 81 -12.48 -1.09 11.32
N PRO A 82 -13.39 -1.93 10.86
CA PRO A 82 -13.91 -1.86 9.47
C PRO A 82 -14.06 -0.44 8.95
N GLY A 83 -14.07 -0.32 7.66
CA GLY A 83 -14.21 1.01 7.02
C GLY A 83 -13.48 0.99 5.67
N ASP A 84 -13.09 2.14 5.17
CA ASP A 84 -12.37 2.19 3.87
C ASP A 84 -10.96 2.74 4.09
N TYR A 85 -10.00 1.87 4.30
CA TYR A 85 -8.61 2.35 4.50
C TYR A 85 -8.02 2.69 3.13
N GLU A 86 -7.45 3.86 3.01
CA GLU A 86 -6.85 4.31 1.70
C GLU A 86 -5.34 4.42 1.87
N VAL A 87 -4.59 3.80 0.98
CA VAL A 87 -3.10 3.85 1.07
C VAL A 87 -2.51 4.33 -0.25
N SER A 88 -1.51 5.18 -0.19
CA SER A 88 -0.87 5.72 -1.44
C SER A 88 0.64 5.51 -1.35
N ILE A 89 1.13 4.44 -1.93
CA ILE A 89 2.59 4.15 -1.90
C ILE A 89 3.22 4.44 -3.27
N LYS A 90 4.35 5.10 -3.28
CA LYS A 90 5.03 5.43 -4.56
C LYS A 90 6.54 5.32 -4.36
N PHE A 91 7.21 4.52 -5.14
CA PHE A 91 8.69 4.42 -4.98
C PHE A 91 9.33 5.63 -5.69
N ASN A 92 9.71 6.63 -4.94
CA ASN A 92 10.32 7.85 -5.56
C ASN A 92 9.23 8.59 -6.35
N ASP A 93 8.04 8.64 -5.83
CA ASP A 93 6.91 9.35 -6.51
C ASP A 93 6.34 8.54 -7.68
N GLU A 94 6.63 7.26 -7.78
CA GLU A 94 6.04 6.45 -8.88
C GLU A 94 4.87 5.66 -8.29
N HIS A 95 3.67 6.13 -8.48
CA HIS A 95 2.48 5.45 -7.92
C HIS A 95 2.25 4.12 -8.65
N ILE A 96 2.58 3.03 -8.02
CA ILE A 96 2.37 1.71 -8.68
C ILE A 96 0.91 1.64 -9.19
N PRO A 97 0.65 0.86 -10.24
CA PRO A 97 -0.72 0.72 -10.79
C PRO A 97 -1.66 0.19 -9.68
N ASP A 98 -1.79 0.93 -8.62
CA ASP A 98 -2.66 0.52 -7.49
C ASP A 98 -2.96 1.75 -6.65
N SER A 99 -1.95 2.39 -6.16
CA SER A 99 -2.16 3.56 -5.29
C SER A 99 -2.81 4.70 -6.10
N PRO A 100 -3.74 5.45 -5.51
CA PRO A 100 -4.27 5.26 -4.13
C PRO A 100 -5.43 4.22 -4.15
N PHE A 101 -5.28 3.06 -3.52
CA PHE A 101 -6.43 2.06 -3.54
C PHE A 101 -7.03 1.95 -2.14
N VAL A 102 -8.25 1.46 -2.06
CA VAL A 102 -8.93 1.31 -0.75
C VAL A 102 -8.67 -0.08 -0.16
N VAL A 103 -8.63 -0.18 1.14
CA VAL A 103 -8.41 -1.49 1.82
C VAL A 103 -9.58 -1.73 2.80
N PRO A 104 -10.67 -2.28 2.30
CA PRO A 104 -11.87 -2.51 3.15
C PRO A 104 -11.60 -3.49 4.30
N VAL A 105 -11.63 -2.99 5.51
CA VAL A 105 -11.42 -3.88 6.69
C VAL A 105 -12.82 -4.40 7.10
N ALA A 106 -12.91 -5.63 7.55
CA ALA A 106 -14.26 -6.21 7.92
C ALA A 106 -14.24 -6.90 9.30
N SER A 107 -15.18 -6.57 10.13
CA SER A 107 -15.25 -7.20 11.49
C SER A 107 -16.20 -8.37 11.41
N LEU A 108 -15.69 -9.52 11.12
CA LEU A 108 -16.55 -10.72 10.99
C LEU A 108 -17.65 -10.41 9.98
N SER A 109 -17.51 -9.30 9.29
CA SER A 109 -18.52 -8.90 8.27
C SER A 109 -18.00 -9.26 6.88
N ASP A 110 -16.71 -9.35 6.72
CA ASP A 110 -16.15 -9.69 5.37
C ASP A 110 -16.79 -8.77 4.34
N ASP A 111 -17.41 -7.72 4.80
CA ASP A 111 -18.07 -6.77 3.88
C ASP A 111 -18.59 -5.56 4.67
N ALA A 112 -18.85 -5.70 5.96
CA ALA A 112 -19.34 -4.53 6.73
C ALA A 112 -20.62 -4.00 6.07
N ARG A 113 -21.77 -4.44 6.52
CA ARG A 113 -23.04 -3.97 5.91
C ARG A 113 -23.12 -2.44 6.01
N ARG A 114 -24.26 -1.89 5.71
CA ARG A 114 -24.45 -0.41 5.77
C ARG A 114 -25.77 -0.10 6.49
N LEU A 115 -26.44 -1.14 6.93
CA LEU A 115 -27.75 -0.97 7.65
C LEU A 115 -27.68 -1.74 8.98
N THR A 116 -26.84 -2.74 9.05
CA THR A 116 -26.68 -3.55 10.31
C THR A 116 -25.34 -3.19 10.90
N VAL A 117 -24.30 -3.75 10.37
CA VAL A 117 -22.95 -3.38 10.87
C VAL A 117 -22.78 -1.90 10.58
N THR A 118 -23.73 -1.36 9.84
CA THR A 118 -23.73 0.07 9.47
C THR A 118 -22.32 0.57 9.20
N SER A 119 -21.68 0.00 8.22
CA SER A 119 -20.30 0.40 7.87
C SER A 119 -19.33 -0.06 8.95
N MET B 1 -29.37 13.56 6.54
CA MET B 1 -27.92 13.62 6.90
C MET B 1 -27.76 14.43 8.19
N ALA B 2 -28.68 14.30 9.11
CA ALA B 2 -28.56 15.06 10.39
C ALA B 2 -27.46 14.44 11.24
N SER B 3 -26.76 13.47 10.72
CA SER B 3 -25.67 12.82 11.51
C SER B 3 -24.77 12.03 10.56
N LYS B 4 -23.90 11.22 11.09
CA LYS B 4 -22.99 10.42 10.22
C LYS B 4 -22.32 11.35 9.20
N PRO B 5 -21.43 12.20 9.68
CA PRO B 5 -20.73 13.14 8.79
C PRO B 5 -19.85 12.36 7.79
N GLU B 6 -18.80 12.97 7.30
CA GLU B 6 -17.89 12.27 6.33
C GLU B 6 -16.45 12.46 6.78
N LYS B 7 -16.01 11.68 7.73
CA LYS B 7 -14.60 11.81 8.21
C LYS B 7 -14.18 10.51 8.91
N ARG B 8 -12.98 10.05 8.67
CA ARG B 8 -12.49 8.79 9.30
C ARG B 8 -11.34 9.15 10.25
N VAL B 9 -10.19 9.42 9.72
CA VAL B 9 -9.02 9.83 10.54
C VAL B 9 -7.87 10.16 9.60
N ALA B 10 -6.83 10.76 10.10
CA ALA B 10 -5.66 11.12 9.24
C ALA B 10 -4.39 10.45 9.73
N SER B 11 -3.60 9.92 8.83
CA SER B 11 -2.34 9.24 9.23
C SER B 11 -1.31 9.39 8.10
N SER B 12 -0.07 9.65 8.43
CA SER B 12 0.98 9.82 7.38
C SER B 12 2.32 9.30 7.90
N VAL B 13 2.93 8.40 7.16
CA VAL B 13 4.24 7.85 7.58
C VAL B 13 4.85 7.10 6.39
N PHE B 14 6.09 6.68 6.51
CA PHE B 14 6.71 5.94 5.38
C PHE B 14 8.14 5.48 5.69
N ILE B 15 8.80 4.98 4.67
CA ILE B 15 10.21 4.48 4.83
C ILE B 15 10.99 4.83 3.56
N THR B 16 12.28 4.62 3.54
CA THR B 16 13.09 4.95 2.32
C THR B 16 14.20 3.90 2.15
N LEU B 17 14.52 3.56 0.93
CA LEU B 17 15.60 2.55 0.69
C LEU B 17 16.91 3.26 0.37
N ALA B 18 18.00 2.78 0.92
CA ALA B 18 19.32 3.42 0.67
C ALA B 18 20.44 2.47 1.13
N PRO B 19 20.76 1.48 0.33
CA PRO B 19 21.81 0.50 0.68
C PRO B 19 23.16 1.23 0.91
N PRO B 20 24.12 0.54 1.48
CA PRO B 20 25.45 1.13 1.75
C PRO B 20 26.09 1.60 0.44
N ARG B 21 26.27 0.70 -0.50
CA ARG B 21 26.91 1.08 -1.81
C ARG B 21 26.15 0.41 -2.95
N ARG B 22 26.32 0.91 -4.15
CA ARG B 22 25.61 0.31 -5.31
C ARG B 22 25.97 -1.18 -5.41
N ASP B 23 25.71 -1.78 -6.55
CA ASP B 23 26.02 -3.23 -6.73
C ASP B 23 25.65 -4.02 -5.47
N VAL B 24 26.51 -4.91 -5.05
CA VAL B 24 26.21 -5.72 -3.82
C VAL B 24 27.52 -6.07 -3.11
N GLY A 1 14.82 6.92 -33.29
CA GLY A 1 14.45 5.75 -32.37
C GLY A 1 13.73 4.58 -32.94
N ILE A 2 13.83 3.45 -32.30
CA ILE A 2 13.13 2.24 -32.79
C ILE A 2 13.29 1.13 -31.73
N PRO A 3 12.99 1.47 -30.49
CA PRO A 3 13.09 0.49 -29.40
C PRO A 3 12.22 -0.70 -29.74
N GLU A 4 10.96 -0.60 -29.47
CA GLU A 4 10.06 -1.78 -29.69
C GLU A 4 10.41 -2.75 -28.57
N PHE A 5 11.57 -2.52 -28.02
CA PHE A 5 12.10 -3.27 -26.89
C PHE A 5 11.59 -2.51 -25.67
N PHE A 6 10.58 -1.70 -25.92
CA PHE A 6 9.98 -0.86 -24.88
C PHE A 6 11.07 -0.19 -24.07
N GLN A 7 10.80 0.15 -22.85
CA GLN A 7 11.79 0.87 -22.00
C GLN A 7 11.63 2.34 -22.37
N PHE A 8 10.88 2.55 -23.41
CA PHE A 8 10.60 3.93 -23.88
C PHE A 8 9.22 3.94 -24.53
N THR A 9 8.91 2.89 -25.23
CA THR A 9 7.57 2.77 -25.85
C THR A 9 6.72 1.99 -24.87
N VAL A 10 7.29 1.72 -23.72
CA VAL A 10 6.57 0.96 -22.67
C VAL A 10 5.15 1.52 -22.53
N GLY A 11 5.05 2.82 -22.46
CA GLY A 11 3.71 3.49 -22.33
C GLY A 11 3.79 4.54 -21.21
N PRO A 12 3.67 4.10 -19.97
CA PRO A 12 3.77 5.02 -18.81
C PRO A 12 5.22 5.51 -18.71
N LEU A 13 5.85 5.76 -19.84
CA LEU A 13 7.29 6.21 -19.89
C LEU A 13 8.06 5.60 -18.72
N GLY A 14 7.73 4.38 -18.38
CA GLY A 14 8.43 3.69 -17.26
C GLY A 14 8.03 4.34 -15.94
N GLU A 15 7.91 5.64 -15.93
CA GLU A 15 7.53 6.36 -14.67
C GLU A 15 8.47 5.92 -13.54
N GLY A 16 9.48 5.15 -13.86
CA GLY A 16 10.46 4.69 -12.84
C GLY A 16 9.76 3.90 -11.73
N GLY A 17 10.29 2.75 -11.40
CA GLY A 17 9.70 1.91 -10.31
C GLY A 17 8.33 1.37 -10.73
N ALA A 18 7.47 2.23 -11.14
CA ALA A 18 6.08 1.81 -11.55
C ALA A 18 6.14 0.53 -12.40
N HIS A 19 7.29 0.18 -12.90
CA HIS A 19 7.39 -1.03 -13.75
C HIS A 19 7.80 -2.25 -12.92
N LYS A 20 8.74 -2.11 -12.04
CA LYS A 20 9.20 -3.27 -11.22
C LYS A 20 8.41 -3.37 -9.91
N VAL A 21 8.06 -2.26 -9.32
CA VAL A 21 7.32 -2.31 -8.03
C VAL A 21 6.16 -3.32 -8.13
N ARG A 22 6.27 -4.41 -7.42
CA ARG A 22 5.21 -5.47 -7.44
C ARG A 22 4.63 -5.62 -6.04
N ALA A 23 3.33 -5.48 -5.90
CA ALA A 23 2.68 -5.61 -4.56
C ALA A 23 1.54 -6.62 -4.65
N GLY A 24 1.63 -7.72 -3.94
CA GLY A 24 0.55 -8.75 -3.99
C GLY A 24 0.47 -9.45 -2.64
N GLY A 25 -0.71 -9.53 -2.06
CA GLY A 25 -0.84 -10.20 -0.74
C GLY A 25 -2.30 -10.19 -0.28
N THR A 26 -2.62 -10.92 0.75
CA THR A 26 -4.01 -10.96 1.25
C THR A 26 -4.33 -9.65 1.99
N GLY A 27 -3.33 -8.86 2.27
CA GLY A 27 -3.59 -7.58 2.98
C GLY A 27 -4.37 -6.67 2.04
N LEU A 28 -4.35 -6.99 0.77
CA LEU A 28 -5.10 -6.18 -0.23
C LEU A 28 -6.51 -6.74 -0.35
N GLU A 29 -6.74 -7.89 0.20
CA GLU A 29 -8.08 -8.52 0.12
C GLU A 29 -9.00 -7.93 1.20
N ARG A 30 -8.64 -8.08 2.45
CA ARG A 30 -9.50 -7.52 3.54
C ARG A 30 -8.80 -7.67 4.89
N GLY A 31 -9.43 -7.20 5.94
CA GLY A 31 -8.81 -7.30 7.30
C GLY A 31 -9.93 -7.44 8.33
N VAL A 32 -9.59 -7.58 9.59
CA VAL A 32 -10.65 -7.71 10.64
C VAL A 32 -10.31 -6.82 11.84
N ALA A 33 -11.33 -6.34 12.51
CA ALA A 33 -11.13 -5.43 13.68
C ALA A 33 -9.99 -5.92 14.60
N GLY A 34 -8.94 -5.15 14.68
CA GLY A 34 -7.81 -5.49 15.58
C GLY A 34 -7.20 -6.84 15.24
N VAL A 35 -6.94 -7.10 13.98
CA VAL A 35 -6.31 -8.40 13.57
C VAL A 35 -5.06 -8.07 12.71
N PRO A 36 -3.89 -8.59 13.05
CA PRO A 36 -2.68 -8.30 12.26
C PRO A 36 -2.90 -8.66 10.78
N ALA A 37 -2.77 -7.70 9.91
CA ALA A 37 -2.94 -7.94 8.44
C ALA A 37 -1.64 -7.60 7.73
N GLU A 38 -1.35 -8.24 6.62
CA GLU A 38 -0.07 -7.91 5.92
C GLU A 38 -0.11 -8.35 4.47
N PHE A 39 0.84 -7.87 3.71
CA PHE A 39 0.95 -8.26 2.29
C PHE A 39 2.43 -8.42 1.98
N SER A 40 2.76 -8.73 0.76
CA SER A 40 4.20 -8.93 0.39
C SER A 40 4.54 -8.08 -0.82
N ILE A 41 5.67 -7.41 -0.78
CA ILE A 41 6.12 -6.56 -1.92
C ILE A 41 7.51 -7.03 -2.32
N TRP A 42 7.85 -6.98 -3.58
CA TRP A 42 9.21 -7.44 -3.98
C TRP A 42 9.63 -6.77 -5.30
N THR A 43 10.79 -7.13 -5.78
CA THR A 43 11.32 -6.55 -7.06
C THR A 43 11.98 -5.19 -6.75
N ARG A 44 13.28 -5.13 -6.86
CA ARG A 44 14.02 -3.85 -6.58
C ARG A 44 15.02 -3.60 -7.72
N GLU A 45 14.54 -3.52 -8.93
CA GLU A 45 15.44 -3.28 -10.09
C GLU A 45 15.58 -1.78 -10.35
N ALA A 46 14.70 -0.99 -9.79
CA ALA A 46 14.79 0.49 -10.01
C ALA A 46 16.05 1.01 -9.35
N GLY A 47 16.11 0.97 -8.05
CA GLY A 47 17.31 1.46 -7.31
C GLY A 47 16.88 2.25 -6.08
N ALA A 48 17.76 3.03 -5.52
CA ALA A 48 17.40 3.83 -4.32
C ALA A 48 16.14 4.66 -4.62
N GLY A 49 15.33 4.88 -3.62
CA GLY A 49 14.09 5.67 -3.86
C GLY A 49 13.39 5.94 -2.52
N GLY A 50 12.18 6.42 -2.55
CA GLY A 50 11.44 6.70 -1.29
C GLY A 50 9.99 6.24 -1.44
N LEU A 51 9.59 5.25 -0.69
CA LEU A 51 8.18 4.76 -0.80
C LEU A 51 7.34 5.46 0.25
N SER A 52 6.64 6.50 -0.12
CA SER A 52 5.79 7.24 0.86
C SER A 52 4.45 6.52 0.96
N ILE A 53 3.87 6.44 2.15
CA ILE A 53 2.55 5.74 2.28
C ILE A 53 1.60 6.59 3.11
N ALA A 54 0.44 6.92 2.57
CA ALA A 54 -0.57 7.74 3.31
C ALA A 54 -1.82 6.88 3.52
N VAL A 55 -2.10 6.51 4.74
CA VAL A 55 -3.30 5.65 5.02
C VAL A 55 -4.43 6.51 5.60
N GLU A 56 -5.65 6.14 5.32
CA GLU A 56 -6.81 6.90 5.88
C GLU A 56 -7.89 5.90 6.28
N GLY A 57 -8.50 6.12 7.40
CA GLY A 57 -9.56 5.20 7.88
C GLY A 57 -10.00 5.63 9.28
N PRO A 58 -10.90 4.89 9.87
CA PRO A 58 -11.40 5.21 11.23
C PRO A 58 -10.27 5.14 12.26
N SER A 59 -9.21 4.48 11.92
CA SER A 59 -8.07 4.38 12.89
C SER A 59 -6.74 4.29 12.15
N LYS A 60 -5.66 4.47 12.85
CA LYS A 60 -4.31 4.39 12.21
C LYS A 60 -3.80 2.95 12.27
N ALA A 61 -3.43 2.40 11.15
CA ALA A 61 -2.93 1.00 11.14
C ALA A 61 -1.44 0.99 11.53
N GLU A 62 -1.01 0.01 12.27
CA GLU A 62 0.43 -0.04 12.69
C GLU A 62 1.25 -0.73 11.61
N ILE A 63 1.77 0.02 10.67
CA ILE A 63 2.61 -0.58 9.58
C ILE A 63 3.79 -1.32 10.19
N ALA A 64 4.35 -2.28 9.51
CA ALA A 64 5.52 -3.01 10.09
C ALA A 64 6.43 -3.50 8.96
N PHE A 65 7.63 -2.98 8.88
CA PHE A 65 8.57 -3.42 7.80
C PHE A 65 9.37 -4.62 8.31
N GLU A 66 9.26 -5.75 7.65
CA GLU A 66 10.01 -6.96 8.09
C GLU A 66 10.52 -7.74 6.87
N ASP A 67 11.79 -7.68 6.62
CA ASP A 67 12.35 -8.43 5.45
C ASP A 67 12.52 -9.89 5.83
N ARG A 68 11.98 -10.79 5.05
CA ARG A 68 12.09 -12.25 5.36
C ARG A 68 13.00 -12.93 4.33
N LYS A 69 12.97 -12.47 3.11
CA LYS A 69 13.83 -13.05 2.04
C LYS A 69 14.79 -11.98 1.53
N ASP A 70 14.76 -10.83 2.14
CA ASP A 70 15.66 -9.72 1.68
C ASP A 70 15.13 -9.18 0.35
N GLY A 71 14.59 -10.04 -0.47
CA GLY A 71 14.06 -9.60 -1.79
C GLY A 71 12.57 -9.30 -1.65
N SER A 72 11.87 -10.03 -0.84
CA SER A 72 10.41 -9.79 -0.67
C SER A 72 10.18 -8.91 0.56
N CYS A 73 9.82 -7.67 0.35
CA CYS A 73 9.59 -6.76 1.51
C CYS A 73 8.19 -7.03 2.09
N GLY A 74 8.13 -7.42 3.33
CA GLY A 74 6.80 -7.70 3.97
C GLY A 74 6.36 -6.49 4.78
N VAL A 75 5.19 -5.97 4.49
CA VAL A 75 4.67 -4.78 5.23
C VAL A 75 3.42 -5.18 6.01
N SER A 76 3.56 -5.38 7.29
CA SER A 76 2.38 -5.78 8.12
C SER A 76 1.72 -4.54 8.73
N TYR A 77 0.43 -4.45 8.58
CA TYR A 77 -0.34 -3.30 9.15
C TYR A 77 -1.47 -3.85 10.01
N VAL A 78 -1.61 -3.38 11.22
CA VAL A 78 -2.68 -3.88 12.13
C VAL A 78 -3.85 -2.91 12.14
N VAL A 79 -4.96 -3.29 11.58
CA VAL A 79 -6.13 -2.38 11.56
C VAL A 79 -6.80 -2.39 12.93
N GLN A 80 -7.55 -1.35 13.24
CA GLN A 80 -8.23 -1.29 14.58
C GLN A 80 -9.71 -1.64 14.44
N GLU A 81 -10.41 -1.06 13.49
CA GLU A 81 -11.87 -1.38 13.35
C GLU A 81 -12.33 -1.27 11.89
N PRO A 82 -13.33 -2.05 11.50
CA PRO A 82 -13.90 -2.02 10.14
C PRO A 82 -13.97 -0.63 9.55
N GLY A 83 -14.17 -0.59 8.26
CA GLY A 83 -14.26 0.72 7.55
C GLY A 83 -13.60 0.57 6.18
N ASP A 84 -13.56 1.64 5.42
CA ASP A 84 -12.91 1.58 4.08
C ASP A 84 -11.52 2.16 4.21
N TYR A 85 -10.56 1.35 4.51
CA TYR A 85 -9.17 1.84 4.67
C TYR A 85 -8.61 2.15 3.29
N GLU A 86 -7.99 3.28 3.14
CA GLU A 86 -7.41 3.69 1.81
C GLU A 86 -5.89 3.83 1.98
N VAL A 87 -5.13 3.15 1.17
CA VAL A 87 -3.63 3.23 1.27
C VAL A 87 -3.06 3.67 -0.08
N SER A 88 -2.10 4.57 -0.06
CA SER A 88 -1.49 5.05 -1.35
C SER A 88 0.03 5.00 -1.25
N ILE A 89 0.65 4.15 -2.03
CA ILE A 89 2.14 4.03 -2.01
C ILE A 89 2.73 4.56 -3.32
N LYS A 90 3.87 5.21 -3.27
CA LYS A 90 4.51 5.72 -4.51
C LYS A 90 6.02 5.52 -4.41
N PHE A 91 6.62 4.84 -5.36
CA PHE A 91 8.10 4.63 -5.29
C PHE A 91 8.77 5.92 -5.76
N ASN A 92 9.10 6.79 -4.86
CA ASN A 92 9.74 8.07 -5.27
C ASN A 92 8.73 8.87 -6.09
N ASP A 93 7.47 8.81 -5.70
CA ASP A 93 6.38 9.56 -6.40
C ASP A 93 5.78 8.73 -7.54
N GLU A 94 6.09 7.45 -7.63
CA GLU A 94 5.48 6.62 -8.70
C GLU A 94 4.14 6.11 -8.13
N HIS A 95 3.11 6.88 -8.28
CA HIS A 95 1.79 6.47 -7.72
C HIS A 95 1.23 5.24 -8.46
N ILE A 96 1.48 4.04 -7.95
CA ILE A 96 0.94 2.80 -8.60
C ILE A 96 -0.49 3.08 -9.14
N PRO A 97 -0.82 2.65 -10.34
CA PRO A 97 -2.18 2.88 -10.87
C PRO A 97 -3.20 2.32 -9.88
N ASP A 98 -2.75 1.64 -8.88
CA ASP A 98 -3.67 1.06 -7.85
C ASP A 98 -3.96 2.09 -6.77
N SER A 99 -2.95 2.73 -6.27
CA SER A 99 -3.16 3.71 -5.18
C SER A 99 -4.20 4.75 -5.62
N PRO A 100 -5.16 5.12 -4.77
CA PRO A 100 -5.37 4.58 -3.39
C PRO A 100 -6.31 3.34 -3.43
N PHE A 101 -5.84 2.15 -3.11
CA PHE A 101 -6.81 0.99 -3.13
C PHE A 101 -7.62 0.99 -1.82
N VAL A 102 -8.76 0.35 -1.82
CA VAL A 102 -9.60 0.31 -0.59
C VAL A 102 -9.37 -1.02 0.14
N VAL A 103 -9.26 -0.97 1.44
CA VAL A 103 -9.03 -2.23 2.25
C VAL A 103 -10.20 -2.39 3.25
N PRO A 104 -11.28 -3.00 2.81
CA PRO A 104 -12.47 -3.18 3.69
C PRO A 104 -12.16 -4.11 4.87
N VAL A 105 -12.12 -3.57 6.06
CA VAL A 105 -11.87 -4.40 7.28
C VAL A 105 -13.24 -4.76 7.87
N ALA A 106 -13.38 -5.93 8.47
CA ALA A 106 -14.72 -6.36 9.01
C ALA A 106 -14.59 -7.06 10.39
N SER A 107 -15.44 -6.72 11.32
CA SER A 107 -15.39 -7.36 12.67
C SER A 107 -16.23 -8.62 12.59
N LEU A 108 -15.86 -9.51 11.71
CA LEU A 108 -16.64 -10.77 11.51
C LEU A 108 -17.79 -10.44 10.56
N SER A 109 -18.00 -9.17 10.33
CA SER A 109 -19.09 -8.74 9.41
C SER A 109 -18.68 -9.08 7.98
N ASP A 110 -17.41 -9.30 7.75
CA ASP A 110 -16.94 -9.62 6.37
C ASP A 110 -17.54 -8.59 5.40
N ASP A 111 -18.05 -7.52 5.96
CA ASP A 111 -18.67 -6.45 5.14
C ASP A 111 -18.86 -5.22 6.03
N ALA A 112 -19.13 -5.43 7.31
CA ALA A 112 -19.34 -4.28 8.24
C ALA A 112 -20.09 -3.14 7.55
N ARG A 113 -21.40 -3.21 7.52
CA ARG A 113 -22.18 -2.14 6.86
C ARG A 113 -22.24 -0.91 7.78
N ARG A 114 -22.10 0.25 7.23
CA ARG A 114 -22.14 1.50 8.05
C ARG A 114 -23.59 2.00 8.14
N LEU A 115 -24.51 1.24 7.61
CA LEU A 115 -25.95 1.64 7.63
C LEU A 115 -26.80 0.53 8.26
N THR A 116 -26.34 -0.68 8.19
CA THR A 116 -27.09 -1.84 8.79
C THR A 116 -26.29 -2.32 9.98
N VAL A 117 -25.24 -3.05 9.74
CA VAL A 117 -24.38 -3.49 10.87
C VAL A 117 -23.83 -2.21 11.49
N THR A 118 -24.09 -1.10 10.83
CA THR A 118 -23.63 0.23 11.30
C THR A 118 -22.26 0.13 11.95
N SER A 119 -21.29 -0.32 11.20
CA SER A 119 -19.91 -0.45 11.72
C SER A 119 -19.82 -1.65 12.67
N MET B 1 -28.86 10.89 8.00
CA MET B 1 -29.48 12.20 8.38
C MET B 1 -28.68 12.82 9.52
N ALA B 2 -27.49 12.35 9.75
CA ALA B 2 -26.66 12.92 10.86
C ALA B 2 -25.25 12.32 10.79
N SER B 3 -24.25 13.09 11.13
CA SER B 3 -22.86 12.56 11.10
C SER B 3 -22.61 11.90 9.75
N LYS B 4 -22.42 12.69 8.72
CA LYS B 4 -22.17 12.10 7.37
C LYS B 4 -20.84 11.31 7.41
N PRO B 5 -20.73 10.25 6.62
CA PRO B 5 -19.48 9.46 6.60
C PRO B 5 -18.30 10.37 6.22
N GLU B 6 -17.23 9.80 5.73
CA GLU B 6 -16.05 10.62 5.35
C GLU B 6 -15.43 11.22 6.61
N LYS B 7 -14.38 11.97 6.47
CA LYS B 7 -13.72 12.59 7.67
C LYS B 7 -13.40 11.51 8.68
N ARG B 8 -12.55 10.56 8.34
CA ARG B 8 -12.18 9.48 9.28
C ARG B 8 -10.86 9.84 9.93
N VAL B 9 -10.39 9.04 10.85
CA VAL B 9 -9.09 9.32 11.49
C VAL B 9 -8.04 9.49 10.39
N ALA B 10 -6.95 10.15 10.68
CA ALA B 10 -5.88 10.36 9.65
C ALA B 10 -4.58 9.68 10.09
N SER B 11 -3.86 9.10 9.17
CA SER B 11 -2.57 8.43 9.53
C SER B 11 -1.56 8.64 8.41
N SER B 12 -0.33 8.93 8.75
CA SER B 12 0.72 9.17 7.71
C SER B 12 2.05 8.55 8.17
N VAL B 13 2.64 7.75 7.34
CA VAL B 13 3.93 7.10 7.72
C VAL B 13 4.54 6.43 6.49
N PHE B 14 5.79 6.03 6.57
CA PHE B 14 6.42 5.36 5.40
C PHE B 14 7.85 4.91 5.69
N ILE B 15 8.55 4.55 4.64
CA ILE B 15 9.96 4.09 4.76
C ILE B 15 10.70 4.43 3.45
N THR B 16 11.99 4.25 3.42
CA THR B 16 12.77 4.59 2.18
C THR B 16 13.92 3.59 2.00
N LEU B 17 14.25 3.28 0.78
CA LEU B 17 15.38 2.32 0.52
C LEU B 17 16.65 3.11 0.22
N ALA B 18 17.75 2.75 0.85
CA ALA B 18 19.02 3.47 0.61
C ALA B 18 20.21 2.52 0.82
N PRO B 19 20.35 1.56 -0.06
CA PRO B 19 21.45 0.58 0.04
C PRO B 19 22.80 1.33 -0.03
N PRO B 20 23.89 0.63 0.24
CA PRO B 20 25.23 1.25 0.20
C PRO B 20 25.47 1.86 -1.18
N ARG B 21 26.71 2.06 -1.55
CA ARG B 21 27.02 2.65 -2.88
C ARG B 21 28.30 2.01 -3.44
N ARG B 22 28.90 2.61 -4.42
CA ARG B 22 30.14 2.03 -5.02
C ARG B 22 31.01 3.16 -5.60
N ASP B 23 32.22 3.29 -5.13
CA ASP B 23 33.10 4.36 -5.65
C ASP B 23 34.50 4.21 -5.02
N VAL B 24 35.50 4.08 -5.84
CA VAL B 24 36.88 3.93 -5.29
C VAL B 24 37.90 4.08 -6.43
N GLY A 1 17.26 8.72 -28.57
CA GLY A 1 16.65 7.37 -28.17
C GLY A 1 16.01 6.51 -29.19
N ILE A 2 16.09 5.21 -29.02
CA ILE A 2 15.47 4.28 -29.99
C ILE A 2 15.59 2.87 -29.42
N PRO A 3 15.18 2.69 -28.18
CA PRO A 3 15.25 1.37 -27.54
C PRO A 3 14.43 0.39 -28.36
N GLU A 4 13.15 0.38 -28.15
CA GLU A 4 12.30 -0.63 -28.86
C GLU A 4 12.61 -1.95 -28.15
N PHE A 5 13.72 -1.93 -27.47
CA PHE A 5 14.20 -3.04 -26.65
C PHE A 5 13.60 -2.77 -25.28
N PHE A 6 12.56 -1.98 -25.30
CA PHE A 6 11.88 -1.55 -24.06
C PHE A 6 12.92 -1.13 -23.02
N GLN A 7 12.57 -1.23 -21.77
CA GLN A 7 13.49 -0.78 -20.67
C GLN A 7 13.19 0.69 -20.48
N PHE A 8 12.43 1.22 -21.40
CA PHE A 8 12.03 2.65 -21.33
C PHE A 8 10.69 2.79 -22.04
N THR A 9 10.52 2.06 -23.09
CA THR A 9 9.23 2.08 -23.82
C THR A 9 8.41 0.92 -23.25
N VAL A 10 8.96 0.28 -22.26
CA VAL A 10 8.28 -0.87 -21.62
C VAL A 10 6.81 -0.53 -21.37
N GLY A 11 6.55 0.66 -20.92
CA GLY A 11 5.15 1.09 -20.63
C GLY A 11 4.76 2.23 -21.58
N PRO A 12 3.60 2.82 -21.33
CA PRO A 12 3.09 3.91 -22.17
C PRO A 12 3.94 5.14 -21.96
N LEU A 13 4.90 4.98 -21.12
CA LEU A 13 5.80 6.10 -20.76
C LEU A 13 6.62 5.68 -19.55
N GLY A 14 6.79 4.40 -19.39
CA GLY A 14 7.58 3.88 -18.23
C GLY A 14 6.72 3.95 -16.99
N GLU A 15 6.00 5.03 -16.82
CA GLU A 15 5.15 5.16 -15.62
C GLU A 15 6.01 4.93 -14.38
N GLY A 16 7.30 4.94 -14.57
CA GLY A 16 8.23 4.72 -13.44
C GLY A 16 8.22 3.24 -13.04
N GLY A 17 8.71 2.92 -11.89
CA GLY A 17 8.73 1.50 -11.45
C GLY A 17 7.31 1.01 -11.17
N ALA A 18 6.33 1.89 -11.21
CA ALA A 18 4.93 1.44 -10.94
C ALA A 18 4.64 0.19 -11.76
N HIS A 19 5.48 -0.12 -12.71
CA HIS A 19 5.28 -1.34 -13.55
C HIS A 19 6.10 -2.49 -12.97
N LYS A 20 7.33 -2.24 -12.62
CA LYS A 20 8.17 -3.33 -12.05
C LYS A 20 7.84 -3.52 -10.57
N VAL A 21 7.35 -2.49 -9.94
CA VAL A 21 6.99 -2.62 -8.49
C VAL A 21 5.86 -3.64 -8.35
N ARG A 22 6.17 -4.76 -7.74
CA ARG A 22 5.15 -5.82 -7.55
C ARG A 22 4.61 -5.77 -6.13
N ALA A 23 3.32 -5.90 -5.98
CA ALA A 23 2.71 -5.87 -4.62
C ALA A 23 1.49 -6.79 -4.61
N GLY A 24 1.54 -7.87 -3.88
CA GLY A 24 0.38 -8.81 -3.83
C GLY A 24 0.33 -9.52 -2.49
N GLY A 25 -0.82 -9.58 -1.87
CA GLY A 25 -0.92 -10.25 -0.55
C GLY A 25 -2.36 -10.23 -0.05
N THR A 26 -2.61 -10.87 1.06
CA THR A 26 -4.00 -10.91 1.62
C THR A 26 -4.29 -9.59 2.31
N GLY A 27 -3.29 -8.82 2.63
CA GLY A 27 -3.53 -7.52 3.31
C GLY A 27 -4.22 -6.58 2.32
N LEU A 28 -4.05 -6.84 1.05
CA LEU A 28 -4.69 -5.98 0.02
C LEU A 28 -6.12 -6.44 -0.21
N GLU A 29 -6.48 -7.55 0.39
CA GLU A 29 -7.86 -8.07 0.21
C GLU A 29 -8.80 -7.47 1.26
N ARG A 30 -8.48 -7.62 2.52
CA ARG A 30 -9.37 -7.05 3.58
C ARG A 30 -8.71 -7.25 4.95
N GLY A 31 -9.39 -6.86 6.01
CA GLY A 31 -8.81 -7.04 7.37
C GLY A 31 -9.95 -7.25 8.36
N VAL A 32 -9.63 -7.47 9.61
CA VAL A 32 -10.69 -7.70 10.64
C VAL A 32 -10.36 -6.88 11.91
N ALA A 33 -11.38 -6.43 12.59
CA ALA A 33 -11.19 -5.62 13.82
C ALA A 33 -10.00 -6.10 14.67
N GLY A 34 -8.91 -5.36 14.65
CA GLY A 34 -7.73 -5.73 15.48
C GLY A 34 -7.16 -7.08 15.05
N VAL A 35 -6.77 -7.23 13.80
CA VAL A 35 -6.17 -8.52 13.34
C VAL A 35 -4.80 -8.25 12.68
N PRO A 36 -3.74 -8.94 13.06
CA PRO A 36 -2.43 -8.71 12.43
C PRO A 36 -2.55 -9.10 10.95
N ALA A 37 -2.20 -8.21 10.05
CA ALA A 37 -2.31 -8.53 8.59
C ALA A 37 -1.04 -8.09 7.88
N GLU A 38 -0.78 -8.62 6.71
CA GLU A 38 0.45 -8.21 5.98
C GLU A 38 0.36 -8.58 4.51
N PHE A 39 1.26 -8.05 3.73
CA PHE A 39 1.30 -8.37 2.29
C PHE A 39 2.76 -8.48 1.89
N SER A 40 3.03 -8.76 0.65
CA SER A 40 4.45 -8.90 0.19
C SER A 40 4.72 -7.95 -0.97
N ILE A 41 5.86 -7.31 -0.97
CA ILE A 41 6.22 -6.36 -2.07
C ILE A 41 7.68 -6.58 -2.47
N TRP A 42 7.92 -6.95 -3.72
CA TRP A 42 9.32 -7.17 -4.20
C TRP A 42 9.62 -6.20 -5.34
N THR A 43 10.78 -5.60 -5.34
CA THR A 43 11.13 -4.63 -6.44
C THR A 43 12.64 -4.66 -6.70
N ARG A 44 13.04 -4.65 -7.94
CA ARG A 44 14.49 -4.67 -8.27
C ARG A 44 14.69 -4.43 -9.77
N GLU A 45 14.37 -3.25 -10.25
CA GLU A 45 14.56 -2.97 -11.70
C GLU A 45 14.64 -1.46 -11.91
N ALA A 46 13.68 -0.72 -11.44
CA ALA A 46 13.73 0.76 -11.62
C ALA A 46 15.01 1.30 -10.98
N GLY A 47 15.17 1.07 -9.71
CA GLY A 47 16.40 1.56 -9.00
C GLY A 47 15.99 2.10 -7.63
N ALA A 48 16.93 2.52 -6.83
CA ALA A 48 16.59 3.06 -5.48
C ALA A 48 15.54 4.17 -5.63
N GLY A 49 14.88 4.54 -4.56
CA GLY A 49 13.86 5.62 -4.66
C GLY A 49 13.23 5.85 -3.29
N GLY A 50 11.97 6.24 -3.26
CA GLY A 50 11.29 6.49 -1.95
C GLY A 50 9.83 6.06 -2.05
N LEU A 51 9.39 5.23 -1.13
CA LEU A 51 7.96 4.76 -1.15
C LEU A 51 7.18 5.51 -0.09
N SER A 52 6.40 6.49 -0.49
CA SER A 52 5.59 7.26 0.50
C SER A 52 4.27 6.52 0.72
N ILE A 53 3.75 6.49 1.93
CA ILE A 53 2.46 5.77 2.18
C ILE A 53 1.52 6.63 3.01
N ALA A 54 0.37 6.95 2.48
CA ALA A 54 -0.63 7.78 3.23
C ALA A 54 -1.81 6.90 3.63
N VAL A 55 -1.91 6.57 4.88
CA VAL A 55 -3.05 5.70 5.35
C VAL A 55 -4.15 6.59 5.94
N GLU A 56 -5.38 6.21 5.72
CA GLU A 56 -6.52 7.00 6.26
C GLU A 56 -7.61 6.02 6.70
N GLY A 57 -8.27 6.31 7.79
CA GLY A 57 -9.33 5.38 8.28
C GLY A 57 -9.72 5.76 9.72
N PRO A 58 -10.54 4.93 10.34
CA PRO A 58 -11.01 5.18 11.71
C PRO A 58 -9.85 5.15 12.71
N SER A 59 -8.83 4.38 12.45
CA SER A 59 -7.67 4.32 13.40
C SER A 59 -6.37 4.24 12.62
N LYS A 60 -5.29 4.72 13.19
CA LYS A 60 -3.99 4.67 12.48
C LYS A 60 -3.47 3.23 12.51
N ALA A 61 -3.50 2.56 11.40
CA ALA A 61 -3.01 1.15 11.37
C ALA A 61 -1.49 1.13 11.48
N GLU A 62 -0.93 0.26 12.26
CA GLU A 62 0.55 0.22 12.39
C GLU A 62 1.15 -0.36 11.11
N ILE A 63 2.44 -0.33 11.00
CA ILE A 63 3.12 -0.88 9.77
C ILE A 63 4.40 -1.58 10.22
N ALA A 64 4.88 -2.56 9.49
CA ALA A 64 6.12 -3.26 9.93
C ALA A 64 6.89 -3.78 8.70
N PHE A 65 8.06 -3.26 8.45
CA PHE A 65 8.85 -3.74 7.28
C PHE A 65 9.68 -4.96 7.70
N GLU A 66 9.60 -6.03 6.95
CA GLU A 66 10.39 -7.25 7.31
C GLU A 66 10.93 -7.91 6.04
N ASP A 67 12.22 -8.09 5.96
CA ASP A 67 12.82 -8.72 4.75
C ASP A 67 12.75 -10.24 4.89
N ARG A 68 12.07 -10.91 3.99
CA ARG A 68 11.97 -12.39 4.06
C ARG A 68 13.03 -13.03 3.16
N LYS A 69 13.24 -12.47 2.01
CA LYS A 69 14.25 -13.01 1.05
C LYS A 69 15.27 -11.92 0.75
N ASP A 70 15.26 -10.86 1.52
CA ASP A 70 16.22 -9.74 1.26
C ASP A 70 15.74 -8.97 0.02
N GLY A 71 15.09 -9.66 -0.89
CA GLY A 71 14.58 -8.99 -2.13
C GLY A 71 13.07 -8.77 -2.01
N SER A 72 12.41 -9.54 -1.21
CA SER A 72 10.93 -9.37 -1.05
C SER A 72 10.64 -8.50 0.18
N CYS A 73 10.07 -7.34 -0.01
CA CYS A 73 9.78 -6.45 1.14
C CYS A 73 8.43 -6.83 1.76
N GLY A 74 8.42 -7.26 2.99
CA GLY A 74 7.15 -7.66 3.66
C GLY A 74 6.67 -6.51 4.57
N VAL A 75 5.51 -5.98 4.30
CA VAL A 75 4.97 -4.85 5.14
C VAL A 75 3.79 -5.34 5.99
N SER A 76 4.03 -5.56 7.25
CA SER A 76 2.93 -6.04 8.15
C SER A 76 2.25 -4.82 8.78
N TYR A 77 0.96 -4.87 8.96
CA TYR A 77 0.23 -3.71 9.56
C TYR A 77 -0.89 -4.23 10.46
N VAL A 78 -1.54 -3.37 11.21
CA VAL A 78 -2.65 -3.84 12.10
C VAL A 78 -3.79 -2.82 12.12
N VAL A 79 -4.98 -3.22 11.71
CA VAL A 79 -6.14 -2.29 11.72
C VAL A 79 -6.80 -2.35 13.09
N GLN A 80 -7.47 -1.31 13.50
CA GLN A 80 -8.13 -1.31 14.84
C GLN A 80 -9.61 -1.70 14.72
N GLU A 81 -10.34 -1.11 13.81
CA GLU A 81 -11.79 -1.45 13.69
C GLU A 81 -12.30 -1.26 12.25
N PRO A 82 -13.30 -2.04 11.85
CA PRO A 82 -13.92 -1.95 10.52
C PRO A 82 -14.03 -0.51 10.02
N GLY A 83 -14.26 -0.39 8.74
CA GLY A 83 -14.39 0.96 8.12
C GLY A 83 -13.79 0.92 6.72
N ASP A 84 -13.53 2.07 6.15
CA ASP A 84 -12.93 2.13 4.78
C ASP A 84 -11.48 2.61 4.90
N TYR A 85 -10.56 1.70 5.03
CA TYR A 85 -9.14 2.10 5.14
C TYR A 85 -8.62 2.44 3.74
N GLU A 86 -7.99 3.57 3.61
CA GLU A 86 -7.46 4.02 2.27
C GLU A 86 -5.93 4.09 2.34
N VAL A 87 -5.26 3.47 1.40
CA VAL A 87 -3.77 3.48 1.38
C VAL A 87 -3.28 4.04 0.04
N SER A 88 -2.24 4.84 0.07
CA SER A 88 -1.69 5.42 -1.19
C SER A 88 -0.17 5.24 -1.21
N ILE A 89 0.29 4.27 -1.97
CA ILE A 89 1.75 4.00 -2.03
C ILE A 89 2.30 4.35 -3.43
N LYS A 90 3.43 5.00 -3.47
CA LYS A 90 4.05 5.37 -4.77
C LYS A 90 5.56 5.18 -4.64
N PHE A 91 6.16 4.40 -5.48
CA PHE A 91 7.64 4.24 -5.36
C PHE A 91 8.29 5.42 -6.07
N ASN A 92 8.73 6.39 -5.33
CA ASN A 92 9.35 7.60 -5.94
C ASN A 92 8.27 8.41 -6.66
N ASP A 93 7.08 8.47 -6.09
CA ASP A 93 5.97 9.26 -6.71
C ASP A 93 5.30 8.51 -7.86
N GLU A 94 5.56 7.23 -8.03
CA GLU A 94 4.86 6.48 -9.12
C GLU A 94 3.70 5.72 -8.47
N HIS A 95 2.53 6.30 -8.52
CA HIS A 95 1.34 5.68 -7.88
C HIS A 95 0.90 4.43 -8.63
N ILE A 96 1.08 3.29 -8.03
CA ILE A 96 0.64 2.02 -8.69
C ILE A 96 -0.87 2.13 -9.00
N PRO A 97 -1.31 1.70 -10.18
CA PRO A 97 -2.74 1.80 -10.53
C PRO A 97 -3.60 1.38 -9.33
N ASP A 98 -3.05 0.63 -8.42
CA ASP A 98 -3.83 0.22 -7.22
C ASP A 98 -4.08 1.46 -6.37
N SER A 99 -3.06 2.01 -5.80
CA SER A 99 -3.23 3.20 -4.94
C SER A 99 -3.84 4.35 -5.76
N PRO A 100 -4.72 5.16 -5.15
CA PRO A 100 -5.20 5.01 -3.75
C PRO A 100 -6.38 4.01 -3.71
N PHE A 101 -6.23 2.83 -3.11
CA PHE A 101 -7.40 1.86 -3.06
C PHE A 101 -7.91 1.71 -1.63
N VAL A 102 -9.11 1.21 -1.47
CA VAL A 102 -9.69 1.06 -0.11
C VAL A 102 -9.43 -0.34 0.46
N VAL A 103 -9.41 -0.45 1.76
CA VAL A 103 -9.17 -1.77 2.43
C VAL A 103 -10.30 -2.00 3.46
N PRO A 104 -11.41 -2.57 3.03
CA PRO A 104 -12.56 -2.79 3.94
C PRO A 104 -12.22 -3.76 5.08
N VAL A 105 -12.18 -3.28 6.30
CA VAL A 105 -11.90 -4.15 7.47
C VAL A 105 -13.27 -4.55 8.05
N ALA A 106 -13.41 -5.77 8.55
CA ALA A 106 -14.75 -6.22 9.09
C ALA A 106 -14.61 -7.00 10.42
N SER A 107 -15.42 -6.67 11.39
CA SER A 107 -15.37 -7.37 12.71
C SER A 107 -16.21 -8.63 12.60
N LEU A 108 -15.81 -9.52 11.74
CA LEU A 108 -16.58 -10.78 11.52
C LEU A 108 -17.74 -10.42 10.59
N SER A 109 -17.99 -9.15 10.45
CA SER A 109 -19.08 -8.69 9.54
C SER A 109 -18.69 -9.02 8.10
N ASP A 110 -17.41 -9.17 7.84
CA ASP A 110 -16.98 -9.48 6.45
C ASP A 110 -17.59 -8.44 5.51
N ASP A 111 -18.13 -7.40 6.09
CA ASP A 111 -18.76 -6.32 5.29
C ASP A 111 -19.00 -5.12 6.21
N ALA A 112 -19.23 -5.35 7.49
CA ALA A 112 -19.48 -4.19 8.39
C ALA A 112 -20.63 -3.34 7.85
N ARG A 113 -21.84 -3.74 8.09
CA ARG A 113 -23.00 -2.95 7.59
C ARG A 113 -23.02 -1.58 8.28
N ARG A 114 -24.10 -0.86 8.14
CA ARG A 114 -24.20 0.50 8.77
C ARG A 114 -25.62 0.67 9.33
N LEU A 115 -26.42 -0.36 9.26
CA LEU A 115 -27.83 -0.30 9.79
C LEU A 115 -28.05 -1.46 10.76
N THR A 116 -27.34 -2.54 10.57
CA THR A 116 -27.47 -3.72 11.48
C THR A 116 -26.22 -3.77 12.34
N VAL A 117 -25.13 -4.19 11.78
CA VAL A 117 -23.87 -4.20 12.55
C VAL A 117 -23.53 -2.74 12.84
N THR A 118 -24.36 -1.86 12.30
CA THR A 118 -24.20 -0.39 12.46
C THR A 118 -22.73 -0.01 12.63
N SER A 119 -21.99 -0.16 11.58
CA SER A 119 -20.55 0.19 11.62
C SER A 119 -19.90 -0.50 12.82
N MET B 1 -30.25 17.81 9.31
CA MET B 1 -30.47 18.08 7.87
C MET B 1 -30.35 16.77 7.08
N ALA B 2 -29.19 16.18 7.07
CA ALA B 2 -29.00 14.91 6.31
C ALA B 2 -27.79 14.15 6.86
N SER B 3 -27.86 12.85 6.92
CA SER B 3 -26.71 12.06 7.43
C SER B 3 -25.52 12.21 6.48
N LYS B 4 -24.79 13.28 6.59
CA LYS B 4 -23.63 13.49 5.67
C LYS B 4 -22.47 12.58 6.13
N PRO B 5 -21.58 12.22 5.22
CA PRO B 5 -20.44 11.35 5.58
C PRO B 5 -19.65 11.98 6.74
N GLU B 6 -18.56 11.39 7.11
CA GLU B 6 -17.75 11.96 8.24
C GLU B 6 -16.27 11.58 8.04
N LYS B 7 -15.40 12.54 8.12
CA LYS B 7 -13.95 12.25 7.94
C LYS B 7 -13.51 11.20 8.96
N ARG B 8 -12.68 10.27 8.56
CA ARG B 8 -12.20 9.23 9.50
C ARG B 8 -10.85 9.67 10.05
N VAL B 9 -10.36 9.03 11.07
CA VAL B 9 -9.03 9.44 11.61
C VAL B 9 -8.02 9.44 10.46
N ALA B 10 -6.92 10.14 10.61
CA ALA B 10 -5.90 10.20 9.51
C ALA B 10 -4.55 9.66 10.00
N SER B 11 -3.79 9.09 9.11
CA SER B 11 -2.45 8.54 9.49
C SER B 11 -1.47 8.78 8.33
N SER B 12 -0.24 9.10 8.62
CA SER B 12 0.75 9.35 7.53
C SER B 12 2.14 8.86 7.96
N VAL B 13 2.76 8.05 7.14
CA VAL B 13 4.11 7.53 7.46
C VAL B 13 4.65 6.78 6.25
N PHE B 14 5.91 6.39 6.29
CA PHE B 14 6.47 5.65 5.13
C PHE B 14 7.92 5.23 5.37
N ILE B 15 8.56 4.79 4.30
CA ILE B 15 9.98 4.35 4.38
C ILE B 15 10.64 4.66 3.03
N THR B 16 11.93 4.49 2.91
CA THR B 16 12.61 4.78 1.60
C THR B 16 13.78 3.82 1.39
N LEU B 17 14.06 3.48 0.16
CA LEU B 17 15.20 2.56 -0.15
C LEU B 17 16.40 3.38 -0.62
N ALA B 18 17.53 3.18 -0.01
CA ALA B 18 18.75 3.95 -0.41
C ALA B 18 20.01 3.16 0.01
N PRO B 19 20.31 2.10 -0.70
CA PRO B 19 21.49 1.27 -0.37
C PRO B 19 22.77 2.11 -0.50
N PRO B 20 23.88 1.61 0.00
CA PRO B 20 25.17 2.32 -0.07
C PRO B 20 25.53 2.59 -1.53
N ARG B 21 26.25 3.66 -1.79
CA ARG B 21 26.64 3.98 -3.19
C ARG B 21 27.88 3.15 -3.55
N ARG B 22 27.69 1.94 -3.98
CA ARG B 22 28.86 1.09 -4.34
C ARG B 22 29.83 1.88 -5.23
N ASP B 23 29.33 2.48 -6.28
CA ASP B 23 30.23 3.27 -7.17
C ASP B 23 31.43 2.41 -7.59
N VAL B 24 32.61 2.78 -7.20
CA VAL B 24 33.81 1.98 -7.58
C VAL B 24 33.83 0.69 -6.77
N GLY A 1 8.91 8.05 -32.86
CA GLY A 1 9.56 6.86 -32.15
C GLY A 1 9.40 5.48 -32.72
N ILE A 2 10.36 4.62 -32.47
CA ILE A 2 10.26 3.23 -32.96
C ILE A 2 11.01 2.34 -31.95
N PRO A 3 10.85 2.60 -30.66
CA PRO A 3 11.52 1.79 -29.65
C PRO A 3 11.19 0.35 -29.89
N GLU A 4 10.03 -0.07 -29.47
CA GLU A 4 9.68 -1.51 -29.59
C GLU A 4 10.52 -2.20 -28.52
N PHE A 5 11.55 -1.51 -28.13
CA PHE A 5 12.47 -1.92 -27.08
C PHE A 5 11.84 -1.38 -25.81
N PHE A 6 10.57 -1.08 -25.92
CA PHE A 6 9.80 -0.50 -24.79
C PHE A 6 10.61 0.62 -24.13
N GLN A 7 10.37 0.86 -22.88
CA GLN A 7 11.06 1.96 -22.16
C GLN A 7 10.27 3.21 -22.50
N PHE A 8 9.37 3.06 -23.44
CA PHE A 8 8.49 4.17 -23.85
C PHE A 8 7.19 3.57 -24.34
N THR A 9 7.27 2.46 -25.00
CA THR A 9 6.04 1.76 -25.46
C THR A 9 5.70 0.75 -24.38
N VAL A 10 6.49 0.77 -23.32
CA VAL A 10 6.26 -0.16 -22.20
C VAL A 10 4.78 -0.20 -21.84
N GLY A 11 4.17 0.95 -21.75
CA GLY A 11 2.71 1.04 -21.42
C GLY A 11 2.51 2.16 -20.38
N PRO A 12 2.68 1.86 -19.11
CA PRO A 12 2.53 2.87 -18.04
C PRO A 12 3.68 3.88 -18.15
N LEU A 13 4.11 4.19 -19.34
CA LEU A 13 5.25 5.15 -19.55
C LEU A 13 6.33 4.83 -18.53
N GLY A 14 6.40 3.60 -18.10
CA GLY A 14 7.43 3.20 -17.10
C GLY A 14 7.04 3.79 -15.75
N GLU A 15 6.61 5.02 -15.75
CA GLU A 15 6.22 5.66 -14.48
C GLU A 15 7.36 5.51 -13.45
N GLY A 16 8.48 5.00 -13.89
CA GLY A 16 9.65 4.84 -12.99
C GLY A 16 9.30 3.99 -11.75
N GLY A 17 9.94 2.86 -11.60
CA GLY A 17 9.69 1.99 -10.42
C GLY A 17 8.36 1.27 -10.57
N ALA A 18 7.32 2.00 -10.74
CA ALA A 18 5.97 1.35 -10.88
C ALA A 18 6.04 0.24 -11.93
N HIS A 19 7.13 0.14 -12.64
CA HIS A 19 7.26 -0.92 -13.68
C HIS A 19 7.98 -2.16 -13.10
N LYS A 20 8.53 -2.07 -11.91
CA LYS A 20 9.24 -3.24 -11.31
C LYS A 20 8.81 -3.44 -9.86
N VAL A 21 7.92 -2.62 -9.37
CA VAL A 21 7.46 -2.77 -7.95
C VAL A 21 6.30 -3.76 -7.89
N ARG A 22 6.52 -4.89 -7.27
CA ARG A 22 5.44 -5.91 -7.16
C ARG A 22 4.78 -5.78 -5.78
N ALA A 23 3.47 -5.78 -5.75
CA ALA A 23 2.74 -5.67 -4.45
C ALA A 23 1.54 -6.61 -4.49
N GLY A 24 1.54 -7.62 -3.65
CA GLY A 24 0.40 -8.58 -3.66
C GLY A 24 0.32 -9.28 -2.30
N GLY A 25 -0.85 -9.30 -1.70
CA GLY A 25 -0.97 -9.98 -0.38
C GLY A 25 -2.41 -9.88 0.13
N THR A 26 -2.67 -10.44 1.28
CA THR A 26 -4.06 -10.38 1.83
C THR A 26 -4.30 -9.03 2.48
N GLY A 27 -3.25 -8.30 2.75
CA GLY A 27 -3.41 -6.97 3.38
C GLY A 27 -3.89 -5.96 2.35
N LEU A 28 -3.91 -6.34 1.10
CA LEU A 28 -4.36 -5.40 0.03
C LEU A 28 -5.80 -5.75 -0.35
N GLU A 29 -6.37 -6.75 0.28
CA GLU A 29 -7.78 -7.15 -0.02
C GLU A 29 -8.70 -6.61 1.08
N ARG A 30 -8.33 -6.74 2.33
CA ARG A 30 -9.21 -6.24 3.42
C ARG A 30 -8.54 -6.43 4.78
N GLY A 31 -9.13 -5.90 5.82
CA GLY A 31 -8.55 -6.06 7.19
C GLY A 31 -9.70 -6.21 8.17
N VAL A 32 -9.42 -6.46 9.42
CA VAL A 32 -10.53 -6.62 10.42
C VAL A 32 -10.22 -5.83 11.70
N ALA A 33 -11.25 -5.36 12.37
CA ALA A 33 -11.07 -4.55 13.61
C ALA A 33 -9.97 -5.12 14.52
N GLY A 34 -8.91 -4.37 14.69
CA GLY A 34 -7.81 -4.78 15.59
C GLY A 34 -7.24 -6.14 15.21
N VAL A 35 -6.95 -6.35 13.96
CA VAL A 35 -6.37 -7.66 13.52
C VAL A 35 -5.08 -7.38 12.70
N PRO A 36 -3.91 -7.77 13.20
CA PRO A 36 -2.66 -7.52 12.45
C PRO A 36 -2.72 -8.22 11.08
N ALA A 37 -2.48 -7.48 10.02
CA ALA A 37 -2.51 -8.08 8.65
C ALA A 37 -1.20 -7.70 7.96
N GLU A 38 -0.97 -8.21 6.78
CA GLU A 38 0.31 -7.87 6.09
C GLU A 38 0.22 -8.20 4.61
N PHE A 39 1.22 -7.77 3.87
CA PHE A 39 1.26 -8.05 2.43
C PHE A 39 2.73 -7.99 2.00
N SER A 40 3.02 -8.44 0.81
CA SER A 40 4.43 -8.45 0.33
C SER A 40 4.70 -7.30 -0.63
N ILE A 41 5.92 -6.83 -0.65
CA ILE A 41 6.30 -5.71 -1.57
C ILE A 41 7.70 -5.99 -2.10
N TRP A 42 7.82 -6.71 -3.19
CA TRP A 42 9.16 -7.01 -3.75
C TRP A 42 9.54 -5.92 -4.76
N THR A 43 10.74 -5.41 -4.68
CA THR A 43 11.16 -4.33 -5.62
C THR A 43 12.68 -4.23 -5.65
N ARG A 44 13.27 -4.25 -6.81
CA ARG A 44 14.75 -4.15 -6.92
C ARG A 44 15.18 -4.15 -8.39
N GLU A 45 15.01 -3.06 -9.08
CA GLU A 45 15.39 -3.01 -10.51
C GLU A 45 15.63 -1.55 -10.93
N ALA A 46 14.67 -0.69 -10.69
CA ALA A 46 14.85 0.73 -11.07
C ALA A 46 16.06 1.30 -10.34
N GLY A 47 16.12 1.12 -9.05
CA GLY A 47 17.27 1.64 -8.26
C GLY A 47 16.80 2.00 -6.85
N ALA A 48 17.72 2.11 -5.93
CA ALA A 48 17.33 2.46 -4.53
C ALA A 48 16.50 3.74 -4.55
N GLY A 49 15.76 4.00 -3.50
CA GLY A 49 14.92 5.23 -3.46
C GLY A 49 14.26 5.37 -2.09
N GLY A 50 12.98 5.57 -2.05
CA GLY A 50 12.28 5.72 -0.75
C GLY A 50 10.79 5.39 -0.92
N LEU A 51 10.28 4.49 -0.12
CA LEU A 51 8.84 4.11 -0.22
C LEU A 51 8.05 4.87 0.84
N SER A 52 7.39 5.94 0.45
CA SER A 52 6.61 6.73 1.42
C SER A 52 5.19 6.13 1.49
N ILE A 53 4.59 6.09 2.66
CA ILE A 53 3.21 5.52 2.78
C ILE A 53 2.33 6.44 3.62
N ALA A 54 1.42 7.13 2.99
CA ALA A 54 0.51 8.04 3.76
C ALA A 54 -0.79 7.30 4.03
N VAL A 55 -0.99 6.88 5.25
CA VAL A 55 -2.24 6.13 5.60
C VAL A 55 -3.29 7.10 6.13
N GLU A 56 -4.53 6.85 5.83
CA GLU A 56 -5.63 7.73 6.33
C GLU A 56 -6.82 6.82 6.70
N GLY A 57 -7.55 7.16 7.72
CA GLY A 57 -8.70 6.30 8.11
C GLY A 57 -9.14 6.64 9.54
N PRO A 58 -10.02 5.84 10.09
CA PRO A 58 -10.56 6.07 11.46
C PRO A 58 -9.46 5.99 12.53
N SER A 59 -8.43 5.22 12.32
CA SER A 59 -7.34 5.12 13.35
C SER A 59 -5.98 5.02 12.68
N LYS A 60 -4.94 5.33 13.40
CA LYS A 60 -3.57 5.26 12.81
C LYS A 60 -3.12 3.80 12.78
N ALA A 61 -3.04 3.22 11.61
CA ALA A 61 -2.61 1.80 11.53
C ALA A 61 -1.09 1.72 11.71
N GLU A 62 -0.62 0.70 12.39
CA GLU A 62 0.84 0.55 12.61
C GLU A 62 1.47 -0.08 11.35
N ILE A 63 2.76 -0.15 11.29
CA ILE A 63 3.46 -0.75 10.11
C ILE A 63 4.64 -1.59 10.60
N ALA A 64 5.05 -2.58 9.85
CA ALA A 64 6.20 -3.41 10.30
C ALA A 64 6.96 -3.96 9.08
N PHE A 65 8.19 -3.56 8.90
CA PHE A 65 8.98 -4.05 7.74
C PHE A 65 9.81 -5.27 8.16
N GLU A 66 9.59 -6.40 7.54
CA GLU A 66 10.35 -7.64 7.90
C GLU A 66 10.70 -8.42 6.63
N ASP A 67 11.92 -8.34 6.18
CA ASP A 67 12.32 -9.09 4.96
C ASP A 67 12.71 -10.52 5.35
N ARG A 68 11.85 -11.47 5.12
CA ARG A 68 12.16 -12.89 5.48
C ARG A 68 12.58 -13.66 4.22
N LYS A 69 12.72 -12.98 3.10
CA LYS A 69 13.13 -13.66 1.83
C LYS A 69 14.46 -13.06 1.35
N ASP A 70 14.96 -12.08 2.05
CA ASP A 70 16.26 -11.46 1.64
C ASP A 70 16.06 -10.70 0.33
N GLY A 71 14.85 -10.65 -0.18
CA GLY A 71 14.61 -9.95 -1.46
C GLY A 71 13.20 -9.40 -1.49
N SER A 72 12.26 -10.09 -0.89
CA SER A 72 10.85 -9.59 -0.88
C SER A 72 10.61 -8.83 0.43
N CYS A 73 10.15 -7.61 0.34
CA CYS A 73 9.91 -6.82 1.58
C CYS A 73 8.49 -7.07 2.09
N GLY A 74 8.36 -7.45 3.33
CA GLY A 74 7.01 -7.72 3.91
C GLY A 74 6.60 -6.57 4.84
N VAL A 75 5.52 -5.90 4.51
CA VAL A 75 5.06 -4.75 5.36
C VAL A 75 3.82 -5.18 6.15
N SER A 76 3.99 -5.40 7.44
CA SER A 76 2.85 -5.82 8.31
C SER A 76 2.27 -4.58 8.99
N TYR A 77 0.97 -4.49 9.08
CA TYR A 77 0.32 -3.30 9.74
C TYR A 77 -0.82 -3.78 10.62
N VAL A 78 -1.41 -2.89 11.38
CA VAL A 78 -2.57 -3.29 12.26
C VAL A 78 -3.66 -2.22 12.22
N VAL A 79 -4.84 -2.59 11.79
CA VAL A 79 -5.97 -1.61 11.72
C VAL A 79 -6.72 -1.63 13.07
N GLN A 80 -7.51 -0.62 13.34
CA GLN A 80 -8.25 -0.56 14.63
C GLN A 80 -9.73 -0.92 14.45
N GLU A 81 -10.39 -0.33 13.47
CA GLU A 81 -11.85 -0.65 13.28
C GLU A 81 -12.29 -0.37 11.82
N PRO A 82 -13.33 -1.08 11.37
CA PRO A 82 -13.89 -0.93 10.02
C PRO A 82 -13.90 0.50 9.53
N GLY A 83 -13.96 0.63 8.24
CA GLY A 83 -13.99 1.99 7.61
C GLY A 83 -13.30 1.95 6.26
N ASP A 84 -12.94 3.10 5.73
CA ASP A 84 -12.26 3.16 4.41
C ASP A 84 -10.80 3.60 4.61
N TYR A 85 -9.92 2.66 4.84
CA TYR A 85 -8.49 3.03 5.05
C TYR A 85 -7.89 3.36 3.69
N GLU A 86 -7.24 4.49 3.59
CA GLU A 86 -6.61 4.93 2.30
C GLU A 86 -5.10 4.82 2.43
N VAL A 87 -4.46 4.16 1.51
CA VAL A 87 -2.97 3.99 1.57
C VAL A 87 -2.35 4.52 0.28
N SER A 88 -1.30 5.29 0.40
CA SER A 88 -0.61 5.86 -0.80
C SER A 88 0.86 5.46 -0.77
N ILE A 89 1.21 4.39 -1.44
CA ILE A 89 2.62 3.93 -1.47
C ILE A 89 3.29 4.35 -2.79
N LYS A 90 4.48 4.88 -2.72
CA LYS A 90 5.19 5.31 -3.96
C LYS A 90 6.66 4.94 -3.82
N PHE A 91 7.19 4.17 -4.72
CA PHE A 91 8.63 3.83 -4.61
C PHE A 91 9.43 4.99 -5.21
N ASN A 92 9.95 5.83 -4.36
CA ASN A 92 10.72 7.01 -4.86
C ASN A 92 9.75 8.00 -5.52
N ASP A 93 8.56 8.13 -4.98
CA ASP A 93 7.56 9.09 -5.55
C ASP A 93 6.85 8.50 -6.77
N GLU A 94 6.96 7.22 -7.01
CA GLU A 94 6.24 6.62 -8.18
C GLU A 94 4.99 5.94 -7.64
N HIS A 95 3.88 6.64 -7.66
CA HIS A 95 2.61 6.08 -7.12
C HIS A 95 2.13 4.89 -7.93
N ILE A 96 2.19 3.72 -7.37
CA ILE A 96 1.70 2.51 -8.10
C ILE A 96 0.28 2.82 -8.63
N PRO A 97 -0.04 2.44 -9.85
CA PRO A 97 -1.39 2.71 -10.40
C PRO A 97 -2.46 2.37 -9.34
N ASP A 98 -2.08 1.62 -8.34
CA ASP A 98 -3.04 1.28 -7.26
C ASP A 98 -3.19 2.47 -6.35
N SER A 99 -2.13 2.82 -5.66
CA SER A 99 -2.21 3.96 -4.71
C SER A 99 -2.65 5.24 -5.46
N PRO A 100 -3.44 6.09 -4.82
CA PRO A 100 -3.99 5.90 -3.45
C PRO A 100 -5.27 5.03 -3.50
N PHE A 101 -5.25 3.80 -3.00
CA PHE A 101 -6.51 2.96 -3.04
C PHE A 101 -7.08 2.80 -1.63
N VAL A 102 -8.29 2.33 -1.53
CA VAL A 102 -8.93 2.17 -0.19
C VAL A 102 -8.73 0.74 0.33
N VAL A 103 -8.73 0.59 1.64
CA VAL A 103 -8.57 -0.75 2.27
C VAL A 103 -9.74 -0.96 3.26
N PRO A 104 -10.86 -1.45 2.79
CA PRO A 104 -12.04 -1.64 3.64
C PRO A 104 -11.77 -2.64 4.78
N VAL A 105 -11.78 -2.17 6.00
CA VAL A 105 -11.57 -3.09 7.17
C VAL A 105 -12.97 -3.58 7.60
N ALA A 106 -13.08 -4.83 7.99
CA ALA A 106 -14.41 -5.42 8.37
C ALA A 106 -14.39 -5.96 9.82
N SER A 107 -15.33 -5.56 10.63
CA SER A 107 -15.38 -6.08 12.03
C SER A 107 -16.21 -7.34 12.03
N LEU A 108 -15.62 -8.41 11.60
CA LEU A 108 -16.37 -9.70 11.51
C LEU A 108 -17.35 -9.58 10.34
N SER A 109 -17.45 -8.41 9.78
CA SER A 109 -18.36 -8.19 8.62
C SER A 109 -17.67 -8.73 7.37
N ASP A 110 -16.37 -8.85 7.40
CA ASP A 110 -15.65 -9.39 6.22
C ASP A 110 -16.09 -8.62 4.97
N ASP A 111 -16.80 -7.55 5.15
CA ASP A 111 -17.26 -6.75 3.98
C ASP A 111 -18.05 -5.52 4.44
N ALA A 112 -18.58 -5.51 5.64
CA ALA A 112 -19.35 -4.30 6.07
C ALA A 112 -20.39 -3.97 4.99
N ARG A 113 -21.44 -4.74 4.93
CA ARG A 113 -22.49 -4.49 3.89
C ARG A 113 -22.95 -3.04 3.94
N ARG A 114 -23.99 -2.73 3.21
CA ARG A 114 -24.55 -1.34 3.19
C ARG A 114 -26.07 -1.44 3.37
N LEU A 115 -26.56 -2.64 3.56
CA LEU A 115 -28.03 -2.85 3.77
C LEU A 115 -28.25 -3.69 5.03
N THR A 116 -27.29 -4.51 5.39
CA THR A 116 -27.41 -5.35 6.62
C THR A 116 -26.54 -4.69 7.67
N VAL A 117 -25.27 -4.92 7.62
CA VAL A 117 -24.37 -4.26 8.59
C VAL A 117 -24.51 -2.76 8.35
N THR A 118 -25.21 -2.42 7.28
CA THR A 118 -25.46 -1.01 6.91
C THR A 118 -24.24 -0.14 7.21
N SER A 119 -23.15 -0.46 6.59
CA SER A 119 -21.90 0.33 6.80
C SER A 119 -21.32 0.01 8.18
N MET B 1 -25.76 10.29 14.46
CA MET B 1 -26.45 10.50 13.15
C MET B 1 -25.67 9.77 12.05
N ALA B 2 -25.75 8.47 12.03
CA ALA B 2 -25.02 7.70 10.96
C ALA B 2 -25.48 8.17 9.58
N SER B 3 -24.59 8.65 8.78
CA SER B 3 -24.97 9.11 7.41
C SER B 3 -23.73 9.17 6.52
N LYS B 4 -22.69 9.84 6.96
CA LYS B 4 -21.46 9.92 6.14
C LYS B 4 -20.35 10.62 6.94
N PRO B 5 -19.88 9.98 8.00
CA PRO B 5 -18.82 10.56 8.83
C PRO B 5 -17.54 10.74 8.00
N GLU B 6 -17.29 11.94 7.55
CA GLU B 6 -16.07 12.19 6.72
C GLU B 6 -14.87 12.43 7.63
N LYS B 7 -13.89 13.16 7.13
CA LYS B 7 -12.66 13.47 7.93
C LYS B 7 -12.30 12.34 8.88
N ARG B 8 -11.69 11.30 8.37
CA ARG B 8 -11.28 10.16 9.26
C ARG B 8 -9.91 10.48 9.84
N VAL B 9 -9.55 9.88 10.93
CA VAL B 9 -8.21 10.16 11.53
C VAL B 9 -7.15 10.07 10.42
N ALA B 10 -6.00 10.66 10.62
CA ALA B 10 -4.94 10.63 9.57
C ALA B 10 -3.64 10.06 10.16
N SER B 11 -2.81 9.49 9.32
CA SER B 11 -1.52 8.91 9.80
C SER B 11 -0.47 9.02 8.70
N SER B 12 0.77 9.20 9.06
CA SER B 12 1.85 9.34 8.04
C SER B 12 3.15 8.72 8.55
N VAL B 13 3.72 7.82 7.79
CA VAL B 13 5.00 7.17 8.20
C VAL B 13 5.51 6.32 7.04
N PHE B 14 6.68 5.75 7.17
CA PHE B 14 7.20 4.93 6.04
C PHE B 14 8.63 4.44 6.29
N ILE B 15 9.28 3.95 5.26
CA ILE B 15 10.68 3.45 5.40
C ILE B 15 11.50 3.92 4.19
N THR B 16 12.72 4.33 4.41
CA THR B 16 13.58 4.81 3.28
C THR B 16 14.43 3.65 2.75
N LEU B 17 14.44 3.46 1.46
CA LEU B 17 15.27 2.35 0.88
C LEU B 17 16.64 2.91 0.48
N ALA B 18 17.66 2.57 1.22
CA ALA B 18 19.03 3.08 0.92
C ALA B 18 20.07 2.11 1.49
N PRO B 19 20.48 1.11 0.72
CA PRO B 19 21.47 0.12 1.21
C PRO B 19 22.78 0.85 1.59
N PRO B 20 23.65 0.16 2.29
CA PRO B 20 24.94 0.74 2.72
C PRO B 20 25.76 1.19 1.49
N ARG B 21 26.42 0.27 0.85
CA ARG B 21 27.25 0.64 -0.35
C ARG B 21 26.35 1.27 -1.41
N ARG B 22 26.95 1.90 -2.39
CA ARG B 22 26.15 2.54 -3.48
C ARG B 22 25.48 1.44 -4.32
N ASP B 23 25.73 1.43 -5.61
CA ASP B 23 25.11 0.38 -6.48
C ASP B 23 26.10 -0.01 -7.58
N VAL B 24 26.07 0.68 -8.70
CA VAL B 24 27.00 0.33 -9.80
C VAL B 24 26.92 -1.17 -10.11
N GLY A 1 12.36 8.64 -30.44
CA GLY A 1 12.35 7.20 -29.91
C GLY A 1 11.45 6.19 -30.52
N ILE A 2 11.73 4.93 -30.33
CA ILE A 2 10.88 3.86 -30.90
C ILE A 2 11.33 2.52 -30.31
N PRO A 3 11.46 2.46 -29.00
CA PRO A 3 11.88 1.22 -28.35
C PRO A 3 10.99 0.08 -28.82
N GLU A 4 9.80 0.00 -28.30
CA GLU A 4 8.93 -1.15 -28.66
C GLU A 4 9.53 -2.33 -27.90
N PHE A 5 10.74 -2.12 -27.48
CA PHE A 5 11.51 -3.06 -26.67
C PHE A 5 11.16 -2.69 -25.25
N PHE A 6 10.08 -1.97 -25.12
CA PHE A 6 9.60 -1.47 -23.82
C PHE A 6 10.77 -0.88 -23.04
N GLN A 7 10.65 -0.84 -21.74
CA GLN A 7 11.71 -0.22 -20.89
C GLN A 7 11.40 1.26 -20.89
N PHE A 8 10.46 1.61 -21.73
CA PHE A 8 10.01 3.03 -21.83
C PHE A 8 8.58 3.02 -22.37
N THR A 9 8.30 2.13 -23.26
CA THR A 9 6.92 2.00 -23.79
C THR A 9 6.21 1.00 -22.91
N VAL A 10 6.92 0.53 -21.91
CA VAL A 10 6.35 -0.47 -20.95
C VAL A 10 4.91 -0.10 -20.62
N GLY A 11 4.64 1.17 -20.51
CA GLY A 11 3.26 1.65 -20.20
C GLY A 11 3.34 2.90 -19.30
N PRO A 12 3.43 2.71 -18.00
CA PRO A 12 3.54 3.85 -17.06
C PRO A 12 4.92 4.51 -17.23
N LEU A 13 5.41 4.57 -18.44
CA LEU A 13 6.75 5.16 -18.71
C LEU A 13 7.74 4.68 -17.64
N GLY A 14 7.44 3.57 -17.04
CA GLY A 14 8.34 3.02 -15.98
C GLY A 14 8.24 3.89 -14.75
N GLU A 15 8.16 5.19 -14.93
CA GLU A 15 8.09 6.11 -13.77
C GLU A 15 9.16 5.71 -12.75
N GLY A 16 10.10 4.92 -13.18
CA GLY A 16 11.20 4.49 -12.27
C GLY A 16 10.64 3.61 -11.15
N GLY A 17 11.03 2.36 -11.11
CA GLY A 17 10.54 1.45 -10.04
C GLY A 17 9.28 0.73 -10.50
N ALA A 18 8.30 1.46 -10.95
CA ALA A 18 7.01 0.85 -11.41
C ALA A 18 7.29 -0.42 -12.21
N HIS A 19 8.48 -0.57 -12.70
CA HIS A 19 8.80 -1.77 -13.51
C HIS A 19 9.20 -2.94 -12.60
N LYS A 20 9.96 -2.67 -11.56
CA LYS A 20 10.40 -3.77 -10.63
C LYS A 20 9.53 -3.79 -9.38
N VAL A 21 8.99 -2.67 -8.98
CA VAL A 21 8.15 -2.64 -7.75
C VAL A 21 7.06 -3.72 -7.86
N ARG A 22 7.16 -4.73 -7.02
CA ARG A 22 6.16 -5.84 -7.04
C ARG A 22 5.47 -5.90 -5.67
N ALA A 23 4.17 -6.07 -5.67
CA ALA A 23 3.42 -6.16 -4.38
C ALA A 23 2.28 -7.15 -4.54
N GLY A 24 2.32 -8.25 -3.83
CA GLY A 24 1.23 -9.26 -3.96
C GLY A 24 1.06 -10.02 -2.63
N GLY A 25 -0.13 -10.00 -2.09
CA GLY A 25 -0.36 -10.72 -0.79
C GLY A 25 -1.82 -10.57 -0.37
N THR A 26 -2.21 -11.17 0.72
CA THR A 26 -3.62 -11.07 1.19
C THR A 26 -3.84 -9.71 1.85
N GLY A 27 -2.79 -8.99 2.13
CA GLY A 27 -2.95 -7.65 2.77
C GLY A 27 -3.61 -6.72 1.76
N LEU A 28 -3.61 -7.10 0.51
CA LEU A 28 -4.23 -6.27 -0.54
C LEU A 28 -5.67 -6.74 -0.76
N GLU A 29 -6.02 -7.84 -0.17
CA GLU A 29 -7.41 -8.37 -0.34
C GLU A 29 -8.36 -7.70 0.66
N ARG A 30 -8.05 -7.75 1.93
CA ARG A 30 -8.94 -7.11 2.93
C ARG A 30 -8.33 -7.23 4.33
N GLY A 31 -9.02 -6.75 5.34
CA GLY A 31 -8.49 -6.83 6.73
C GLY A 31 -9.66 -7.05 7.69
N VAL A 32 -9.39 -7.27 8.95
CA VAL A 32 -10.50 -7.49 9.93
C VAL A 32 -10.26 -6.65 11.20
N ALA A 33 -11.32 -6.26 11.84
CA ALA A 33 -11.22 -5.42 13.08
C ALA A 33 -10.07 -5.87 14.00
N GLY A 34 -9.06 -5.06 14.13
CA GLY A 34 -7.93 -5.37 15.05
C GLY A 34 -7.27 -6.69 14.69
N VAL A 35 -6.97 -6.90 13.43
CA VAL A 35 -6.29 -8.17 13.01
C VAL A 35 -5.02 -7.80 12.19
N PRO A 36 -3.84 -8.28 12.57
CA PRO A 36 -2.62 -7.94 11.81
C PRO A 36 -2.76 -8.39 10.36
N ALA A 37 -2.79 -7.45 9.44
CA ALA A 37 -2.90 -7.79 7.99
C ALA A 37 -1.55 -7.55 7.34
N GLU A 38 -1.24 -8.20 6.25
CA GLU A 38 0.08 -7.96 5.62
C GLU A 38 0.12 -8.48 4.20
N PHE A 39 1.17 -8.13 3.51
CA PHE A 39 1.35 -8.61 2.12
C PHE A 39 2.85 -8.60 1.83
N SER A 40 3.24 -9.15 0.73
CA SER A 40 4.69 -9.20 0.38
C SER A 40 5.06 -8.11 -0.63
N ILE A 41 6.28 -7.65 -0.59
CA ILE A 41 6.73 -6.59 -1.55
C ILE A 41 8.18 -6.86 -1.93
N TRP A 42 8.41 -7.37 -3.12
CA TRP A 42 9.81 -7.66 -3.56
C TRP A 42 10.25 -6.55 -4.52
N THR A 43 11.52 -6.47 -4.82
CA THR A 43 12.00 -5.40 -5.74
C THR A 43 13.29 -5.86 -6.44
N ARG A 44 13.35 -5.72 -7.74
CA ARG A 44 14.58 -6.14 -8.47
C ARG A 44 15.72 -5.14 -8.18
N GLU A 45 15.81 -4.07 -8.92
CA GLU A 45 16.91 -3.08 -8.65
C GLU A 45 16.73 -1.82 -9.49
N ALA A 46 15.67 -1.08 -9.29
CA ALA A 46 15.50 0.17 -10.08
C ALA A 46 16.52 1.20 -9.60
N GLY A 47 16.57 1.44 -8.32
CA GLY A 47 17.53 2.44 -7.78
C GLY A 47 17.02 2.99 -6.45
N ALA A 48 17.84 3.71 -5.74
CA ALA A 48 17.40 4.28 -4.43
C ALA A 48 16.10 5.07 -4.63
N GLY A 49 15.21 5.01 -3.68
CA GLY A 49 13.93 5.76 -3.82
C GLY A 49 13.26 5.88 -2.45
N GLY A 50 12.01 6.30 -2.43
CA GLY A 50 11.29 6.44 -1.12
C GLY A 50 9.87 5.91 -1.28
N LEU A 51 9.53 4.88 -0.55
CA LEU A 51 8.15 4.32 -0.64
C LEU A 51 7.25 5.07 0.33
N SER A 52 6.50 6.02 -0.16
CA SER A 52 5.59 6.80 0.73
C SER A 52 4.28 6.03 0.90
N ILE A 53 3.70 6.02 2.09
CA ILE A 53 2.43 5.27 2.31
C ILE A 53 1.41 6.19 3.00
N ALA A 54 0.37 6.56 2.30
CA ALA A 54 -0.68 7.45 2.89
C ALA A 54 -1.86 6.59 3.31
N VAL A 55 -2.04 6.39 4.60
CA VAL A 55 -3.19 5.56 5.09
C VAL A 55 -4.26 6.49 5.66
N GLU A 56 -5.51 6.24 5.34
CA GLU A 56 -6.62 7.08 5.87
C GLU A 56 -7.77 6.15 6.27
N GLY A 57 -8.42 6.44 7.36
CA GLY A 57 -9.54 5.56 7.80
C GLY A 57 -9.94 5.94 9.23
N PRO A 58 -10.81 5.14 9.83
CA PRO A 58 -11.29 5.39 11.20
C PRO A 58 -10.14 5.32 12.22
N SER A 59 -9.15 4.52 11.97
CA SER A 59 -8.01 4.40 12.94
C SER A 59 -6.68 4.36 12.20
N LYS A 60 -5.61 4.72 12.87
CA LYS A 60 -4.28 4.70 12.22
C LYS A 60 -3.74 3.27 12.23
N ALA A 61 -3.41 2.75 11.08
CA ALA A 61 -2.87 1.35 11.03
C ALA A 61 -1.36 1.38 11.26
N GLU A 62 -0.82 0.39 11.93
CA GLU A 62 0.66 0.38 12.20
C GLU A 62 1.39 -0.48 11.17
N ILE A 63 1.98 0.17 10.19
CA ILE A 63 2.74 -0.55 9.13
C ILE A 63 3.93 -1.27 9.79
N ALA A 64 4.44 -2.32 9.17
CA ALA A 64 5.59 -3.05 9.77
C ALA A 64 6.56 -3.47 8.65
N PHE A 65 7.68 -4.04 9.01
CA PHE A 65 8.67 -4.46 7.97
C PHE A 65 9.40 -5.72 8.45
N GLU A 66 9.23 -6.82 7.75
CA GLU A 66 9.91 -8.08 8.16
C GLU A 66 10.39 -8.83 6.92
N ASP A 67 11.65 -9.20 6.87
CA ASP A 67 12.17 -9.93 5.69
C ASP A 67 11.82 -11.41 5.82
N ARG A 68 11.09 -11.95 4.87
CA ARG A 68 10.70 -13.40 4.94
C ARG A 68 11.62 -14.21 4.02
N LYS A 69 12.20 -13.58 3.04
CA LYS A 69 13.10 -14.31 2.08
C LYS A 69 14.47 -13.61 2.05
N ASP A 70 14.67 -12.66 2.91
CA ASP A 70 15.98 -11.94 2.91
C ASP A 70 16.06 -11.05 1.66
N GLY A 71 15.16 -11.26 0.73
CA GLY A 71 15.16 -10.47 -0.52
C GLY A 71 13.77 -9.85 -0.74
N SER A 72 12.75 -10.48 -0.21
CA SER A 72 11.37 -9.94 -0.38
C SER A 72 11.02 -9.11 0.86
N CYS A 73 10.46 -7.95 0.68
CA CYS A 73 10.10 -7.09 1.86
C CYS A 73 8.66 -7.36 2.26
N GLY A 74 8.43 -7.67 3.51
CA GLY A 74 7.03 -7.95 3.99
C GLY A 74 6.50 -6.74 4.76
N VAL A 75 5.41 -6.17 4.30
CA VAL A 75 4.81 -5.00 4.99
C VAL A 75 3.57 -5.45 5.76
N SER A 76 3.57 -5.28 7.06
CA SER A 76 2.40 -5.71 7.89
C SER A 76 1.73 -4.46 8.49
N TYR A 77 0.46 -4.29 8.25
CA TYR A 77 -0.29 -3.12 8.81
C TYR A 77 -1.46 -3.64 9.64
N VAL A 78 -1.64 -3.15 10.84
CA VAL A 78 -2.78 -3.63 11.70
C VAL A 78 -3.87 -2.57 11.77
N VAL A 79 -5.04 -2.88 11.28
CA VAL A 79 -6.15 -1.88 11.31
C VAL A 79 -6.93 -2.05 12.62
N GLN A 80 -7.69 -1.06 13.01
CA GLN A 80 -8.46 -1.17 14.29
C GLN A 80 -9.90 -1.60 14.02
N GLU A 81 -10.61 -0.94 13.13
CA GLU A 81 -12.05 -1.33 12.88
C GLU A 81 -12.44 -1.15 11.40
N PRO A 82 -13.38 -1.96 10.92
CA PRO A 82 -13.89 -1.89 9.55
C PRO A 82 -13.99 -0.47 9.01
N GLY A 83 -14.17 -0.38 7.72
CA GLY A 83 -14.29 0.95 7.07
C GLY A 83 -13.59 0.91 5.71
N ASP A 84 -13.58 2.01 5.01
CA ASP A 84 -12.90 2.06 3.68
C ASP A 84 -11.52 2.65 3.89
N TYR A 85 -10.57 1.83 4.22
CA TYR A 85 -9.20 2.34 4.46
C TYR A 85 -8.62 2.76 3.11
N GLU A 86 -8.04 3.93 3.07
CA GLU A 86 -7.45 4.44 1.79
C GLU A 86 -5.93 4.34 1.89
N VAL A 87 -5.32 3.53 1.06
CA VAL A 87 -3.84 3.36 1.09
C VAL A 87 -3.22 3.86 -0.21
N SER A 88 -2.06 4.47 -0.12
CA SER A 88 -1.38 4.98 -1.35
C SER A 88 0.12 4.70 -1.26
N ILE A 89 0.55 3.62 -1.88
CA ILE A 89 1.99 3.24 -1.87
C ILE A 89 2.62 3.59 -3.22
N LYS A 90 3.77 4.23 -3.22
CA LYS A 90 4.43 4.60 -4.50
C LYS A 90 5.95 4.57 -4.32
N PHE A 91 6.68 3.96 -5.21
CA PHE A 91 8.17 3.96 -5.05
C PHE A 91 8.71 5.27 -5.61
N ASN A 92 8.90 6.26 -4.78
CA ASN A 92 9.42 7.57 -5.26
C ASN A 92 8.34 8.20 -6.15
N ASP A 93 7.10 8.05 -5.77
CA ASP A 93 5.95 8.62 -6.55
C ASP A 93 5.48 7.67 -7.66
N GLU A 94 5.93 6.45 -7.67
CA GLU A 94 5.47 5.49 -8.71
C GLU A 94 4.22 4.78 -8.16
N HIS A 95 3.06 5.31 -8.40
CA HIS A 95 1.84 4.65 -7.85
C HIS A 95 1.55 3.38 -8.63
N ILE A 96 1.95 2.23 -8.11
CA ILE A 96 1.67 0.94 -8.83
C ILE A 96 0.18 0.95 -9.23
N PRO A 97 -0.21 0.15 -10.22
CA PRO A 97 -1.62 0.10 -10.67
C PRO A 97 -2.52 -0.34 -9.50
N ASP A 98 -2.60 0.46 -8.48
CA ASP A 98 -3.42 0.14 -7.29
C ASP A 98 -3.60 1.41 -6.48
N SER A 99 -2.53 2.01 -6.08
CA SER A 99 -2.65 3.24 -5.26
C SER A 99 -3.21 4.39 -6.13
N PRO A 100 -4.14 5.19 -5.62
CA PRO A 100 -4.77 5.07 -4.27
C PRO A 100 -6.03 4.17 -4.34
N PHE A 101 -6.09 3.06 -3.63
CA PHE A 101 -7.34 2.20 -3.67
C PHE A 101 -7.88 1.99 -2.25
N VAL A 102 -9.08 1.51 -2.14
CA VAL A 102 -9.70 1.31 -0.80
C VAL A 102 -9.36 -0.07 -0.25
N VAL A 103 -9.21 -0.18 1.04
CA VAL A 103 -8.89 -1.49 1.69
C VAL A 103 -10.05 -1.82 2.67
N PRO A 104 -11.09 -2.45 2.17
CA PRO A 104 -12.27 -2.77 3.02
C PRO A 104 -11.89 -3.71 4.19
N VAL A 105 -11.97 -3.22 5.40
CA VAL A 105 -11.69 -4.05 6.58
C VAL A 105 -13.06 -4.49 7.14
N ALA A 106 -13.19 -5.71 7.65
CA ALA A 106 -14.53 -6.19 8.13
C ALA A 106 -14.42 -6.93 9.48
N SER A 107 -15.32 -6.65 10.39
CA SER A 107 -15.31 -7.32 11.72
C SER A 107 -16.10 -8.61 11.59
N LEU A 108 -15.53 -9.57 10.93
CA LEU A 108 -16.26 -10.85 10.72
C LEU A 108 -17.44 -10.57 9.78
N SER A 109 -17.58 -9.33 9.39
CA SER A 109 -18.67 -8.94 8.47
C SER A 109 -18.23 -9.21 7.03
N ASP A 110 -16.94 -9.29 6.80
CA ASP A 110 -16.45 -9.54 5.43
C ASP A 110 -17.10 -8.52 4.49
N ASP A 111 -17.71 -7.53 5.06
CA ASP A 111 -18.38 -6.48 4.27
C ASP A 111 -18.77 -5.32 5.20
N ALA A 112 -19.03 -5.59 6.45
CA ALA A 112 -19.41 -4.48 7.37
C ALA A 112 -20.60 -3.72 6.78
N ARG A 113 -21.80 -4.18 7.00
CA ARG A 113 -22.99 -3.47 6.45
C ARG A 113 -22.97 -2.00 6.91
N ARG A 114 -24.05 -1.30 6.70
CA ARG A 114 -24.12 0.14 7.11
C ARG A 114 -25.50 0.41 7.72
N LEU A 115 -26.32 -0.61 7.82
CA LEU A 115 -27.69 -0.46 8.40
C LEU A 115 -27.91 -1.53 9.46
N THR A 116 -27.23 -2.64 9.35
CA THR A 116 -27.34 -3.74 10.35
C THR A 116 -26.11 -3.68 11.22
N VAL A 117 -25.02 -4.23 10.74
CA VAL A 117 -23.77 -4.15 11.51
C VAL A 117 -23.44 -2.66 11.63
N THR A 118 -24.19 -1.87 10.92
CA THR A 118 -24.02 -0.39 10.93
C THR A 118 -22.54 -0.02 11.01
N SER A 119 -21.79 -0.42 10.03
CA SER A 119 -20.34 -0.11 10.01
C SER A 119 -19.61 -0.99 11.03
N MET B 1 -23.53 15.02 6.21
CA MET B 1 -24.95 14.72 5.87
C MET B 1 -25.74 14.47 7.15
N ALA B 2 -25.56 13.33 7.76
CA ALA B 2 -26.31 13.03 9.02
C ALA B 2 -26.03 14.12 10.05
N SER B 3 -24.81 14.61 10.10
CA SER B 3 -24.47 15.68 11.08
C SER B 3 -23.21 16.40 10.62
N LYS B 4 -22.97 16.46 9.34
CA LYS B 4 -21.75 17.14 8.84
C LYS B 4 -20.50 16.53 9.49
N PRO B 5 -20.22 15.28 9.17
CA PRO B 5 -19.06 14.58 9.73
C PRO B 5 -17.76 15.30 9.35
N GLU B 6 -16.64 14.63 9.47
CA GLU B 6 -15.34 15.27 9.11
C GLU B 6 -14.36 14.20 8.64
N LYS B 7 -14.73 13.46 7.63
CA LYS B 7 -13.82 12.39 7.11
C LYS B 7 -13.42 11.46 8.26
N ARG B 8 -12.70 10.41 7.95
CA ARG B 8 -12.27 9.44 9.01
C ARG B 8 -10.95 9.90 9.60
N VAL B 9 -10.49 9.25 10.63
CA VAL B 9 -9.18 9.64 11.24
C VAL B 9 -8.14 9.72 10.12
N ALA B 10 -7.05 10.42 10.35
CA ALA B 10 -5.99 10.56 9.31
C ALA B 10 -4.70 9.87 9.76
N SER B 11 -3.95 9.34 8.84
CA SER B 11 -2.67 8.66 9.20
C SER B 11 -1.67 8.81 8.05
N SER B 12 -0.45 9.17 8.34
CA SER B 12 0.57 9.35 7.26
C SER B 12 1.94 8.91 7.77
N VAL B 13 2.53 7.94 7.13
CA VAL B 13 3.86 7.46 7.56
C VAL B 13 4.48 6.63 6.42
N PHE B 14 5.75 6.31 6.53
CA PHE B 14 6.39 5.51 5.46
C PHE B 14 7.84 5.16 5.78
N ILE B 15 8.56 4.72 4.77
CA ILE B 15 9.99 4.33 4.94
C ILE B 15 10.71 4.56 3.61
N THR B 16 12.02 4.51 3.62
CA THR B 16 12.79 4.72 2.36
C THR B 16 14.03 3.83 2.37
N LEU B 17 14.58 3.53 1.21
CA LEU B 17 15.80 2.66 1.15
C LEU B 17 16.85 3.31 0.23
N ALA B 18 18.10 3.06 0.50
CA ALA B 18 19.20 3.65 -0.32
C ALA B 18 20.40 2.69 -0.30
N PRO B 19 20.37 1.66 -1.12
CA PRO B 19 21.47 0.67 -1.16
C PRO B 19 22.80 1.37 -1.51
N PRO B 20 23.91 0.66 -1.37
CA PRO B 20 25.23 1.22 -1.69
C PRO B 20 25.28 1.71 -3.14
N ARG B 21 26.41 1.62 -3.79
CA ARG B 21 26.52 2.07 -5.20
C ARG B 21 26.24 3.58 -5.28
N ARG B 22 27.09 4.38 -4.69
CA ARG B 22 26.87 5.85 -4.73
C ARG B 22 28.11 6.56 -4.20
N ASP B 23 27.94 7.54 -3.35
CA ASP B 23 29.12 8.27 -2.79
C ASP B 23 29.60 7.57 -1.53
N VAL B 24 30.88 7.28 -1.46
CA VAL B 24 31.42 6.60 -0.25
C VAL B 24 30.56 5.37 0.07
N GLY A 1 16.35 6.55 -26.86
CA GLY A 1 15.92 6.99 -28.25
C GLY A 1 15.52 5.97 -29.26
N ILE A 2 15.79 4.72 -29.00
CA ILE A 2 15.41 3.64 -29.93
C ILE A 2 15.42 2.31 -29.16
N PRO A 3 14.84 2.32 -27.97
CA PRO A 3 14.78 1.11 -27.15
C PRO A 3 14.19 -0.02 -27.97
N GLU A 4 12.89 -0.03 -28.09
CA GLU A 4 12.24 -1.17 -28.81
C GLU A 4 12.35 -2.34 -27.85
N PHE A 5 13.25 -2.17 -26.92
CA PHE A 5 13.51 -3.12 -25.83
C PHE A 5 12.55 -2.68 -24.73
N PHE A 6 11.59 -1.90 -25.14
CA PHE A 6 10.59 -1.32 -24.21
C PHE A 6 11.31 -0.76 -22.99
N GLN A 7 10.63 -0.71 -21.88
CA GLN A 7 11.23 -0.11 -20.65
C GLN A 7 11.02 1.38 -20.79
N PHE A 8 10.58 1.76 -21.96
CA PHE A 8 10.28 3.19 -22.25
C PHE A 8 9.17 3.24 -23.29
N THR A 9 9.21 2.33 -24.21
CA THR A 9 8.13 2.25 -25.23
C THR A 9 7.11 1.27 -24.67
N VAL A 10 7.38 0.81 -23.48
CA VAL A 10 6.47 -0.17 -22.82
C VAL A 10 5.03 0.32 -22.94
N GLY A 11 4.82 1.61 -22.84
CA GLY A 11 3.44 2.19 -22.96
C GLY A 11 3.29 3.31 -21.92
N PRO A 12 2.97 2.96 -20.69
CA PRO A 12 2.83 3.95 -19.60
C PRO A 12 4.23 4.56 -19.31
N LEU A 13 4.97 4.82 -20.36
CA LEU A 13 6.35 5.39 -20.25
C LEU A 13 7.04 4.93 -18.96
N GLY A 14 6.76 3.73 -18.54
CA GLY A 14 7.39 3.21 -17.30
C GLY A 14 6.89 3.98 -16.07
N GLU A 15 6.66 5.26 -16.23
CA GLU A 15 6.18 6.07 -15.08
C GLU A 15 7.21 5.97 -13.94
N GLY A 16 8.28 5.27 -14.17
CA GLY A 16 9.33 5.14 -13.12
C GLY A 16 8.84 4.28 -11.95
N GLY A 17 9.42 3.12 -11.78
CA GLY A 17 9.01 2.23 -10.66
C GLY A 17 7.71 1.50 -10.97
N ALA A 18 6.69 2.21 -11.35
CA ALA A 18 5.39 1.53 -11.66
C ALA A 18 5.62 0.36 -12.61
N HIS A 19 6.81 0.20 -13.12
CA HIS A 19 7.08 -0.91 -14.07
C HIS A 19 7.74 -2.11 -13.35
N LYS A 20 8.09 -1.96 -12.09
CA LYS A 20 8.74 -3.10 -11.36
C LYS A 20 8.16 -3.22 -9.95
N VAL A 21 7.20 -2.40 -9.61
CA VAL A 21 6.59 -2.50 -8.25
C VAL A 21 5.45 -3.51 -8.28
N ARG A 22 5.62 -4.59 -7.56
CA ARG A 22 4.58 -5.65 -7.52
C ARG A 22 4.01 -5.72 -6.09
N ALA A 23 2.71 -5.87 -5.98
CA ALA A 23 2.09 -5.95 -4.62
C ALA A 23 0.89 -6.88 -4.69
N GLY A 24 0.95 -8.00 -4.02
CA GLY A 24 -0.20 -8.96 -4.04
C GLY A 24 -0.22 -9.77 -2.75
N GLY A 25 -1.35 -9.85 -2.11
CA GLY A 25 -1.43 -10.62 -0.83
C GLY A 25 -2.86 -10.58 -0.30
N THR A 26 -3.11 -11.20 0.82
CA THR A 26 -4.47 -11.19 1.40
C THR A 26 -4.71 -9.84 2.09
N GLY A 27 -3.66 -9.21 2.54
CA GLY A 27 -3.80 -7.90 3.22
C GLY A 27 -4.28 -6.88 2.19
N LEU A 28 -4.11 -7.21 0.94
CA LEU A 28 -4.56 -6.28 -0.14
C LEU A 28 -6.00 -6.61 -0.51
N GLU A 29 -6.76 -7.10 0.45
CA GLU A 29 -8.18 -7.46 0.18
C GLU A 29 -9.05 -7.06 1.37
N ARG A 30 -8.83 -7.65 2.52
CA ARG A 30 -9.65 -7.28 3.72
C ARG A 30 -8.83 -7.42 5.00
N GLY A 31 -9.35 -6.93 6.10
CA GLY A 31 -8.63 -7.03 7.41
C GLY A 31 -9.69 -7.23 8.49
N VAL A 32 -9.29 -7.48 9.71
CA VAL A 32 -10.31 -7.70 10.79
C VAL A 32 -9.94 -6.90 12.06
N ALA A 33 -10.94 -6.52 12.81
CA ALA A 33 -10.71 -5.71 14.06
C ALA A 33 -9.51 -6.24 14.88
N GLY A 34 -8.50 -5.43 14.99
CA GLY A 34 -7.30 -5.80 15.81
C GLY A 34 -6.71 -7.13 15.36
N VAL A 35 -6.50 -7.32 14.08
CA VAL A 35 -5.89 -8.59 13.59
C VAL A 35 -4.67 -8.26 12.69
N PRO A 36 -3.49 -8.77 13.00
CA PRO A 36 -2.29 -8.48 12.17
C PRO A 36 -2.53 -8.96 10.73
N ALA A 37 -2.64 -8.05 9.80
CA ALA A 37 -2.85 -8.44 8.37
C ALA A 37 -1.59 -8.10 7.59
N GLU A 38 -1.39 -8.71 6.45
CA GLU A 38 -0.15 -8.37 5.68
C GLU A 38 -0.28 -8.78 4.22
N PHE A 39 0.67 -8.36 3.45
CA PHE A 39 0.70 -8.70 2.01
C PHE A 39 2.14 -8.60 1.55
N SER A 40 2.41 -8.91 0.32
CA SER A 40 3.83 -8.86 -0.18
C SER A 40 4.04 -7.64 -1.08
N ILE A 41 5.25 -7.16 -1.13
CA ILE A 41 5.57 -5.98 -2.00
C ILE A 41 6.97 -6.16 -2.60
N TRP A 42 7.06 -6.79 -3.74
CA TRP A 42 8.39 -7.01 -4.37
C TRP A 42 8.70 -5.83 -5.31
N THR A 43 9.93 -5.39 -5.35
CA THR A 43 10.28 -4.26 -6.25
C THR A 43 11.79 -4.21 -6.45
N ARG A 44 12.41 -3.10 -6.15
CA ARG A 44 13.88 -2.99 -6.32
C ARG A 44 14.28 -3.36 -7.75
N GLU A 45 14.36 -2.39 -8.63
CA GLU A 45 14.74 -2.68 -10.03
C GLU A 45 14.97 -1.35 -10.78
N ALA A 46 14.03 -0.44 -10.70
CA ALA A 46 14.22 0.87 -11.39
C ALA A 46 15.45 1.56 -10.83
N GLY A 47 15.53 1.67 -9.53
CA GLY A 47 16.72 2.33 -8.93
C GLY A 47 16.35 2.88 -7.54
N ALA A 48 17.27 3.51 -6.88
CA ALA A 48 16.96 4.06 -5.53
C ALA A 48 15.71 4.95 -5.62
N GLY A 49 15.02 5.14 -4.52
CA GLY A 49 13.80 5.99 -4.55
C GLY A 49 13.18 6.07 -3.16
N GLY A 50 11.92 6.43 -3.07
CA GLY A 50 11.26 6.53 -1.74
C GLY A 50 9.80 6.08 -1.87
N LEU A 51 9.40 5.11 -1.09
CA LEU A 51 8.00 4.62 -1.14
C LEU A 51 7.20 5.30 -0.03
N SER A 52 6.37 6.26 -0.37
CA SER A 52 5.58 6.95 0.66
C SER A 52 4.22 6.26 0.78
N ILE A 53 3.66 6.18 1.98
CA ILE A 53 2.34 5.51 2.15
C ILE A 53 1.42 6.39 3.00
N ALA A 54 0.45 7.02 2.38
CA ALA A 54 -0.51 7.87 3.14
C ALA A 54 -1.74 7.03 3.45
N VAL A 55 -1.91 6.65 4.69
CA VAL A 55 -3.07 5.79 5.08
C VAL A 55 -4.13 6.62 5.82
N GLU A 56 -5.37 6.27 5.65
CA GLU A 56 -6.48 6.98 6.36
C GLU A 56 -7.49 5.92 6.81
N GLY A 57 -7.86 5.94 8.06
CA GLY A 57 -8.83 4.93 8.56
C GLY A 57 -9.15 5.26 10.03
N PRO A 58 -10.22 4.71 10.54
CA PRO A 58 -10.64 4.97 11.94
C PRO A 58 -9.47 4.89 12.91
N SER A 59 -8.44 4.18 12.55
CA SER A 59 -7.27 4.04 13.47
C SER A 59 -5.96 4.06 12.68
N LYS A 60 -4.85 4.19 13.38
CA LYS A 60 -3.53 4.23 12.69
C LYS A 60 -2.95 2.81 12.62
N ALA A 61 -3.21 2.12 11.56
CA ALA A 61 -2.68 0.73 11.42
C ALA A 61 -1.17 0.75 11.68
N GLU A 62 -0.65 -0.29 12.28
CA GLU A 62 0.82 -0.34 12.56
C GLU A 62 1.54 -1.07 11.42
N ILE A 63 1.92 -0.35 10.40
CA ILE A 63 2.63 -0.96 9.24
C ILE A 63 3.94 -1.59 9.74
N ALA A 64 4.42 -2.63 9.09
CA ALA A 64 5.69 -3.26 9.55
C ALA A 64 6.41 -3.92 8.37
N PHE A 65 7.55 -3.42 8.02
CA PHE A 65 8.32 -4.01 6.87
C PHE A 65 9.18 -5.17 7.39
N GLU A 66 9.03 -6.34 6.84
CA GLU A 66 9.84 -7.51 7.29
C GLU A 66 10.23 -8.36 6.08
N ASP A 67 11.51 -8.60 5.92
CA ASP A 67 11.98 -9.41 4.75
C ASP A 67 11.98 -10.89 5.14
N ARG A 68 10.91 -11.60 4.86
CA ARG A 68 10.83 -13.06 5.18
C ARG A 68 10.73 -13.85 3.87
N LYS A 69 10.94 -13.18 2.75
CA LYS A 69 10.85 -13.87 1.43
C LYS A 69 12.23 -13.87 0.77
N ASP A 70 13.16 -13.16 1.34
CA ASP A 70 14.54 -13.12 0.76
C ASP A 70 14.51 -12.38 -0.58
N GLY A 71 13.39 -11.81 -0.94
CA GLY A 71 13.31 -11.09 -2.24
C GLY A 71 12.08 -10.19 -2.26
N SER A 72 10.97 -10.67 -1.77
CA SER A 72 9.73 -9.85 -1.75
C SER A 72 9.60 -9.17 -0.39
N CYS A 73 9.36 -7.89 -0.37
CA CYS A 73 9.23 -7.17 0.94
C CYS A 73 7.86 -7.45 1.54
N GLY A 74 7.80 -7.86 2.78
CA GLY A 74 6.49 -8.16 3.43
C GLY A 74 6.07 -7.00 4.33
N VAL A 75 4.97 -6.36 4.02
CA VAL A 75 4.49 -5.22 4.84
C VAL A 75 3.28 -5.66 5.67
N SER A 76 3.48 -5.84 6.95
CA SER A 76 2.35 -6.28 7.83
C SER A 76 1.79 -5.07 8.57
N TYR A 77 0.49 -4.87 8.48
CA TYR A 77 -0.16 -3.71 9.17
C TYR A 77 -1.30 -4.23 10.04
N VAL A 78 -1.36 -3.82 11.28
CA VAL A 78 -2.44 -4.30 12.19
C VAL A 78 -3.56 -3.27 12.25
N VAL A 79 -4.71 -3.59 11.76
CA VAL A 79 -5.83 -2.62 11.78
C VAL A 79 -6.49 -2.65 13.17
N GLN A 80 -7.23 -1.63 13.51
CA GLN A 80 -7.88 -1.59 14.86
C GLN A 80 -9.37 -1.98 14.77
N GLU A 81 -10.11 -1.41 13.84
CA GLU A 81 -11.57 -1.77 13.75
C GLU A 81 -12.13 -1.49 12.33
N PRO A 82 -13.16 -2.23 11.94
CA PRO A 82 -13.82 -2.07 10.64
C PRO A 82 -13.92 -0.63 10.16
N GLY A 83 -14.07 -0.50 8.88
CA GLY A 83 -14.18 0.86 8.27
C GLY A 83 -13.63 0.84 6.85
N ASP A 84 -13.42 1.99 6.27
CA ASP A 84 -12.88 2.05 4.87
C ASP A 84 -11.45 2.58 4.93
N TYR A 85 -10.49 1.69 5.02
CA TYR A 85 -9.08 2.14 5.08
C TYR A 85 -8.64 2.50 3.66
N GLU A 86 -7.94 3.60 3.51
CA GLU A 86 -7.48 4.06 2.16
C GLU A 86 -5.96 4.11 2.18
N VAL A 87 -5.30 3.32 1.36
CA VAL A 87 -3.81 3.30 1.33
C VAL A 87 -3.30 3.75 -0.03
N SER A 88 -2.31 4.63 -0.04
CA SER A 88 -1.74 5.12 -1.34
C SER A 88 -0.21 4.97 -1.31
N ILE A 89 0.29 4.00 -2.04
CA ILE A 89 1.77 3.76 -2.08
C ILE A 89 2.33 4.19 -3.44
N LYS A 90 3.47 4.82 -3.45
CA LYS A 90 4.08 5.28 -4.72
C LYS A 90 5.59 5.18 -4.59
N PHE A 91 6.24 4.44 -5.45
CA PHE A 91 7.72 4.36 -5.35
C PHE A 91 8.31 5.61 -6.00
N ASN A 92 8.69 6.57 -5.20
CA ASN A 92 9.25 7.83 -5.75
C ASN A 92 8.13 8.62 -6.43
N ASP A 93 6.96 8.63 -5.84
CA ASP A 93 5.81 9.38 -6.42
C ASP A 93 5.20 8.65 -7.63
N GLU A 94 5.53 7.39 -7.83
CA GLU A 94 4.91 6.65 -8.97
C GLU A 94 3.76 5.82 -8.38
N HIS A 95 2.57 6.37 -8.43
CA HIS A 95 1.40 5.67 -7.85
C HIS A 95 1.03 4.48 -8.73
N ILE A 96 1.20 3.30 -8.22
CA ILE A 96 0.85 2.09 -9.03
C ILE A 96 -0.63 2.20 -9.44
N PRO A 97 -1.02 1.60 -10.55
CA PRO A 97 -2.42 1.66 -10.99
C PRO A 97 -3.32 1.03 -9.90
N ASP A 98 -3.52 1.74 -8.82
CA ASP A 98 -4.36 1.20 -7.72
C ASP A 98 -4.53 2.26 -6.65
N SER A 99 -3.46 2.83 -6.19
CA SER A 99 -3.56 3.84 -5.11
C SER A 99 -4.53 4.95 -5.52
N PRO A 100 -5.44 5.37 -4.64
CA PRO A 100 -5.66 4.84 -3.26
C PRO A 100 -6.69 3.67 -3.28
N PHE A 101 -6.32 2.44 -2.94
CA PHE A 101 -7.36 1.35 -2.93
C PHE A 101 -8.02 1.30 -1.55
N VAL A 102 -9.26 0.91 -1.49
CA VAL A 102 -9.97 0.83 -0.19
C VAL A 102 -9.70 -0.53 0.45
N VAL A 103 -9.47 -0.57 1.73
CA VAL A 103 -9.19 -1.84 2.45
C VAL A 103 -10.27 -2.04 3.54
N PRO A 104 -11.41 -2.60 3.17
CA PRO A 104 -12.51 -2.78 4.13
C PRO A 104 -12.13 -3.77 5.25
N VAL A 105 -12.01 -3.28 6.46
CA VAL A 105 -11.69 -4.17 7.61
C VAL A 105 -13.04 -4.66 8.17
N ALA A 106 -13.10 -5.91 8.62
CA ALA A 106 -14.40 -6.48 9.11
C ALA A 106 -14.24 -7.12 10.53
N SER A 107 -15.12 -6.78 11.42
CA SER A 107 -15.07 -7.35 12.80
C SER A 107 -16.09 -8.47 12.86
N LEU A 108 -15.70 -9.63 12.44
CA LEU A 108 -16.63 -10.79 12.42
C LEU A 108 -17.74 -10.49 11.40
N SER A 109 -17.68 -9.33 10.80
CA SER A 109 -18.70 -8.95 9.77
C SER A 109 -18.24 -9.44 8.41
N ASP A 110 -16.95 -9.63 8.24
CA ASP A 110 -16.45 -10.10 6.91
C ASP A 110 -17.03 -9.20 5.82
N ASP A 111 -17.58 -8.10 6.22
CA ASP A 111 -18.18 -7.15 5.25
C ASP A 111 -18.57 -5.86 5.97
N ALA A 112 -18.90 -5.92 7.23
CA ALA A 112 -19.28 -4.66 7.95
C ALA A 112 -20.34 -3.92 7.11
N ARG A 113 -21.57 -4.35 7.18
CA ARG A 113 -22.64 -3.69 6.40
C ARG A 113 -22.59 -2.18 6.63
N ARG A 114 -23.19 -1.42 5.75
CA ARG A 114 -23.19 0.07 5.88
C ARG A 114 -24.57 0.54 6.39
N LEU A 115 -25.41 -0.40 6.73
CA LEU A 115 -26.80 -0.04 7.24
C LEU A 115 -27.01 -0.66 8.62
N THR A 116 -26.41 -1.79 8.88
CA THR A 116 -26.55 -2.47 10.21
C THR A 116 -25.26 -2.23 10.97
N VAL A 117 -24.25 -2.99 10.67
CA VAL A 117 -22.95 -2.77 11.33
C VAL A 117 -22.54 -1.34 11.00
N THR A 118 -23.26 -0.75 10.09
CA THR A 118 -23.00 0.63 9.63
C THR A 118 -21.50 0.92 9.58
N SER A 119 -20.81 0.19 8.76
CA SER A 119 -19.34 0.39 8.62
C SER A 119 -18.62 -0.14 9.87
N MET B 1 -27.85 10.52 10.90
CA MET B 1 -27.42 10.91 9.52
C MET B 1 -27.45 12.43 9.41
N ALA B 2 -26.36 13.09 9.75
CA ALA B 2 -26.33 14.57 9.66
C ALA B 2 -26.23 14.98 8.18
N SER B 3 -25.08 14.81 7.59
CA SER B 3 -24.92 15.18 6.15
C SER B 3 -23.52 14.77 5.67
N LYS B 4 -22.52 14.97 6.48
CA LYS B 4 -21.14 14.61 6.05
C LYS B 4 -20.18 14.72 7.25
N PRO B 5 -20.22 13.75 8.14
CA PRO B 5 -19.34 13.77 9.33
C PRO B 5 -17.87 13.79 8.90
N GLU B 6 -17.00 14.26 9.75
CA GLU B 6 -15.55 14.32 9.39
C GLU B 6 -15.10 12.98 8.81
N LYS B 7 -13.91 12.92 8.30
CA LYS B 7 -13.39 11.65 7.71
C LYS B 7 -12.96 10.71 8.83
N ARG B 8 -12.06 9.80 8.56
CA ARG B 8 -11.58 8.86 9.61
C ARG B 8 -10.39 9.47 10.33
N VAL B 9 -9.74 8.70 11.16
CA VAL B 9 -8.54 9.22 11.87
C VAL B 9 -7.44 9.42 10.82
N ALA B 10 -6.44 10.20 11.14
CA ALA B 10 -5.34 10.47 10.16
C ALA B 10 -4.13 9.56 10.43
N SER B 11 -3.54 9.03 9.39
CA SER B 11 -2.34 8.16 9.56
C SER B 11 -1.37 8.44 8.41
N SER B 12 -0.11 8.66 8.71
CA SER B 12 0.88 8.95 7.63
C SER B 12 2.27 8.47 8.05
N VAL B 13 2.87 7.66 7.23
CA VAL B 13 4.24 7.14 7.54
C VAL B 13 4.75 6.36 6.33
N PHE B 14 5.93 5.82 6.39
CA PHE B 14 6.43 5.05 5.21
C PHE B 14 7.88 4.59 5.39
N ILE B 15 8.48 4.13 4.31
CA ILE B 15 9.88 3.65 4.33
C ILE B 15 10.56 4.10 3.02
N THR B 16 11.87 4.14 2.99
CA THR B 16 12.60 4.57 1.76
C THR B 16 13.73 3.57 1.45
N LEU B 17 14.08 3.42 0.20
CA LEU B 17 15.17 2.46 -0.18
C LEU B 17 16.38 3.24 -0.70
N ALA B 18 17.56 2.80 -0.37
CA ALA B 18 18.79 3.50 -0.84
C ALA B 18 19.98 2.52 -0.77
N PRO B 19 20.61 2.19 -1.89
CA PRO B 19 21.75 1.24 -1.85
C PRO B 19 22.88 1.80 -0.97
N PRO B 20 23.81 0.96 -0.58
CA PRO B 20 24.95 1.38 0.27
C PRO B 20 25.80 2.43 -0.47
N ARG B 21 25.99 3.57 0.12
CA ARG B 21 26.82 4.62 -0.54
C ARG B 21 26.40 4.76 -2.01
N ARG B 22 27.35 4.67 -2.92
CA ARG B 22 27.04 4.80 -4.38
C ARG B 22 27.51 3.52 -5.10
N ASP B 23 27.60 2.44 -4.39
CA ASP B 23 28.06 1.16 -5.02
C ASP B 23 29.48 1.34 -5.57
N VAL B 24 30.30 0.33 -5.46
CA VAL B 24 31.69 0.43 -5.98
C VAL B 24 31.69 0.21 -7.49
N GLY A 1 13.41 10.44 -24.97
CA GLY A 1 14.16 9.13 -25.25
C GLY A 1 14.07 8.50 -26.59
N ILE A 2 15.00 7.64 -26.92
CA ILE A 2 14.97 6.94 -28.22
C ILE A 2 15.65 5.57 -28.01
N PRO A 3 15.31 4.90 -26.93
CA PRO A 3 15.88 3.59 -26.64
C PRO A 3 15.73 2.70 -27.85
N GLU A 4 14.54 2.22 -28.06
CA GLU A 4 14.33 1.26 -29.20
C GLU A 4 15.04 -0.02 -28.74
N PHE A 5 15.70 0.14 -27.63
CA PHE A 5 16.43 -0.93 -26.95
C PHE A 5 15.50 -1.32 -25.81
N PHE A 6 14.28 -0.88 -25.95
CA PHE A 6 13.21 -1.10 -24.94
C PHE A 6 13.70 -0.69 -23.55
N GLN A 7 13.14 -1.28 -22.53
CA GLN A 7 13.47 -0.92 -21.12
C GLN A 7 12.62 0.29 -20.81
N PHE A 8 12.00 0.80 -21.83
CA PHE A 8 11.10 1.97 -21.68
C PHE A 8 10.02 1.87 -22.73
N THR A 9 10.38 1.43 -23.90
CA THR A 9 9.40 1.24 -24.98
C THR A 9 8.96 -0.21 -24.88
N VAL A 10 9.46 -0.88 -23.89
CA VAL A 10 9.14 -2.32 -23.70
C VAL A 10 7.62 -2.53 -23.83
N GLY A 11 6.84 -1.53 -23.48
CA GLY A 11 5.35 -1.67 -23.61
C GLY A 11 4.63 -0.59 -22.79
N PRO A 12 4.44 -0.81 -21.50
CA PRO A 12 3.77 0.17 -20.62
C PRO A 12 4.62 1.44 -20.53
N LEU A 13 5.22 1.84 -21.61
CA LEU A 13 6.08 3.07 -21.62
C LEU A 13 6.99 3.03 -20.38
N GLY A 14 7.29 1.86 -19.91
CA GLY A 14 8.15 1.74 -18.70
C GLY A 14 7.33 2.16 -17.50
N GLU A 15 6.57 3.22 -17.64
CA GLU A 15 5.75 3.70 -16.50
C GLU A 15 6.65 3.81 -15.26
N GLY A 16 7.93 3.76 -15.48
CA GLY A 16 8.90 3.87 -14.34
C GLY A 16 8.85 2.59 -13.51
N GLY A 17 9.24 2.67 -12.26
CA GLY A 17 9.22 1.46 -11.40
C GLY A 17 7.78 1.02 -11.14
N ALA A 18 6.83 1.88 -11.41
CA ALA A 18 5.40 1.54 -11.16
C ALA A 18 5.12 0.11 -11.67
N HIS A 19 5.99 -0.41 -12.50
CA HIS A 19 5.79 -1.78 -13.05
C HIS A 19 6.65 -2.80 -12.29
N LYS A 20 7.93 -2.55 -12.18
CA LYS A 20 8.80 -3.53 -11.45
C LYS A 20 8.40 -3.60 -9.98
N VAL A 21 7.67 -2.63 -9.50
CA VAL A 21 7.25 -2.67 -8.08
C VAL A 21 6.17 -3.74 -7.91
N ARG A 22 6.48 -4.78 -7.18
CA ARG A 22 5.49 -5.89 -6.98
C ARG A 22 4.98 -5.89 -5.54
N ALA A 23 3.69 -6.03 -5.37
CA ALA A 23 3.09 -6.06 -4.00
C ALA A 23 1.96 -7.09 -3.99
N GLY A 24 2.12 -8.16 -3.25
CA GLY A 24 1.06 -9.21 -3.21
C GLY A 24 1.08 -9.92 -1.86
N GLY A 25 -0.06 -10.08 -1.24
CA GLY A 25 -0.09 -10.77 0.08
C GLY A 25 -1.53 -10.84 0.59
N THR A 26 -1.72 -11.45 1.74
CA THR A 26 -3.09 -11.55 2.31
C THR A 26 -3.52 -10.21 2.89
N GLY A 27 -2.57 -9.35 3.18
CA GLY A 27 -2.93 -8.02 3.76
C GLY A 27 -3.59 -7.18 2.67
N LEU A 28 -3.30 -7.47 1.44
CA LEU A 28 -3.92 -6.71 0.32
C LEU A 28 -5.32 -7.25 0.06
N GLU A 29 -5.64 -8.37 0.64
CA GLU A 29 -6.98 -8.97 0.43
C GLU A 29 -7.99 -8.34 1.39
N ARG A 30 -7.65 -8.27 2.66
CA ARG A 30 -8.59 -7.68 3.65
C ARG A 30 -7.92 -7.60 5.02
N GLY A 31 -8.55 -6.98 5.98
CA GLY A 31 -7.96 -6.88 7.35
C GLY A 31 -9.06 -7.11 8.37
N VAL A 32 -8.72 -7.25 9.63
CA VAL A 32 -9.77 -7.49 10.67
C VAL A 32 -9.51 -6.58 11.89
N ALA A 33 -10.56 -6.21 12.57
CA ALA A 33 -10.44 -5.31 13.76
C ALA A 33 -9.20 -5.65 14.61
N GLY A 34 -8.25 -4.76 14.63
CA GLY A 34 -7.03 -4.97 15.48
C GLY A 34 -6.22 -6.18 15.01
N VAL A 35 -6.08 -6.38 13.72
CA VAL A 35 -5.27 -7.53 13.20
C VAL A 35 -4.22 -7.00 12.21
N PRO A 36 -2.93 -7.20 12.46
CA PRO A 36 -1.89 -6.69 11.53
C PRO A 36 -2.08 -7.29 10.13
N ALA A 37 -2.41 -6.49 9.16
CA ALA A 37 -2.59 -7.01 7.78
C ALA A 37 -1.22 -7.00 7.09
N GLU A 38 -0.50 -8.09 7.18
CA GLU A 38 0.86 -8.14 6.56
C GLU A 38 0.77 -8.56 5.09
N PHE A 39 1.68 -8.06 4.30
CA PHE A 39 1.72 -8.42 2.86
C PHE A 39 3.17 -8.27 2.40
N SER A 40 3.54 -8.91 1.34
CA SER A 40 4.96 -8.83 0.86
C SER A 40 5.13 -7.81 -0.26
N ILE A 41 6.35 -7.32 -0.40
CA ILE A 41 6.66 -6.34 -1.47
C ILE A 41 8.12 -6.53 -1.91
N TRP A 42 8.36 -6.91 -3.15
CA TRP A 42 9.77 -7.11 -3.63
C TRP A 42 10.03 -6.19 -4.82
N THR A 43 11.10 -5.44 -4.78
CA THR A 43 11.40 -4.49 -5.91
C THR A 43 12.92 -4.34 -6.05
N ARG A 44 13.41 -4.25 -7.25
CA ARG A 44 14.88 -4.08 -7.47
C ARG A 44 15.16 -3.96 -8.97
N GLU A 45 14.73 -2.88 -9.58
CA GLU A 45 14.97 -2.71 -11.03
C GLU A 45 15.02 -1.21 -11.37
N ALA A 46 14.02 -0.47 -10.95
CA ALA A 46 14.01 0.99 -11.25
C ALA A 46 15.22 1.65 -10.59
N GLY A 47 15.35 1.51 -9.30
CA GLY A 47 16.50 2.13 -8.58
C GLY A 47 15.99 2.78 -7.30
N ALA A 48 16.84 3.42 -6.54
CA ALA A 48 16.37 4.06 -5.28
C ALA A 48 15.20 4.99 -5.60
N GLY A 49 14.24 5.05 -4.73
CA GLY A 49 13.06 5.94 -4.98
C GLY A 49 12.35 6.23 -3.65
N GLY A 50 11.33 7.04 -3.68
CA GLY A 50 10.59 7.39 -2.43
C GLY A 50 9.20 6.74 -2.47
N LEU A 51 8.93 5.81 -1.59
CA LEU A 51 7.59 5.16 -1.59
C LEU A 51 6.72 5.88 -0.57
N SER A 52 5.91 6.80 -1.02
CA SER A 52 5.01 7.56 -0.09
C SER A 52 3.75 6.74 0.14
N ILE A 53 3.22 6.72 1.35
CA ILE A 53 1.99 5.94 1.61
C ILE A 53 1.00 6.79 2.42
N ALA A 54 -0.12 7.13 1.84
CA ALA A 54 -1.13 7.95 2.56
C ALA A 54 -2.31 7.05 2.97
N VAL A 55 -2.43 6.77 4.24
CA VAL A 55 -3.53 5.89 4.72
C VAL A 55 -4.65 6.75 5.30
N GLU A 56 -5.88 6.36 5.08
CA GLU A 56 -7.04 7.13 5.62
C GLU A 56 -8.10 6.12 6.07
N GLY A 57 -8.80 6.41 7.13
CA GLY A 57 -9.84 5.46 7.61
C GLY A 57 -10.23 5.79 9.06
N PRO A 58 -11.03 4.94 9.66
CA PRO A 58 -11.50 5.15 11.05
C PRO A 58 -10.34 5.13 12.06
N SER A 59 -9.28 4.43 11.77
CA SER A 59 -8.13 4.38 12.73
C SER A 59 -6.81 4.64 11.99
N LYS A 60 -5.73 4.70 12.72
CA LYS A 60 -4.40 4.95 12.07
C LYS A 60 -3.72 3.62 11.76
N ALA A 61 -3.43 3.37 10.51
CA ALA A 61 -2.76 2.09 10.14
C ALA A 61 -1.26 2.23 10.41
N GLU A 62 -0.76 1.56 11.41
CA GLU A 62 0.71 1.67 11.71
C GLU A 62 1.49 0.69 10.83
N ILE A 63 2.13 1.21 9.81
CA ILE A 63 2.93 0.35 8.88
C ILE A 63 4.02 -0.37 9.66
N ALA A 64 4.52 -1.49 9.15
CA ALA A 64 5.60 -2.24 9.89
C ALA A 64 6.62 -2.73 8.87
N PHE A 65 7.70 -3.32 9.32
CA PHE A 65 8.75 -3.84 8.39
C PHE A 65 9.26 -5.19 8.90
N GLU A 66 9.06 -6.23 8.12
CA GLU A 66 9.54 -7.58 8.55
C GLU A 66 10.09 -8.34 7.33
N ASP A 67 11.36 -8.60 7.30
CA ASP A 67 11.94 -9.34 6.14
C ASP A 67 11.55 -10.81 6.24
N ARG A 68 11.20 -11.42 5.13
CA ARG A 68 10.80 -12.87 5.14
C ARG A 68 11.75 -13.67 4.26
N LYS A 69 12.01 -13.18 3.07
CA LYS A 69 12.94 -13.88 2.14
C LYS A 69 14.15 -12.99 1.90
N ASP A 70 14.23 -11.90 2.62
CA ASP A 70 15.37 -10.96 2.42
C ASP A 70 15.19 -10.26 1.08
N GLY A 71 14.78 -10.99 0.07
CA GLY A 71 14.56 -10.39 -1.28
C GLY A 71 13.12 -9.90 -1.40
N SER A 72 12.52 -9.56 -0.30
CA SER A 72 11.10 -9.07 -0.34
C SER A 72 10.83 -8.21 0.90
N CYS A 73 10.48 -6.97 0.70
CA CYS A 73 10.21 -6.08 1.86
C CYS A 73 8.84 -6.39 2.44
N GLY A 74 8.79 -6.95 3.61
CA GLY A 74 7.48 -7.28 4.23
C GLY A 74 6.92 -6.04 4.94
N VAL A 75 5.82 -5.54 4.46
CA VAL A 75 5.18 -4.32 5.08
C VAL A 75 3.83 -4.71 5.66
N SER A 76 3.55 -4.29 6.87
CA SER A 76 2.24 -4.64 7.50
C SER A 76 1.66 -3.42 8.20
N TYR A 77 0.37 -3.24 8.09
CA TYR A 77 -0.30 -2.07 8.76
C TYR A 77 -1.35 -2.61 9.73
N VAL A 78 -1.47 -2.03 10.90
CA VAL A 78 -2.46 -2.53 11.90
C VAL A 78 -3.61 -1.54 12.03
N VAL A 79 -4.81 -1.98 11.75
CA VAL A 79 -6.00 -1.08 11.86
C VAL A 79 -6.71 -1.38 13.18
N GLN A 80 -7.64 -0.55 13.58
CA GLN A 80 -8.36 -0.81 14.88
C GLN A 80 -9.74 -1.41 14.62
N GLU A 81 -10.46 -0.95 13.61
CA GLU A 81 -11.83 -1.53 13.37
C GLU A 81 -12.23 -1.40 11.87
N PRO A 82 -13.13 -2.27 11.43
CA PRO A 82 -13.65 -2.27 10.05
C PRO A 82 -13.82 -0.88 9.47
N GLY A 83 -14.06 -0.84 8.19
CA GLY A 83 -14.27 0.46 7.49
C GLY A 83 -13.63 0.41 6.11
N ASP A 84 -13.74 1.47 5.37
CA ASP A 84 -13.15 1.52 4.01
C ASP A 84 -11.80 2.22 4.12
N TYR A 85 -10.77 1.48 4.40
CA TYR A 85 -9.43 2.10 4.53
C TYR A 85 -8.93 2.45 3.13
N GLU A 86 -8.39 3.63 2.98
CA GLU A 86 -7.87 4.09 1.65
C GLU A 86 -6.35 4.18 1.72
N VAL A 87 -5.66 3.46 0.86
CA VAL A 87 -4.16 3.49 0.86
C VAL A 87 -3.66 3.99 -0.50
N SER A 88 -2.63 4.79 -0.50
CA SER A 88 -2.08 5.32 -1.80
C SER A 88 -0.56 5.16 -1.80
N ILE A 89 -0.06 4.16 -2.47
CA ILE A 89 1.41 3.92 -2.51
C ILE A 89 1.97 4.25 -3.90
N LYS A 90 3.10 4.90 -3.95
CA LYS A 90 3.71 5.26 -5.26
C LYS A 90 5.24 5.22 -5.12
N PHE A 91 5.93 4.48 -5.94
CA PHE A 91 7.42 4.46 -5.83
C PHE A 91 7.99 5.69 -6.52
N ASN A 92 8.21 6.74 -5.79
CA ASN A 92 8.73 7.99 -6.40
C ASN A 92 7.63 8.60 -7.27
N ASP A 93 6.42 8.60 -6.76
CA ASP A 93 5.25 9.15 -7.52
C ASP A 93 4.78 8.12 -8.54
N GLU A 94 5.26 6.92 -8.46
CA GLU A 94 4.81 5.88 -9.42
C GLU A 94 3.53 5.27 -8.88
N HIS A 95 2.43 5.95 -9.01
CA HIS A 95 1.14 5.42 -8.48
C HIS A 95 0.72 4.19 -9.30
N ILE A 96 0.85 3.02 -8.74
CA ILE A 96 0.45 1.80 -9.51
C ILE A 96 -1.10 1.83 -9.64
N PRO A 97 -1.63 1.15 -10.66
CA PRO A 97 -3.09 1.13 -10.86
C PRO A 97 -3.78 0.79 -9.54
N ASP A 98 -3.11 0.04 -8.70
CA ASP A 98 -3.72 -0.31 -7.39
C ASP A 98 -4.02 0.98 -6.63
N SER A 99 -3.03 1.73 -6.29
CA SER A 99 -3.27 2.98 -5.52
C SER A 99 -3.96 4.02 -6.42
N PRO A 100 -4.94 4.76 -5.91
CA PRO A 100 -5.50 4.64 -4.52
C PRO A 100 -6.62 3.59 -4.49
N PHE A 101 -6.50 2.51 -3.71
CA PHE A 101 -7.63 1.50 -3.64
C PHE A 101 -8.13 1.37 -2.21
N VAL A 102 -9.26 0.73 -2.03
CA VAL A 102 -9.85 0.59 -0.67
C VAL A 102 -9.40 -0.73 -0.02
N VAL A 103 -9.24 -0.71 1.28
CA VAL A 103 -8.83 -1.92 2.05
C VAL A 103 -9.94 -2.25 3.06
N PRO A 104 -10.95 -2.99 2.65
CA PRO A 104 -12.08 -3.32 3.54
C PRO A 104 -11.63 -4.17 4.74
N VAL A 105 -11.73 -3.62 5.92
CA VAL A 105 -11.35 -4.37 7.15
C VAL A 105 -12.67 -4.90 7.77
N ALA A 106 -12.66 -6.09 8.34
CA ALA A 106 -13.94 -6.68 8.90
C ALA A 106 -13.74 -7.29 10.31
N SER A 107 -14.67 -7.08 11.19
CA SER A 107 -14.57 -7.65 12.57
C SER A 107 -15.30 -8.99 12.55
N LEU A 108 -14.79 -9.90 11.78
CA LEU A 108 -15.46 -11.23 11.64
C LEU A 108 -16.60 -11.04 10.64
N SER A 109 -16.92 -9.81 10.37
CA SER A 109 -17.99 -9.48 9.40
C SER A 109 -17.52 -9.87 8.01
N ASP A 110 -16.23 -9.98 7.81
CA ASP A 110 -15.70 -10.37 6.46
C ASP A 110 -16.40 -9.52 5.41
N ASP A 111 -16.97 -8.43 5.82
CA ASP A 111 -17.69 -7.54 4.89
C ASP A 111 -18.12 -6.28 5.64
N ALA A 112 -18.40 -6.41 6.92
CA ALA A 112 -18.81 -5.20 7.70
C ALA A 112 -19.91 -4.46 6.94
N ARG A 113 -21.15 -4.75 7.21
CA ARG A 113 -22.26 -4.05 6.49
C ARG A 113 -22.20 -2.56 6.81
N ARG A 114 -23.32 -1.89 6.72
CA ARG A 114 -23.36 -0.43 7.02
C ARG A 114 -24.71 -0.13 7.67
N LEU A 115 -25.50 -1.15 7.88
CA LEU A 115 -26.84 -0.99 8.53
C LEU A 115 -26.98 -2.01 9.65
N THR A 116 -26.30 -3.12 9.55
CA THR A 116 -26.35 -4.17 10.61
C THR A 116 -25.10 -3.98 11.47
N VAL A 117 -23.99 -4.49 11.01
CA VAL A 117 -22.74 -4.28 11.76
C VAL A 117 -22.51 -2.77 11.79
N THR A 118 -23.33 -2.07 11.03
CA THR A 118 -23.25 -0.59 10.95
C THR A 118 -21.80 -0.11 11.02
N SER A 119 -21.02 -0.53 10.07
CA SER A 119 -19.59 -0.12 10.02
C SER A 119 -18.81 -0.85 11.13
N MET B 1 -27.48 20.31 11.82
CA MET B 1 -26.81 19.93 10.55
C MET B 1 -26.89 18.40 10.37
N ALA B 2 -27.24 17.69 11.41
CA ALA B 2 -27.34 16.22 11.29
C ALA B 2 -26.06 15.65 10.67
N SER B 3 -26.12 14.46 10.13
CA SER B 3 -24.91 13.86 9.50
C SER B 3 -23.73 13.97 10.46
N LYS B 4 -23.71 13.17 11.50
CA LYS B 4 -22.58 13.22 12.46
C LYS B 4 -21.33 12.51 11.89
N PRO B 5 -21.50 11.42 11.16
CA PRO B 5 -20.34 10.70 10.61
C PRO B 5 -19.74 11.49 9.43
N GLU B 6 -18.52 11.94 9.56
CA GLU B 6 -17.89 12.72 8.45
C GLU B 6 -16.36 12.65 8.57
N LYS B 7 -15.69 12.43 7.47
CA LYS B 7 -14.20 12.36 7.51
C LYS B 7 -13.74 11.34 8.55
N ARG B 8 -13.23 10.22 8.12
CA ARG B 8 -12.75 9.20 9.09
C ARG B 8 -11.39 9.64 9.60
N VAL B 9 -10.87 8.98 10.60
CA VAL B 9 -9.53 9.38 11.12
C VAL B 9 -8.56 9.45 9.93
N ALA B 10 -7.51 10.22 10.05
CA ALA B 10 -6.53 10.37 8.93
C ALA B 10 -5.15 9.89 9.37
N SER B 11 -4.37 9.39 8.45
CA SER B 11 -3.00 8.91 8.80
C SER B 11 -2.07 9.13 7.61
N SER B 12 -0.84 9.51 7.86
CA SER B 12 0.13 9.76 6.75
C SER B 12 1.53 9.31 7.18
N VAL B 13 2.12 8.40 6.47
CA VAL B 13 3.48 7.92 6.83
C VAL B 13 4.08 7.18 5.64
N PHE B 14 5.35 6.88 5.70
CA PHE B 14 5.99 6.15 4.57
C PHE B 14 7.46 5.84 4.86
N ILE B 15 8.16 5.41 3.83
CA ILE B 15 9.60 5.07 3.98
C ILE B 15 10.32 5.32 2.64
N THR B 16 11.63 5.32 2.65
CA THR B 16 12.42 5.53 1.40
C THR B 16 13.34 4.33 1.16
N LEU B 17 13.31 3.76 -0.02
CA LEU B 17 14.17 2.58 -0.30
C LEU B 17 15.44 3.02 -1.04
N ALA B 18 16.52 2.31 -0.86
CA ALA B 18 17.79 2.68 -1.54
C ALA B 18 18.79 1.51 -1.39
N PRO B 19 19.70 1.36 -2.34
CA PRO B 19 20.69 0.26 -2.25
C PRO B 19 21.54 0.43 -0.96
N PRO B 20 21.87 -0.65 -0.28
CA PRO B 20 22.69 -0.55 0.94
C PRO B 20 24.07 0.03 0.59
N ARG B 21 24.59 -0.32 -0.56
CA ARG B 21 25.92 0.19 -0.98
C ARG B 21 25.84 1.71 -1.21
N ARG B 22 26.81 2.26 -1.90
CA ARG B 22 26.82 3.73 -2.18
C ARG B 22 27.09 3.95 -3.68
N ASP B 23 28.32 3.84 -4.09
CA ASP B 23 28.64 4.05 -5.52
C ASP B 23 27.98 2.94 -6.36
N VAL B 24 28.72 2.33 -7.26
CA VAL B 24 28.13 1.25 -8.10
C VAL B 24 29.23 0.25 -8.47
N GLY A 1 9.73 8.58 -30.41
CA GLY A 1 8.46 8.87 -31.20
C GLY A 1 7.71 7.76 -31.85
N ILE A 2 8.28 6.59 -31.87
CA ILE A 2 7.60 5.43 -32.48
C ILE A 2 8.43 4.17 -32.18
N PRO A 3 8.77 3.98 -30.91
CA PRO A 3 9.55 2.81 -30.52
C PRO A 3 8.91 1.56 -31.08
N GLU A 4 7.84 1.12 -30.48
CA GLU A 4 7.22 -0.16 -30.94
C GLU A 4 8.20 -1.24 -30.48
N PHE A 5 9.29 -0.74 -29.95
CA PHE A 5 10.36 -1.55 -29.38
C PHE A 5 10.16 -1.40 -27.88
N PHE A 6 8.96 -0.97 -27.55
CA PHE A 6 8.56 -0.71 -26.15
C PHE A 6 9.66 0.09 -25.45
N GLN A 7 9.66 0.03 -24.13
CA GLN A 7 10.64 0.81 -23.33
C GLN A 7 9.99 2.17 -23.14
N PHE A 8 8.92 2.37 -23.85
CA PHE A 8 8.13 3.62 -23.74
C PHE A 8 6.72 3.33 -24.24
N THR A 9 6.61 2.50 -25.23
CA THR A 9 5.27 2.12 -25.74
C THR A 9 4.87 0.87 -24.98
N VAL A 10 5.73 0.46 -24.07
CA VAL A 10 5.47 -0.76 -23.24
C VAL A 10 3.99 -0.79 -22.84
N GLY A 11 3.44 0.35 -22.54
CA GLY A 11 2.01 0.43 -22.14
C GLY A 11 1.86 1.52 -21.06
N PRO A 12 2.04 1.17 -19.80
CA PRO A 12 1.96 2.15 -18.70
C PRO A 12 3.16 3.11 -18.80
N LEU A 13 3.58 3.42 -20.00
CA LEU A 13 4.77 4.32 -20.21
C LEU A 13 5.84 3.97 -19.17
N GLY A 14 5.86 2.74 -18.74
CA GLY A 14 6.86 2.31 -17.73
C GLY A 14 6.47 2.90 -16.39
N GLU A 15 6.06 4.14 -16.39
CA GLU A 15 5.66 4.82 -15.12
C GLU A 15 6.83 4.71 -14.12
N GLY A 16 7.92 4.13 -14.54
CA GLY A 16 9.11 4.01 -13.66
C GLY A 16 9.03 2.74 -12.79
N GLY A 17 9.60 2.79 -11.61
CA GLY A 17 9.61 1.60 -10.70
C GLY A 17 8.29 0.83 -10.76
N ALA A 18 7.22 1.46 -11.15
CA ALA A 18 5.91 0.75 -11.21
C ALA A 18 6.08 -0.60 -11.90
N HIS A 19 7.20 -0.82 -12.53
CA HIS A 19 7.42 -2.12 -13.24
C HIS A 19 8.22 -3.09 -12.35
N LYS A 20 9.16 -2.59 -11.61
CA LYS A 20 9.98 -3.49 -10.74
C LYS A 20 9.35 -3.61 -9.35
N VAL A 21 8.44 -2.75 -9.01
CA VAL A 21 7.82 -2.84 -7.66
C VAL A 21 6.77 -3.95 -7.65
N ARG A 22 7.01 -4.98 -6.88
CA ARG A 22 6.06 -6.12 -6.79
C ARG A 22 5.41 -6.11 -5.41
N ALA A 23 4.13 -6.38 -5.36
CA ALA A 23 3.42 -6.40 -4.05
C ALA A 23 2.31 -7.45 -4.10
N GLY A 24 2.43 -8.49 -3.33
CA GLY A 24 1.38 -9.56 -3.32
C GLY A 24 1.29 -10.17 -1.91
N GLY A 25 0.10 -10.24 -1.36
CA GLY A 25 -0.04 -10.82 0.00
C GLY A 25 -1.53 -10.83 0.40
N THR A 26 -1.85 -11.47 1.49
CA THR A 26 -3.28 -11.53 1.94
C THR A 26 -3.66 -10.17 2.53
N GLY A 27 -2.70 -9.42 2.99
CA GLY A 27 -3.00 -8.08 3.57
C GLY A 27 -3.48 -7.17 2.45
N LEU A 28 -3.03 -7.43 1.26
CA LEU A 28 -3.45 -6.60 0.10
C LEU A 28 -4.83 -7.08 -0.37
N GLU A 29 -5.59 -7.65 0.53
CA GLU A 29 -6.95 -8.16 0.17
C GLU A 29 -7.97 -7.67 1.21
N ARG A 30 -7.71 -7.87 2.47
CA ARG A 30 -8.69 -7.40 3.50
C ARG A 30 -8.07 -7.46 4.90
N GLY A 31 -8.81 -7.03 5.89
CA GLY A 31 -8.30 -7.05 7.29
C GLY A 31 -9.48 -7.23 8.24
N VAL A 32 -9.22 -7.35 9.53
CA VAL A 32 -10.36 -7.54 10.50
C VAL A 32 -10.16 -6.62 11.73
N ALA A 33 -11.26 -6.25 12.35
CA ALA A 33 -11.21 -5.35 13.55
C ALA A 33 -10.03 -5.68 14.49
N GLY A 34 -9.04 -4.82 14.54
CA GLY A 34 -7.89 -5.03 15.47
C GLY A 34 -7.26 -6.39 15.28
N VAL A 35 -6.87 -6.73 14.07
CA VAL A 35 -6.21 -8.05 13.82
C VAL A 35 -4.88 -7.78 13.07
N PRO A 36 -3.74 -8.24 13.59
CA PRO A 36 -2.46 -8.00 12.90
C PRO A 36 -2.52 -8.55 11.48
N ALA A 37 -2.17 -7.75 10.50
CA ALA A 37 -2.21 -8.23 9.08
C ALA A 37 -0.92 -7.83 8.36
N GLU A 38 -0.58 -8.51 7.30
CA GLU A 38 0.68 -8.15 6.58
C GLU A 38 0.66 -8.68 5.15
N PHE A 39 1.54 -8.16 4.34
CA PHE A 39 1.66 -8.64 2.93
C PHE A 39 3.15 -8.70 2.61
N SER A 40 3.48 -9.07 1.41
CA SER A 40 4.93 -9.17 1.02
C SER A 40 5.24 -8.23 -0.13
N ILE A 41 6.44 -7.68 -0.15
CA ILE A 41 6.85 -6.75 -1.24
C ILE A 41 8.34 -6.99 -1.55
N TRP A 42 8.67 -7.20 -2.80
CA TRP A 42 10.11 -7.42 -3.18
C TRP A 42 10.48 -6.46 -4.32
N THR A 43 11.65 -5.88 -4.26
CA THR A 43 12.04 -4.93 -5.34
C THR A 43 13.56 -4.72 -5.32
N ARG A 44 14.17 -4.66 -6.47
CA ARG A 44 15.65 -4.46 -6.53
C ARG A 44 16.07 -4.23 -7.98
N GLU A 45 15.69 -3.13 -8.55
CA GLU A 45 16.06 -2.84 -9.97
C GLU A 45 16.10 -1.34 -10.20
N ALA A 46 15.05 -0.64 -9.85
CA ALA A 46 15.03 0.83 -10.05
C ALA A 46 16.22 1.45 -9.32
N GLY A 47 16.41 1.10 -8.07
CA GLY A 47 17.56 1.64 -7.28
C GLY A 47 17.03 2.49 -6.12
N ALA A 48 17.86 3.31 -5.54
CA ALA A 48 17.41 4.15 -4.41
C ALA A 48 16.16 4.93 -4.81
N GLY A 49 15.32 5.26 -3.88
CA GLY A 49 14.09 6.01 -4.21
C GLY A 49 13.32 6.35 -2.93
N GLY A 50 12.06 6.70 -3.05
CA GLY A 50 11.24 7.04 -1.85
C GLY A 50 9.83 6.48 -2.00
N LEU A 51 9.44 5.61 -1.11
CA LEU A 51 8.07 5.02 -1.18
C LEU A 51 7.16 5.76 -0.20
N SER A 52 6.38 6.69 -0.70
CA SER A 52 5.45 7.46 0.19
C SER A 52 4.17 6.67 0.37
N ILE A 53 3.56 6.67 1.55
CA ILE A 53 2.30 5.89 1.73
C ILE A 53 1.25 6.76 2.44
N ALA A 54 0.15 7.03 1.77
CA ALA A 54 -0.93 7.87 2.37
C ALA A 54 -2.11 6.96 2.72
N VAL A 55 -2.31 6.68 3.98
CA VAL A 55 -3.43 5.78 4.40
C VAL A 55 -4.57 6.61 5.02
N GLU A 56 -5.80 6.30 4.69
CA GLU A 56 -6.97 7.02 5.28
C GLU A 56 -7.97 5.98 5.76
N GLY A 57 -8.62 6.24 6.85
CA GLY A 57 -9.61 5.28 7.39
C GLY A 57 -10.07 5.76 8.77
N PRO A 58 -10.95 5.01 9.40
CA PRO A 58 -11.47 5.36 10.74
C PRO A 58 -10.34 5.35 11.77
N SER A 59 -9.28 4.65 11.49
CA SER A 59 -8.15 4.59 12.46
C SER A 59 -6.82 4.57 11.71
N LYS A 60 -5.74 4.81 12.40
CA LYS A 60 -4.40 4.80 11.74
C LYS A 60 -3.84 3.38 11.74
N ALA A 61 -3.87 2.74 10.60
CA ALA A 61 -3.34 1.35 10.52
C ALA A 61 -1.83 1.36 10.75
N GLU A 62 -1.38 0.79 11.84
CA GLU A 62 0.09 0.76 12.11
C GLU A 62 0.81 0.17 10.90
N ILE A 63 2.12 0.21 10.90
CA ILE A 63 2.91 -0.36 9.75
C ILE A 63 4.17 -1.00 10.32
N ALA A 64 4.75 -1.96 9.63
CA ALA A 64 5.99 -2.61 10.18
C ALA A 64 6.88 -3.07 9.03
N PHE A 65 8.05 -3.58 9.34
CA PHE A 65 8.99 -4.05 8.27
C PHE A 65 9.64 -5.36 8.72
N GLU A 66 9.53 -6.40 7.94
CA GLU A 66 10.13 -7.71 8.31
C GLU A 66 10.73 -8.38 7.07
N ASP A 67 11.99 -8.70 7.11
CA ASP A 67 12.64 -9.37 5.94
C ASP A 67 12.73 -10.87 6.19
N ARG A 68 11.86 -11.64 5.60
CA ARG A 68 11.89 -13.12 5.81
C ARG A 68 12.78 -13.77 4.76
N LYS A 69 13.10 -13.06 3.70
CA LYS A 69 13.97 -13.63 2.62
C LYS A 69 15.15 -12.69 2.36
N ASP A 70 15.27 -11.65 3.13
CA ASP A 70 16.39 -10.68 2.91
C ASP A 70 16.09 -9.86 1.65
N GLY A 71 15.18 -10.33 0.84
CA GLY A 71 14.81 -9.61 -0.43
C GLY A 71 13.30 -9.36 -0.45
N SER A 72 12.57 -10.06 0.37
CA SER A 72 11.08 -9.87 0.41
C SER A 72 10.73 -8.90 1.54
N CYS A 73 10.49 -7.66 1.21
CA CYS A 73 10.13 -6.67 2.26
C CYS A 73 8.73 -6.96 2.78
N GLY A 74 8.63 -7.40 4.01
CA GLY A 74 7.28 -7.71 4.59
C GLY A 74 6.74 -6.47 5.32
N VAL A 75 5.67 -5.92 4.83
CA VAL A 75 5.07 -4.71 5.48
C VAL A 75 3.90 -5.15 6.36
N SER A 76 4.10 -5.22 7.65
CA SER A 76 3.00 -5.64 8.56
C SER A 76 2.25 -4.40 9.04
N TYR A 77 0.95 -4.46 9.07
CA TYR A 77 0.13 -3.30 9.52
C TYR A 77 -0.97 -3.82 10.44
N VAL A 78 -1.61 -2.94 11.17
CA VAL A 78 -2.70 -3.37 12.10
C VAL A 78 -3.85 -2.35 12.06
N VAL A 79 -4.97 -2.72 11.51
CA VAL A 79 -6.12 -1.79 11.44
C VAL A 79 -6.92 -1.88 12.74
N GLN A 80 -7.63 -0.83 13.09
CA GLN A 80 -8.40 -0.85 14.36
C GLN A 80 -9.84 -1.30 14.12
N GLU A 81 -10.54 -0.75 13.15
CA GLU A 81 -11.97 -1.17 12.92
C GLU A 81 -12.35 -1.09 11.43
N PRO A 82 -13.28 -1.95 11.01
CA PRO A 82 -13.78 -1.97 9.62
C PRO A 82 -13.94 -0.60 9.00
N GLY A 83 -14.15 -0.59 7.71
CA GLY A 83 -14.32 0.67 6.96
C GLY A 83 -13.65 0.52 5.60
N ASP A 84 -13.58 1.58 4.84
CA ASP A 84 -12.92 1.53 3.50
C ASP A 84 -11.55 2.18 3.63
N TYR A 85 -10.55 1.42 3.96
CA TYR A 85 -9.19 1.99 4.12
C TYR A 85 -8.64 2.29 2.71
N GLU A 86 -8.09 3.46 2.53
CA GLU A 86 -7.54 3.87 1.20
C GLU A 86 -6.04 4.03 1.32
N VAL A 87 -5.28 3.22 0.62
CA VAL A 87 -3.79 3.30 0.68
C VAL A 87 -3.23 3.74 -0.67
N SER A 88 -2.20 4.55 -0.65
CA SER A 88 -1.58 5.04 -1.93
C SER A 88 -0.07 4.96 -1.81
N ILE A 89 0.54 4.00 -2.47
CA ILE A 89 2.02 3.85 -2.41
C ILE A 89 2.65 4.18 -3.76
N LYS A 90 3.73 4.91 -3.76
CA LYS A 90 4.42 5.28 -5.02
C LYS A 90 5.92 5.15 -4.81
N PHE A 91 6.59 4.34 -5.58
CA PHE A 91 8.06 4.24 -5.41
C PHE A 91 8.70 5.43 -6.12
N ASN A 92 9.04 6.45 -5.39
CA ASN A 92 9.64 7.66 -6.01
C ASN A 92 8.57 8.40 -6.84
N ASP A 93 7.35 8.42 -6.35
CA ASP A 93 6.24 9.12 -7.08
C ASP A 93 5.70 8.28 -8.23
N GLU A 94 6.02 7.01 -8.29
CA GLU A 94 5.45 6.15 -9.39
C GLU A 94 4.28 5.39 -8.79
N HIS A 95 3.09 5.89 -9.00
CA HIS A 95 1.88 5.25 -8.42
C HIS A 95 1.62 3.89 -9.06
N ILE A 96 1.98 2.84 -8.37
CA ILE A 96 1.72 1.47 -8.92
C ILE A 96 0.22 1.41 -9.27
N PRO A 97 -0.15 0.83 -10.41
CA PRO A 97 -1.57 0.76 -10.81
C PRO A 97 -2.47 0.44 -9.61
N ASP A 98 -2.05 -0.43 -8.74
CA ASP A 98 -2.90 -0.74 -7.54
C ASP A 98 -3.32 0.56 -6.89
N SER A 99 -2.40 1.28 -6.33
CA SER A 99 -2.75 2.54 -5.63
C SER A 99 -3.48 3.49 -6.60
N PRO A 100 -4.48 4.22 -6.15
CA PRO A 100 -5.03 4.17 -4.76
C PRO A 100 -6.07 3.04 -4.68
N PHE A 101 -5.85 1.97 -3.91
CA PHE A 101 -6.89 0.88 -3.84
C PHE A 101 -7.50 0.83 -2.44
N VAL A 102 -8.69 0.30 -2.34
CA VAL A 102 -9.40 0.25 -1.03
C VAL A 102 -9.04 -1.05 -0.29
N VAL A 103 -8.97 -0.98 1.01
CA VAL A 103 -8.65 -2.17 1.84
C VAL A 103 -9.82 -2.41 2.80
N PRO A 104 -10.84 -3.14 2.37
CA PRO A 104 -12.03 -3.38 3.20
C PRO A 104 -11.69 -4.21 4.45
N VAL A 105 -11.76 -3.60 5.59
CA VAL A 105 -11.51 -4.34 6.86
C VAL A 105 -12.88 -4.75 7.41
N ALA A 106 -13.01 -5.94 7.97
CA ALA A 106 -14.36 -6.41 8.45
C ALA A 106 -14.28 -7.03 9.87
N SER A 107 -15.19 -6.65 10.72
CA SER A 107 -15.25 -7.19 12.11
C SER A 107 -16.34 -8.25 12.13
N LEU A 108 -16.01 -9.44 11.76
CA LEU A 108 -17.03 -10.53 11.72
C LEU A 108 -18.05 -10.17 10.64
N SER A 109 -17.86 -9.05 10.00
CA SER A 109 -18.80 -8.61 8.91
C SER A 109 -18.30 -9.17 7.59
N ASP A 110 -17.03 -9.44 7.48
CA ASP A 110 -16.50 -9.96 6.20
C ASP A 110 -16.90 -8.99 5.09
N ASP A 111 -17.41 -7.85 5.47
CA ASP A 111 -17.83 -6.85 4.47
C ASP A 111 -18.12 -5.51 5.17
N ALA A 112 -18.63 -5.54 6.39
CA ALA A 112 -18.92 -4.26 7.12
C ALA A 112 -19.40 -3.17 6.16
N ARG A 113 -20.63 -3.22 5.74
CA ARG A 113 -21.14 -2.20 4.78
C ARG A 113 -21.57 -0.94 5.55
N ARG A 114 -21.79 0.13 4.84
CA ARG A 114 -22.21 1.42 5.48
C ARG A 114 -23.67 1.70 5.10
N LEU A 115 -24.29 0.78 4.42
CA LEU A 115 -25.73 0.94 3.98
C LEU A 115 -26.54 -0.26 4.48
N THR A 116 -25.89 -1.39 4.66
CA THR A 116 -26.59 -2.61 5.15
C THR A 116 -26.14 -2.84 6.58
N VAL A 117 -24.98 -3.39 6.75
CA VAL A 117 -24.46 -3.57 8.13
C VAL A 117 -24.34 -2.17 8.72
N THR A 118 -24.53 -1.18 7.88
CA THR A 118 -24.47 0.23 8.29
C THR A 118 -23.38 0.45 9.34
N SER A 119 -22.17 0.13 8.99
CA SER A 119 -21.04 0.31 9.94
C SER A 119 -21.11 -0.76 11.03
N MET B 1 -28.65 13.25 11.80
CA MET B 1 -28.35 12.93 10.37
C MET B 1 -27.57 11.61 10.30
N ALA B 2 -27.56 10.86 11.37
CA ALA B 2 -26.82 9.57 11.37
C ALA B 2 -25.33 9.83 11.09
N SER B 3 -24.48 9.59 12.05
CA SER B 3 -23.02 9.82 11.84
C SER B 3 -22.80 11.20 11.21
N LYS B 4 -22.46 12.17 12.01
CA LYS B 4 -22.23 13.55 11.46
C LYS B 4 -21.32 13.44 10.21
N PRO B 5 -21.39 14.41 9.32
CA PRO B 5 -20.56 14.40 8.09
C PRO B 5 -19.06 14.31 8.47
N GLU B 6 -18.20 14.90 7.69
CA GLU B 6 -16.73 14.85 7.96
C GLU B 6 -16.16 13.53 7.44
N LYS B 7 -14.91 13.52 7.06
CA LYS B 7 -14.29 12.27 6.53
C LYS B 7 -13.93 11.34 7.70
N ARG B 8 -12.98 10.46 7.48
CA ARG B 8 -12.57 9.51 8.56
C ARG B 8 -11.27 10.01 9.19
N VAL B 9 -10.73 9.25 10.11
CA VAL B 9 -9.46 9.66 10.74
C VAL B 9 -8.40 9.78 9.63
N ALA B 10 -7.33 10.50 9.88
CA ALA B 10 -6.27 10.67 8.82
C ALA B 10 -4.94 10.06 9.28
N SER B 11 -4.22 9.45 8.37
CA SER B 11 -2.91 8.83 8.74
C SER B 11 -1.92 9.03 7.59
N SER B 12 -0.73 9.49 7.88
CA SER B 12 0.28 9.71 6.81
C SER B 12 1.67 9.28 7.30
N VAL B 13 2.27 8.34 6.63
CA VAL B 13 3.62 7.87 7.05
C VAL B 13 4.27 7.12 5.90
N PHE B 14 5.54 6.83 6.00
CA PHE B 14 6.22 6.10 4.90
C PHE B 14 7.68 5.79 5.23
N ILE B 15 8.40 5.30 4.25
CA ILE B 15 9.83 4.97 4.42
C ILE B 15 10.58 5.33 3.13
N THR B 16 11.89 5.22 3.12
CA THR B 16 12.66 5.56 1.88
C THR B 16 13.90 4.67 1.79
N LEU B 17 14.21 4.21 0.60
CA LEU B 17 15.41 3.33 0.43
C LEU B 17 16.63 4.21 0.13
N ALA B 18 17.73 3.95 0.79
CA ALA B 18 18.94 4.78 0.56
C ALA B 18 20.15 4.13 1.25
N PRO B 19 20.75 3.12 0.62
CA PRO B 19 21.90 2.43 1.22
C PRO B 19 23.04 3.44 1.51
N PRO B 20 23.36 3.70 2.76
CA PRO B 20 24.43 4.67 3.09
C PRO B 20 25.79 4.14 2.63
N ARG B 21 26.24 3.06 3.21
CA ARG B 21 27.56 2.49 2.81
C ARG B 21 27.63 2.37 1.29
N ARG B 22 28.79 2.56 0.72
CA ARG B 22 28.94 2.47 -0.77
C ARG B 22 30.34 1.95 -1.11
N ASP B 23 30.64 0.73 -0.73
CA ASP B 23 31.99 0.18 -1.03
C ASP B 23 32.09 -0.11 -2.54
N VAL B 24 33.29 -0.23 -3.04
CA VAL B 24 33.45 -0.51 -4.50
C VAL B 24 32.78 -1.84 -4.85
N GLY A 1 12.42 9.14 -29.79
CA GLY A 1 11.06 8.91 -30.44
C GLY A 1 10.83 7.70 -31.28
N ILE A 2 11.55 6.65 -31.01
CA ILE A 2 11.37 5.40 -31.78
C ILE A 2 12.21 4.30 -31.12
N PRO A 3 12.06 4.15 -29.81
CA PRO A 3 12.80 3.13 -29.08
C PRO A 3 12.57 1.78 -29.72
N GLU A 4 11.46 1.17 -29.46
CA GLU A 4 11.22 -0.20 -29.99
C GLU A 4 12.13 -1.10 -29.16
N PHE A 5 13.06 -0.45 -28.51
CA PHE A 5 14.00 -1.07 -27.59
C PHE A 5 13.30 -1.01 -26.23
N PHE A 6 12.01 -0.80 -26.32
CA PHE A 6 11.16 -0.64 -25.11
C PHE A 6 11.84 0.29 -24.12
N GLN A 7 11.52 0.15 -22.87
CA GLN A 7 12.09 1.07 -21.83
C GLN A 7 11.19 2.29 -21.86
N PHE A 8 10.34 2.32 -22.84
CA PHE A 8 9.38 3.44 -22.99
C PHE A 8 8.17 2.92 -23.77
N THR A 9 8.41 2.07 -24.72
CA THR A 9 7.31 1.46 -25.48
C THR A 9 6.98 0.15 -24.79
N VAL A 10 7.67 -0.09 -23.70
CA VAL A 10 7.46 -1.35 -22.92
C VAL A 10 5.96 -1.61 -22.80
N GLY A 11 5.18 -0.58 -22.66
CA GLY A 11 3.70 -0.72 -22.54
C GLY A 11 3.19 0.30 -21.51
N PRO A 12 3.24 -0.04 -20.24
CA PRO A 12 2.84 0.91 -19.17
C PRO A 12 3.84 2.06 -19.13
N LEU A 13 4.27 2.51 -20.28
CA LEU A 13 5.26 3.62 -20.42
C LEU A 13 6.20 3.65 -19.21
N GLY A 14 6.60 2.51 -18.73
CA GLY A 14 7.51 2.45 -17.56
C GLY A 14 6.76 2.90 -16.31
N GLU A 15 5.90 3.87 -16.44
CA GLU A 15 5.15 4.35 -15.27
C GLU A 15 6.13 4.81 -14.19
N GLY A 16 7.40 4.78 -14.50
CA GLY A 16 8.43 5.23 -13.52
C GLY A 16 8.47 4.28 -12.32
N GLY A 17 9.29 3.26 -12.38
CA GLY A 17 9.41 2.31 -11.24
C GLY A 17 8.09 1.56 -11.01
N ALA A 18 6.99 2.25 -10.98
CA ALA A 18 5.68 1.58 -10.75
C ALA A 18 5.57 0.33 -11.63
N HIS A 19 6.47 0.15 -12.57
CA HIS A 19 6.41 -1.04 -13.43
C HIS A 19 7.11 -2.22 -12.74
N LYS A 20 8.30 -2.01 -12.22
CA LYS A 20 9.02 -3.13 -11.54
C LYS A 20 8.55 -3.26 -10.10
N VAL A 21 7.68 -2.39 -9.65
CA VAL A 21 7.19 -2.49 -8.24
C VAL A 21 6.16 -3.60 -8.14
N ARG A 22 6.48 -4.65 -7.43
CA ARG A 22 5.53 -5.80 -7.28
C ARG A 22 4.84 -5.69 -5.91
N ALA A 23 3.56 -5.97 -5.88
CA ALA A 23 2.80 -5.91 -4.60
C ALA A 23 1.70 -6.96 -4.64
N GLY A 24 1.80 -7.98 -3.82
CA GLY A 24 0.76 -9.04 -3.83
C GLY A 24 0.75 -9.79 -2.50
N GLY A 25 -0.41 -9.92 -1.89
CA GLY A 25 -0.48 -10.65 -0.58
C GLY A 25 -1.94 -10.67 -0.10
N THR A 26 -2.18 -11.26 1.04
CA THR A 26 -3.58 -11.32 1.56
C THR A 26 -3.94 -9.95 2.15
N GLY A 27 -2.96 -9.18 2.51
CA GLY A 27 -3.24 -7.84 3.09
C GLY A 27 -3.78 -6.93 1.99
N LEU A 28 -3.46 -7.24 0.76
CA LEU A 28 -3.94 -6.41 -0.38
C LEU A 28 -5.34 -6.89 -0.77
N GLU A 29 -6.07 -7.43 0.18
CA GLU A 29 -7.46 -7.93 -0.13
C GLU A 29 -8.41 -7.54 1.01
N ARG A 30 -8.20 -8.05 2.19
CA ARG A 30 -9.13 -7.71 3.33
C ARG A 30 -8.37 -7.77 4.66
N GLY A 31 -8.95 -7.22 5.70
CA GLY A 31 -8.30 -7.25 7.05
C GLY A 31 -9.39 -7.54 8.07
N VAL A 32 -9.03 -7.80 9.31
CA VAL A 32 -10.09 -8.10 10.34
C VAL A 32 -9.83 -7.32 11.63
N ALA A 33 -10.88 -7.03 12.35
CA ALA A 33 -10.78 -6.25 13.63
C ALA A 33 -9.56 -6.68 14.47
N GLY A 34 -8.64 -5.78 14.63
CA GLY A 34 -7.44 -6.04 15.47
C GLY A 34 -6.75 -7.32 15.06
N VAL A 35 -6.47 -7.49 13.79
CA VAL A 35 -5.77 -8.72 13.31
C VAL A 35 -4.54 -8.30 12.49
N PRO A 36 -3.34 -8.76 12.82
CA PRO A 36 -2.14 -8.38 12.05
C PRO A 36 -2.32 -8.79 10.57
N ALA A 37 -2.49 -7.82 9.70
CA ALA A 37 -2.67 -8.13 8.25
C ALA A 37 -1.39 -7.71 7.53
N GLU A 38 -0.95 -8.46 6.55
CA GLU A 38 0.31 -8.06 5.85
C GLU A 38 0.30 -8.54 4.41
N PHE A 39 1.24 -8.06 3.66
CA PHE A 39 1.38 -8.47 2.25
C PHE A 39 2.84 -8.29 1.86
N SER A 40 3.19 -8.71 0.68
CA SER A 40 4.61 -8.61 0.24
C SER A 40 4.79 -7.41 -0.71
N ILE A 41 5.96 -6.83 -0.72
CA ILE A 41 6.24 -5.68 -1.63
C ILE A 41 7.67 -5.78 -2.14
N TRP A 42 7.87 -6.43 -3.25
CA TRP A 42 9.25 -6.55 -3.80
C TRP A 42 9.48 -5.40 -4.80
N THR A 43 10.46 -4.58 -4.53
CA THR A 43 10.73 -3.43 -5.45
C THR A 43 12.20 -3.03 -5.37
N ARG A 44 12.95 -3.30 -6.40
CA ARG A 44 14.40 -2.95 -6.38
C ARG A 44 15.00 -3.17 -7.77
N GLU A 45 14.84 -2.24 -8.66
CA GLU A 45 15.42 -2.41 -10.03
C GLU A 45 15.56 -1.05 -10.71
N ALA A 46 14.55 -0.22 -10.66
CA ALA A 46 14.64 1.12 -11.30
C ALA A 46 15.73 1.94 -10.61
N GLY A 47 15.75 1.93 -9.31
CA GLY A 47 16.79 2.71 -8.60
C GLY A 47 16.37 2.97 -7.16
N ALA A 48 16.85 4.04 -6.58
CA ALA A 48 16.49 4.36 -5.16
C ALA A 48 15.34 5.38 -5.15
N GLY A 49 14.61 5.46 -4.08
CA GLY A 49 13.48 6.43 -4.03
C GLY A 49 12.81 6.34 -2.65
N GLY A 50 11.89 7.22 -2.39
CA GLY A 50 11.18 7.21 -1.06
C GLY A 50 9.77 6.65 -1.24
N LEU A 51 9.46 5.58 -0.55
CA LEU A 51 8.09 5.00 -0.67
C LEU A 51 7.21 5.64 0.40
N SER A 52 6.30 6.48 0.01
CA SER A 52 5.40 7.15 0.98
C SER A 52 4.13 6.30 1.15
N ILE A 53 3.61 6.20 2.36
CA ILE A 53 2.38 5.37 2.58
C ILE A 53 1.35 6.21 3.35
N ALA A 54 0.38 6.75 2.67
CA ALA A 54 -0.65 7.57 3.36
C ALA A 54 -1.85 6.67 3.69
N VAL A 55 -2.00 6.34 4.95
CA VAL A 55 -3.13 5.45 5.36
C VAL A 55 -4.25 6.30 5.98
N GLU A 56 -5.48 5.93 5.73
CA GLU A 56 -6.62 6.67 6.31
C GLU A 56 -7.69 5.65 6.70
N GLY A 57 -8.42 5.88 7.77
CA GLY A 57 -9.44 4.88 8.19
C GLY A 57 -9.91 5.20 9.62
N PRO A 58 -10.71 4.31 10.18
CA PRO A 58 -11.24 4.48 11.54
C PRO A 58 -10.14 4.49 12.61
N SER A 59 -9.08 3.73 12.43
CA SER A 59 -7.99 3.70 13.46
C SER A 59 -6.62 3.87 12.80
N LYS A 60 -5.59 3.91 13.60
CA LYS A 60 -4.21 4.07 13.05
C LYS A 60 -3.57 2.70 12.85
N ALA A 61 -3.63 2.18 11.65
CA ALA A 61 -3.00 0.85 11.40
C ALA A 61 -1.51 0.93 11.67
N GLU A 62 -0.96 0.01 12.41
CA GLU A 62 0.50 0.07 12.72
C GLU A 62 1.29 -0.68 11.63
N ILE A 63 1.77 0.04 10.65
CA ILE A 63 2.56 -0.56 9.54
C ILE A 63 3.82 -1.21 10.12
N ALA A 64 4.40 -2.18 9.44
CA ALA A 64 5.62 -2.84 9.95
C ALA A 64 6.53 -3.20 8.77
N PHE A 65 7.73 -3.65 9.04
CA PHE A 65 8.67 -4.02 7.93
C PHE A 65 9.57 -5.17 8.40
N GLU A 66 9.47 -6.31 7.78
CA GLU A 66 10.32 -7.47 8.19
C GLU A 66 10.78 -8.25 6.95
N ASP A 67 12.01 -8.11 6.57
CA ASP A 67 12.51 -8.85 5.38
C ASP A 67 12.89 -10.28 5.81
N ARG A 68 12.10 -11.25 5.43
CA ARG A 68 12.39 -12.67 5.82
C ARG A 68 12.79 -13.46 4.56
N LYS A 69 12.64 -12.88 3.40
CA LYS A 69 13.01 -13.57 2.13
C LYS A 69 14.25 -12.92 1.54
N ASP A 70 14.65 -11.80 2.08
CA ASP A 70 15.86 -11.11 1.55
C ASP A 70 15.60 -10.64 0.12
N GLY A 71 14.45 -10.96 -0.41
CA GLY A 71 14.13 -10.56 -1.80
C GLY A 71 12.66 -10.14 -1.89
N SER A 72 12.05 -9.86 -0.76
CA SER A 72 10.63 -9.44 -0.75
C SER A 72 10.36 -8.64 0.52
N CYS A 73 10.04 -7.39 0.39
CA CYS A 73 9.77 -6.57 1.61
C CYS A 73 8.37 -6.91 2.13
N GLY A 74 8.27 -7.21 3.41
CA GLY A 74 6.94 -7.57 4.00
C GLY A 74 6.40 -6.39 4.82
N VAL A 75 5.31 -5.83 4.37
CA VAL A 75 4.70 -4.68 5.11
C VAL A 75 3.50 -5.19 5.92
N SER A 76 3.63 -5.24 7.22
CA SER A 76 2.51 -5.73 8.08
C SER A 76 1.83 -4.54 8.74
N TYR A 77 0.53 -4.45 8.61
CA TYR A 77 -0.25 -3.33 9.22
C TYR A 77 -1.39 -3.93 10.03
N VAL A 78 -1.54 -3.54 11.28
CA VAL A 78 -2.64 -4.10 12.13
C VAL A 78 -3.75 -3.07 12.28
N VAL A 79 -4.87 -3.33 11.66
CA VAL A 79 -6.01 -2.37 11.76
C VAL A 79 -6.78 -2.61 13.05
N GLN A 80 -7.59 -1.68 13.47
CA GLN A 80 -8.35 -1.84 14.75
C GLN A 80 -9.76 -2.39 14.49
N GLU A 81 -10.51 -1.80 13.59
CA GLU A 81 -11.90 -2.32 13.35
C GLU A 81 -12.37 -2.03 11.90
N PRO A 82 -13.33 -2.84 11.43
CA PRO A 82 -13.91 -2.71 10.08
C PRO A 82 -14.08 -1.27 9.63
N GLY A 83 -14.22 -1.11 8.34
CA GLY A 83 -14.40 0.26 7.77
C GLY A 83 -13.76 0.29 6.38
N ASP A 84 -13.55 1.47 5.86
CA ASP A 84 -12.92 1.61 4.51
C ASP A 84 -11.51 2.15 4.68
N TYR A 85 -10.54 1.28 4.84
CA TYR A 85 -9.14 1.76 5.01
C TYR A 85 -8.62 2.17 3.64
N GLU A 86 -8.06 3.35 3.56
CA GLU A 86 -7.51 3.88 2.26
C GLU A 86 -5.99 3.86 2.34
N VAL A 87 -5.33 3.27 1.38
CA VAL A 87 -3.84 3.20 1.40
C VAL A 87 -3.28 3.77 0.09
N SER A 88 -2.20 4.51 0.19
CA SER A 88 -1.57 5.10 -1.04
C SER A 88 -0.06 4.88 -0.99
N ILE A 89 0.44 3.95 -1.78
CA ILE A 89 1.90 3.66 -1.80
C ILE A 89 2.48 4.07 -3.16
N LYS A 90 3.54 4.82 -3.13
CA LYS A 90 4.18 5.27 -4.40
C LYS A 90 5.69 5.20 -4.22
N PHE A 91 6.39 4.50 -5.06
CA PHE A 91 7.87 4.44 -4.90
C PHE A 91 8.45 5.66 -5.62
N ASN A 92 8.83 6.67 -4.88
CA ASN A 92 9.37 7.91 -5.51
C ASN A 92 8.22 8.66 -6.17
N ASP A 93 7.05 8.64 -5.57
CA ASP A 93 5.87 9.36 -6.14
C ASP A 93 5.28 8.60 -7.34
N GLU A 94 5.62 7.35 -7.52
CA GLU A 94 5.01 6.60 -8.66
C GLU A 94 3.86 5.77 -8.09
N HIS A 95 2.65 6.24 -8.25
CA HIS A 95 1.49 5.51 -7.69
C HIS A 95 1.25 4.23 -8.50
N ILE A 96 1.56 3.10 -7.95
CA ILE A 96 1.35 1.83 -8.71
C ILE A 96 -0.14 1.76 -9.12
N PRO A 97 -0.45 1.11 -10.23
CA PRO A 97 -1.86 0.99 -10.67
C PRO A 97 -2.70 0.40 -9.53
N ASP A 98 -3.10 1.23 -8.61
CA ASP A 98 -3.90 0.76 -7.44
C ASP A 98 -4.09 1.94 -6.50
N SER A 99 -3.03 2.45 -5.96
CA SER A 99 -3.14 3.58 -5.00
C SER A 99 -3.83 4.78 -5.68
N PRO A 100 -4.73 5.47 -4.98
CA PRO A 100 -5.20 5.18 -3.60
C PRO A 100 -6.41 4.22 -3.64
N PHE A 101 -6.29 3.00 -3.13
CA PHE A 101 -7.49 2.06 -3.14
C PHE A 101 -7.99 1.81 -1.73
N VAL A 102 -9.14 1.22 -1.60
CA VAL A 102 -9.73 0.96 -0.25
C VAL A 102 -9.37 -0.45 0.24
N VAL A 103 -9.30 -0.63 1.53
CA VAL A 103 -8.98 -1.97 2.12
C VAL A 103 -10.09 -2.31 3.14
N PRO A 104 -11.17 -2.92 2.68
CA PRO A 104 -12.30 -3.25 3.57
C PRO A 104 -11.89 -4.22 4.70
N VAL A 105 -11.92 -3.74 5.91
CA VAL A 105 -11.59 -4.61 7.09
C VAL A 105 -12.92 -5.16 7.61
N ALA A 106 -12.95 -6.39 8.11
CA ALA A 106 -14.24 -7.00 8.58
C ALA A 106 -14.06 -7.75 9.92
N SER A 107 -14.99 -7.58 10.82
CA SER A 107 -14.96 -8.27 12.14
C SER A 107 -16.07 -9.30 12.15
N LEU A 108 -15.93 -10.32 11.35
CA LEU A 108 -16.99 -11.36 11.23
C LEU A 108 -18.05 -10.80 10.28
N SER A 109 -17.85 -9.58 9.87
CA SER A 109 -18.78 -8.92 8.92
C SER A 109 -18.48 -9.41 7.50
N ASP A 110 -17.27 -9.80 7.25
CA ASP A 110 -16.90 -10.27 5.88
C ASP A 110 -17.44 -9.28 4.85
N ASP A 111 -17.78 -8.10 5.30
CA ASP A 111 -18.31 -7.08 4.37
C ASP A 111 -18.43 -5.74 5.12
N ALA A 112 -18.65 -5.77 6.41
CA ALA A 112 -18.77 -4.48 7.16
C ALA A 112 -19.80 -3.57 6.46
N ARG A 113 -21.01 -3.56 6.95
CA ARG A 113 -22.06 -2.72 6.32
C ARG A 113 -21.80 -1.23 6.63
N ARG A 114 -22.82 -0.42 6.52
CA ARG A 114 -22.66 1.04 6.79
C ARG A 114 -23.91 1.57 7.51
N LEU A 115 -24.83 0.69 7.82
CA LEU A 115 -26.10 1.10 8.51
C LEU A 115 -26.28 0.24 9.77
N THR A 116 -25.72 -0.95 9.77
CA THR A 116 -25.83 -1.87 10.95
C THR A 116 -24.47 -1.92 11.60
N VAL A 117 -23.58 -2.68 11.05
CA VAL A 117 -22.20 -2.72 11.58
C VAL A 117 -21.65 -1.31 11.44
N THR A 118 -22.40 -0.48 10.76
CA THR A 118 -22.03 0.94 10.53
C THR A 118 -20.52 1.08 10.34
N SER A 119 -20.01 0.44 9.33
CA SER A 119 -18.55 0.53 9.04
C SER A 119 -17.77 -0.27 10.09
N MET B 1 -28.98 13.79 4.13
CA MET B 1 -27.62 14.20 4.59
C MET B 1 -27.68 14.54 6.08
N ALA B 2 -27.53 13.56 6.93
CA ALA B 2 -27.56 13.82 8.40
C ALA B 2 -26.22 14.40 8.85
N SER B 3 -26.24 15.49 9.56
CA SER B 3 -24.96 16.09 10.02
C SER B 3 -24.02 16.27 8.83
N LYS B 4 -22.86 16.83 9.06
CA LYS B 4 -21.91 17.02 7.93
C LYS B 4 -21.16 15.69 7.68
N PRO B 5 -20.80 15.40 6.44
CA PRO B 5 -20.07 14.16 6.12
C PRO B 5 -18.81 14.06 6.98
N GLU B 6 -18.82 13.21 7.98
CA GLU B 6 -17.62 13.07 8.86
C GLU B 6 -16.58 12.20 8.15
N LYS B 7 -15.33 12.33 8.53
CA LYS B 7 -14.24 11.52 7.90
C LYS B 7 -13.74 10.48 8.91
N ARG B 8 -12.97 9.53 8.45
CA ARG B 8 -12.45 8.49 9.38
C ARG B 8 -11.10 8.95 9.93
N VAL B 9 -10.64 8.38 11.00
CA VAL B 9 -9.32 8.81 11.56
C VAL B 9 -8.30 8.84 10.43
N ALA B 10 -7.22 9.55 10.60
CA ALA B 10 -6.18 9.66 9.51
C ALA B 10 -4.85 9.08 10.00
N SER B 11 -3.98 8.77 9.08
CA SER B 11 -2.66 8.20 9.46
C SER B 11 -1.63 8.54 8.37
N SER B 12 -0.42 8.86 8.75
CA SER B 12 0.62 9.21 7.74
C SER B 12 1.99 8.70 8.19
N VAL B 13 2.53 7.73 7.51
CA VAL B 13 3.86 7.19 7.88
C VAL B 13 4.46 6.47 6.67
N PHE B 14 5.72 6.13 6.71
CA PHE B 14 6.32 5.42 5.55
C PHE B 14 7.79 5.04 5.80
N ILE B 15 8.47 4.62 4.76
CA ILE B 15 9.90 4.22 4.87
C ILE B 15 10.64 4.68 3.59
N THR B 16 11.95 4.70 3.62
CA THR B 16 12.75 5.13 2.42
C THR B 16 13.66 3.99 1.96
N LEU B 17 13.72 3.75 0.67
CA LEU B 17 14.59 2.65 0.14
C LEU B 17 15.88 3.23 -0.47
N ALA B 18 16.99 2.56 -0.27
CA ALA B 18 18.26 3.06 -0.84
C ALA B 18 19.32 1.92 -0.76
N PRO B 19 20.14 1.73 -1.78
CA PRO B 19 21.16 0.66 -1.75
C PRO B 19 22.16 0.95 -0.60
N PRO B 20 22.63 -0.08 0.09
CA PRO B 20 23.60 0.12 1.18
C PRO B 20 24.89 0.72 0.60
N ARG B 21 25.43 0.10 -0.41
CA ARG B 21 26.68 0.61 -1.05
C ARG B 21 26.67 0.24 -2.54
N ARG B 22 26.43 1.20 -3.39
CA ARG B 22 26.41 0.90 -4.85
C ARG B 22 27.84 0.78 -5.39
N ASP B 23 28.81 0.79 -4.51
CA ASP B 23 30.23 0.68 -4.97
C ASP B 23 30.51 1.72 -6.05
N VAL B 24 31.08 1.32 -7.15
CA VAL B 24 31.38 2.29 -8.24
C VAL B 24 30.10 2.58 -9.03
N GLY A 1 12.74 5.03 -33.77
CA GLY A 1 13.35 4.12 -32.70
C GLY A 1 13.28 2.64 -32.85
N ILE A 2 14.08 1.92 -32.11
CA ILE A 2 14.05 0.44 -32.19
C ILE A 2 14.71 -0.11 -30.92
N PRO A 3 14.34 0.43 -29.77
CA PRO A 3 14.91 -0.04 -28.51
C PRO A 3 14.74 -1.54 -28.42
N GLU A 4 13.58 -1.98 -28.07
CA GLU A 4 13.37 -3.45 -27.88
C GLU A 4 14.07 -3.76 -26.56
N PHE A 5 14.92 -2.83 -26.20
CA PHE A 5 15.67 -2.86 -24.94
C PHE A 5 14.75 -2.16 -23.95
N PHE A 6 13.51 -2.06 -24.35
CA PHE A 6 12.48 -1.38 -23.54
C PHE A 6 13.04 -0.05 -23.03
N GLN A 7 12.51 0.42 -21.94
CA GLN A 7 12.95 1.74 -21.40
C GLN A 7 12.14 2.78 -22.16
N PHE A 8 11.48 2.30 -23.18
CA PHE A 8 10.62 3.17 -24.01
C PHE A 8 9.50 2.32 -24.59
N THR A 9 9.82 1.11 -24.93
CA THR A 9 8.80 0.18 -25.47
C THR A 9 8.35 -0.65 -24.28
N VAL A 10 8.85 -0.31 -23.12
CA VAL A 10 8.50 -1.04 -21.89
C VAL A 10 6.98 -1.25 -21.84
N GLY A 11 6.24 -0.22 -22.12
CA GLY A 11 4.74 -0.32 -22.13
C GLY A 11 4.15 0.79 -21.23
N PRO A 12 4.14 0.57 -19.93
CA PRO A 12 3.63 1.58 -18.98
C PRO A 12 4.55 2.80 -18.98
N LEU A 13 5.05 3.16 -20.14
CA LEU A 13 5.99 4.33 -20.25
C LEU A 13 6.95 4.30 -19.07
N GLY A 14 7.17 3.14 -18.53
CA GLY A 14 8.05 3.01 -17.34
C GLY A 14 7.33 3.63 -16.15
N GLU A 15 6.74 4.77 -16.36
CA GLU A 15 6.01 5.45 -15.25
C GLU A 15 6.91 5.47 -14.01
N GLY A 16 8.16 5.15 -14.17
CA GLY A 16 9.12 5.15 -13.03
C GLY A 16 8.67 4.21 -11.91
N GLY A 17 9.43 3.17 -11.67
CA GLY A 17 9.10 2.22 -10.57
C GLY A 17 7.82 1.43 -10.87
N ALA A 18 6.78 2.09 -11.24
CA ALA A 18 5.50 1.36 -11.53
C ALA A 18 5.77 0.20 -12.50
N HIS A 19 6.97 0.08 -13.00
CA HIS A 19 7.28 -1.02 -13.96
C HIS A 19 7.98 -2.18 -13.23
N LYS A 20 8.32 -2.02 -11.97
CA LYS A 20 9.02 -3.13 -11.23
C LYS A 20 8.44 -3.25 -9.82
N VAL A 21 7.41 -2.52 -9.50
CA VAL A 21 6.82 -2.61 -8.13
C VAL A 21 5.72 -3.66 -8.11
N ARG A 22 5.96 -4.73 -7.39
CA ARG A 22 4.95 -5.82 -7.29
C ARG A 22 4.29 -5.75 -5.92
N ALA A 23 3.00 -5.94 -5.87
CA ALA A 23 2.28 -5.89 -4.56
C ALA A 23 1.11 -6.87 -4.61
N GLY A 24 1.16 -7.91 -3.82
CA GLY A 24 0.04 -8.91 -3.82
C GLY A 24 0.00 -9.63 -2.48
N GLY A 25 -1.16 -9.70 -1.87
CA GLY A 25 -1.26 -10.41 -0.56
C GLY A 25 -2.70 -10.38 -0.06
N THR A 26 -2.94 -10.90 1.12
CA THR A 26 -4.32 -10.91 1.66
C THR A 26 -4.64 -9.54 2.25
N GLY A 27 -3.64 -8.81 2.66
CA GLY A 27 -3.89 -7.47 3.22
C GLY A 27 -4.37 -6.55 2.10
N LEU A 28 -4.18 -6.98 0.88
CA LEU A 28 -4.63 -6.16 -0.28
C LEU A 28 -6.03 -6.63 -0.69
N GLU A 29 -6.80 -7.09 0.26
CA GLU A 29 -8.18 -7.57 -0.05
C GLU A 29 -9.14 -7.12 1.06
N ARG A 30 -8.78 -7.32 2.30
CA ARG A 30 -9.68 -6.88 3.40
C ARG A 30 -9.01 -7.11 4.76
N GLY A 31 -9.66 -6.71 5.82
CA GLY A 31 -9.08 -6.90 7.18
C GLY A 31 -10.23 -7.10 8.18
N VAL A 32 -9.93 -7.38 9.42
CA VAL A 32 -11.02 -7.59 10.44
C VAL A 32 -10.69 -6.84 11.73
N ALA A 33 -11.72 -6.41 12.43
CA ALA A 33 -11.54 -5.65 13.71
C ALA A 33 -10.35 -6.17 14.54
N GLY A 34 -9.34 -5.36 14.69
CA GLY A 34 -8.17 -5.72 15.52
C GLY A 34 -7.60 -7.08 15.12
N VAL A 35 -7.34 -7.28 13.86
CA VAL A 35 -6.77 -8.58 13.40
C VAL A 35 -5.49 -8.30 12.58
N PRO A 36 -4.34 -8.81 12.97
CA PRO A 36 -3.10 -8.56 12.22
C PRO A 36 -3.26 -9.00 10.76
N ALA A 37 -2.73 -8.24 9.84
CA ALA A 37 -2.83 -8.60 8.40
C ALA A 37 -1.56 -8.14 7.70
N GLU A 38 -1.22 -8.71 6.57
CA GLU A 38 0.02 -8.29 5.88
C GLU A 38 -0.05 -8.59 4.39
N PHE A 39 0.91 -8.12 3.66
CA PHE A 39 0.97 -8.39 2.21
C PHE A 39 2.41 -8.25 1.76
N SER A 40 2.71 -8.69 0.58
CA SER A 40 4.12 -8.63 0.08
C SER A 40 4.32 -7.43 -0.85
N ILE A 41 5.53 -6.93 -0.90
CA ILE A 41 5.86 -5.78 -1.77
C ILE A 41 7.27 -5.98 -2.34
N TRP A 42 7.41 -6.69 -3.42
CA TRP A 42 8.76 -6.94 -4.00
C TRP A 42 9.06 -5.85 -5.03
N THR A 43 10.30 -5.48 -5.16
CA THR A 43 10.67 -4.41 -6.15
C THR A 43 12.17 -4.48 -6.44
N ARG A 44 12.91 -3.49 -6.01
CA ARG A 44 14.38 -3.50 -6.27
C ARG A 44 14.65 -3.70 -7.76
N GLU A 45 14.74 -2.63 -8.51
CA GLU A 45 15.02 -2.76 -9.96
C GLU A 45 15.27 -1.37 -10.57
N ALA A 46 14.31 -0.49 -10.49
CA ALA A 46 14.53 0.88 -11.05
C ALA A 46 15.74 1.50 -10.39
N GLY A 47 15.72 1.61 -9.09
CA GLY A 47 16.89 2.20 -8.38
C GLY A 47 16.43 2.88 -7.09
N ALA A 48 17.24 3.76 -6.56
CA ALA A 48 16.86 4.47 -5.30
C ALA A 48 15.49 5.12 -5.46
N GLY A 49 14.75 5.24 -4.39
CA GLY A 49 13.41 5.87 -4.48
C GLY A 49 12.79 5.96 -3.09
N GLY A 50 11.66 6.60 -2.97
CA GLY A 50 10.98 6.73 -1.65
C GLY A 50 9.54 6.26 -1.77
N LEU A 51 9.15 5.29 -0.98
CA LEU A 51 7.75 4.77 -1.05
C LEU A 51 6.90 5.50 -0.02
N SER A 52 6.15 6.49 -0.44
CA SER A 52 5.28 7.26 0.51
C SER A 52 3.98 6.48 0.69
N ILE A 53 3.43 6.45 1.89
CA ILE A 53 2.15 5.70 2.10
C ILE A 53 1.20 6.55 2.94
N ALA A 54 0.09 6.95 2.37
CA ALA A 54 -0.90 7.79 3.13
C ALA A 54 -2.08 6.92 3.54
N VAL A 55 -2.19 6.57 4.80
CA VAL A 55 -3.32 5.72 5.26
C VAL A 55 -4.39 6.60 5.94
N GLU A 56 -5.64 6.38 5.63
CA GLU A 56 -6.74 7.15 6.27
C GLU A 56 -7.83 6.16 6.68
N GLY A 57 -8.45 6.38 7.79
CA GLY A 57 -9.51 5.43 8.25
C GLY A 57 -9.93 5.79 9.67
N PRO A 58 -10.82 5.00 10.24
CA PRO A 58 -11.31 5.23 11.62
C PRO A 58 -10.19 5.16 12.65
N SER A 59 -9.16 4.41 12.39
CA SER A 59 -8.04 4.31 13.39
C SER A 59 -6.70 4.23 12.66
N LYS A 60 -5.63 4.48 13.38
CA LYS A 60 -4.28 4.42 12.75
C LYS A 60 -3.81 2.97 12.66
N ALA A 61 -3.63 2.46 11.48
CA ALA A 61 -3.19 1.05 11.33
C ALA A 61 -1.67 0.97 11.53
N GLU A 62 -1.22 0.08 12.37
CA GLU A 62 0.25 -0.05 12.60
C GLU A 62 0.90 -0.60 11.32
N ILE A 63 2.20 -0.62 11.24
CA ILE A 63 2.90 -1.14 10.03
C ILE A 63 4.11 -1.95 10.47
N ALA A 64 4.56 -2.89 9.68
CA ALA A 64 5.75 -3.70 10.10
C ALA A 64 6.51 -4.18 8.86
N PHE A 65 7.73 -3.72 8.69
CA PHE A 65 8.53 -4.14 7.51
C PHE A 65 9.38 -5.35 7.89
N GLU A 66 9.24 -6.45 7.20
CA GLU A 66 10.04 -7.67 7.52
C GLU A 66 10.46 -8.36 6.22
N ASP A 67 11.74 -8.51 6.00
CA ASP A 67 12.23 -9.18 4.76
C ASP A 67 12.28 -10.69 4.99
N ARG A 68 11.53 -11.45 4.24
CA ARG A 68 11.53 -12.93 4.41
C ARG A 68 12.43 -13.58 3.35
N LYS A 69 12.65 -12.88 2.26
CA LYS A 69 13.52 -13.44 1.16
C LYS A 69 14.65 -12.45 0.87
N ASP A 70 14.73 -11.39 1.63
CA ASP A 70 15.80 -10.39 1.39
C ASP A 70 15.46 -9.58 0.12
N GLY A 71 14.70 -10.19 -0.77
CA GLY A 71 14.32 -9.49 -2.03
C GLY A 71 12.84 -9.10 -1.97
N SER A 72 12.03 -9.91 -1.33
CA SER A 72 10.57 -9.59 -1.23
C SER A 72 10.31 -8.89 0.11
N CYS A 73 9.77 -7.69 0.07
CA CYS A 73 9.50 -6.95 1.34
C CYS A 73 8.09 -7.29 1.84
N GLY A 74 7.95 -7.53 3.12
CA GLY A 74 6.61 -7.88 3.70
C GLY A 74 6.15 -6.77 4.64
N VAL A 75 5.10 -6.07 4.28
CA VAL A 75 4.59 -4.97 5.16
C VAL A 75 3.40 -5.47 5.99
N SER A 76 3.62 -5.71 7.25
CA SER A 76 2.52 -6.21 8.13
C SER A 76 1.88 -5.01 8.85
N TYR A 77 0.57 -4.95 8.89
CA TYR A 77 -0.12 -3.81 9.57
C TYR A 77 -1.26 -4.35 10.43
N VAL A 78 -1.89 -3.51 11.22
CA VAL A 78 -3.01 -4.00 12.07
C VAL A 78 -4.14 -2.95 12.10
N VAL A 79 -5.30 -3.31 11.63
CA VAL A 79 -6.44 -2.35 11.62
C VAL A 79 -7.16 -2.44 12.97
N GLN A 80 -7.80 -1.38 13.41
CA GLN A 80 -8.50 -1.42 14.72
C GLN A 80 -9.98 -1.76 14.55
N GLU A 81 -10.68 -1.14 13.62
CA GLU A 81 -12.13 -1.47 13.45
C GLU A 81 -12.60 -1.19 12.00
N PRO A 82 -13.63 -1.92 11.56
CA PRO A 82 -14.20 -1.76 10.21
C PRO A 82 -14.29 -0.32 9.75
N GLY A 83 -14.50 -0.17 8.47
CA GLY A 83 -14.61 1.18 7.87
C GLY A 83 -14.00 1.14 6.46
N ASP A 84 -13.74 2.28 5.89
CA ASP A 84 -13.13 2.34 4.53
C ASP A 84 -11.69 2.82 4.66
N TYR A 85 -10.76 1.92 4.80
CA TYR A 85 -9.34 2.33 4.93
C TYR A 85 -8.81 2.66 3.54
N GLU A 86 -8.18 3.80 3.39
CA GLU A 86 -7.66 4.25 2.06
C GLU A 86 -6.13 4.32 2.13
N VAL A 87 -5.45 3.69 1.19
CA VAL A 87 -3.96 3.71 1.19
C VAL A 87 -3.46 4.23 -0.16
N SER A 88 -2.41 5.02 -0.14
CA SER A 88 -1.82 5.56 -1.40
C SER A 88 -0.32 5.31 -1.40
N ILE A 89 0.10 4.28 -2.10
CA ILE A 89 1.55 3.94 -2.16
C ILE A 89 2.14 4.34 -3.51
N LYS A 90 3.29 4.96 -3.51
CA LYS A 90 3.95 5.37 -4.77
C LYS A 90 5.46 5.21 -4.60
N PHE A 91 6.09 4.45 -5.43
CA PHE A 91 7.57 4.31 -5.29
C PHE A 91 8.23 5.52 -5.95
N ASN A 92 8.64 6.47 -5.17
CA ASN A 92 9.27 7.69 -5.74
C ASN A 92 8.18 8.52 -6.45
N ASP A 93 7.01 8.58 -5.87
CA ASP A 93 5.89 9.37 -6.48
C ASP A 93 5.30 8.65 -7.70
N GLU A 94 5.59 7.38 -7.88
CA GLU A 94 4.98 6.65 -9.03
C GLU A 94 3.78 5.88 -8.48
N HIS A 95 2.61 6.46 -8.61
CA HIS A 95 1.38 5.82 -8.06
C HIS A 95 0.98 4.63 -8.93
N ILE A 96 1.11 3.45 -8.40
CA ILE A 96 0.72 2.25 -9.19
C ILE A 96 -0.82 2.25 -9.33
N PRO A 97 -1.35 1.61 -10.35
CA PRO A 97 -2.82 1.58 -10.57
C PRO A 97 -3.53 1.26 -9.25
N ASP A 98 -2.95 0.43 -8.43
CA ASP A 98 -3.58 0.09 -7.14
C ASP A 98 -3.89 1.37 -6.37
N SER A 99 -2.88 2.11 -6.01
CA SER A 99 -3.15 3.34 -5.23
C SER A 99 -3.83 4.40 -6.13
N PRO A 100 -4.79 5.15 -5.62
CA PRO A 100 -5.33 5.05 -4.23
C PRO A 100 -6.47 4.00 -4.18
N PHE A 101 -6.35 2.92 -3.42
CA PHE A 101 -7.49 1.92 -3.34
C PHE A 101 -7.97 1.79 -1.90
N VAL A 102 -9.18 1.33 -1.72
CA VAL A 102 -9.75 1.21 -0.34
C VAL A 102 -9.48 -0.18 0.25
N VAL A 103 -9.49 -0.28 1.55
CA VAL A 103 -9.26 -1.58 2.24
C VAL A 103 -10.42 -1.80 3.23
N PRO A 104 -11.51 -2.37 2.78
CA PRO A 104 -12.69 -2.59 3.65
C PRO A 104 -12.38 -3.56 4.80
N VAL A 105 -12.37 -3.07 6.02
CA VAL A 105 -12.12 -3.95 7.19
C VAL A 105 -13.50 -4.36 7.73
N ALA A 106 -13.66 -5.60 8.17
CA ALA A 106 -15.01 -6.08 8.65
C ALA A 106 -14.92 -6.79 10.03
N SER A 107 -15.77 -6.42 10.95
CA SER A 107 -15.78 -7.05 12.30
C SER A 107 -16.91 -8.06 12.34
N LEU A 108 -16.61 -9.28 12.04
CA LEU A 108 -17.66 -10.34 12.03
C LEU A 108 -18.73 -9.93 11.01
N SER A 109 -18.49 -8.85 10.31
CA SER A 109 -19.46 -8.37 9.28
C SER A 109 -19.03 -8.90 7.91
N ASP A 110 -17.76 -9.10 7.72
CA ASP A 110 -17.27 -9.60 6.41
C ASP A 110 -17.73 -8.60 5.34
N ASP A 111 -18.29 -7.51 5.79
CA ASP A 111 -18.78 -6.47 4.85
C ASP A 111 -18.91 -5.15 5.62
N ALA A 112 -19.31 -5.21 6.87
CA ALA A 112 -19.48 -3.95 7.68
C ALA A 112 -20.10 -2.84 6.81
N ARG A 113 -21.32 -3.01 6.40
CA ARG A 113 -21.98 -1.98 5.56
C ARG A 113 -21.89 -0.61 6.26
N ARG A 114 -22.56 0.37 5.71
CA ARG A 114 -22.53 1.75 6.31
C ARG A 114 -23.97 2.26 6.40
N LEU A 115 -24.93 1.44 6.05
CA LEU A 115 -26.37 1.84 6.10
C LEU A 115 -27.16 0.80 6.90
N THR A 116 -26.66 -0.40 7.00
CA THR A 116 -27.34 -1.48 7.78
C THR A 116 -26.48 -1.75 8.99
N VAL A 117 -25.43 -2.50 8.81
CA VAL A 117 -24.51 -2.76 9.94
C VAL A 117 -23.96 -1.39 10.35
N THR A 118 -24.27 -0.39 9.55
CA THR A 118 -23.82 1.00 9.80
C THR A 118 -22.41 1.02 10.38
N SER A 119 -21.48 0.48 9.66
CA SER A 119 -20.07 0.45 10.12
C SER A 119 -19.91 -0.59 11.23
N MET B 1 -26.20 10.51 14.78
CA MET B 1 -25.35 9.48 14.09
C MET B 1 -26.10 8.93 12.88
N ALA B 2 -25.98 9.58 11.76
CA ALA B 2 -26.69 9.10 10.53
C ALA B 2 -26.13 9.83 9.31
N SER B 3 -26.85 10.82 8.83
CA SER B 3 -26.36 11.57 7.64
C SER B 3 -25.17 12.45 8.04
N LYS B 4 -24.11 11.85 8.52
CA LYS B 4 -22.92 12.65 8.92
C LYS B 4 -21.73 11.71 9.18
N PRO B 5 -21.21 11.11 8.13
CA PRO B 5 -20.07 10.19 8.25
C PRO B 5 -18.86 10.92 8.85
N GLU B 6 -18.76 12.21 8.61
CA GLU B 6 -17.62 12.99 9.16
C GLU B 6 -16.30 12.38 8.69
N LYS B 7 -15.23 13.14 8.74
CA LYS B 7 -13.92 12.59 8.30
C LYS B 7 -13.51 11.43 9.20
N ARG B 8 -12.61 10.59 8.75
CA ARG B 8 -12.17 9.43 9.57
C ARG B 8 -10.81 9.77 10.19
N VAL B 9 -10.39 9.05 11.19
CA VAL B 9 -9.07 9.36 11.80
C VAL B 9 -8.01 9.42 10.69
N ALA B 10 -6.94 10.12 10.91
CA ALA B 10 -5.87 10.26 9.87
C ALA B 10 -4.64 9.44 10.26
N SER B 11 -3.82 9.11 9.29
CA SER B 11 -2.59 8.33 9.60
C SER B 11 -1.59 8.52 8.45
N SER B 12 -0.47 9.18 8.71
CA SER B 12 0.55 9.41 7.65
C SER B 12 1.85 8.71 8.03
N VAL B 13 2.36 7.85 7.17
CA VAL B 13 3.62 7.14 7.49
C VAL B 13 4.19 6.52 6.22
N PHE B 14 5.45 6.14 6.27
CA PHE B 14 6.08 5.52 5.08
C PHE B 14 7.54 5.14 5.35
N ILE B 15 8.23 4.67 4.34
CA ILE B 15 9.65 4.27 4.50
C ILE B 15 10.42 4.62 3.21
N THR B 16 11.73 4.54 3.25
CA THR B 16 12.57 4.86 2.06
C THR B 16 13.62 3.76 1.89
N LEU B 17 14.12 3.57 0.69
CA LEU B 17 15.14 2.50 0.49
C LEU B 17 15.96 2.76 -0.77
N ALA B 18 17.12 2.17 -0.86
CA ALA B 18 17.97 2.36 -2.06
C ALA B 18 19.20 1.44 -1.95
N PRO B 19 19.74 0.98 -3.07
CA PRO B 19 20.92 0.10 -3.05
C PRO B 19 22.08 0.81 -2.31
N PRO B 20 23.11 0.06 -1.97
CA PRO B 20 24.29 0.64 -1.27
C PRO B 20 24.93 1.70 -2.17
N ARG B 21 25.86 2.47 -1.64
CA ARG B 21 26.52 3.51 -2.47
C ARG B 21 27.60 2.86 -3.32
N ARG B 22 27.70 3.25 -4.57
CA ARG B 22 28.73 2.64 -5.46
C ARG B 22 30.02 3.48 -5.38
N ASP B 23 31.16 2.85 -5.52
CA ASP B 23 32.43 3.61 -5.45
C ASP B 23 32.53 4.56 -6.64
N VAL B 24 32.93 5.77 -6.41
CA VAL B 24 33.05 6.75 -7.53
C VAL B 24 34.22 6.36 -8.43
N GLY A 1 13.77 10.07 -30.25
CA GLY A 1 13.67 8.55 -30.12
C GLY A 1 12.94 7.77 -31.16
N ILE A 2 13.28 6.51 -31.31
CA ILE A 2 12.59 5.65 -32.29
C ILE A 2 12.69 4.20 -31.81
N PRO A 3 12.45 3.98 -30.53
CA PRO A 3 12.53 2.63 -29.97
C PRO A 3 11.65 1.72 -30.77
N GLU A 4 10.36 1.79 -30.56
CA GLU A 4 9.44 0.85 -31.25
C GLU A 4 9.71 -0.47 -30.54
N PHE A 5 10.97 -0.80 -30.45
CA PHE A 5 11.44 -1.97 -29.71
C PHE A 5 10.77 -1.92 -28.33
N PHE A 6 10.46 -0.70 -27.92
CA PHE A 6 9.78 -0.38 -26.61
C PHE A 6 10.74 0.31 -25.66
N GLN A 7 10.52 0.12 -24.39
CA GLN A 7 11.36 0.78 -23.35
C GLN A 7 10.77 2.17 -23.18
N PHE A 8 9.79 2.44 -23.99
CA PHE A 8 9.07 3.74 -23.92
C PHE A 8 7.66 3.51 -24.43
N THR A 9 7.55 2.72 -25.45
CA THR A 9 6.21 2.38 -26.00
C THR A 9 5.74 1.16 -25.23
N VAL A 10 6.54 0.73 -24.28
CA VAL A 10 6.20 -0.46 -23.47
C VAL A 10 4.72 -0.42 -23.08
N GLY A 11 4.25 0.74 -22.73
CA GLY A 11 2.81 0.89 -22.34
C GLY A 11 2.72 1.93 -21.19
N PRO A 12 2.88 1.50 -19.96
CA PRO A 12 2.85 2.42 -18.81
C PRO A 12 4.09 3.33 -18.84
N LEU A 13 4.53 3.69 -20.03
CA LEU A 13 5.74 4.55 -20.18
C LEU A 13 6.81 4.12 -19.16
N GLY A 14 6.80 2.86 -18.80
CA GLY A 14 7.78 2.35 -17.80
C GLY A 14 7.38 2.88 -16.43
N GLU A 15 6.98 4.12 -16.38
CA GLU A 15 6.60 4.71 -15.06
C GLU A 15 7.72 4.46 -14.07
N GLY A 16 8.86 4.00 -14.55
CA GLY A 16 10.01 3.74 -13.65
C GLY A 16 9.80 2.41 -12.92
N GLY A 17 10.58 2.16 -11.88
CA GLY A 17 10.45 0.88 -11.12
C GLY A 17 8.98 0.52 -10.91
N ALA A 18 8.08 1.47 -11.00
CA ALA A 18 6.63 1.14 -10.80
C ALA A 18 6.28 -0.12 -11.61
N HIS A 19 7.15 -0.53 -12.50
CA HIS A 19 6.88 -1.74 -13.32
C HIS A 19 7.51 -2.97 -12.64
N LYS A 20 8.78 -2.92 -12.31
CA LYS A 20 9.42 -4.10 -11.66
C LYS A 20 8.86 -4.28 -10.25
N VAL A 21 8.37 -3.22 -9.67
CA VAL A 21 7.82 -3.33 -8.28
C VAL A 21 6.63 -4.28 -8.28
N ARG A 22 6.77 -5.41 -7.64
CA ARG A 22 5.66 -6.40 -7.58
C ARG A 22 4.92 -6.21 -6.26
N ALA A 23 3.62 -6.27 -6.27
CA ALA A 23 2.83 -6.10 -5.02
C ALA A 23 1.63 -7.04 -5.03
N GLY A 24 1.62 -8.02 -4.15
CA GLY A 24 0.47 -8.98 -4.12
C GLY A 24 0.35 -9.56 -2.72
N GLY A 25 -0.84 -9.56 -2.15
CA GLY A 25 -1.02 -10.11 -0.79
C GLY A 25 -2.50 -10.04 -0.39
N THR A 26 -2.85 -10.64 0.71
CA THR A 26 -4.28 -10.61 1.15
C THR A 26 -4.58 -9.25 1.80
N GLY A 27 -3.58 -8.63 2.38
CA GLY A 27 -3.80 -7.31 3.02
C GLY A 27 -4.09 -6.30 1.93
N LEU A 28 -3.77 -6.64 0.70
CA LEU A 28 -4.04 -5.71 -0.42
C LEU A 28 -5.48 -5.93 -0.90
N GLU A 29 -6.32 -6.46 -0.04
CA GLU A 29 -7.74 -6.72 -0.43
C GLU A 29 -8.66 -6.22 0.69
N ARG A 30 -8.41 -6.59 1.92
CA ARG A 30 -9.28 -6.12 3.03
C ARG A 30 -8.57 -6.32 4.37
N GLY A 31 -9.24 -6.03 5.46
CA GLY A 31 -8.62 -6.19 6.80
C GLY A 31 -9.74 -6.33 7.84
N VAL A 32 -9.40 -6.46 9.11
CA VAL A 32 -10.45 -6.59 10.17
C VAL A 32 -10.14 -5.69 11.37
N ALA A 33 -11.16 -5.26 12.07
CA ALA A 33 -10.99 -4.36 13.25
C ALA A 33 -9.87 -4.82 14.18
N GLY A 34 -8.84 -4.03 14.29
CA GLY A 34 -7.72 -4.34 15.22
C GLY A 34 -7.09 -5.70 14.90
N VAL A 35 -6.81 -5.97 13.66
CA VAL A 35 -6.17 -7.27 13.28
C VAL A 35 -4.91 -6.98 12.43
N PRO A 36 -3.73 -7.42 12.86
CA PRO A 36 -2.51 -7.17 12.08
C PRO A 36 -2.64 -7.81 10.70
N ALA A 37 -2.71 -7.02 9.66
CA ALA A 37 -2.84 -7.57 8.27
C ALA A 37 -1.55 -7.24 7.51
N GLU A 38 -1.22 -7.99 6.49
CA GLU A 38 0.02 -7.68 5.75
C GLU A 38 -0.01 -8.26 4.33
N PHE A 39 0.87 -7.77 3.51
CA PHE A 39 0.98 -8.26 2.11
C PHE A 39 2.46 -8.34 1.78
N SER A 40 2.79 -8.61 0.55
CA SER A 40 4.22 -8.73 0.16
C SER A 40 4.56 -7.74 -0.95
N ILE A 41 5.78 -7.26 -0.99
CA ILE A 41 6.20 -6.30 -2.05
C ILE A 41 7.66 -6.61 -2.40
N TRP A 42 7.88 -7.28 -3.50
CA TRP A 42 9.28 -7.62 -3.91
C TRP A 42 9.83 -6.48 -4.78
N THR A 43 11.08 -6.12 -4.57
CA THR A 43 11.69 -5.02 -5.37
C THR A 43 13.20 -5.25 -5.46
N ARG A 44 13.72 -5.40 -6.66
CA ARG A 44 15.19 -5.61 -6.80
C ARG A 44 15.59 -5.51 -8.28
N GLU A 45 15.41 -4.36 -8.87
CA GLU A 45 15.78 -4.21 -10.31
C GLU A 45 16.03 -2.71 -10.61
N ALA A 46 15.06 -1.87 -10.37
CA ALA A 46 15.26 -0.42 -10.64
C ALA A 46 16.47 0.07 -9.85
N GLY A 47 16.43 -0.09 -8.55
CA GLY A 47 17.57 0.36 -7.70
C GLY A 47 17.03 0.95 -6.40
N ALA A 48 17.89 1.41 -5.53
CA ALA A 48 17.41 2.00 -4.25
C ALA A 48 16.42 3.13 -4.53
N GLY A 49 15.60 3.47 -3.58
CA GLY A 49 14.62 4.56 -3.81
C GLY A 49 13.83 4.82 -2.52
N GLY A 50 12.97 5.81 -2.53
CA GLY A 50 12.16 6.12 -1.31
C GLY A 50 10.71 5.68 -1.53
N LEU A 51 10.20 4.85 -0.67
CA LEU A 51 8.79 4.38 -0.81
C LEU A 51 7.92 5.18 0.14
N SER A 52 7.22 6.17 -0.36
CA SER A 52 6.33 7.00 0.51
C SER A 52 4.98 6.32 0.63
N ILE A 53 4.33 6.39 1.78
CA ILE A 53 3.00 5.73 1.93
C ILE A 53 2.03 6.68 2.63
N ALA A 54 1.09 7.22 1.89
CA ALA A 54 0.09 8.15 2.50
C ALA A 54 -1.16 7.35 2.85
N VAL A 55 -1.37 7.08 4.11
CA VAL A 55 -2.57 6.28 4.53
C VAL A 55 -3.69 7.24 4.98
N GLU A 56 -4.90 6.85 4.72
CA GLU A 56 -6.08 7.68 5.13
C GLU A 56 -7.19 6.73 5.58
N GLY A 57 -7.95 7.10 6.57
CA GLY A 57 -9.02 6.19 7.06
C GLY A 57 -9.48 6.62 8.46
N PRO A 58 -10.28 5.80 9.09
CA PRO A 58 -10.80 6.09 10.45
C PRO A 58 -9.67 6.13 11.49
N SER A 59 -8.62 5.37 11.29
CA SER A 59 -7.51 5.38 12.28
C SER A 59 -6.16 5.28 11.56
N LYS A 60 -5.09 5.58 12.26
CA LYS A 60 -3.74 5.51 11.63
C LYS A 60 -3.22 4.08 11.69
N ALA A 61 -3.19 3.39 10.58
CA ALA A 61 -2.68 1.99 10.58
C ALA A 61 -1.19 1.99 10.91
N GLU A 62 -0.73 1.01 11.64
CA GLU A 62 0.72 0.94 11.99
C GLU A 62 1.46 0.08 10.95
N ILE A 63 1.97 0.70 9.93
CA ILE A 63 2.72 -0.05 8.87
C ILE A 63 3.93 -0.73 9.49
N ALA A 64 4.44 -1.77 8.89
CA ALA A 64 5.63 -2.47 9.47
C ALA A 64 6.49 -2.99 8.32
N PHE A 65 7.65 -3.54 8.61
CA PHE A 65 8.53 -4.08 7.52
C PHE A 65 9.31 -5.28 8.04
N GLU A 66 9.07 -6.44 7.49
CA GLU A 66 9.81 -7.67 7.94
C GLU A 66 10.13 -8.55 6.73
N ASP A 67 11.39 -8.78 6.47
CA ASP A 67 11.78 -9.64 5.31
C ASP A 67 11.74 -11.11 5.72
N ARG A 68 10.91 -11.90 5.08
CA ARG A 68 10.82 -13.35 5.42
C ARG A 68 11.41 -14.19 4.28
N LYS A 69 11.77 -13.56 3.19
CA LYS A 69 12.36 -14.31 2.03
C LYS A 69 13.71 -13.71 1.65
N ASP A 70 14.16 -12.73 2.40
CA ASP A 70 15.47 -12.10 2.09
C ASP A 70 15.37 -11.37 0.75
N GLY A 71 14.25 -11.48 0.08
CA GLY A 71 14.09 -10.80 -1.23
C GLY A 71 12.68 -10.21 -1.35
N SER A 72 11.72 -10.83 -0.73
CA SER A 72 10.32 -10.31 -0.79
C SER A 72 10.05 -9.46 0.45
N CYS A 73 9.80 -8.19 0.28
CA CYS A 73 9.54 -7.33 1.46
C CYS A 73 8.12 -7.59 1.98
N GLY A 74 7.93 -7.49 3.27
CA GLY A 74 6.57 -7.72 3.88
C GLY A 74 6.12 -6.46 4.60
N VAL A 75 5.12 -5.81 4.09
CA VAL A 75 4.60 -4.56 4.74
C VAL A 75 3.37 -4.91 5.56
N SER A 76 3.50 -4.92 6.86
CA SER A 76 2.34 -5.26 7.74
C SER A 76 1.72 -3.98 8.30
N TYR A 77 0.42 -3.88 8.29
CA TYR A 77 -0.28 -2.68 8.82
C TYR A 77 -1.44 -3.12 9.72
N VAL A 78 -1.54 -2.56 10.90
CA VAL A 78 -2.65 -2.96 11.82
C VAL A 78 -3.76 -1.92 11.75
N VAL A 79 -4.92 -2.32 11.30
CA VAL A 79 -6.04 -1.34 11.19
C VAL A 79 -6.76 -1.27 12.54
N GLN A 80 -7.57 -0.26 12.76
CA GLN A 80 -8.29 -0.13 14.05
C GLN A 80 -9.76 -0.57 13.90
N GLU A 81 -10.44 -0.09 12.90
CA GLU A 81 -11.88 -0.48 12.74
C GLU A 81 -12.35 -0.29 11.27
N PRO A 82 -13.35 -1.07 10.87
CA PRO A 82 -13.93 -1.01 9.52
C PRO A 82 -13.97 0.39 8.92
N GLY A 83 -14.02 0.43 7.62
CA GLY A 83 -14.05 1.74 6.89
C GLY A 83 -13.34 1.56 5.56
N ASP A 84 -13.09 2.63 4.85
CA ASP A 84 -12.40 2.54 3.53
C ASP A 84 -10.97 3.07 3.70
N TYR A 85 -10.04 2.21 3.96
CA TYR A 85 -8.64 2.65 4.15
C TYR A 85 -8.04 2.93 2.77
N GLU A 86 -7.40 4.06 2.62
CA GLU A 86 -6.78 4.43 1.31
C GLU A 86 -5.25 4.44 1.48
N VAL A 87 -4.54 3.74 0.64
CA VAL A 87 -3.05 3.69 0.74
C VAL A 87 -2.43 4.07 -0.62
N SER A 88 -1.43 4.93 -0.59
CA SER A 88 -0.76 5.36 -1.85
C SER A 88 0.74 5.10 -1.73
N ILE A 89 1.22 4.07 -2.40
CA ILE A 89 2.66 3.72 -2.32
C ILE A 89 3.37 4.05 -3.65
N LYS A 90 4.49 4.69 -3.58
CA LYS A 90 5.26 5.05 -4.81
C LYS A 90 6.72 4.79 -4.54
N PHE A 91 7.38 3.97 -5.32
CA PHE A 91 8.83 3.74 -5.04
C PHE A 91 9.61 4.89 -5.69
N ASN A 92 10.00 5.84 -4.91
CA ASN A 92 10.75 7.00 -5.47
C ASN A 92 9.78 7.89 -6.28
N ASP A 93 8.55 7.97 -5.84
CA ASP A 93 7.53 8.82 -6.56
C ASP A 93 6.95 8.09 -7.78
N GLU A 94 7.15 6.79 -7.90
CA GLU A 94 6.54 6.07 -9.06
C GLU A 94 5.29 5.36 -8.56
N HIS A 95 4.15 5.96 -8.78
CA HIS A 95 2.88 5.36 -8.29
C HIS A 95 2.60 4.04 -9.01
N ILE A 96 2.91 2.95 -8.37
CA ILE A 96 2.65 1.62 -8.99
C ILE A 96 1.18 1.59 -9.48
N PRO A 97 0.91 1.09 -10.68
CA PRO A 97 -0.47 1.06 -11.19
C PRO A 97 -1.41 0.50 -10.11
N ASP A 98 -1.95 1.35 -9.28
CA ASP A 98 -2.87 0.91 -8.20
C ASP A 98 -3.06 2.05 -7.22
N SER A 99 -2.00 2.54 -6.65
CA SER A 99 -2.13 3.64 -5.66
C SER A 99 -2.91 4.82 -6.30
N PRO A 100 -3.83 5.44 -5.57
CA PRO A 100 -4.27 5.09 -4.19
C PRO A 100 -5.44 4.08 -4.23
N PHE A 101 -5.28 2.86 -3.76
CA PHE A 101 -6.46 1.90 -3.77
C PHE A 101 -7.14 1.90 -2.40
N VAL A 102 -8.35 1.40 -2.35
CA VAL A 102 -9.10 1.36 -1.06
C VAL A 102 -8.92 0.00 -0.38
N VAL A 103 -8.93 -0.02 0.92
CA VAL A 103 -8.77 -1.30 1.68
C VAL A 103 -9.94 -1.43 2.69
N PRO A 104 -11.06 -1.98 2.26
CA PRO A 104 -12.24 -2.10 3.14
C PRO A 104 -11.96 -3.04 4.34
N VAL A 105 -11.92 -2.49 5.53
CA VAL A 105 -11.70 -3.33 6.75
C VAL A 105 -13.08 -3.74 7.28
N ALA A 106 -13.19 -4.92 7.88
CA ALA A 106 -14.52 -5.41 8.39
C ALA A 106 -14.39 -6.03 9.79
N SER A 107 -15.26 -5.69 10.69
CA SER A 107 -15.19 -6.25 12.07
C SER A 107 -15.97 -7.55 12.09
N LEU A 108 -15.46 -8.53 11.41
CA LEU A 108 -16.16 -9.84 11.34
C LEU A 108 -17.39 -9.64 10.45
N SER A 109 -17.59 -8.42 10.02
CA SER A 109 -18.74 -8.09 9.15
C SER A 109 -18.38 -8.44 7.71
N ASP A 110 -17.12 -8.51 7.39
CA ASP A 110 -16.71 -8.84 5.99
C ASP A 110 -17.50 -7.93 5.05
N ASP A 111 -18.05 -6.88 5.59
CA ASP A 111 -18.85 -5.92 4.78
C ASP A 111 -19.25 -4.74 5.66
N ALA A 112 -19.31 -4.91 6.96
CA ALA A 112 -19.71 -3.78 7.85
C ALA A 112 -21.13 -3.33 7.49
N ARG A 113 -22.10 -3.81 8.22
CA ARG A 113 -23.51 -3.41 7.94
C ARG A 113 -23.65 -1.90 8.10
N ARG A 114 -24.87 -1.41 8.17
CA ARG A 114 -25.07 0.06 8.30
C ARG A 114 -26.35 0.36 9.10
N LEU A 115 -26.98 -0.67 9.62
CA LEU A 115 -28.25 -0.47 10.41
C LEU A 115 -28.10 -1.09 11.81
N THR A 116 -27.30 -2.12 11.92
CA THR A 116 -27.09 -2.80 13.23
C THR A 116 -25.69 -2.44 13.69
N VAL A 117 -24.70 -3.11 13.15
CA VAL A 117 -23.31 -2.75 13.51
C VAL A 117 -23.12 -1.30 13.10
N THR A 118 -24.10 -0.78 12.40
CA THR A 118 -24.08 0.62 11.92
C THR A 118 -22.67 1.04 11.52
N SER A 119 -22.12 0.36 10.55
CA SER A 119 -20.75 0.69 10.08
C SER A 119 -19.72 0.20 11.10
N MET B 1 -31.38 8.07 11.24
CA MET B 1 -30.53 7.58 12.36
C MET B 1 -29.10 8.10 12.18
N ALA B 2 -28.33 7.49 11.33
CA ALA B 2 -26.93 7.96 11.12
C ALA B 2 -26.95 9.35 10.48
N SER B 3 -26.06 10.21 10.89
CA SER B 3 -26.01 11.59 10.30
C SER B 3 -25.09 11.61 9.09
N LYS B 4 -23.87 12.04 9.26
CA LYS B 4 -22.93 12.08 8.10
C LYS B 4 -21.52 12.43 8.59
N PRO B 5 -20.75 11.45 9.02
CA PRO B 5 -19.39 11.71 9.52
C PRO B 5 -18.58 12.46 8.45
N GLU B 6 -17.75 13.37 8.87
CA GLU B 6 -16.95 14.17 7.89
C GLU B 6 -15.60 13.48 7.61
N LYS B 7 -15.36 13.13 6.38
CA LYS B 7 -14.06 12.47 6.01
C LYS B 7 -13.67 11.43 7.07
N ARG B 8 -12.41 11.07 7.08
CA ARG B 8 -11.91 10.06 8.07
C ARG B 8 -10.55 10.51 8.60
N VAL B 9 -10.10 9.95 9.68
CA VAL B 9 -8.79 10.36 10.22
C VAL B 9 -7.74 10.29 9.10
N ALA B 10 -6.66 11.00 9.24
CA ALA B 10 -5.60 11.00 8.18
C ALA B 10 -4.27 10.52 8.78
N SER B 11 -3.47 9.85 8.01
CA SER B 11 -2.16 9.34 8.53
C SER B 11 -1.09 9.50 7.44
N SER B 12 0.13 9.83 7.81
CA SER B 12 1.22 10.01 6.81
C SER B 12 2.53 9.45 7.35
N VAL B 13 3.05 8.44 6.74
CA VAL B 13 4.33 7.83 7.21
C VAL B 13 4.91 6.94 6.12
N PHE B 14 6.12 6.48 6.29
CA PHE B 14 6.72 5.60 5.24
C PHE B 14 8.10 5.08 5.65
N ILE B 15 8.84 4.60 4.68
CA ILE B 15 10.20 4.05 4.94
C ILE B 15 11.08 4.25 3.70
N THR B 16 12.37 4.11 3.84
CA THR B 16 13.30 4.28 2.67
C THR B 16 14.16 3.03 2.50
N LEU B 17 14.21 2.47 1.33
CA LEU B 17 15.04 1.25 1.10
C LEU B 17 16.38 1.62 0.47
N ALA B 18 17.45 1.00 0.92
CA ALA B 18 18.79 1.31 0.34
C ALA B 18 19.79 0.26 0.84
N PRO B 19 20.82 -0.04 0.07
CA PRO B 19 21.83 -1.03 0.48
C PRO B 19 22.49 -0.59 1.80
N PRO B 20 23.22 -1.47 2.44
CA PRO B 20 23.91 -1.14 3.70
C PRO B 20 24.91 -0.01 3.46
N ARG B 21 25.88 -0.25 2.62
CA ARG B 21 26.90 0.80 2.32
C ARG B 21 26.28 1.91 1.48
N ARG B 22 26.90 3.04 1.42
CA ARG B 22 26.35 4.17 0.60
C ARG B 22 26.77 3.98 -0.85
N ASP B 23 26.64 5.01 -1.66
CA ASP B 23 27.04 4.87 -3.09
C ASP B 23 27.28 6.26 -3.68
N VAL B 24 28.44 6.50 -4.23
CA VAL B 24 28.73 7.83 -4.82
C VAL B 24 27.93 8.00 -6.12
N GLY A 1 13.48 8.43 -24.69
CA GLY A 1 13.38 9.12 -26.04
C GLY A 1 13.15 8.31 -27.28
N ILE A 2 13.58 7.08 -27.27
CA ILE A 2 13.38 6.19 -28.43
C ILE A 2 13.58 4.75 -27.97
N PRO A 3 12.97 4.38 -26.86
CA PRO A 3 13.11 3.03 -26.33
C PRO A 3 12.66 2.04 -27.39
N GLU A 4 11.38 1.86 -27.53
CA GLU A 4 10.89 0.82 -28.49
C GLU A 4 11.19 -0.50 -27.79
N PHE A 5 12.07 -0.40 -26.83
CA PHE A 5 12.47 -1.53 -25.98
C PHE A 5 11.50 -1.45 -24.80
N PHE A 6 10.41 -0.77 -25.05
CA PHE A 6 9.37 -0.56 -24.02
C PHE A 6 10.03 -0.08 -22.72
N GLN A 7 9.43 -0.39 -21.60
CA GLN A 7 9.93 0.08 -20.27
C GLN A 7 9.43 1.50 -20.13
N PHE A 8 8.87 1.99 -21.20
CA PHE A 8 8.30 3.36 -21.20
C PHE A 8 7.17 3.39 -22.23
N THR A 9 7.36 2.69 -23.31
CA THR A 9 6.30 2.61 -24.34
C THR A 9 5.48 1.37 -23.99
N VAL A 10 5.84 0.75 -22.90
CA VAL A 10 5.13 -0.46 -22.42
C VAL A 10 3.62 -0.28 -22.61
N GLY A 11 3.14 0.91 -22.38
CA GLY A 11 1.67 1.19 -22.54
C GLY A 11 1.16 1.99 -21.33
N PRO A 12 0.88 1.32 -20.24
CA PRO A 12 0.42 1.99 -19.00
C PRO A 12 1.56 2.84 -18.45
N LEU A 13 2.25 3.53 -19.33
CA LEU A 13 3.42 4.39 -18.96
C LEU A 13 4.13 3.81 -17.72
N GLY A 14 5.15 3.02 -17.96
CA GLY A 14 5.93 2.39 -16.84
C GLY A 14 6.03 3.35 -15.67
N GLU A 15 6.04 4.61 -15.95
CA GLU A 15 6.14 5.61 -14.85
C GLU A 15 7.40 5.31 -14.06
N GLY A 16 8.20 4.42 -14.56
CA GLY A 16 9.49 4.07 -13.89
C GLY A 16 9.34 2.85 -12.99
N GLY A 17 10.05 2.84 -11.90
CA GLY A 17 10.00 1.68 -10.96
C GLY A 17 8.57 1.18 -10.77
N ALA A 18 7.58 2.00 -10.98
CA ALA A 18 6.16 1.55 -10.79
C ALA A 18 5.98 0.15 -11.38
N HIS A 19 6.88 -0.27 -12.24
CA HIS A 19 6.77 -1.61 -12.85
C HIS A 19 7.61 -2.62 -12.06
N LYS A 20 8.86 -2.32 -11.82
CA LYS A 20 9.73 -3.27 -11.06
C LYS A 20 9.23 -3.37 -9.62
N VAL A 21 8.41 -2.44 -9.19
CA VAL A 21 7.88 -2.49 -7.80
C VAL A 21 6.81 -3.57 -7.72
N ARG A 22 7.06 -4.62 -6.99
CA ARG A 22 6.07 -5.73 -6.86
C ARG A 22 5.49 -5.76 -5.45
N ALA A 23 4.20 -5.94 -5.35
CA ALA A 23 3.53 -6.00 -4.01
C ALA A 23 2.46 -7.08 -4.05
N GLY A 24 2.64 -8.13 -3.30
CA GLY A 24 1.61 -9.23 -3.31
C GLY A 24 1.53 -9.85 -1.91
N GLY A 25 0.35 -9.93 -1.35
CA GLY A 25 0.22 -10.52 0.00
C GLY A 25 -1.25 -10.54 0.42
N THR A 26 -1.55 -11.06 1.57
CA THR A 26 -2.97 -11.10 2.03
C THR A 26 -3.36 -9.73 2.59
N GLY A 27 -2.40 -8.97 3.05
CA GLY A 27 -2.71 -7.63 3.60
C GLY A 27 -3.17 -6.73 2.46
N LEU A 28 -2.94 -7.17 1.25
CA LEU A 28 -3.35 -6.38 0.06
C LEU A 28 -4.65 -6.96 -0.50
N GLU A 29 -5.51 -7.45 0.37
CA GLU A 29 -6.80 -8.04 -0.09
C GLU A 29 -7.90 -7.71 0.92
N ARG A 30 -7.64 -7.88 2.19
CA ARG A 30 -8.69 -7.57 3.21
C ARG A 30 -8.11 -7.65 4.62
N GLY A 31 -8.86 -7.25 5.62
CA GLY A 31 -8.35 -7.31 7.02
C GLY A 31 -9.53 -7.58 7.95
N VAL A 32 -9.29 -7.79 9.22
CA VAL A 32 -10.40 -8.07 10.18
C VAL A 32 -10.24 -7.24 11.46
N ALA A 33 -11.35 -6.94 12.11
CA ALA A 33 -11.33 -6.12 13.36
C ALA A 33 -10.15 -6.50 14.29
N GLY A 34 -9.21 -5.61 14.44
CA GLY A 34 -8.07 -5.85 15.37
C GLY A 34 -7.38 -7.17 15.06
N VAL A 35 -7.00 -7.38 13.82
CA VAL A 35 -6.28 -8.63 13.44
C VAL A 35 -4.98 -8.26 12.70
N PRO A 36 -3.85 -8.25 13.39
CA PRO A 36 -2.58 -7.88 12.74
C PRO A 36 -2.31 -8.81 11.56
N ALA A 37 -1.84 -8.27 10.47
CA ALA A 37 -1.56 -9.11 9.27
C ALA A 37 -0.35 -8.53 8.53
N GLU A 38 -0.09 -8.96 7.34
CA GLU A 38 1.08 -8.40 6.62
C GLU A 38 1.07 -8.82 5.16
N PHE A 39 1.96 -8.24 4.39
CA PHE A 39 2.07 -8.59 2.96
C PHE A 39 3.55 -8.56 2.60
N SER A 40 3.89 -8.81 1.36
CA SER A 40 5.33 -8.83 0.96
C SER A 40 5.58 -7.86 -0.20
N ILE A 41 6.68 -7.16 -0.12
CA ILE A 41 7.07 -6.18 -1.16
C ILE A 41 8.52 -6.45 -1.55
N TRP A 42 8.82 -6.63 -2.82
CA TRP A 42 10.25 -6.87 -3.21
C TRP A 42 10.58 -6.09 -4.48
N THR A 43 11.77 -5.56 -4.55
CA THR A 43 12.16 -4.75 -5.74
C THR A 43 13.68 -4.75 -5.88
N ARG A 44 14.17 -4.61 -7.09
CA ARG A 44 15.64 -4.58 -7.31
C ARG A 44 15.92 -4.12 -8.74
N GLU A 45 15.54 -2.92 -9.08
CA GLU A 45 15.79 -2.43 -10.47
C GLU A 45 15.84 -0.90 -10.49
N ALA A 46 14.78 -0.24 -10.09
CA ALA A 46 14.80 1.25 -10.10
C ALA A 46 15.92 1.75 -9.18
N GLY A 47 16.21 1.03 -8.13
CA GLY A 47 17.30 1.45 -7.20
C GLY A 47 16.71 2.24 -6.03
N ALA A 48 17.51 3.05 -5.39
CA ALA A 48 17.02 3.85 -4.24
C ALA A 48 15.79 4.66 -4.64
N GLY A 49 15.05 5.15 -3.68
CA GLY A 49 13.83 5.94 -4.00
C GLY A 49 13.10 6.29 -2.70
N GLY A 50 11.87 6.73 -2.80
CA GLY A 50 11.09 7.08 -1.57
C GLY A 50 9.69 6.45 -1.66
N LEU A 51 9.35 5.60 -0.74
CA LEU A 51 8.01 4.94 -0.77
C LEU A 51 7.09 5.65 0.21
N SER A 52 6.17 6.46 -0.28
CA SER A 52 5.22 7.19 0.61
C SER A 52 3.97 6.33 0.79
N ILE A 53 3.37 6.32 1.96
CA ILE A 53 2.14 5.50 2.18
C ILE A 53 1.07 6.34 2.87
N ALA A 54 0.09 6.78 2.15
CA ALA A 54 -1.00 7.60 2.76
C ALA A 54 -2.15 6.67 3.15
N VAL A 55 -2.30 6.42 4.41
CA VAL A 55 -3.40 5.51 4.87
C VAL A 55 -4.59 6.35 5.36
N GLU A 56 -5.78 5.91 5.09
CA GLU A 56 -6.99 6.66 5.55
C GLU A 56 -8.03 5.62 5.98
N GLY A 57 -8.79 5.90 7.00
CA GLY A 57 -9.81 4.91 7.47
C GLY A 57 -10.28 5.29 8.88
N PRO A 58 -11.08 4.44 9.47
CA PRO A 58 -11.62 4.68 10.84
C PRO A 58 -10.51 4.73 11.90
N SER A 59 -9.46 3.97 11.74
CA SER A 59 -8.36 3.99 12.76
C SER A 59 -7.00 4.05 12.07
N LYS A 60 -6.01 4.54 12.76
CA LYS A 60 -4.66 4.64 12.16
C LYS A 60 -4.03 3.25 12.09
N ALA A 61 -4.13 2.61 10.95
CA ALA A 61 -3.54 1.25 10.81
C ALA A 61 -2.02 1.34 11.03
N GLU A 62 -1.51 0.58 11.96
CA GLU A 62 -0.04 0.63 12.22
C GLU A 62 0.70 -0.02 11.05
N ILE A 63 1.99 0.09 11.01
CA ILE A 63 2.80 -0.51 9.91
C ILE A 63 4.08 -1.08 10.54
N ALA A 64 4.68 -2.10 9.96
CA ALA A 64 5.93 -2.65 10.55
C ALA A 64 6.81 -3.24 9.45
N PHE A 65 7.94 -2.65 9.21
CA PHE A 65 8.85 -3.17 8.14
C PHE A 65 9.76 -4.25 8.73
N GLU A 66 9.77 -5.42 8.15
CA GLU A 66 10.64 -6.52 8.65
C GLU A 66 11.22 -7.30 7.46
N ASP A 67 12.44 -7.02 7.10
CA ASP A 67 13.06 -7.73 5.96
C ASP A 67 13.42 -9.17 6.38
N ARG A 68 13.00 -10.14 5.61
CA ARG A 68 13.29 -11.56 5.95
C ARG A 68 14.44 -12.07 5.08
N LYS A 69 14.53 -11.61 3.86
CA LYS A 69 15.61 -12.05 2.94
C LYS A 69 16.39 -10.82 2.46
N ASP A 70 16.16 -9.69 3.08
CA ASP A 70 16.87 -8.46 2.65
C ASP A 70 16.29 -8.00 1.31
N GLY A 71 15.91 -8.92 0.48
CA GLY A 71 15.34 -8.56 -0.85
C GLY A 71 13.82 -8.41 -0.74
N SER A 72 13.18 -9.22 0.05
CA SER A 72 11.70 -9.13 0.19
C SER A 72 11.36 -8.28 1.42
N CYS A 73 10.77 -7.14 1.23
CA CYS A 73 10.41 -6.26 2.38
C CYS A 73 9.02 -6.64 2.90
N GLY A 74 8.94 -7.15 4.10
CA GLY A 74 7.62 -7.55 4.68
C GLY A 74 7.07 -6.38 5.50
N VAL A 75 5.93 -5.86 5.11
CA VAL A 75 5.32 -4.71 5.86
C VAL A 75 4.11 -5.21 6.64
N SER A 76 4.23 -5.34 7.94
CA SER A 76 3.09 -5.81 8.77
C SER A 76 2.27 -4.60 9.21
N TYR A 77 0.99 -4.76 9.41
CA TYR A 77 0.14 -3.60 9.83
C TYR A 77 -0.96 -4.09 10.77
N VAL A 78 -1.74 -3.19 11.33
CA VAL A 78 -2.85 -3.64 12.25
C VAL A 78 -4.07 -2.72 12.13
N VAL A 79 -5.18 -3.25 11.68
CA VAL A 79 -6.41 -2.42 11.54
C VAL A 79 -7.21 -2.51 12.85
N GLN A 80 -7.96 -1.49 13.19
CA GLN A 80 -8.74 -1.53 14.46
C GLN A 80 -10.17 -2.03 14.21
N GLU A 81 -10.85 -1.51 13.21
CA GLU A 81 -12.26 -1.97 12.98
C GLU A 81 -12.65 -1.81 11.49
N PRO A 82 -13.55 -2.66 11.00
CA PRO A 82 -14.04 -2.60 9.61
C PRO A 82 -14.22 -1.19 9.10
N GLY A 83 -14.32 -1.09 7.80
CA GLY A 83 -14.50 0.25 7.16
C GLY A 83 -13.84 0.23 5.78
N ASP A 84 -13.64 1.39 5.21
CA ASP A 84 -12.99 1.46 3.87
C ASP A 84 -11.58 2.00 4.03
N TYR A 85 -10.63 1.15 4.27
CA TYR A 85 -9.23 1.62 4.44
C TYR A 85 -8.67 1.97 3.07
N GLU A 86 -8.11 3.14 2.95
CA GLU A 86 -7.53 3.60 1.64
C GLU A 86 -6.02 3.65 1.77
N VAL A 87 -5.31 2.92 0.95
CA VAL A 87 -3.82 2.90 1.01
C VAL A 87 -3.24 3.38 -0.32
N SER A 88 -2.27 4.26 -0.26
CA SER A 88 -1.64 4.80 -1.51
C SER A 88 -0.12 4.65 -1.42
N ILE A 89 0.43 3.66 -2.07
CA ILE A 89 1.91 3.43 -2.04
C ILE A 89 2.52 3.81 -3.39
N LYS A 90 3.57 4.59 -3.38
CA LYS A 90 4.22 5.01 -4.66
C LYS A 90 5.74 5.00 -4.46
N PHE A 91 6.49 4.35 -5.33
CA PHE A 91 7.97 4.35 -5.14
C PHE A 91 8.54 5.62 -5.78
N ASN A 92 8.74 6.64 -4.98
CA ASN A 92 9.25 7.92 -5.53
C ASN A 92 8.16 8.53 -6.42
N ASP A 93 6.93 8.43 -5.97
CA ASP A 93 5.76 8.97 -6.75
C ASP A 93 5.34 7.97 -7.82
N GLU A 94 5.80 6.76 -7.74
CA GLU A 94 5.40 5.74 -8.75
C GLU A 94 4.11 5.07 -8.26
N HIS A 95 2.99 5.72 -8.44
CA HIS A 95 1.70 5.13 -7.99
C HIS A 95 1.49 3.74 -8.60
N ILE A 96 1.58 2.71 -7.80
CA ILE A 96 1.36 1.33 -8.31
C ILE A 96 -0.12 1.21 -8.74
N PRO A 97 -0.41 0.61 -9.89
CA PRO A 97 -1.82 0.48 -10.34
C PRO A 97 -2.73 0.13 -9.16
N ASP A 98 -2.31 -0.75 -8.29
CA ASP A 98 -3.18 -1.07 -7.12
C ASP A 98 -3.47 0.22 -6.38
N SER A 99 -2.47 0.81 -5.82
CA SER A 99 -2.70 2.06 -5.06
C SER A 99 -3.09 3.18 -6.04
N PRO A 100 -3.96 4.10 -5.64
CA PRO A 100 -4.64 4.11 -4.32
C PRO A 100 -5.91 3.21 -4.36
N PHE A 101 -5.96 2.09 -3.65
CA PHE A 101 -7.22 1.24 -3.68
C PHE A 101 -7.77 1.08 -2.26
N VAL A 102 -9.00 0.65 -2.14
CA VAL A 102 -9.64 0.50 -0.80
C VAL A 102 -9.35 -0.87 -0.21
N VAL A 103 -9.17 -0.94 1.08
CA VAL A 103 -8.88 -2.25 1.76
C VAL A 103 -10.04 -2.55 2.74
N PRO A 104 -11.07 -3.23 2.28
CA PRO A 104 -12.24 -3.52 3.13
C PRO A 104 -11.85 -4.42 4.34
N VAL A 105 -11.95 -3.89 5.53
CA VAL A 105 -11.66 -4.69 6.75
C VAL A 105 -13.02 -5.20 7.26
N ALA A 106 -13.10 -6.44 7.73
CA ALA A 106 -14.43 -7.00 8.17
C ALA A 106 -14.34 -7.68 9.56
N SER A 107 -15.27 -7.38 10.42
CA SER A 107 -15.29 -7.99 11.79
C SER A 107 -16.32 -9.11 11.78
N LEU A 108 -15.91 -10.28 11.40
CA LEU A 108 -16.87 -11.41 11.33
C LEU A 108 -17.98 -11.04 10.35
N SER A 109 -17.81 -9.91 9.70
CA SER A 109 -18.81 -9.44 8.70
C SER A 109 -18.36 -9.82 7.30
N ASP A 110 -17.07 -10.02 7.12
CA ASP A 110 -16.57 -10.39 5.77
C ASP A 110 -17.08 -9.36 4.77
N ASP A 111 -17.63 -8.29 5.26
CA ASP A 111 -18.16 -7.23 4.37
C ASP A 111 -18.54 -6.00 5.19
N ALA A 112 -18.94 -6.19 6.43
CA ALA A 112 -19.33 -5.01 7.28
C ALA A 112 -20.15 -4.01 6.45
N ARG A 113 -21.43 -4.23 6.34
CA ARG A 113 -22.28 -3.30 5.55
C ARG A 113 -22.43 -1.97 6.30
N ARG A 114 -22.57 -0.89 5.59
CA ARG A 114 -22.71 0.45 6.23
C ARG A 114 -24.21 0.77 6.39
N LEU A 115 -25.05 -0.17 6.08
CA LEU A 115 -26.53 0.04 6.20
C LEU A 115 -27.15 -1.10 7.01
N THR A 116 -26.48 -2.22 7.11
CA THR A 116 -26.99 -3.38 7.90
C THR A 116 -26.07 -3.54 9.09
N VAL A 117 -24.92 -4.11 8.86
CA VAL A 117 -23.94 -4.23 9.97
C VAL A 117 -23.55 -2.81 10.34
N THR A 118 -24.04 -1.87 9.57
CA THR A 118 -23.76 -0.43 9.78
C THR A 118 -22.34 -0.22 10.29
N SER A 119 -21.37 -0.65 9.51
CA SER A 119 -19.95 -0.48 9.92
C SER A 119 -19.61 -1.46 11.04
N MET B 1 -25.62 11.10 7.02
CA MET B 1 -25.90 12.48 6.52
C MET B 1 -24.63 13.34 6.64
N ALA B 2 -23.71 12.93 7.47
CA ALA B 2 -22.46 13.72 7.64
C ALA B 2 -21.50 13.41 6.49
N SER B 3 -20.69 14.37 6.10
CA SER B 3 -19.73 14.15 5.00
C SER B 3 -18.78 15.34 4.91
N LYS B 4 -19.03 16.37 5.67
CA LYS B 4 -18.16 17.56 5.65
C LYS B 4 -16.89 17.37 6.51
N PRO B 5 -16.98 16.64 7.61
CA PRO B 5 -15.79 16.45 8.48
C PRO B 5 -14.71 15.66 7.72
N GLU B 6 -13.69 15.22 8.41
CA GLU B 6 -12.60 14.46 7.74
C GLU B 6 -13.06 13.02 7.49
N LYS B 7 -14.31 12.83 7.21
CA LYS B 7 -14.84 11.45 6.96
C LYS B 7 -14.30 10.49 8.03
N ARG B 8 -13.47 9.55 7.65
CA ARG B 8 -12.92 8.58 8.64
C ARG B 8 -11.60 9.14 9.19
N VAL B 9 -11.08 8.55 10.24
CA VAL B 9 -9.80 9.05 10.81
C VAL B 9 -8.79 9.20 9.65
N ALA B 10 -7.77 9.99 9.86
CA ALA B 10 -6.74 10.21 8.79
C ALA B 10 -5.39 9.69 9.27
N SER B 11 -4.56 9.26 8.36
CA SER B 11 -3.23 8.72 8.76
C SER B 11 -2.23 8.91 7.62
N SER B 12 -1.02 9.28 7.94
CA SER B 12 0.01 9.48 6.88
C SER B 12 1.40 9.13 7.42
N VAL B 13 1.98 8.08 6.93
CA VAL B 13 3.33 7.67 7.39
C VAL B 13 4.02 6.89 6.29
N PHE B 14 5.30 6.65 6.41
CA PHE B 14 6.01 5.89 5.34
C PHE B 14 7.48 5.63 5.69
N ILE B 15 8.23 5.20 4.70
CA ILE B 15 9.68 4.91 4.91
C ILE B 15 10.45 5.33 3.64
N THR B 16 11.67 5.80 3.80
CA THR B 16 12.49 6.22 2.62
C THR B 16 13.68 5.28 2.47
N LEU B 17 13.88 4.73 1.29
CA LEU B 17 15.03 3.79 1.08
C LEU B 17 16.19 4.55 0.44
N ALA B 18 17.40 4.23 0.83
CA ALA B 18 18.58 4.93 0.24
C ALA B 18 19.87 4.24 0.71
N PRO B 19 20.08 3.01 0.27
CA PRO B 19 21.28 2.25 0.66
C PRO B 19 22.54 2.94 0.08
N PRO B 20 23.63 2.99 0.82
CA PRO B 20 24.87 3.63 0.32
C PRO B 20 25.37 2.88 -0.92
N ARG B 21 25.22 1.58 -0.94
CA ARG B 21 25.69 0.77 -2.10
C ARG B 21 25.05 1.30 -3.39
N ARG B 22 25.12 0.53 -4.45
CA ARG B 22 24.52 0.98 -5.74
C ARG B 22 25.10 2.35 -6.11
N ASP B 23 26.16 2.36 -6.88
CA ASP B 23 26.77 3.65 -7.29
C ASP B 23 27.59 3.45 -8.56
N VAL B 24 27.86 2.22 -8.93
CA VAL B 24 28.66 1.96 -10.15
C VAL B 24 27.81 2.29 -11.39
N GLY A 1 18.23 5.46 -30.64
CA GLY A 1 17.46 4.40 -29.86
C GLY A 1 16.91 3.21 -30.57
N ILE A 2 16.70 2.13 -29.85
CA ILE A 2 16.15 0.90 -30.47
C ILE A 2 15.92 -0.13 -29.36
N PRO A 3 15.21 0.27 -28.33
CA PRO A 3 14.92 -0.63 -27.21
C PRO A 3 14.22 -1.86 -27.76
N GLU A 4 12.94 -1.75 -27.99
CA GLU A 4 12.19 -2.95 -28.46
C GLU A 4 12.27 -3.95 -27.31
N PHE A 5 12.89 -3.48 -26.28
CA PHE A 5 13.08 -4.20 -25.02
C PHE A 5 12.26 -3.36 -24.04
N PHE A 6 11.41 -2.57 -24.63
CA PHE A 6 10.55 -1.63 -23.89
C PHE A 6 11.40 -0.84 -22.90
N GLN A 7 10.81 -0.42 -21.82
CA GLN A 7 11.51 0.43 -20.80
C GLN A 7 11.45 1.84 -21.35
N PHE A 8 11.00 1.94 -22.57
CA PHE A 8 10.85 3.26 -23.23
C PHE A 8 9.72 3.15 -24.24
N THR A 9 9.62 2.03 -24.88
CA THR A 9 8.52 1.80 -25.85
C THR A 9 7.44 1.08 -25.07
N VAL A 10 7.67 0.93 -23.80
CA VAL A 10 6.70 0.24 -22.92
C VAL A 10 5.29 0.75 -23.21
N GLY A 11 5.13 2.04 -23.31
CA GLY A 11 3.79 2.64 -23.62
C GLY A 11 3.50 3.77 -22.62
N PRO A 12 3.10 3.41 -21.41
CA PRO A 12 2.82 4.41 -20.35
C PRO A 12 4.13 5.11 -19.97
N LEU A 13 4.93 5.42 -20.96
CA LEU A 13 6.25 6.11 -20.76
C LEU A 13 6.83 5.79 -19.38
N GLY A 14 6.81 4.55 -19.01
CA GLY A 14 7.37 4.16 -17.67
C GLY A 14 6.47 4.69 -16.57
N GLU A 15 5.93 5.87 -16.76
CA GLU A 15 5.07 6.45 -15.70
C GLU A 15 5.84 6.39 -14.37
N GLY A 16 7.13 6.20 -14.47
CA GLY A 16 7.98 6.13 -13.26
C GLY A 16 7.91 4.72 -12.68
N GLY A 17 8.36 4.55 -11.47
CA GLY A 17 8.35 3.20 -10.84
C GLY A 17 7.01 2.50 -11.10
N ALA A 18 5.99 3.23 -11.43
CA ALA A 18 4.66 2.58 -11.68
C ALA A 18 4.86 1.43 -12.67
N HIS A 19 6.01 1.33 -13.27
CA HIS A 19 6.28 0.23 -14.26
C HIS A 19 7.13 -0.87 -13.61
N LYS A 20 7.58 -0.67 -12.39
CA LYS A 20 8.43 -1.72 -11.72
C LYS A 20 7.97 -1.92 -10.28
N VAL A 21 6.95 -1.22 -9.85
CA VAL A 21 6.47 -1.39 -8.44
C VAL A 21 5.42 -2.50 -8.40
N ARG A 22 5.74 -3.59 -7.74
CA ARG A 22 4.78 -4.73 -7.62
C ARG A 22 4.27 -4.82 -6.19
N ALA A 23 2.98 -5.02 -6.02
CA ALA A 23 2.41 -5.12 -4.65
C ALA A 23 1.29 -6.16 -4.68
N GLY A 24 1.48 -7.25 -4.00
CA GLY A 24 0.43 -8.33 -3.99
C GLY A 24 0.51 -9.12 -2.68
N GLY A 25 -0.60 -9.31 -2.03
CA GLY A 25 -0.57 -10.09 -0.75
C GLY A 25 -1.99 -10.22 -0.20
N THR A 26 -2.19 -11.08 0.76
CA THR A 26 -3.55 -11.27 1.34
C THR A 26 -3.85 -10.16 2.33
N GLY A 27 -2.84 -9.60 2.95
CA GLY A 27 -3.09 -8.51 3.90
C GLY A 27 -3.69 -7.33 3.14
N LEU A 28 -3.83 -7.49 1.84
CA LEU A 28 -4.41 -6.41 0.99
C LEU A 28 -5.81 -6.84 0.55
N GLU A 29 -6.14 -8.08 0.79
CA GLU A 29 -7.49 -8.58 0.38
C GLU A 29 -8.51 -8.26 1.48
N ARG A 30 -8.24 -8.67 2.69
CA ARG A 30 -9.20 -8.39 3.80
C ARG A 30 -8.47 -8.42 5.15
N GLY A 31 -9.05 -7.85 6.17
CA GLY A 31 -8.40 -7.85 7.52
C GLY A 31 -9.49 -8.08 8.56
N VAL A 32 -9.12 -8.27 9.82
CA VAL A 32 -10.15 -8.51 10.87
C VAL A 32 -9.85 -7.66 12.12
N ALA A 33 -10.88 -7.30 12.84
CA ALA A 33 -10.71 -6.46 14.06
C ALA A 33 -9.46 -6.84 14.88
N GLY A 34 -8.52 -5.94 14.94
CA GLY A 34 -7.29 -6.16 15.75
C GLY A 34 -6.61 -7.47 15.37
N VAL A 35 -6.40 -7.70 14.09
CA VAL A 35 -5.71 -8.95 13.64
C VAL A 35 -4.52 -8.56 12.74
N PRO A 36 -3.29 -8.55 13.27
CA PRO A 36 -2.12 -8.16 12.47
C PRO A 36 -2.00 -9.05 11.24
N ALA A 37 -1.58 -8.48 10.14
CA ALA A 37 -1.42 -9.26 8.88
C ALA A 37 -0.29 -8.65 8.05
N GLU A 38 -0.14 -9.06 6.81
CA GLU A 38 0.95 -8.47 5.99
C GLU A 38 0.81 -8.87 4.53
N PHE A 39 1.47 -8.15 3.67
CA PHE A 39 1.45 -8.45 2.22
C PHE A 39 2.88 -8.35 1.73
N SER A 40 3.11 -8.52 0.46
CA SER A 40 4.50 -8.47 -0.08
C SER A 40 4.64 -7.37 -1.14
N ILE A 41 5.80 -6.76 -1.19
CA ILE A 41 6.05 -5.68 -2.20
C ILE A 41 7.51 -5.79 -2.67
N TRP A 42 7.74 -6.02 -3.94
CA TRP A 42 9.14 -6.13 -4.47
C TRP A 42 9.36 -5.01 -5.50
N THR A 43 10.39 -4.23 -5.33
CA THR A 43 10.64 -3.12 -6.28
C THR A 43 12.14 -2.83 -6.35
N ARG A 44 12.68 -2.79 -7.55
CA ARG A 44 14.14 -2.50 -7.71
C ARG A 44 14.46 -2.33 -9.20
N GLU A 45 14.17 -1.18 -9.75
CA GLU A 45 14.45 -0.96 -11.20
C GLU A 45 14.51 0.54 -11.49
N ALA A 46 13.49 1.28 -11.16
CA ALA A 46 13.53 2.75 -11.44
C ALA A 46 14.81 3.33 -10.83
N GLY A 47 15.00 3.11 -9.56
CA GLY A 47 16.22 3.63 -8.88
C GLY A 47 15.84 4.14 -7.49
N ALA A 48 16.75 4.81 -6.82
CA ALA A 48 16.42 5.34 -5.46
C ALA A 48 15.14 6.17 -5.54
N GLY A 49 14.36 6.19 -4.49
CA GLY A 49 13.11 6.99 -4.53
C GLY A 49 12.48 7.01 -3.13
N GLY A 50 11.27 7.51 -3.03
CA GLY A 50 10.58 7.58 -1.70
C GLY A 50 9.16 7.04 -1.84
N LEU A 51 8.81 6.04 -1.08
CA LEU A 51 7.43 5.47 -1.15
C LEU A 51 6.59 6.07 -0.04
N SER A 52 5.81 7.08 -0.34
CA SER A 52 4.97 7.70 0.68
C SER A 52 3.68 6.90 0.80
N ILE A 53 3.11 6.77 1.97
CA ILE A 53 1.86 5.98 2.13
C ILE A 53 0.85 6.74 2.99
N ALA A 54 -0.29 7.07 2.45
CA ALA A 54 -1.33 7.80 3.22
C ALA A 54 -2.46 6.82 3.55
N VAL A 55 -2.57 6.40 4.78
CA VAL A 55 -3.64 5.44 5.16
C VAL A 55 -4.82 6.19 5.76
N GLU A 56 -6.01 5.71 5.53
CA GLU A 56 -7.22 6.37 6.12
C GLU A 56 -8.17 5.28 6.59
N GLY A 57 -8.65 5.38 7.80
CA GLY A 57 -9.57 4.33 8.31
C GLY A 57 -10.02 4.72 9.73
N PRO A 58 -10.97 3.97 10.26
CA PRO A 58 -11.50 4.25 11.62
C PRO A 58 -10.36 4.37 12.63
N SER A 59 -9.27 3.69 12.39
CA SER A 59 -8.13 3.75 13.35
C SER A 59 -6.81 3.80 12.58
N LYS A 60 -5.77 4.30 13.19
CA LYS A 60 -4.46 4.37 12.51
C LYS A 60 -3.82 2.99 12.53
N ALA A 61 -3.82 2.31 11.41
CA ALA A 61 -3.22 0.96 11.37
C ALA A 61 -1.70 1.07 11.37
N GLU A 62 -1.02 0.26 12.13
CA GLU A 62 0.46 0.35 12.19
C GLU A 62 1.05 -0.25 10.90
N ILE A 63 2.35 -0.17 10.76
CA ILE A 63 3.03 -0.72 9.54
C ILE A 63 4.35 -1.37 10.00
N ALA A 64 4.89 -2.31 9.24
CA ALA A 64 6.17 -2.95 9.67
C ALA A 64 7.01 -3.24 8.42
N PHE A 65 8.22 -3.71 8.61
CA PHE A 65 9.09 -4.01 7.44
C PHE A 65 9.99 -5.20 7.76
N GLU A 66 9.84 -6.29 7.06
CA GLU A 66 10.69 -7.50 7.33
C GLU A 66 11.05 -8.16 6.00
N ASP A 67 12.29 -8.11 5.61
CA ASP A 67 12.70 -8.74 4.32
C ASP A 67 12.74 -10.27 4.49
N ARG A 68 11.93 -10.98 3.76
CA ARG A 68 11.91 -12.47 3.87
C ARG A 68 12.67 -13.07 2.69
N LYS A 69 12.76 -12.36 1.60
CA LYS A 69 13.48 -12.87 0.39
C LYS A 69 14.62 -11.91 0.04
N ASP A 70 14.79 -10.88 0.82
CA ASP A 70 15.87 -9.89 0.53
C ASP A 70 15.47 -9.03 -0.67
N GLY A 71 14.63 -9.56 -1.53
CA GLY A 71 14.19 -8.81 -2.74
C GLY A 71 12.73 -8.39 -2.58
N SER A 72 11.95 -9.16 -1.87
CA SER A 72 10.50 -8.81 -1.69
C SER A 72 10.32 -8.05 -0.37
N CYS A 73 9.96 -6.80 -0.43
CA CYS A 73 9.77 -6.02 0.81
C CYS A 73 8.43 -6.42 1.47
N GLY A 74 8.50 -7.06 2.61
CA GLY A 74 7.26 -7.49 3.31
C GLY A 74 6.82 -6.39 4.28
N VAL A 75 5.65 -5.84 4.06
CA VAL A 75 5.14 -4.76 4.98
C VAL A 75 3.98 -5.29 5.81
N SER A 76 4.18 -5.37 7.10
CA SER A 76 3.09 -5.88 7.99
C SER A 76 2.28 -4.68 8.48
N TYR A 77 1.15 -4.92 9.08
CA TYR A 77 0.31 -3.77 9.57
C TYR A 77 -0.73 -4.31 10.55
N VAL A 78 -1.41 -3.44 11.27
CA VAL A 78 -2.44 -3.93 12.25
C VAL A 78 -3.64 -2.98 12.29
N VAL A 79 -4.79 -3.45 11.86
CA VAL A 79 -6.01 -2.59 11.87
C VAL A 79 -6.71 -2.71 13.22
N GLN A 80 -7.43 -1.71 13.64
CA GLN A 80 -8.12 -1.77 14.96
C GLN A 80 -9.52 -2.37 14.81
N GLU A 81 -10.32 -1.88 13.89
CA GLU A 81 -11.70 -2.44 13.74
C GLU A 81 -12.22 -2.26 12.29
N PRO A 82 -13.17 -3.09 11.90
CA PRO A 82 -13.79 -3.03 10.56
C PRO A 82 -13.98 -1.62 10.03
N GLY A 83 -14.19 -1.54 8.76
CA GLY A 83 -14.40 -0.22 8.09
C GLY A 83 -13.79 -0.26 6.69
N ASP A 84 -13.83 0.84 5.98
CA ASP A 84 -13.25 0.88 4.61
C ASP A 84 -11.87 1.54 4.70
N TYR A 85 -10.86 0.75 4.89
CA TYR A 85 -9.49 1.31 5.00
C TYR A 85 -9.02 1.68 3.60
N GLU A 86 -8.50 2.87 3.45
CA GLU A 86 -8.00 3.35 2.12
C GLU A 86 -6.48 3.53 2.19
N VAL A 87 -5.75 2.76 1.44
CA VAL A 87 -4.26 2.86 1.45
C VAL A 87 -3.76 3.38 0.11
N SER A 88 -2.89 4.36 0.12
CA SER A 88 -2.35 4.93 -1.15
C SER A 88 -0.83 4.77 -1.15
N ILE A 89 -0.24 4.42 -2.27
CA ILE A 89 1.25 4.26 -2.30
C ILE A 89 1.80 4.79 -3.63
N LYS A 90 2.81 5.62 -3.55
CA LYS A 90 3.43 6.16 -4.79
C LYS A 90 4.95 6.11 -4.59
N PHE A 91 5.62 5.46 -5.49
CA PHE A 91 7.11 5.38 -5.38
C PHE A 91 7.69 6.65 -5.99
N ASN A 92 8.10 7.56 -5.16
CA ASN A 92 8.66 8.84 -5.67
C ASN A 92 7.53 9.65 -6.31
N ASP A 93 6.34 9.55 -5.77
CA ASP A 93 5.17 10.32 -6.31
C ASP A 93 4.58 9.63 -7.55
N GLU A 94 4.89 8.38 -7.79
CA GLU A 94 4.30 7.68 -8.98
C GLU A 94 3.16 6.80 -8.46
N HIS A 95 1.96 7.26 -8.60
CA HIS A 95 0.79 6.48 -8.09
C HIS A 95 0.51 5.27 -8.98
N ILE A 96 0.76 4.10 -8.48
CA ILE A 96 0.47 2.88 -9.28
C ILE A 96 -1.05 2.82 -9.54
N PRO A 97 -1.49 2.54 -10.76
CA PRO A 97 -2.94 2.48 -11.04
C PRO A 97 -3.63 1.59 -10.01
N ASP A 98 -4.11 2.19 -8.95
CA ASP A 98 -4.81 1.40 -7.88
C ASP A 98 -5.03 2.31 -6.68
N SER A 99 -4.00 2.93 -6.19
CA SER A 99 -4.16 3.79 -4.99
C SER A 99 -5.23 4.85 -5.26
N PRO A 100 -6.13 5.13 -4.31
CA PRO A 100 -6.23 4.46 -2.97
C PRO A 100 -7.12 3.20 -3.06
N PHE A 101 -6.61 2.00 -2.88
CA PHE A 101 -7.54 0.81 -2.93
C PHE A 101 -8.25 0.68 -1.59
N VAL A 102 -9.41 0.07 -1.58
CA VAL A 102 -10.16 -0.10 -0.30
C VAL A 102 -9.74 -1.41 0.35
N VAL A 103 -9.68 -1.44 1.66
CA VAL A 103 -9.28 -2.68 2.40
C VAL A 103 -10.35 -2.97 3.46
N PRO A 104 -11.40 -3.68 3.08
CA PRO A 104 -12.51 -3.97 4.00
C PRO A 104 -12.05 -4.88 5.16
N VAL A 105 -12.04 -4.35 6.36
CA VAL A 105 -11.66 -5.16 7.55
C VAL A 105 -12.99 -5.64 8.17
N ALA A 106 -13.03 -6.84 8.71
CA ALA A 106 -14.32 -7.38 9.27
C ALA A 106 -14.12 -8.07 10.64
N SER A 107 -14.98 -7.80 11.59
CA SER A 107 -14.88 -8.44 12.92
C SER A 107 -15.70 -9.72 12.88
N LEU A 108 -15.16 -10.72 12.26
CA LEU A 108 -15.88 -12.01 12.11
C LEU A 108 -17.10 -11.76 11.21
N SER A 109 -17.26 -10.54 10.77
CA SER A 109 -18.39 -10.19 9.88
C SER A 109 -17.99 -10.51 8.45
N ASP A 110 -16.72 -10.57 8.18
CA ASP A 110 -16.25 -10.85 6.79
C ASP A 110 -16.85 -9.79 5.86
N ASP A 111 -17.49 -8.82 6.45
CA ASP A 111 -18.11 -7.73 5.66
C ASP A 111 -18.43 -6.56 6.60
N ALA A 112 -18.78 -6.84 7.83
CA ALA A 112 -19.10 -5.74 8.80
C ALA A 112 -19.93 -4.65 8.11
N ARG A 113 -21.22 -4.81 8.04
CA ARG A 113 -22.07 -3.77 7.38
C ARG A 113 -21.91 -2.45 8.16
N ARG A 114 -22.72 -1.48 7.86
CA ARG A 114 -22.63 -0.17 8.57
C ARG A 114 -24.04 0.42 8.66
N LEU A 115 -25.02 -0.32 8.21
CA LEU A 115 -26.44 0.17 8.27
C LEU A 115 -27.32 -0.92 8.90
N THR A 116 -26.89 -2.16 8.83
CA THR A 116 -27.67 -3.28 9.44
C THR A 116 -26.93 -3.69 10.70
N VAL A 117 -25.89 -4.44 10.55
CA VAL A 117 -25.09 -4.82 11.74
C VAL A 117 -24.54 -3.51 12.30
N THR A 118 -24.74 -2.46 11.56
CA THR A 118 -24.27 -1.10 11.95
C THR A 118 -22.92 -1.18 12.66
N SER A 119 -21.94 -1.70 11.97
CA SER A 119 -20.58 -1.82 12.57
C SER A 119 -20.56 -2.97 13.58
N MET B 1 -22.71 13.56 6.17
CA MET B 1 -24.13 14.03 6.21
C MET B 1 -24.17 15.51 6.62
N ALA B 2 -24.82 16.33 5.84
CA ALA B 2 -24.90 17.77 6.17
C ALA B 2 -23.49 18.38 6.23
N SER B 3 -22.77 18.13 7.29
CA SER B 3 -21.39 18.68 7.40
C SER B 3 -20.46 17.91 6.47
N LYS B 4 -19.23 17.72 6.86
CA LYS B 4 -18.27 16.99 5.99
C LYS B 4 -17.05 16.55 6.82
N PRO B 5 -17.25 15.63 7.74
CA PRO B 5 -16.16 15.14 8.60
C PRO B 5 -15.07 14.49 7.73
N GLU B 6 -13.94 14.20 8.31
CA GLU B 6 -12.84 13.57 7.52
C GLU B 6 -13.15 12.08 7.31
N LYS B 7 -14.35 11.76 6.94
CA LYS B 7 -14.71 10.33 6.71
C LYS B 7 -14.24 9.49 7.91
N ARG B 8 -13.31 8.60 7.70
CA ARG B 8 -12.80 7.77 8.83
C ARG B 8 -11.60 8.48 9.45
N VAL B 9 -11.08 7.98 10.54
CA VAL B 9 -9.91 8.65 11.15
C VAL B 9 -8.82 8.69 10.07
N ALA B 10 -7.83 9.53 10.23
CA ALA B 10 -6.74 9.64 9.18
C ALA B 10 -5.39 9.21 9.74
N SER B 11 -4.56 8.66 8.89
CA SER B 11 -3.20 8.20 9.35
C SER B 11 -2.17 8.53 8.25
N SER B 12 -0.95 8.76 8.62
CA SER B 12 0.10 9.08 7.59
C SER B 12 1.47 8.58 8.05
N VAL B 13 2.17 7.90 7.19
CA VAL B 13 3.52 7.36 7.54
C VAL B 13 4.13 6.75 6.29
N PHE B 14 5.36 6.32 6.35
CA PHE B 14 5.97 5.70 5.13
C PHE B 14 7.47 5.41 5.32
N ILE B 15 8.12 5.03 4.23
CA ILE B 15 9.58 4.72 4.28
C ILE B 15 10.22 5.18 2.97
N THR B 16 11.52 4.97 2.82
CA THR B 16 12.21 5.38 1.56
C THR B 16 13.25 4.32 1.20
N LEU B 17 13.43 4.05 -0.08
CA LEU B 17 14.42 3.01 -0.50
C LEU B 17 15.69 3.69 -1.02
N ALA B 18 16.83 3.07 -0.82
CA ALA B 18 18.11 3.64 -1.29
C ALA B 18 19.11 2.48 -1.49
N PRO B 19 20.08 2.64 -2.37
CA PRO B 19 21.07 1.58 -2.62
C PRO B 19 21.81 1.25 -1.30
N PRO B 20 22.51 0.14 -1.27
CA PRO B 20 23.27 -0.27 -0.07
C PRO B 20 24.37 0.77 0.22
N ARG B 21 25.36 0.40 0.97
CA ARG B 21 26.46 1.34 1.27
C ARG B 21 27.30 1.57 0.01
N ARG B 22 27.77 2.78 -0.19
CA ARG B 22 28.59 3.05 -1.42
C ARG B 22 29.91 2.30 -1.32
N ASP B 23 30.09 1.28 -2.14
CA ASP B 23 31.36 0.49 -2.12
C ASP B 23 31.95 0.47 -3.53
N VAL B 24 31.13 0.45 -4.53
CA VAL B 24 31.65 0.44 -5.94
C VAL B 24 32.56 -0.77 -6.13
N GLY A 1 17.67 8.97 -29.00
CA GLY A 1 17.40 7.51 -28.64
C GLY A 1 17.03 6.55 -29.72
N ILE A 2 17.22 5.28 -29.47
CA ILE A 2 16.88 4.25 -30.48
C ILE A 2 16.98 2.88 -29.81
N PRO A 3 16.36 2.74 -28.65
CA PRO A 3 16.39 1.47 -27.92
C PRO A 3 15.87 0.37 -28.82
N GLU A 4 14.58 0.26 -28.92
CA GLU A 4 13.99 -0.86 -29.72
C GLU A 4 14.21 -2.10 -28.84
N PHE A 5 15.08 -1.92 -27.90
CA PHE A 5 15.41 -2.93 -26.88
C PHE A 5 14.44 -2.63 -25.74
N PHE A 6 13.41 -1.91 -26.08
CA PHE A 6 12.40 -1.46 -25.11
C PHE A 6 13.09 -0.93 -23.85
N GLN A 7 12.42 -1.00 -22.74
CA GLN A 7 12.98 -0.44 -21.47
C GLN A 7 12.66 1.04 -21.52
N PHE A 8 12.17 1.46 -22.65
CA PHE A 8 11.78 2.87 -22.84
C PHE A 8 10.67 2.91 -23.89
N THR A 9 10.79 2.07 -24.88
CA THR A 9 9.74 1.99 -25.92
C THR A 9 8.78 0.91 -25.45
N VAL A 10 9.05 0.39 -24.28
CA VAL A 10 8.20 -0.68 -23.70
C VAL A 10 6.72 -0.34 -23.91
N GLY A 11 6.37 0.92 -23.78
CA GLY A 11 4.95 1.36 -23.98
C GLY A 11 4.60 2.41 -22.91
N PRO A 12 4.22 1.96 -21.72
CA PRO A 12 3.89 2.87 -20.60
C PRO A 12 5.16 3.64 -20.18
N LEU A 13 5.94 4.04 -21.15
CA LEU A 13 7.22 4.80 -20.91
C LEU A 13 7.82 4.42 -19.56
N GLY A 14 7.85 3.15 -19.25
CA GLY A 14 8.43 2.69 -17.97
C GLY A 14 7.53 3.10 -16.82
N GLU A 15 6.94 4.27 -16.90
CA GLU A 15 6.06 4.72 -15.79
C GLU A 15 6.83 4.55 -14.48
N GLY A 16 8.12 4.44 -14.58
CA GLY A 16 8.97 4.24 -13.38
C GLY A 16 8.84 2.78 -12.94
N GLY A 17 9.21 2.48 -11.73
CA GLY A 17 9.11 1.07 -11.26
C GLY A 17 7.63 0.70 -11.04
N ALA A 18 6.73 1.65 -11.17
CA ALA A 18 5.29 1.32 -10.96
C ALA A 18 4.95 0.05 -11.77
N HIS A 19 5.81 -0.36 -12.64
CA HIS A 19 5.55 -1.58 -13.46
C HIS A 19 6.26 -2.78 -12.82
N LYS A 20 7.47 -2.59 -12.35
CA LYS A 20 8.21 -3.72 -11.72
C LYS A 20 7.77 -3.88 -10.26
N VAL A 21 7.29 -2.83 -9.65
CA VAL A 21 6.85 -2.94 -8.23
C VAL A 21 5.71 -3.95 -8.14
N ARG A 22 5.95 -5.06 -7.51
CA ARG A 22 4.89 -6.11 -7.38
C ARG A 22 4.31 -6.08 -5.96
N ALA A 23 3.01 -6.07 -5.85
CA ALA A 23 2.35 -6.06 -4.51
C ALA A 23 1.18 -7.05 -4.53
N GLY A 24 1.28 -8.11 -3.77
CA GLY A 24 0.17 -9.11 -3.76
C GLY A 24 0.19 -9.89 -2.44
N GLY A 25 -0.95 -10.07 -1.82
CA GLY A 25 -0.98 -10.82 -0.54
C GLY A 25 -2.42 -10.94 -0.05
N THR A 26 -2.62 -11.52 1.11
CA THR A 26 -3.99 -11.67 1.65
C THR A 26 -4.45 -10.34 2.27
N GLY A 27 -3.53 -9.53 2.70
CA GLY A 27 -3.90 -8.23 3.31
C GLY A 27 -4.45 -7.34 2.21
N LEU A 28 -4.21 -7.70 0.98
CA LEU A 28 -4.73 -6.89 -0.16
C LEU A 28 -6.07 -7.46 -0.59
N GLU A 29 -6.84 -7.98 0.33
CA GLU A 29 -8.17 -8.56 -0.01
C GLU A 29 -9.17 -8.28 1.11
N ARG A 30 -8.84 -8.67 2.33
CA ARG A 30 -9.81 -8.42 3.46
C ARG A 30 -9.06 -8.40 4.79
N GLY A 31 -9.60 -7.70 5.76
CA GLY A 31 -8.95 -7.64 7.12
C GLY A 31 -10.05 -7.70 8.18
N VAL A 32 -9.68 -7.83 9.43
CA VAL A 32 -10.71 -7.91 10.51
C VAL A 32 -10.31 -7.01 11.70
N ALA A 33 -11.29 -6.47 12.38
CA ALA A 33 -11.04 -5.58 13.56
C ALA A 33 -9.86 -6.09 14.40
N GLY A 34 -8.73 -5.44 14.33
CA GLY A 34 -7.58 -5.84 15.17
C GLY A 34 -7.08 -7.25 14.82
N VAL A 35 -6.71 -7.49 13.58
CA VAL A 35 -6.18 -8.84 13.19
C VAL A 35 -4.80 -8.66 12.50
N PRO A 36 -3.80 -9.46 12.87
CA PRO A 36 -2.48 -9.34 12.23
C PRO A 36 -2.65 -9.56 10.71
N ALA A 37 -2.40 -8.55 9.91
CA ALA A 37 -2.57 -8.70 8.43
C ALA A 37 -1.29 -8.27 7.72
N GLU A 38 -0.98 -8.88 6.60
CA GLU A 38 0.26 -8.48 5.88
C GLU A 38 0.16 -8.85 4.40
N PHE A 39 1.15 -8.44 3.67
CA PHE A 39 1.18 -8.76 2.22
C PHE A 39 2.62 -8.62 1.76
N SER A 40 2.92 -9.09 0.58
CA SER A 40 4.32 -9.03 0.07
C SER A 40 4.49 -7.83 -0.87
N ILE A 41 5.69 -7.29 -0.94
CA ILE A 41 5.96 -6.14 -1.84
C ILE A 41 7.37 -6.30 -2.44
N TRP A 42 7.47 -6.96 -3.56
CA TRP A 42 8.81 -7.15 -4.19
C TRP A 42 9.13 -5.92 -5.05
N THR A 43 10.38 -5.51 -5.05
CA THR A 43 10.76 -4.31 -5.85
C THR A 43 12.30 -4.18 -5.85
N ARG A 44 12.92 -4.26 -6.98
CA ARG A 44 14.41 -4.14 -7.03
C ARG A 44 14.86 -3.91 -8.47
N GLU A 45 13.99 -4.10 -9.42
CA GLU A 45 14.39 -3.90 -10.85
C GLU A 45 14.64 -2.40 -11.11
N ALA A 46 13.75 -1.54 -10.68
CA ALA A 46 13.96 -0.09 -10.90
C ALA A 46 15.25 0.35 -10.22
N GLY A 47 15.33 0.17 -8.93
CA GLY A 47 16.57 0.58 -8.19
C GLY A 47 16.18 1.14 -6.82
N ALA A 48 16.98 2.03 -6.30
CA ALA A 48 16.67 2.63 -4.97
C ALA A 48 15.65 3.75 -5.14
N GLY A 49 15.01 4.16 -4.08
CA GLY A 49 14.00 5.25 -4.18
C GLY A 49 13.30 5.44 -2.84
N GLY A 50 12.03 5.73 -2.86
CA GLY A 50 11.28 5.93 -1.57
C GLY A 50 9.82 5.48 -1.76
N LEU A 51 9.34 4.64 -0.89
CA LEU A 51 7.94 4.15 -0.98
C LEU A 51 7.09 4.88 0.05
N SER A 52 6.26 5.80 -0.39
CA SER A 52 5.39 6.56 0.55
C SER A 52 4.06 5.81 0.71
N ILE A 53 3.49 5.76 1.89
CA ILE A 53 2.20 5.03 2.08
C ILE A 53 1.22 5.91 2.86
N ALA A 54 0.28 6.51 2.18
CA ALA A 54 -0.71 7.38 2.88
C ALA A 54 -1.93 6.53 3.21
N VAL A 55 -2.10 6.20 4.46
CA VAL A 55 -3.27 5.36 4.88
C VAL A 55 -4.38 6.28 5.37
N GLU A 56 -5.61 5.91 5.13
CA GLU A 56 -6.77 6.74 5.58
C GLU A 56 -7.88 5.78 6.04
N GLY A 57 -8.60 6.14 7.06
CA GLY A 57 -9.68 5.23 7.55
C GLY A 57 -10.08 5.63 8.98
N PRO A 58 -10.93 4.83 9.60
CA PRO A 58 -11.40 5.10 10.98
C PRO A 58 -10.26 5.10 11.99
N SER A 59 -9.23 4.32 11.78
CA SER A 59 -8.10 4.28 12.77
C SER A 59 -6.76 4.24 12.04
N LYS A 60 -5.69 4.41 12.78
CA LYS A 60 -4.33 4.37 12.17
C LYS A 60 -3.84 2.93 12.12
N ALA A 61 -3.81 2.33 10.96
CA ALA A 61 -3.34 0.92 10.86
C ALA A 61 -1.82 0.87 11.03
N GLU A 62 -1.35 0.04 11.94
CA GLU A 62 0.12 -0.07 12.14
C GLU A 62 0.77 -0.64 10.88
N ILE A 63 2.07 -0.64 10.81
CA ILE A 63 2.77 -1.18 9.59
C ILE A 63 4.07 -1.87 10.06
N ALA A 64 4.58 -2.81 9.31
CA ALA A 64 5.82 -3.51 9.74
C ALA A 64 6.69 -3.81 8.51
N PHE A 65 7.88 -4.31 8.72
CA PHE A 65 8.77 -4.63 7.57
C PHE A 65 9.54 -5.93 7.85
N GLU A 66 9.50 -6.87 6.95
CA GLU A 66 10.21 -8.17 7.17
C GLU A 66 10.85 -8.64 5.86
N ASP A 67 12.15 -8.67 5.81
CA ASP A 67 12.86 -9.15 4.58
C ASP A 67 13.20 -10.63 4.78
N ARG A 68 12.19 -11.48 4.84
CA ARG A 68 12.43 -12.95 5.03
C ARG A 68 11.83 -13.71 3.86
N LYS A 69 11.79 -13.10 2.71
CA LYS A 69 11.22 -13.79 1.50
C LYS A 69 12.38 -14.11 0.56
N ASP A 70 13.58 -13.81 1.00
CA ASP A 70 14.78 -14.09 0.18
C ASP A 70 14.84 -13.09 -0.99
N GLY A 71 14.04 -12.05 -0.95
CA GLY A 71 14.08 -11.07 -2.07
C GLY A 71 12.83 -10.18 -2.06
N SER A 72 11.72 -10.68 -1.59
CA SER A 72 10.47 -9.86 -1.57
C SER A 72 10.32 -9.21 -0.19
N CYS A 73 9.83 -7.99 -0.16
CA CYS A 73 9.65 -7.30 1.15
C CYS A 73 8.26 -7.64 1.72
N GLY A 74 8.18 -7.86 3.01
CA GLY A 74 6.86 -8.20 3.65
C GLY A 74 6.41 -7.06 4.56
N VAL A 75 5.33 -6.42 4.22
CA VAL A 75 4.80 -5.29 5.06
C VAL A 75 3.63 -5.81 5.89
N SER A 76 3.78 -5.82 7.19
CA SER A 76 2.67 -6.31 8.08
C SER A 76 1.97 -5.12 8.72
N TYR A 77 0.67 -5.14 8.76
CA TYR A 77 -0.09 -4.01 9.37
C TYR A 77 -1.19 -4.55 10.30
N VAL A 78 -1.77 -3.70 11.10
CA VAL A 78 -2.84 -4.15 12.03
C VAL A 78 -3.93 -3.07 12.08
N VAL A 79 -5.10 -3.38 11.60
CA VAL A 79 -6.21 -2.38 11.62
C VAL A 79 -6.81 -2.36 13.03
N GLN A 80 -7.63 -1.40 13.32
CA GLN A 80 -8.27 -1.33 14.67
C GLN A 80 -9.76 -1.66 14.54
N GLU A 81 -10.40 -1.24 13.48
CA GLU A 81 -11.86 -1.53 13.32
C GLU A 81 -12.29 -1.44 11.84
N PRO A 82 -13.29 -2.21 11.44
CA PRO A 82 -13.82 -2.19 10.06
C PRO A 82 -13.89 -0.78 9.49
N GLY A 83 -14.14 -0.72 8.22
CA GLY A 83 -14.26 0.60 7.53
C GLY A 83 -13.64 0.51 6.14
N ASP A 84 -13.70 1.58 5.39
CA ASP A 84 -13.10 1.59 4.03
C ASP A 84 -11.69 2.15 4.15
N TYR A 85 -10.74 1.29 4.37
CA TYR A 85 -9.34 1.75 4.53
C TYR A 85 -8.76 2.05 3.14
N GLU A 86 -8.14 3.20 3.01
CA GLU A 86 -7.56 3.60 1.68
C GLU A 86 -6.03 3.63 1.82
N VAL A 87 -5.34 2.98 0.92
CA VAL A 87 -3.83 2.96 0.98
C VAL A 87 -3.26 3.42 -0.35
N SER A 88 -2.29 4.31 -0.31
CA SER A 88 -1.66 4.83 -1.57
C SER A 88 -0.16 4.57 -1.53
N ILE A 89 0.29 3.58 -2.27
CA ILE A 89 1.75 3.25 -2.29
C ILE A 89 2.37 3.67 -3.63
N LYS A 90 3.46 4.38 -3.57
CA LYS A 90 4.14 4.84 -4.81
C LYS A 90 5.64 4.67 -4.61
N PHE A 91 6.32 3.93 -5.43
CA PHE A 91 7.78 3.79 -5.23
C PHE A 91 8.47 5.00 -5.86
N ASN A 92 8.84 5.95 -5.06
CA ASN A 92 9.49 7.18 -5.61
C ASN A 92 8.43 8.02 -6.33
N ASP A 93 7.22 8.03 -5.81
CA ASP A 93 6.12 8.82 -6.44
C ASP A 93 5.55 8.12 -7.68
N GLU A 94 5.83 6.85 -7.88
CA GLU A 94 5.23 6.16 -9.06
C GLU A 94 4.05 5.34 -8.55
N HIS A 95 2.87 5.87 -8.72
CA HIS A 95 1.65 5.18 -8.22
C HIS A 95 1.41 3.89 -8.99
N ILE A 96 1.69 2.77 -8.39
CA ILE A 96 1.46 1.47 -9.08
C ILE A 96 -0.03 1.42 -9.50
N PRO A 97 -0.34 0.98 -10.72
CA PRO A 97 -1.75 0.91 -11.15
C PRO A 97 -2.60 0.26 -10.06
N ASP A 98 -3.15 1.06 -9.18
CA ASP A 98 -3.98 0.53 -8.06
C ASP A 98 -4.16 1.65 -7.04
N SER A 99 -3.09 2.11 -6.48
CA SER A 99 -3.20 3.17 -5.44
C SER A 99 -3.97 4.38 -6.00
N PRO A 100 -4.87 4.98 -5.21
CA PRO A 100 -5.24 4.59 -3.83
C PRO A 100 -6.41 3.56 -3.87
N PHE A 101 -6.20 2.31 -3.46
CA PHE A 101 -7.37 1.34 -3.48
C PHE A 101 -7.99 1.25 -2.08
N VAL A 102 -9.14 0.61 -2.00
CA VAL A 102 -9.83 0.49 -0.67
C VAL A 102 -9.50 -0.88 -0.05
N VAL A 103 -9.50 -0.94 1.26
CA VAL A 103 -9.20 -2.23 1.98
C VAL A 103 -10.32 -2.48 3.00
N PRO A 104 -11.39 -3.14 2.56
CA PRO A 104 -12.55 -3.40 3.45
C PRO A 104 -12.17 -4.35 4.61
N VAL A 105 -12.22 -3.86 5.82
CA VAL A 105 -11.91 -4.70 7.01
C VAL A 105 -13.25 -4.98 7.70
N ALA A 106 -13.45 -6.17 8.27
CA ALA A 106 -14.78 -6.50 8.89
C ALA A 106 -14.63 -7.15 10.29
N SER A 107 -15.47 -6.76 11.22
CA SER A 107 -15.43 -7.32 12.60
C SER A 107 -16.43 -8.48 12.65
N LEU A 108 -16.04 -9.59 12.13
CA LEU A 108 -16.98 -10.76 12.09
C LEU A 108 -18.17 -10.37 11.22
N SER A 109 -18.11 -9.20 10.66
CA SER A 109 -19.21 -8.71 9.78
C SER A 109 -18.91 -9.12 8.35
N ASP A 110 -17.66 -9.38 8.04
CA ASP A 110 -17.32 -9.77 6.65
C ASP A 110 -17.86 -8.70 5.71
N ASP A 111 -18.28 -7.60 6.27
CA ASP A 111 -18.84 -6.50 5.45
C ASP A 111 -19.00 -5.25 6.32
N ALA A 112 -19.28 -5.42 7.59
CA ALA A 112 -19.45 -4.23 8.48
C ALA A 112 -20.30 -3.16 7.77
N ARG A 113 -21.59 -3.22 7.91
CA ARG A 113 -22.46 -2.22 7.22
C ARG A 113 -22.07 -0.81 7.68
N ARG A 114 -22.93 0.15 7.42
CA ARG A 114 -22.65 1.56 7.82
C ARG A 114 -23.93 2.13 8.45
N LEU A 115 -24.96 1.33 8.51
CA LEU A 115 -26.27 1.78 9.10
C LEU A 115 -26.78 0.73 10.09
N THR A 116 -26.35 -0.50 9.92
CA THR A 116 -26.78 -1.59 10.86
C THR A 116 -25.60 -1.87 11.78
N VAL A 117 -24.63 -2.58 11.30
CA VAL A 117 -23.42 -2.81 12.10
C VAL A 117 -22.79 -1.45 12.32
N THR A 118 -23.33 -0.46 11.63
CA THR A 118 -22.83 0.94 11.71
C THR A 118 -21.32 0.97 11.86
N SER A 119 -20.64 0.43 10.89
CA SER A 119 -19.14 0.41 10.92
C SER A 119 -18.68 -0.66 11.91
N MET B 1 -30.53 11.18 14.67
CA MET B 1 -29.07 11.34 14.40
C MET B 1 -28.85 12.64 13.62
N ALA B 2 -29.02 12.60 12.32
CA ALA B 2 -28.81 13.83 11.50
C ALA B 2 -27.51 14.53 11.93
N SER B 3 -26.42 14.21 11.30
CA SER B 3 -25.13 14.86 11.66
C SER B 3 -24.17 14.83 10.46
N LYS B 4 -23.65 15.96 10.08
CA LYS B 4 -22.72 15.99 8.92
C LYS B 4 -21.50 15.08 9.23
N PRO B 5 -21.12 14.19 8.33
CA PRO B 5 -19.96 13.31 8.59
C PRO B 5 -18.70 14.16 8.83
N GLU B 6 -17.56 13.53 8.92
CA GLU B 6 -16.30 14.30 9.14
C GLU B 6 -15.13 13.48 8.61
N LYS B 7 -15.31 12.83 7.48
CA LYS B 7 -14.22 12.00 6.90
C LYS B 7 -13.74 10.98 7.93
N ARG B 8 -13.00 9.99 7.50
CA ARG B 8 -12.49 8.96 8.45
C ARG B 8 -11.13 9.42 8.99
N VAL B 9 -10.71 8.91 10.11
CA VAL B 9 -9.40 9.33 10.66
C VAL B 9 -8.34 9.23 9.54
N ALA B 10 -7.24 9.92 9.68
CA ALA B 10 -6.18 9.89 8.62
C ALA B 10 -4.85 9.47 9.22
N SER B 11 -4.07 8.72 8.48
CA SER B 11 -2.74 8.27 8.97
C SER B 11 -1.71 8.48 7.86
N SER B 12 -0.49 8.80 8.20
CA SER B 12 0.56 9.04 7.17
C SER B 12 1.91 8.50 7.65
N VAL B 13 2.41 7.49 7.00
CA VAL B 13 3.71 6.91 7.42
C VAL B 13 4.30 6.12 6.25
N PHE B 14 5.56 5.77 6.33
CA PHE B 14 6.18 5.00 5.22
C PHE B 14 7.63 4.62 5.53
N ILE B 15 8.33 4.17 4.51
CA ILE B 15 9.76 3.78 4.67
C ILE B 15 10.53 4.27 3.43
N THR B 16 11.81 4.51 3.58
CA THR B 16 12.64 5.00 2.43
C THR B 16 13.82 4.06 2.20
N LEU B 17 14.03 3.64 0.97
CA LEU B 17 15.17 2.73 0.66
C LEU B 17 16.33 3.55 0.10
N ALA B 18 17.45 3.56 0.77
CA ALA B 18 18.62 4.35 0.27
C ALA B 18 19.93 3.63 0.64
N PRO B 19 20.28 2.61 -0.12
CA PRO B 19 21.52 1.84 0.15
C PRO B 19 22.73 2.79 0.06
N PRO B 20 23.89 2.32 0.48
CA PRO B 20 25.12 3.13 0.44
C PRO B 20 25.34 3.69 -0.98
N ARG B 21 25.63 4.96 -1.08
CA ARG B 21 25.87 5.58 -2.42
C ARG B 21 27.37 5.62 -2.71
N ARG B 22 27.77 5.27 -3.90
CA ARG B 22 29.22 5.29 -4.24
C ARG B 22 29.39 5.37 -5.76
N ASP B 23 28.76 6.32 -6.39
CA ASP B 23 28.88 6.44 -7.87
C ASP B 23 28.51 7.87 -8.29
N VAL B 24 29.07 8.86 -7.63
CA VAL B 24 28.75 10.27 -8.00
C VAL B 24 29.48 10.62 -9.29
N GLY A 1 17.90 7.01 -22.74
CA GLY A 1 17.66 5.65 -23.42
C GLY A 1 17.27 5.61 -24.86
N ILE A 2 17.27 4.43 -25.44
CA ILE A 2 16.86 4.28 -26.87
C ILE A 2 16.23 2.90 -27.02
N PRO A 3 15.38 2.52 -26.08
CA PRO A 3 14.74 1.21 -26.15
C PRO A 3 14.08 1.04 -27.51
N GLU A 4 12.98 1.71 -27.71
CA GLU A 4 12.24 1.51 -28.99
C GLU A 4 11.64 0.13 -28.83
N PHE A 5 12.49 -0.79 -28.46
CA PHE A 5 12.10 -2.17 -28.13
C PHE A 5 10.93 -2.08 -27.16
N PHE A 6 10.93 -0.99 -26.42
CA PHE A 6 9.88 -0.65 -25.39
C PHE A 6 10.44 -0.73 -23.98
N GLN A 7 9.60 -1.05 -23.04
CA GLN A 7 10.03 -1.11 -21.60
C GLN A 7 9.99 0.32 -21.12
N PHE A 8 9.69 1.19 -22.04
CA PHE A 8 9.58 2.64 -21.73
C PHE A 8 8.61 3.24 -22.74
N THR A 9 8.71 2.80 -23.96
CA THR A 9 7.77 3.29 -25.00
C THR A 9 6.56 2.37 -24.93
N VAL A 10 6.60 1.45 -23.99
CA VAL A 10 5.48 0.49 -23.79
C VAL A 10 4.14 1.21 -23.95
N GLY A 11 4.09 2.45 -23.55
CA GLY A 11 2.82 3.24 -23.67
C GLY A 11 2.73 4.23 -22.50
N PRO A 12 2.33 3.75 -21.34
CA PRO A 12 2.24 4.59 -20.12
C PRO A 12 3.65 5.03 -19.72
N LEU A 13 4.42 5.43 -20.69
CA LEU A 13 5.84 5.89 -20.48
C LEU A 13 6.46 5.20 -19.27
N GLY A 14 6.31 3.91 -19.16
CA GLY A 14 6.89 3.17 -18.01
C GLY A 14 6.15 3.56 -16.74
N GLU A 15 5.77 4.81 -16.63
CA GLU A 15 5.05 5.27 -15.41
C GLU A 15 5.92 4.93 -14.19
N GLY A 16 7.12 4.46 -14.43
CA GLY A 16 8.05 4.13 -13.31
C GLY A 16 7.83 2.70 -12.82
N GLY A 17 8.34 2.39 -11.66
CA GLY A 17 8.20 1.01 -11.11
C GLY A 17 6.76 0.53 -11.24
N ALA A 18 5.85 1.41 -11.55
CA ALA A 18 4.42 0.98 -11.69
C ALA A 18 4.33 -0.28 -12.54
N HIS A 19 5.40 -0.67 -13.18
CA HIS A 19 5.37 -1.89 -14.05
C HIS A 19 6.08 -3.06 -13.36
N LYS A 20 7.07 -2.79 -12.55
CA LYS A 20 7.82 -3.90 -11.87
C LYS A 20 7.37 -4.04 -10.42
N VAL A 21 6.68 -3.06 -9.89
CA VAL A 21 6.23 -3.17 -8.47
C VAL A 21 5.13 -4.23 -8.35
N ARG A 22 5.42 -5.30 -7.66
CA ARG A 22 4.42 -6.39 -7.47
C ARG A 22 3.84 -6.31 -6.06
N ALA A 23 2.55 -6.53 -5.92
CA ALA A 23 1.93 -6.47 -4.57
C ALA A 23 0.83 -7.53 -4.47
N GLY A 24 1.03 -8.52 -3.63
CA GLY A 24 0.00 -9.59 -3.48
C GLY A 24 0.14 -10.26 -2.11
N GLY A 25 -0.93 -10.37 -1.38
CA GLY A 25 -0.84 -11.02 -0.04
C GLY A 25 -2.23 -11.05 0.61
N THR A 26 -2.33 -11.55 1.81
CA THR A 26 -3.65 -11.59 2.50
C THR A 26 -3.98 -10.20 3.05
N GLY A 27 -3.00 -9.41 3.33
CA GLY A 27 -3.25 -8.05 3.87
C GLY A 27 -3.84 -7.17 2.77
N LEU A 28 -3.79 -7.64 1.54
CA LEU A 28 -4.36 -6.83 0.41
C LEU A 28 -5.82 -7.23 0.20
N GLU A 29 -6.28 -8.23 0.91
CA GLU A 29 -7.69 -8.67 0.75
C GLU A 29 -8.56 -8.03 1.84
N ARG A 30 -8.16 -8.13 3.09
CA ARG A 30 -8.99 -7.50 4.17
C ARG A 30 -8.27 -7.65 5.52
N GLY A 31 -8.93 -7.26 6.59
CA GLY A 31 -8.32 -7.36 7.94
C GLY A 31 -9.44 -7.54 8.96
N VAL A 32 -9.10 -7.69 10.22
CA VAL A 32 -10.17 -7.86 11.26
C VAL A 32 -9.86 -6.99 12.49
N ALA A 33 -10.89 -6.58 13.19
CA ALA A 33 -10.72 -5.70 14.39
C ALA A 33 -9.47 -6.08 15.22
N GLY A 34 -8.50 -5.21 15.24
CA GLY A 34 -7.27 -5.43 16.05
C GLY A 34 -6.63 -6.76 15.71
N VAL A 35 -6.42 -7.04 14.45
CA VAL A 35 -5.76 -8.32 14.05
C VAL A 35 -4.57 -8.00 13.12
N PRO A 36 -3.36 -7.96 13.65
CA PRO A 36 -2.17 -7.62 12.82
C PRO A 36 -2.06 -8.59 11.64
N ALA A 37 -1.53 -8.13 10.54
CA ALA A 37 -1.39 -9.01 9.35
C ALA A 37 -0.29 -8.46 8.44
N GLU A 38 -0.19 -8.96 7.24
CA GLU A 38 0.88 -8.44 6.33
C GLU A 38 0.68 -8.97 4.92
N PHE A 39 1.40 -8.41 3.99
CA PHE A 39 1.33 -8.87 2.58
C PHE A 39 2.73 -8.73 1.99
N SER A 40 2.89 -9.06 0.74
CA SER A 40 4.26 -8.99 0.11
C SER A 40 4.34 -7.83 -0.89
N ILE A 41 5.51 -7.29 -1.06
CA ILE A 41 5.70 -6.16 -2.03
C ILE A 41 7.12 -6.26 -2.61
N TRP A 42 7.26 -6.89 -3.74
CA TRP A 42 8.63 -7.01 -4.36
C TRP A 42 8.88 -5.76 -5.23
N THR A 43 10.06 -5.22 -5.17
CA THR A 43 10.37 -4.00 -5.97
C THR A 43 11.87 -3.75 -5.97
N ARG A 44 12.50 -3.86 -7.11
CA ARG A 44 13.98 -3.62 -7.16
C ARG A 44 14.44 -3.55 -8.62
N GLU A 45 13.59 -3.93 -9.54
CA GLU A 45 13.99 -3.89 -10.98
C GLU A 45 14.20 -2.42 -11.40
N ALA A 46 13.31 -1.56 -11.04
CA ALA A 46 13.47 -0.13 -11.43
C ALA A 46 14.81 0.37 -10.89
N GLY A 47 15.07 0.14 -9.63
CA GLY A 47 16.36 0.59 -9.02
C GLY A 47 16.09 1.14 -7.62
N ALA A 48 16.92 2.03 -7.16
CA ALA A 48 16.72 2.61 -5.80
C ALA A 48 15.78 3.81 -5.91
N GLY A 49 15.11 4.15 -4.85
CA GLY A 49 14.17 5.32 -4.91
C GLY A 49 13.50 5.50 -3.55
N GLY A 50 12.23 5.82 -3.54
CA GLY A 50 11.51 6.02 -2.24
C GLY A 50 10.13 5.38 -2.34
N LEU A 51 9.46 5.24 -1.23
CA LEU A 51 8.09 4.64 -1.23
C LEU A 51 7.23 5.36 -0.22
N SER A 52 6.32 6.18 -0.67
CA SER A 52 5.44 6.94 0.26
C SER A 52 4.18 6.10 0.53
N ILE A 53 3.64 6.12 1.74
CA ILE A 53 2.42 5.33 2.03
C ILE A 53 1.44 6.18 2.83
N ALA A 54 0.39 6.65 2.19
CA ALA A 54 -0.62 7.49 2.90
C ALA A 54 -1.79 6.60 3.31
N VAL A 55 -1.90 6.31 4.58
CA VAL A 55 -3.01 5.45 5.06
C VAL A 55 -4.15 6.32 5.59
N GLU A 56 -5.37 5.92 5.35
CA GLU A 56 -6.53 6.71 5.86
C GLU A 56 -7.61 5.72 6.32
N GLY A 57 -8.31 6.03 7.38
CA GLY A 57 -9.35 5.11 7.89
C GLY A 57 -9.75 5.51 9.32
N PRO A 58 -10.58 4.72 9.95
CA PRO A 58 -11.05 4.99 11.33
C PRO A 58 -9.89 5.08 12.32
N SER A 59 -8.80 4.44 12.05
CA SER A 59 -7.63 4.50 13.00
C SER A 59 -6.32 4.54 12.23
N LYS A 60 -5.23 4.81 12.91
CA LYS A 60 -3.91 4.88 12.25
C LYS A 60 -3.35 3.47 12.06
N ALA A 61 -3.56 2.88 10.91
CA ALA A 61 -3.03 1.51 10.67
C ALA A 61 -1.51 1.53 10.72
N GLU A 62 -0.92 0.84 11.66
CA GLU A 62 0.57 0.83 11.75
C GLU A 62 1.15 0.14 10.51
N ILE A 63 2.43 0.24 10.30
CA ILE A 63 3.07 -0.39 9.12
C ILE A 63 4.43 -0.96 9.54
N ALA A 64 4.95 -1.95 8.85
CA ALA A 64 6.27 -2.53 9.25
C ALA A 64 7.05 -2.94 8.00
N PHE A 65 8.30 -3.29 8.14
CA PHE A 65 9.10 -3.70 6.95
C PHE A 65 10.12 -4.77 7.36
N GLU A 66 10.01 -5.95 6.81
CA GLU A 66 10.98 -7.04 7.16
C GLU A 66 11.32 -7.84 5.90
N ASP A 67 12.48 -7.61 5.34
CA ASP A 67 12.87 -8.36 4.12
C ASP A 67 13.23 -9.81 4.51
N ARG A 68 12.31 -10.71 4.41
CA ARG A 68 12.59 -12.13 4.78
C ARG A 68 13.11 -12.89 3.55
N LYS A 69 13.08 -12.27 2.39
CA LYS A 69 13.56 -12.96 1.15
C LYS A 69 14.67 -12.12 0.51
N ASP A 70 15.03 -11.02 1.12
CA ASP A 70 16.12 -10.18 0.54
C ASP A 70 15.63 -9.59 -0.78
N GLY A 71 14.46 -9.97 -1.22
CA GLY A 71 13.93 -9.45 -2.51
C GLY A 71 12.45 -9.13 -2.38
N SER A 72 11.73 -9.87 -1.57
CA SER A 72 10.28 -9.61 -1.40
C SER A 72 10.09 -8.74 -0.15
N CYS A 73 9.72 -7.50 -0.32
CA CYS A 73 9.53 -6.61 0.86
C CYS A 73 8.18 -6.91 1.52
N GLY A 74 8.21 -7.40 2.73
CA GLY A 74 6.93 -7.72 3.44
C GLY A 74 6.49 -6.54 4.30
N VAL A 75 5.39 -5.94 3.96
CA VAL A 75 4.88 -4.77 4.74
C VAL A 75 3.81 -5.24 5.73
N SER A 76 4.12 -5.26 6.99
CA SER A 76 3.12 -5.70 8.00
C SER A 76 2.33 -4.47 8.45
N TYR A 77 1.23 -4.66 9.12
CA TYR A 77 0.42 -3.48 9.57
C TYR A 77 -0.57 -3.91 10.64
N VAL A 78 -1.26 -2.97 11.26
CA VAL A 78 -2.26 -3.34 12.32
C VAL A 78 -3.49 -2.44 12.24
N VAL A 79 -4.64 -3.02 12.01
CA VAL A 79 -5.89 -2.21 11.91
C VAL A 79 -6.59 -2.20 13.28
N GLN A 80 -7.25 -1.12 13.63
CA GLN A 80 -7.93 -1.06 14.95
C GLN A 80 -9.36 -1.58 14.84
N GLU A 81 -10.13 -1.15 13.87
CA GLU A 81 -11.53 -1.63 13.75
C GLU A 81 -12.06 -1.52 12.30
N PRO A 82 -13.04 -2.33 11.96
CA PRO A 82 -13.66 -2.34 10.62
C PRO A 82 -13.77 -0.96 10.01
N GLY A 83 -13.76 -0.93 8.70
CA GLY A 83 -13.87 0.36 7.97
C GLY A 83 -13.19 0.22 6.61
N ASP A 84 -13.54 1.06 5.68
CA ASP A 84 -12.91 1.01 4.34
C ASP A 84 -11.61 1.78 4.41
N TYR A 85 -10.54 1.11 4.73
CA TYR A 85 -9.23 1.78 4.85
C TYR A 85 -8.74 2.10 3.44
N GLU A 86 -7.88 3.07 3.31
CA GLU A 86 -7.37 3.46 1.96
C GLU A 86 -5.85 3.75 2.05
N VAL A 87 -5.06 3.01 1.31
CA VAL A 87 -3.58 3.22 1.33
C VAL A 87 -3.08 3.59 -0.08
N SER A 88 -2.06 4.40 -0.16
CA SER A 88 -1.51 4.80 -1.51
C SER A 88 0.00 4.60 -1.51
N ILE A 89 0.46 3.60 -2.22
CA ILE A 89 1.93 3.32 -2.27
C ILE A 89 2.48 3.72 -3.65
N LYS A 90 3.56 4.46 -3.65
CA LYS A 90 4.18 4.90 -4.93
C LYS A 90 5.69 4.73 -4.84
N PHE A 91 6.28 3.99 -5.71
CA PHE A 91 7.76 3.84 -5.64
C PHE A 91 8.38 5.07 -6.30
N ASN A 92 8.94 5.96 -5.51
CA ASN A 92 9.54 7.21 -6.05
C ASN A 92 8.45 8.05 -6.75
N ASP A 93 7.23 7.99 -6.24
CA ASP A 93 6.10 8.80 -6.83
C ASP A 93 5.42 8.10 -8.00
N GLU A 94 5.61 6.81 -8.16
CA GLU A 94 4.90 6.09 -9.27
C GLU A 94 3.73 5.34 -8.64
N HIS A 95 2.56 5.91 -8.72
CA HIS A 95 1.37 5.25 -8.10
C HIS A 95 1.03 3.98 -8.90
N ILE A 96 1.31 2.85 -8.34
CA ILE A 96 1.02 1.58 -9.06
C ILE A 96 -0.50 1.53 -9.37
N PRO A 97 -0.90 0.79 -10.39
CA PRO A 97 -2.33 0.68 -10.74
C PRO A 97 -3.12 0.02 -9.60
N ASP A 98 -3.39 0.75 -8.55
CA ASP A 98 -4.14 0.16 -7.40
C ASP A 98 -4.32 1.22 -6.33
N SER A 99 -3.42 2.16 -6.24
CA SER A 99 -3.59 3.22 -5.23
C SER A 99 -4.64 4.22 -5.77
N PRO A 100 -5.57 4.67 -4.97
CA PRO A 100 -5.71 4.31 -3.53
C PRO A 100 -6.33 2.90 -3.37
N PHE A 101 -5.60 1.97 -2.80
CA PHE A 101 -6.15 0.60 -2.59
C PHE A 101 -7.22 0.68 -1.50
N VAL A 102 -8.03 -0.34 -1.35
CA VAL A 102 -9.09 -0.35 -0.30
C VAL A 102 -8.89 -1.60 0.56
N VAL A 103 -8.83 -1.43 1.87
CA VAL A 103 -8.62 -2.60 2.79
C VAL A 103 -9.79 -2.69 3.78
N PRO A 104 -10.89 -3.31 3.37
CA PRO A 104 -12.07 -3.42 4.25
C PRO A 104 -11.77 -4.32 5.45
N VAL A 105 -11.70 -3.76 6.63
CA VAL A 105 -11.43 -4.57 7.85
C VAL A 105 -12.81 -5.03 8.39
N ALA A 106 -12.89 -6.22 8.96
CA ALA A 106 -14.21 -6.75 9.46
C ALA A 106 -14.10 -7.34 10.87
N SER A 107 -14.99 -6.94 11.75
CA SER A 107 -14.99 -7.47 13.14
C SER A 107 -16.16 -8.43 13.24
N LEU A 108 -15.90 -9.69 13.02
CA LEU A 108 -17.00 -10.69 13.05
C LEU A 108 -18.05 -10.27 12.02
N SER A 109 -17.74 -9.26 11.25
CA SER A 109 -18.68 -8.78 10.20
C SER A 109 -18.35 -9.48 8.89
N ASP A 110 -17.10 -9.83 8.71
CA ASP A 110 -16.70 -10.49 7.44
C ASP A 110 -17.18 -9.63 6.28
N ASP A 111 -17.60 -8.43 6.58
CA ASP A 111 -18.09 -7.52 5.51
C ASP A 111 -18.21 -6.10 6.07
N ALA A 112 -18.59 -5.95 7.34
CA ALA A 112 -18.73 -4.57 7.96
C ALA A 112 -18.94 -3.49 6.88
N ARG A 113 -20.06 -3.51 6.20
CA ARG A 113 -20.29 -2.50 5.15
C ARG A 113 -20.56 -1.13 5.78
N ARG A 114 -21.07 -0.21 5.01
CA ARG A 114 -21.40 1.16 5.53
C ARG A 114 -22.79 1.54 5.02
N LEU A 115 -23.42 0.65 4.30
CA LEU A 115 -24.80 0.91 3.76
C LEU A 115 -25.71 -0.28 4.06
N THR A 116 -25.13 -1.45 4.26
CA THR A 116 -25.93 -2.67 4.60
C THR A 116 -25.72 -2.93 6.07
N VAL A 117 -24.60 -3.50 6.42
CA VAL A 117 -24.31 -3.72 7.85
C VAL A 117 -24.20 -2.33 8.47
N THR A 118 -24.24 -1.34 7.62
CA THR A 118 -24.16 0.09 8.05
C THR A 118 -23.20 0.23 9.23
N SER A 119 -21.95 0.04 8.98
CA SER A 119 -20.93 0.19 10.06
C SER A 119 -21.36 -0.65 11.27
N MET B 1 -28.97 10.09 7.84
CA MET B 1 -27.86 11.07 8.05
C MET B 1 -27.92 11.62 9.47
N ALA B 2 -26.82 12.07 9.99
CA ALA B 2 -26.82 12.62 11.38
C ALA B 2 -25.53 13.40 11.63
N SER B 3 -25.65 14.59 12.17
CA SER B 3 -24.44 15.41 12.44
C SER B 3 -23.61 15.56 11.17
N LYS B 4 -22.32 15.42 11.27
CA LYS B 4 -21.45 15.57 10.06
C LYS B 4 -20.03 15.08 10.39
N PRO B 5 -19.85 13.79 10.49
CA PRO B 5 -18.52 13.22 10.82
C PRO B 5 -17.50 13.65 9.75
N GLU B 6 -16.39 14.19 10.18
CA GLU B 6 -15.35 14.63 9.20
C GLU B 6 -14.56 13.43 8.69
N LYS B 7 -15.07 12.74 7.71
CA LYS B 7 -14.34 11.56 7.16
C LYS B 7 -13.87 10.68 8.32
N ARG B 8 -12.93 9.79 8.05
CA ARG B 8 -12.41 8.88 9.12
C ARG B 8 -11.07 9.42 9.61
N VAL B 9 -10.51 8.82 10.61
CA VAL B 9 -9.19 9.31 11.09
C VAL B 9 -8.21 9.29 9.91
N ALA B 10 -7.15 10.04 9.98
CA ALA B 10 -6.16 10.08 8.85
C ALA B 10 -4.76 9.76 9.36
N SER B 11 -3.94 9.17 8.53
CA SER B 11 -2.55 8.83 8.96
C SER B 11 -1.61 8.91 7.75
N SER B 12 -0.39 9.33 7.96
CA SER B 12 0.59 9.44 6.84
C SER B 12 1.97 9.02 7.32
N VAL B 13 2.52 7.99 6.74
CA VAL B 13 3.88 7.52 7.15
C VAL B 13 4.50 6.71 6.00
N PHE B 14 5.77 6.44 6.08
CA PHE B 14 6.41 5.66 4.98
C PHE B 14 7.89 5.36 5.26
N ILE B 15 8.60 4.92 4.25
CA ILE B 15 10.04 4.60 4.39
C ILE B 15 10.75 4.92 3.07
N THR B 16 12.04 4.76 3.00
CA THR B 16 12.79 5.08 1.74
C THR B 16 13.87 4.03 1.49
N LEU B 17 14.07 3.66 0.25
CA LEU B 17 15.13 2.64 -0.09
C LEU B 17 16.32 3.36 -0.71
N ALA B 18 17.48 3.25 -0.12
CA ALA B 18 18.67 3.93 -0.67
C ALA B 18 19.95 3.24 -0.11
N PRO B 19 20.67 2.48 -0.93
CA PRO B 19 21.89 1.80 -0.43
C PRO B 19 22.91 2.86 0.06
N PRO B 20 23.21 2.90 1.35
CA PRO B 20 24.18 3.90 1.86
C PRO B 20 25.56 3.68 1.22
N ARG B 21 25.67 2.70 0.36
CA ARG B 21 26.98 2.43 -0.30
C ARG B 21 27.35 3.62 -1.19
N ARG B 22 26.62 3.81 -2.25
CA ARG B 22 26.93 4.95 -3.17
C ARG B 22 28.41 4.91 -3.53
N ASP B 23 29.01 6.05 -3.72
CA ASP B 23 30.46 6.09 -4.09
C ASP B 23 30.71 5.16 -5.27
N VAL B 24 29.83 5.17 -6.23
CA VAL B 24 30.01 4.28 -7.42
C VAL B 24 31.30 4.66 -8.15
N GLY A 1 13.98 4.97 -30.65
CA GLY A 1 13.29 5.18 -32.00
C GLY A 1 12.26 4.20 -32.46
N ILE A 2 12.31 2.99 -31.96
CA ILE A 2 11.32 1.96 -32.35
C ILE A 2 11.52 0.74 -31.46
N PRO A 3 11.57 0.96 -30.15
CA PRO A 3 11.73 -0.13 -29.20
C PRO A 3 10.68 -1.19 -29.47
N GLU A 4 9.48 -0.95 -29.02
CA GLU A 4 8.42 -2.00 -29.17
C GLU A 4 8.80 -3.05 -28.13
N PHE A 5 10.02 -2.95 -27.70
CA PHE A 5 10.60 -3.79 -26.66
C PHE A 5 10.29 -3.05 -25.36
N PHE A 6 9.36 -2.13 -25.49
CA PHE A 6 8.94 -1.27 -24.36
C PHE A 6 10.17 -0.71 -23.66
N GLN A 7 10.04 -0.35 -22.42
CA GLN A 7 11.16 0.27 -21.65
C GLN A 7 11.07 1.76 -21.96
N PHE A 8 10.24 2.07 -22.92
CA PHE A 8 10.02 3.48 -23.32
C PHE A 8 8.63 3.58 -23.94
N THR A 9 8.25 2.57 -24.66
CA THR A 9 6.89 2.54 -25.26
C THR A 9 6.01 1.78 -24.29
N VAL A 10 6.60 1.44 -23.16
CA VAL A 10 5.85 0.68 -22.12
C VAL A 10 4.46 1.31 -21.93
N GLY A 11 4.41 2.61 -21.86
CA GLY A 11 3.09 3.32 -21.69
C GLY A 11 3.23 4.34 -20.54
N PRO A 12 3.15 3.86 -19.31
CA PRO A 12 3.31 4.73 -18.13
C PRO A 12 4.74 5.28 -18.09
N LEU A 13 5.27 5.61 -19.25
CA LEU A 13 6.67 6.14 -19.39
C LEU A 13 7.56 5.62 -18.26
N GLY A 14 7.49 4.35 -17.98
CA GLY A 14 8.32 3.77 -16.89
C GLY A 14 7.84 4.31 -15.55
N GLU A 15 7.41 5.55 -15.51
CA GLU A 15 6.93 6.13 -14.23
C GLU A 15 8.04 6.05 -13.18
N GLY A 16 9.19 5.57 -13.58
CA GLY A 16 10.34 5.48 -12.64
C GLY A 16 10.07 4.50 -11.50
N GLY A 17 10.79 3.39 -11.49
CA GLY A 17 10.64 2.39 -10.40
C GLY A 17 9.24 1.77 -10.39
N ALA A 18 8.23 2.56 -10.42
CA ALA A 18 6.84 2.01 -10.39
C ALA A 18 6.72 0.84 -11.38
N HIS A 19 7.70 0.66 -12.21
CA HIS A 19 7.65 -0.47 -13.18
C HIS A 19 8.16 -1.75 -12.49
N LYS A 20 9.21 -1.66 -11.70
CA LYS A 20 9.74 -2.88 -11.03
C LYS A 20 9.13 -3.02 -9.62
N VAL A 21 8.22 -2.18 -9.25
CA VAL A 21 7.60 -2.29 -7.90
C VAL A 21 6.48 -3.33 -7.94
N ARG A 22 6.66 -4.44 -7.26
CA ARG A 22 5.63 -5.52 -7.25
C ARG A 22 4.99 -5.60 -5.86
N ALA A 23 3.70 -5.75 -5.80
CA ALA A 23 3.00 -5.85 -4.48
C ALA A 23 1.83 -6.84 -4.63
N GLY A 24 1.91 -7.96 -3.96
CA GLY A 24 0.80 -8.96 -4.07
C GLY A 24 0.74 -9.81 -2.80
N GLY A 25 -0.41 -9.92 -2.21
CA GLY A 25 -0.53 -10.74 -0.96
C GLY A 25 -1.97 -10.71 -0.46
N THR A 26 -2.22 -11.28 0.70
CA THR A 26 -3.61 -11.28 1.25
C THR A 26 -3.89 -9.91 1.87
N GLY A 27 -2.87 -9.22 2.30
CA GLY A 27 -3.09 -7.88 2.91
C GLY A 27 -3.63 -6.94 1.84
N LEU A 28 -3.46 -7.32 0.60
CA LEU A 28 -3.97 -6.47 -0.52
C LEU A 28 -5.36 -6.96 -0.91
N GLU A 29 -6.11 -7.46 0.04
CA GLU A 29 -7.48 -7.97 -0.27
C GLU A 29 -8.44 -7.57 0.85
N ARG A 30 -8.09 -7.84 2.08
CA ARG A 30 -9.01 -7.46 3.20
C ARG A 30 -8.33 -7.69 4.55
N GLY A 31 -8.98 -7.28 5.61
CA GLY A 31 -8.42 -7.46 6.98
C GLY A 31 -9.59 -7.61 7.96
N VAL A 32 -9.32 -7.85 9.21
CA VAL A 32 -10.44 -8.01 10.21
C VAL A 32 -10.16 -7.22 11.48
N ALA A 33 -11.21 -6.81 12.16
CA ALA A 33 -11.07 -6.01 13.42
C ALA A 33 -9.91 -6.52 14.30
N GLY A 34 -8.90 -5.70 14.46
CA GLY A 34 -7.76 -6.05 15.35
C GLY A 34 -7.12 -7.38 14.93
N VAL A 35 -6.88 -7.57 13.66
CA VAL A 35 -6.24 -8.83 13.19
C VAL A 35 -5.00 -8.47 12.33
N PRO A 36 -3.81 -8.93 12.69
CA PRO A 36 -2.61 -8.58 11.90
C PRO A 36 -2.76 -9.05 10.46
N ALA A 37 -2.69 -8.14 9.51
CA ALA A 37 -2.81 -8.51 8.07
C ALA A 37 -1.50 -8.15 7.39
N GLU A 38 -1.22 -8.70 6.24
CA GLU A 38 0.08 -8.36 5.58
C GLU A 38 0.07 -8.75 4.11
N PHE A 39 1.11 -8.36 3.43
CA PHE A 39 1.25 -8.70 2.00
C PHE A 39 2.74 -8.60 1.66
N SER A 40 3.12 -9.14 0.54
CA SER A 40 4.56 -9.12 0.15
C SER A 40 4.85 -8.00 -0.86
N ILE A 41 6.04 -7.45 -0.82
CA ILE A 41 6.42 -6.38 -1.79
C ILE A 41 7.84 -6.64 -2.27
N TRP A 42 7.99 -7.15 -3.46
CA TRP A 42 9.35 -7.44 -4.00
C TRP A 42 9.76 -6.31 -4.96
N THR A 43 10.95 -5.80 -4.81
CA THR A 43 11.41 -4.70 -5.69
C THR A 43 12.93 -4.59 -5.63
N ARG A 44 13.44 -3.42 -5.33
CA ARG A 44 14.92 -3.24 -5.25
C ARG A 44 15.56 -3.57 -6.61
N GLU A 45 15.52 -2.63 -7.53
CA GLU A 45 16.13 -2.88 -8.87
C GLU A 45 16.42 -1.53 -9.55
N ALA A 46 15.46 -0.64 -9.55
CA ALA A 46 15.68 0.69 -10.18
C ALA A 46 16.85 1.38 -9.50
N GLY A 47 16.74 1.62 -8.22
CA GLY A 47 17.85 2.29 -7.51
C GLY A 47 17.37 2.83 -6.16
N ALA A 48 18.23 3.52 -5.46
CA ALA A 48 17.85 4.08 -4.13
C ALA A 48 16.58 4.92 -4.27
N GLY A 49 15.92 5.21 -3.17
CA GLY A 49 14.68 6.03 -3.25
C GLY A 49 14.02 6.08 -1.88
N GLY A 50 12.76 6.45 -1.84
CA GLY A 50 12.04 6.52 -0.53
C GLY A 50 10.59 6.07 -0.73
N LEU A 51 10.12 5.18 0.10
CA LEU A 51 8.72 4.67 -0.03
C LEU A 51 7.86 5.34 1.04
N SER A 52 7.11 6.35 0.68
CA SER A 52 6.22 7.05 1.66
C SER A 52 4.86 6.34 1.69
N ILE A 53 4.25 6.16 2.85
CA ILE A 53 2.92 5.47 2.91
C ILE A 53 1.93 6.33 3.69
N ALA A 54 0.92 6.83 3.02
CA ALA A 54 -0.11 7.66 3.72
C ALA A 54 -1.36 6.80 3.93
N VAL A 55 -1.60 6.39 5.16
CA VAL A 55 -2.79 5.54 5.46
C VAL A 55 -3.86 6.41 6.12
N GLU A 56 -5.11 6.15 5.83
CA GLU A 56 -6.22 6.92 6.43
C GLU A 56 -7.38 5.95 6.72
N GLY A 57 -8.08 6.16 7.81
CA GLY A 57 -9.21 5.24 8.15
C GLY A 57 -9.66 5.54 9.59
N PRO A 58 -10.55 4.71 10.10
CA PRO A 58 -11.09 4.87 11.47
C PRO A 58 -9.99 4.72 12.52
N SER A 59 -8.97 3.97 12.23
CA SER A 59 -7.86 3.78 13.22
C SER A 59 -6.51 3.79 12.50
N LYS A 60 -5.44 3.88 13.25
CA LYS A 60 -4.08 3.89 12.62
C LYS A 60 -3.54 2.47 12.52
N ALA A 61 -3.15 2.05 11.35
CA ALA A 61 -2.61 0.67 11.18
C ALA A 61 -1.10 0.67 11.48
N GLU A 62 -0.65 -0.30 12.24
CA GLU A 62 0.82 -0.35 12.58
C GLU A 62 1.57 -1.17 11.52
N ILE A 63 2.11 -0.51 10.54
CA ILE A 63 2.89 -1.21 9.47
C ILE A 63 4.07 -1.95 10.11
N ALA A 64 4.54 -3.00 9.49
CA ALA A 64 5.69 -3.74 10.06
C ALA A 64 6.48 -4.41 8.92
N PHE A 65 7.76 -4.13 8.82
CA PHE A 65 8.58 -4.74 7.74
C PHE A 65 9.15 -6.08 8.24
N GLU A 66 8.90 -7.15 7.52
CA GLU A 66 9.43 -8.49 7.94
C GLU A 66 9.88 -9.28 6.71
N ASP A 67 11.15 -9.49 6.56
CA ASP A 67 11.65 -10.27 5.40
C ASP A 67 11.46 -11.76 5.68
N ARG A 68 10.82 -12.48 4.79
CA ARG A 68 10.59 -13.94 5.00
C ARG A 68 11.29 -14.74 3.91
N LYS A 69 11.48 -14.15 2.75
CA LYS A 69 12.16 -14.85 1.62
C LYS A 69 13.45 -14.11 1.30
N ASP A 70 13.70 -13.01 1.96
CA ASP A 70 14.93 -12.22 1.69
C ASP A 70 14.78 -11.52 0.33
N GLY A 71 14.06 -12.11 -0.57
CA GLY A 71 13.86 -11.51 -1.92
C GLY A 71 12.48 -10.86 -2.00
N SER A 72 11.88 -10.60 -0.88
CA SER A 72 10.53 -9.97 -0.87
C SER A 72 10.33 -9.19 0.43
N CYS A 73 9.92 -7.96 0.34
CA CYS A 73 9.72 -7.14 1.58
C CYS A 73 8.31 -7.39 2.14
N GLY A 74 8.23 -8.01 3.29
CA GLY A 74 6.89 -8.30 3.88
C GLY A 74 6.44 -7.11 4.72
N VAL A 75 5.36 -6.47 4.32
CA VAL A 75 4.84 -5.29 5.09
C VAL A 75 3.56 -5.69 5.81
N SER A 76 3.65 -5.90 7.11
CA SER A 76 2.46 -6.31 7.90
C SER A 76 1.86 -5.09 8.61
N TYR A 77 0.56 -4.94 8.51
CA TYR A 77 -0.12 -3.77 9.16
C TYR A 77 -1.29 -4.30 10.00
N VAL A 78 -1.44 -3.82 11.21
CA VAL A 78 -2.55 -4.30 12.09
C VAL A 78 -3.65 -3.24 12.15
N VAL A 79 -4.81 -3.54 11.63
CA VAL A 79 -5.93 -2.55 11.65
C VAL A 79 -6.72 -2.73 12.94
N GLN A 80 -7.45 -1.72 13.35
CA GLN A 80 -8.23 -1.83 14.63
C GLN A 80 -9.68 -2.20 14.34
N GLU A 81 -10.35 -1.53 13.43
CA GLU A 81 -11.79 -1.87 13.16
C GLU A 81 -12.17 -1.65 11.68
N PRO A 82 -13.13 -2.42 11.18
CA PRO A 82 -13.62 -2.30 9.79
C PRO A 82 -13.67 -0.88 9.29
N GLY A 83 -13.79 -0.74 8.00
CA GLY A 83 -13.86 0.60 7.37
C GLY A 83 -13.15 0.58 6.02
N ASP A 84 -13.21 1.67 5.30
CA ASP A 84 -12.53 1.74 3.98
C ASP A 84 -11.15 2.35 4.18
N TYR A 85 -10.20 1.56 4.55
CA TYR A 85 -8.83 2.08 4.78
C TYR A 85 -8.27 2.50 3.43
N GLU A 86 -7.65 3.65 3.37
CA GLU A 86 -7.07 4.14 2.08
C GLU A 86 -5.55 4.24 2.22
N VAL A 87 -4.82 3.53 1.40
CA VAL A 87 -3.32 3.56 1.49
C VAL A 87 -2.73 4.14 0.20
N SER A 88 -1.64 4.86 0.33
CA SER A 88 -0.98 5.47 -0.87
C SER A 88 0.52 5.27 -0.75
N ILE A 89 1.09 4.43 -1.59
CA ILE A 89 2.56 4.15 -1.53
C ILE A 89 3.24 4.60 -2.82
N LYS A 90 4.38 5.26 -2.69
CA LYS A 90 5.14 5.72 -3.87
C LYS A 90 6.61 5.40 -3.64
N PHE A 91 7.23 4.64 -4.48
CA PHE A 91 8.67 4.37 -4.24
C PHE A 91 9.46 5.51 -4.88
N ASN A 92 9.91 6.42 -4.06
CA ASN A 92 10.65 7.59 -4.57
C ASN A 92 9.67 8.54 -5.29
N ASP A 93 8.44 8.62 -4.81
CA ASP A 93 7.43 9.53 -5.44
C ASP A 93 6.81 8.89 -6.69
N GLU A 94 6.98 7.60 -6.89
CA GLU A 94 6.33 6.96 -8.09
C GLU A 94 5.05 6.27 -7.60
N HIS A 95 3.94 6.94 -7.77
CA HIS A 95 2.65 6.37 -7.28
C HIS A 95 2.29 5.11 -8.08
N ILE A 96 2.57 3.97 -7.54
CA ILE A 96 2.24 2.69 -8.23
C ILE A 96 0.73 2.72 -8.56
N PRO A 97 0.33 2.30 -9.76
CA PRO A 97 -1.10 2.33 -10.14
C PRO A 97 -2.01 1.92 -8.97
N ASP A 98 -1.69 0.88 -8.25
CA ASP A 98 -2.55 0.48 -7.10
C ASP A 98 -2.89 1.72 -6.27
N SER A 99 -1.90 2.30 -5.66
CA SER A 99 -2.17 3.49 -4.81
C SER A 99 -2.86 4.58 -5.68
N PRO A 100 -3.86 5.27 -5.15
CA PRO A 100 -4.44 5.08 -3.78
C PRO A 100 -5.56 4.02 -3.85
N PHE A 101 -5.42 2.87 -3.20
CA PHE A 101 -6.54 1.84 -3.25
C PHE A 101 -7.15 1.66 -1.87
N VAL A 102 -8.32 1.08 -1.82
CA VAL A 102 -9.03 0.88 -0.53
C VAL A 102 -8.69 -0.49 0.06
N VAL A 103 -8.74 -0.58 1.38
CA VAL A 103 -8.45 -1.87 2.08
C VAL A 103 -9.62 -2.15 3.04
N PRO A 104 -10.66 -2.79 2.54
CA PRO A 104 -11.86 -3.08 3.35
C PRO A 104 -11.57 -4.07 4.50
N VAL A 105 -11.60 -3.59 5.71
CA VAL A 105 -11.39 -4.48 6.89
C VAL A 105 -12.79 -4.91 7.38
N ALA A 106 -12.95 -6.15 7.82
CA ALA A 106 -14.32 -6.65 8.23
C ALA A 106 -14.32 -7.31 9.63
N SER A 107 -15.25 -6.93 10.46
CA SER A 107 -15.34 -7.54 11.82
C SER A 107 -16.34 -8.68 11.73
N LEU A 108 -15.89 -9.81 11.27
CA LEU A 108 -16.83 -10.97 11.10
C LEU A 108 -17.89 -10.57 10.07
N SER A 109 -17.78 -9.38 9.55
CA SER A 109 -18.75 -8.90 8.52
C SER A 109 -18.23 -9.32 7.15
N ASP A 110 -16.96 -9.60 7.04
CA ASP A 110 -16.40 -10.01 5.72
C ASP A 110 -16.82 -9.00 4.67
N ASP A 111 -17.33 -7.88 5.11
CA ASP A 111 -17.78 -6.84 4.16
C ASP A 111 -18.16 -5.58 4.93
N ALA A 112 -18.65 -5.71 6.15
CA ALA A 112 -19.03 -4.49 6.93
C ALA A 112 -19.79 -3.51 6.03
N ARG A 113 -20.87 -3.95 5.43
CA ARG A 113 -21.65 -3.07 4.52
C ARG A 113 -21.80 -1.67 5.14
N ARG A 114 -21.82 -0.66 4.32
CA ARG A 114 -21.96 0.75 4.83
C ARG A 114 -23.40 1.22 4.55
N LEU A 115 -24.22 0.35 4.03
CA LEU A 115 -25.64 0.71 3.72
C LEU A 115 -26.58 -0.32 4.36
N THR A 116 -26.08 -1.52 4.60
CA THR A 116 -26.92 -2.58 5.24
C THR A 116 -26.39 -2.77 6.65
N VAL A 117 -25.30 -3.46 6.79
CA VAL A 117 -24.69 -3.62 8.13
C VAL A 117 -24.32 -2.21 8.58
N THR A 118 -24.44 -1.28 7.66
CA THR A 118 -24.10 0.15 7.92
C THR A 118 -22.90 0.25 8.87
N SER A 119 -21.78 -0.27 8.43
CA SER A 119 -20.56 -0.21 9.25
C SER A 119 -20.65 -1.23 10.40
N MET B 1 -29.35 17.57 13.60
CA MET B 1 -29.54 16.12 13.86
C MET B 1 -28.37 15.33 13.25
N ALA B 2 -27.59 15.97 12.43
CA ALA B 2 -26.43 15.26 11.81
C ALA B 2 -25.46 16.28 11.22
N SER B 3 -24.35 15.83 10.70
CA SER B 3 -23.36 16.78 10.11
C SER B 3 -22.44 16.02 9.15
N LYS B 4 -22.62 16.23 7.86
CA LYS B 4 -21.78 15.54 6.81
C LYS B 4 -20.39 15.15 7.38
N PRO B 5 -20.25 13.95 7.90
CA PRO B 5 -18.95 13.51 8.46
C PRO B 5 -17.93 13.32 7.33
N GLU B 6 -17.97 12.22 6.66
CA GLU B 6 -17.00 11.97 5.55
C GLU B 6 -15.57 12.20 6.06
N LYS B 7 -15.23 11.60 7.17
CA LYS B 7 -13.85 11.79 7.71
C LYS B 7 -13.52 10.65 8.67
N ARG B 8 -12.28 10.24 8.72
CA ARG B 8 -11.89 9.12 9.64
C ARG B 8 -10.52 9.45 10.25
N VAL B 9 -10.12 8.72 11.25
CA VAL B 9 -8.80 9.00 11.87
C VAL B 9 -7.74 9.05 10.74
N ALA B 10 -6.62 9.66 10.99
CA ALA B 10 -5.56 9.78 9.93
C ALA B 10 -4.26 9.16 10.43
N SER B 11 -3.52 8.54 9.55
CA SER B 11 -2.21 7.91 9.95
C SER B 11 -1.17 8.21 8.88
N SER B 12 0.07 8.40 9.28
CA SER B 12 1.14 8.70 8.29
C SER B 12 2.47 8.12 8.79
N VAL B 13 3.01 7.18 8.07
CA VAL B 13 4.31 6.57 8.47
C VAL B 13 4.95 5.94 7.24
N PHE B 14 6.22 5.59 7.33
CA PHE B 14 6.88 4.97 6.16
C PHE B 14 8.33 4.56 6.45
N ILE B 15 9.07 4.26 5.40
CA ILE B 15 10.49 3.85 5.54
C ILE B 15 11.26 4.35 4.31
N THR B 16 12.57 4.30 4.33
CA THR B 16 13.37 4.79 3.17
C THR B 16 14.54 3.84 2.89
N LEU B 17 14.85 3.61 1.64
CA LEU B 17 15.98 2.70 1.27
C LEU B 17 17.19 3.55 0.86
N ALA B 18 18.34 3.26 1.41
CA ALA B 18 19.57 4.05 1.06
C ALA B 18 20.78 3.10 1.00
N PRO B 19 20.92 2.36 -0.07
CA PRO B 19 22.05 1.42 -0.21
C PRO B 19 23.38 2.20 -0.16
N PRO B 20 24.49 1.49 -0.06
CA PRO B 20 25.81 2.13 0.01
C PRO B 20 26.05 3.02 -1.23
N ARG B 21 25.64 4.26 -1.17
CA ARG B 21 25.85 5.18 -2.33
C ARG B 21 25.15 4.59 -3.57
N ARG B 22 24.84 5.43 -4.53
CA ARG B 22 24.17 4.93 -5.76
C ARG B 22 25.20 4.29 -6.68
N ASP B 23 25.27 2.98 -6.70
CA ASP B 23 26.26 2.30 -7.58
C ASP B 23 26.17 2.88 -9.00
N VAL B 24 26.99 3.84 -9.32
CA VAL B 24 26.95 4.44 -10.69
C VAL B 24 25.51 4.83 -11.02
#